data_2NNZ
#
_entry.id   2NNZ
#
_cell.length_a   1.000
_cell.length_b   1.000
_cell.length_c   1.000
_cell.angle_alpha   90.00
_cell.angle_beta   90.00
_cell.angle_gamma   90.00
#
_symmetry.space_group_name_H-M   'P 1'
#
_entity_poly.entity_id   1
_entity_poly.type   'polypeptide(L)'
_entity_poly.pdbx_seq_one_letter_code
;MGTSHHHHHHSSGRENLYFQGHMGERGVEMRLRIRFESAECEVELYEEWAPETVRAIADALPIKSTANRWGDEIYFTTQV
AVEKEENSKDVVELGDVAYWIPGKAICLFFGKTPISDDKIRPASAVNVIGRIVNSMEGLKGVADGESVVVERA
;
_entity_poly.pdbx_strand_id   A
#
# COMPACT_ATOMS: atom_id res chain seq x y z
N MET A 23 24.22 0.91 -4.75
CA MET A 23 24.17 1.16 -3.29
C MET A 23 23.72 2.59 -2.99
N GLY A 24 22.57 2.97 -3.55
CA GLY A 24 22.05 4.30 -3.33
C GLY A 24 22.44 5.27 -4.42
N GLU A 25 22.45 4.78 -5.66
CA GLU A 25 22.81 5.62 -6.80
C GLU A 25 21.62 5.84 -7.73
N ARG A 26 20.41 5.74 -7.17
CA ARG A 26 19.19 5.93 -7.95
C ARG A 26 18.10 6.57 -7.09
N GLY A 27 16.83 6.31 -7.41
CA GLY A 27 15.75 6.88 -6.63
C GLY A 27 14.38 6.34 -7.04
N VAL A 28 14.12 6.38 -8.34
CA VAL A 28 12.83 5.89 -8.87
C VAL A 28 12.91 4.41 -9.22
N GLU A 29 13.34 3.62 -8.25
CA GLU A 29 13.46 2.17 -8.42
C GLU A 29 13.42 1.46 -7.07
N MET A 30 12.42 1.82 -6.25
CA MET A 30 12.28 1.22 -4.93
C MET A 30 11.03 0.36 -4.84
N ARG A 31 11.17 -0.93 -5.16
CA ARG A 31 10.04 -1.85 -5.10
C ARG A 31 10.10 -2.74 -3.86
N LEU A 32 8.92 -3.05 -3.32
CA LEU A 32 8.80 -3.89 -2.14
C LEU A 32 7.92 -5.09 -2.44
N ARG A 33 7.98 -6.10 -1.59
CA ARG A 33 7.18 -7.31 -1.76
C ARG A 33 6.15 -7.44 -0.65
N ILE A 34 4.97 -7.97 -0.99
CA ILE A 34 3.90 -8.14 -0.02
C ILE A 34 3.12 -9.41 -0.34
N ARG A 35 3.40 -10.48 0.41
CA ARG A 35 2.74 -11.76 0.20
C ARG A 35 1.60 -11.99 1.17
N PHE A 36 0.65 -12.84 0.76
CA PHE A 36 -0.51 -13.19 1.57
C PHE A 36 -0.74 -14.69 1.50
N GLU A 37 -1.07 -15.29 2.64
CA GLU A 37 -1.30 -16.73 2.72
C GLU A 37 -2.14 -17.25 1.55
N SER A 38 -3.00 -16.40 1.01
CA SER A 38 -3.86 -16.81 -0.09
C SER A 38 -3.73 -15.87 -1.30
N ALA A 39 -2.62 -15.14 -1.38
CA ALA A 39 -2.42 -14.22 -2.51
C ALA A 39 -1.06 -13.55 -2.47
N GLU A 40 -0.56 -13.15 -3.65
CA GLU A 40 0.74 -12.50 -3.76
C GLU A 40 0.71 -11.38 -4.80
N CYS A 41 1.49 -10.31 -4.55
CA CYS A 41 1.54 -9.18 -5.48
C CYS A 41 2.75 -8.29 -5.19
N GLU A 42 3.29 -7.65 -6.24
CA GLU A 42 4.45 -6.77 -6.08
C GLU A 42 4.06 -5.32 -6.38
N VAL A 43 4.82 -4.39 -5.82
CA VAL A 43 4.54 -2.96 -6.03
C VAL A 43 5.83 -2.14 -5.95
N GLU A 44 5.93 -1.12 -6.79
CA GLU A 44 7.09 -0.24 -6.82
C GLU A 44 6.78 1.06 -6.08
N LEU A 45 7.74 1.97 -6.04
CA LEU A 45 7.52 3.25 -5.35
C LEU A 45 8.36 4.36 -5.98
N TYR A 46 7.83 5.57 -5.91
CA TYR A 46 8.52 6.75 -6.46
C TYR A 46 8.65 7.83 -5.40
N GLU A 47 9.72 8.61 -5.49
CA GLU A 47 9.99 9.69 -4.53
C GLU A 47 8.88 10.74 -4.48
N GLU A 48 7.91 10.66 -5.40
CA GLU A 48 6.80 11.62 -5.43
C GLU A 48 6.23 11.86 -4.04
N TRP A 49 6.34 10.87 -3.16
CA TRP A 49 5.84 11.01 -1.81
C TRP A 49 6.87 11.75 -0.95
N ALA A 50 8.10 11.22 -0.91
CA ALA A 50 9.19 11.84 -0.16
C ALA A 50 10.25 10.80 0.24
N PRO A 51 11.48 10.92 -0.29
CA PRO A 51 12.56 9.98 0.02
C PRO A 51 12.68 9.71 1.53
N GLU A 52 12.42 10.74 2.33
CA GLU A 52 12.49 10.62 3.79
C GLU A 52 11.56 9.53 4.31
N THR A 53 10.29 9.63 3.95
CA THR A 53 9.30 8.63 4.41
C THR A 53 9.64 7.25 3.85
N VAL A 54 9.98 7.20 2.57
CA VAL A 54 10.33 5.94 1.93
C VAL A 54 11.34 5.14 2.77
N ARG A 55 12.14 5.86 3.54
CA ARG A 55 13.15 5.23 4.39
C ARG A 55 12.51 4.29 5.42
N ALA A 56 11.37 4.70 5.97
CA ALA A 56 10.67 3.89 6.96
C ALA A 56 10.18 2.59 6.35
N ILE A 57 9.56 2.68 5.19
CA ILE A 57 9.04 1.48 4.51
C ILE A 57 10.18 0.47 4.33
N ALA A 58 11.30 0.94 3.76
CA ALA A 58 12.46 0.08 3.54
C ALA A 58 13.01 -0.41 4.88
N ASP A 59 12.81 0.37 5.93
CA ASP A 59 13.28 -0.03 7.25
C ASP A 59 12.42 -1.18 7.81
N ALA A 60 11.19 -1.27 7.33
CA ALA A 60 10.25 -2.29 7.77
C ALA A 60 10.24 -3.50 6.81
N LEU A 61 11.42 -4.01 6.49
CA LEU A 61 11.54 -5.18 5.60
C LEU A 61 10.85 -6.40 6.25
N PRO A 62 11.14 -7.68 5.86
CA PRO A 62 10.46 -8.84 6.44
C PRO A 62 9.99 -8.64 7.88
N ILE A 63 8.68 -8.49 8.04
CA ILE A 63 8.07 -8.30 9.34
C ILE A 63 6.66 -8.88 9.34
N LYS A 64 6.19 -9.34 10.49
CA LYS A 64 4.86 -9.94 10.60
C LYS A 64 3.78 -8.88 10.81
N SER A 65 2.68 -9.05 10.09
CA SER A 65 1.55 -8.12 10.19
C SER A 65 0.23 -8.88 10.00
N THR A 66 -0.83 -8.40 10.65
CA THR A 66 -2.15 -9.04 10.53
C THR A 66 -3.04 -8.26 9.57
N ALA A 67 -3.56 -8.96 8.57
CA ALA A 67 -4.41 -8.33 7.56
C ALA A 67 -5.86 -8.22 7.99
N ASN A 68 -6.45 -7.05 7.73
CA ASN A 68 -7.84 -6.79 8.06
C ASN A 68 -8.65 -6.75 6.75
N ARG A 69 -9.71 -7.54 6.66
CA ARG A 69 -10.51 -7.59 5.43
C ARG A 69 -11.59 -6.50 5.39
N TRP A 70 -11.70 -5.84 4.23
CA TRP A 70 -12.68 -4.78 4.01
C TRP A 70 -13.07 -4.73 2.54
N GLY A 71 -14.32 -4.33 2.26
CA GLY A 71 -14.81 -4.26 0.89
C GLY A 71 -13.74 -3.88 -0.11
N ASP A 72 -13.26 -4.88 -0.85
CA ASP A 72 -12.24 -4.68 -1.88
C ASP A 72 -11.11 -3.76 -1.37
N GLU A 73 -10.87 -3.82 -0.07
CA GLU A 73 -9.83 -3.00 0.56
C GLU A 73 -9.14 -3.77 1.68
N ILE A 74 -7.83 -3.58 1.81
CA ILE A 74 -7.08 -4.28 2.84
C ILE A 74 -6.04 -3.35 3.49
N TYR A 75 -6.09 -3.22 4.80
CA TYR A 75 -5.15 -2.38 5.53
C TYR A 75 -4.60 -3.10 6.75
N PHE A 76 -3.27 -3.14 6.86
CA PHE A 76 -2.62 -3.81 7.98
C PHE A 76 -1.51 -2.93 8.57
N THR A 77 -1.31 -3.03 9.88
CA THR A 77 -0.27 -2.25 10.56
C THR A 77 1.01 -3.09 10.66
N THR A 78 2.16 -2.43 10.56
CA THR A 78 3.44 -3.13 10.63
C THR A 78 4.30 -2.66 11.80
N GLN A 79 3.72 -1.80 12.64
CA GLN A 79 4.43 -1.26 13.82
C GLN A 79 5.31 -0.07 13.45
N VAL A 80 5.45 0.21 12.16
CA VAL A 80 6.27 1.34 11.72
C VAL A 80 5.44 2.63 11.75
N ALA A 81 5.83 3.56 12.62
CA ALA A 81 5.10 4.81 12.75
C ALA A 81 5.79 5.96 12.02
N VAL A 82 5.36 6.19 10.78
CA VAL A 82 5.91 7.27 9.97
C VAL A 82 4.78 8.21 9.51
N GLU A 83 4.73 9.40 10.11
CA GLU A 83 3.68 10.36 9.76
C GLU A 83 4.26 11.75 9.51
N LYS A 84 3.79 12.40 8.46
CA LYS A 84 4.23 13.74 8.10
C LYS A 84 3.21 14.40 7.19
N GLU A 85 3.27 15.74 7.07
CA GLU A 85 2.33 16.46 6.22
C GLU A 85 2.94 16.74 4.85
N GLU A 86 2.62 15.87 3.89
CA GLU A 86 3.13 16.01 2.54
C GLU A 86 2.43 15.04 1.59
N ASN A 87 2.29 15.41 0.31
CA ASN A 87 1.67 14.55 -0.67
C ASN A 87 0.19 14.30 -0.33
N SER A 88 -0.04 13.35 0.58
CA SER A 88 -1.38 12.99 1.03
C SER A 88 -2.45 13.21 -0.04
N LYS A 89 -2.63 12.24 -0.95
CA LYS A 89 -3.65 12.37 -2.00
C LYS A 89 -4.91 11.58 -1.61
N ASP A 90 -6.05 11.95 -2.18
CA ASP A 90 -7.31 11.28 -1.86
C ASP A 90 -7.97 10.66 -3.10
N VAL A 91 -7.41 10.88 -4.27
CA VAL A 91 -7.99 10.32 -5.50
C VAL A 91 -6.95 9.54 -6.30
N VAL A 92 -7.38 8.42 -6.89
CA VAL A 92 -6.48 7.59 -7.69
C VAL A 92 -7.27 6.69 -8.65
N GLU A 93 -6.60 6.25 -9.72
CA GLU A 93 -7.24 5.39 -10.72
C GLU A 93 -6.97 3.91 -10.47
N LEU A 94 -7.92 3.09 -10.89
CA LEU A 94 -7.83 1.64 -10.72
C LEU A 94 -6.45 1.10 -11.10
N GLY A 95 -5.82 0.35 -10.18
CA GLY A 95 -4.52 -0.22 -10.48
C GLY A 95 -3.38 0.35 -9.66
N ASP A 96 -3.49 1.59 -9.20
CA ASP A 96 -2.43 2.22 -8.43
C ASP A 96 -2.48 1.82 -6.96
N VAL A 97 -1.33 1.91 -6.30
CA VAL A 97 -1.21 1.56 -4.87
C VAL A 97 -0.91 2.82 -4.04
N ALA A 98 -1.32 2.84 -2.76
CA ALA A 98 -1.07 4.00 -1.91
C ALA A 98 -0.97 3.61 -0.43
N TYR A 99 -0.22 4.40 0.32
CA TYR A 99 -0.05 4.16 1.76
C TYR A 99 -0.91 5.14 2.56
N TRP A 100 -1.65 4.61 3.53
CA TRP A 100 -2.50 5.44 4.37
C TRP A 100 -1.67 6.24 5.37
N ILE A 101 -1.57 7.55 5.17
CA ILE A 101 -0.81 8.40 6.09
C ILE A 101 -1.45 8.41 7.47
N PRO A 102 -2.65 9.03 7.64
CA PRO A 102 -3.34 9.06 8.93
C PRO A 102 -3.63 7.64 9.43
N GLY A 103 -2.62 7.02 10.02
CA GLY A 103 -2.78 5.66 10.54
C GLY A 103 -1.55 4.80 10.25
N LYS A 104 -0.63 5.31 9.43
CA LYS A 104 0.60 4.56 9.08
C LYS A 104 0.27 3.14 8.63
N ALA A 105 -0.80 3.00 7.86
CA ALA A 105 -1.22 1.69 7.37
C ALA A 105 -1.25 1.64 5.84
N ILE A 106 -0.74 0.54 5.26
CA ILE A 106 -0.72 0.37 3.81
C ILE A 106 -2.02 -0.26 3.34
N CYS A 107 -2.48 0.10 2.14
CA CYS A 107 -3.73 -0.44 1.62
C CYS A 107 -3.69 -0.69 0.11
N LEU A 108 -4.21 -1.86 -0.32
CA LEU A 108 -4.25 -2.22 -1.75
C LEU A 108 -5.50 -1.65 -2.39
N PHE A 109 -5.51 -1.53 -3.71
CA PHE A 109 -6.68 -1.00 -4.41
C PHE A 109 -7.02 -1.82 -5.65
N PHE A 110 -8.19 -2.44 -5.61
CA PHE A 110 -8.67 -3.25 -6.73
C PHE A 110 -10.19 -3.23 -6.76
N GLY A 111 -10.77 -2.11 -6.33
CA GLY A 111 -12.22 -1.99 -6.32
C GLY A 111 -12.70 -0.90 -5.37
N LYS A 112 -13.93 -1.05 -4.87
CA LYS A 112 -14.52 -0.08 -3.95
C LYS A 112 -13.61 0.22 -2.76
N THR A 113 -14.16 1.00 -1.84
CA THR A 113 -13.45 1.39 -0.62
C THR A 113 -14.46 1.82 0.43
N PRO A 114 -14.02 2.30 1.61
CA PRO A 114 -14.93 2.73 2.67
C PRO A 114 -16.12 3.53 2.15
N ILE A 115 -15.95 4.18 1.00
CA ILE A 115 -17.02 4.97 0.41
C ILE A 115 -17.05 4.85 -1.12
N SER A 116 -17.48 3.68 -1.62
CA SER A 116 -17.58 3.46 -3.06
C SER A 116 -18.54 4.46 -3.70
N ASP A 117 -19.83 4.23 -3.50
CA ASP A 117 -20.87 5.10 -4.05
C ASP A 117 -20.81 5.14 -5.57
N ASP A 118 -20.06 6.08 -6.13
CA ASP A 118 -19.92 6.20 -7.58
C ASP A 118 -18.47 6.03 -8.01
N LYS A 119 -17.55 6.43 -7.13
CA LYS A 119 -16.12 6.31 -7.43
C LYS A 119 -15.42 5.54 -6.31
N ILE A 120 -14.10 5.67 -6.24
CA ILE A 120 -13.32 4.98 -5.22
C ILE A 120 -12.60 5.97 -4.31
N ARG A 121 -13.04 6.05 -3.07
CA ARG A 121 -12.42 6.94 -2.10
C ARG A 121 -11.66 6.13 -1.06
N PRO A 122 -10.33 6.01 -1.22
CA PRO A 122 -9.50 5.26 -0.28
C PRO A 122 -9.35 5.94 1.08
N ALA A 123 -9.39 7.26 1.08
CA ALA A 123 -9.27 8.03 2.32
C ALA A 123 -9.31 9.52 2.04
N SER A 124 -8.85 10.32 3.01
CA SER A 124 -8.85 11.76 2.85
C SER A 124 -7.43 12.32 2.75
N ALA A 125 -6.42 11.45 2.92
CA ALA A 125 -5.04 11.90 2.83
C ALA A 125 -4.05 10.73 2.77
N VAL A 126 -4.03 10.02 1.63
CA VAL A 126 -3.10 8.89 1.47
C VAL A 126 -2.15 9.13 0.30
N ASN A 127 -0.89 8.71 0.48
CA ASN A 127 0.15 8.88 -0.52
C ASN A 127 0.16 7.76 -1.55
N VAL A 128 0.60 8.08 -2.76
CA VAL A 128 0.72 7.08 -3.83
C VAL A 128 2.08 6.42 -3.75
N ILE A 129 2.12 5.26 -3.12
CA ILE A 129 3.37 4.53 -2.95
C ILE A 129 3.73 3.70 -4.19
N GLY A 130 3.15 4.06 -5.34
CA GLY A 130 3.43 3.33 -6.56
C GLY A 130 2.24 2.58 -7.09
N ARG A 131 2.47 1.47 -7.76
CA ARG A 131 1.39 0.66 -8.32
C ARG A 131 1.82 -0.78 -8.53
N ILE A 132 0.84 -1.64 -8.80
CA ILE A 132 1.10 -3.06 -9.02
C ILE A 132 1.33 -3.33 -10.51
N VAL A 133 2.54 -3.70 -10.88
CA VAL A 133 2.87 -3.99 -12.27
C VAL A 133 3.05 -5.49 -12.51
N ASN A 134 4.27 -5.99 -12.29
CA ASN A 134 4.55 -7.41 -12.49
C ASN A 134 3.82 -8.25 -11.45
N SER A 135 2.52 -8.40 -11.63
CA SER A 135 1.69 -9.19 -10.72
C SER A 135 0.24 -9.21 -11.18
N MET A 136 -0.43 -8.06 -11.07
CA MET A 136 -1.83 -7.95 -11.47
C MET A 136 -2.67 -9.01 -10.76
N GLU A 137 -2.33 -9.30 -9.52
CA GLU A 137 -3.06 -10.29 -8.73
C GLU A 137 -4.34 -9.70 -8.14
N GLY A 138 -5.33 -10.56 -7.92
CA GLY A 138 -6.59 -10.12 -7.38
C GLY A 138 -6.65 -10.29 -5.87
N LEU A 139 -5.58 -9.87 -5.19
CA LEU A 139 -5.51 -9.99 -3.73
C LEU A 139 -6.83 -9.61 -3.07
N LYS A 140 -7.51 -8.63 -3.64
CA LYS A 140 -8.79 -8.16 -3.09
C LYS A 140 -9.70 -9.32 -2.66
N GLY A 141 -9.46 -10.53 -3.20
CA GLY A 141 -10.28 -11.68 -2.84
C GLY A 141 -9.68 -12.48 -1.69
N VAL A 142 -9.02 -11.77 -0.77
CA VAL A 142 -8.39 -12.40 0.39
C VAL A 142 -9.44 -12.90 1.38
N ALA A 143 -9.09 -13.90 2.18
CA ALA A 143 -10.01 -14.44 3.19
C ALA A 143 -9.99 -13.55 4.42
N ASP A 144 -11.11 -13.43 5.11
CA ASP A 144 -11.20 -12.59 6.30
C ASP A 144 -10.15 -12.94 7.35
N GLY A 145 -9.27 -11.98 7.64
CA GLY A 145 -8.24 -12.18 8.64
C GLY A 145 -7.22 -13.24 8.27
N GLU A 146 -6.05 -12.80 7.81
CA GLU A 146 -4.98 -13.72 7.45
C GLU A 146 -3.61 -13.06 7.68
N SER A 147 -2.59 -13.88 7.89
CA SER A 147 -1.23 -13.39 8.13
C SER A 147 -0.77 -12.47 7.00
N VAL A 148 0.31 -11.73 7.27
CA VAL A 148 0.88 -10.80 6.30
C VAL A 148 2.35 -10.52 6.64
N VAL A 149 3.23 -10.69 5.66
CA VAL A 149 4.66 -10.45 5.87
C VAL A 149 5.22 -9.47 4.84
N VAL A 150 5.51 -8.26 5.29
CA VAL A 150 6.06 -7.22 4.41
C VAL A 150 7.58 -7.39 4.26
N GLU A 151 8.07 -7.42 3.01
CA GLU A 151 9.51 -7.58 2.77
C GLU A 151 9.92 -6.95 1.44
N ARG A 152 10.95 -6.12 1.48
CA ARG A 152 11.46 -5.46 0.27
C ARG A 152 12.26 -6.44 -0.58
N ALA A 153 11.57 -7.13 -1.48
CA ALA A 153 12.21 -8.11 -2.37
C ALA A 153 13.22 -8.97 -1.62
N MET A 23 20.87 9.70 -18.07
CA MET A 23 21.03 8.37 -17.43
C MET A 23 20.74 8.46 -15.92
N GLY A 24 19.89 7.57 -15.43
CA GLY A 24 19.55 7.56 -14.03
C GLY A 24 18.08 7.84 -13.78
N GLU A 25 17.48 7.09 -12.87
CA GLU A 25 16.07 7.25 -12.54
C GLU A 25 15.89 8.10 -11.28
N ARG A 26 16.90 8.89 -10.95
CA ARG A 26 16.86 9.74 -9.77
C ARG A 26 16.63 8.92 -8.50
N GLY A 27 15.36 8.63 -8.21
CA GLY A 27 15.04 7.86 -7.03
C GLY A 27 13.61 7.32 -7.06
N VAL A 28 13.10 7.11 -8.26
CA VAL A 28 11.74 6.58 -8.43
C VAL A 28 11.75 5.21 -9.08
N GLU A 29 12.33 4.23 -8.39
CA GLU A 29 12.40 2.86 -8.90
C GLU A 29 12.66 1.87 -7.76
N MET A 30 12.04 2.12 -6.61
CA MET A 30 12.20 1.24 -5.46
C MET A 30 10.95 0.41 -5.22
N ARG A 31 11.07 -0.89 -5.47
CA ARG A 31 9.93 -1.81 -5.30
C ARG A 31 10.10 -2.72 -4.09
N LEU A 32 8.97 -3.01 -3.45
CA LEU A 32 8.95 -3.90 -2.28
C LEU A 32 8.03 -5.08 -2.55
N ARG A 33 8.14 -6.13 -1.75
CA ARG A 33 7.33 -7.31 -1.91
C ARG A 33 6.25 -7.38 -0.82
N ILE A 34 5.07 -7.88 -1.18
CA ILE A 34 3.97 -8.01 -0.25
C ILE A 34 3.13 -9.22 -0.61
N ARG A 35 3.37 -10.32 0.09
CA ARG A 35 2.65 -11.56 -0.17
C ARG A 35 1.58 -11.84 0.89
N PHE A 36 0.58 -12.62 0.49
CA PHE A 36 -0.51 -13.00 1.39
C PHE A 36 -0.70 -14.51 1.33
N GLU A 37 -0.94 -15.11 2.49
CA GLU A 37 -1.12 -16.57 2.58
C GLU A 37 -2.01 -17.10 1.46
N SER A 38 -2.92 -16.27 0.97
CA SER A 38 -3.83 -16.69 -0.09
C SER A 38 -3.71 -15.81 -1.33
N ALA A 39 -2.56 -15.15 -1.50
CA ALA A 39 -2.37 -14.29 -2.67
C ALA A 39 -0.97 -13.70 -2.75
N GLU A 40 -0.52 -13.43 -3.97
CA GLU A 40 0.81 -12.85 -4.22
C GLU A 40 0.70 -11.56 -5.02
N CYS A 41 1.49 -10.55 -4.65
CA CYS A 41 1.45 -9.26 -5.36
C CYS A 41 2.69 -8.40 -5.05
N GLU A 42 3.12 -7.59 -6.01
CA GLU A 42 4.27 -6.72 -5.83
C GLU A 42 3.88 -5.26 -6.09
N VAL A 43 4.65 -4.33 -5.54
CA VAL A 43 4.35 -2.90 -5.71
C VAL A 43 5.64 -2.07 -5.74
N GLU A 44 5.65 -1.06 -6.60
CA GLU A 44 6.80 -0.17 -6.74
C GLU A 44 6.57 1.09 -5.92
N LEU A 45 7.52 2.02 -5.97
CA LEU A 45 7.39 3.27 -5.21
C LEU A 45 8.18 4.40 -5.85
N TYR A 46 7.63 5.60 -5.77
CA TYR A 46 8.28 6.78 -6.33
C TYR A 46 8.39 7.89 -5.27
N GLU A 47 9.47 8.67 -5.36
CA GLU A 47 9.71 9.76 -4.40
C GLU A 47 8.56 10.77 -4.32
N GLU A 48 7.60 10.68 -5.23
CA GLU A 48 6.47 11.61 -5.26
C GLU A 48 5.89 11.82 -3.86
N TRP A 49 6.03 10.81 -2.99
CA TRP A 49 5.54 10.91 -1.63
C TRP A 49 6.56 11.66 -0.79
N ALA A 50 7.80 11.17 -0.77
CA ALA A 50 8.89 11.81 -0.02
C ALA A 50 9.99 10.81 0.34
N PRO A 51 11.21 11.01 -0.22
CA PRO A 51 12.35 10.12 0.05
C PRO A 51 12.50 9.79 1.54
N GLU A 52 12.19 10.77 2.39
CA GLU A 52 12.30 10.60 3.84
C GLU A 52 11.41 9.45 4.33
N THR A 53 10.13 9.50 3.97
CA THR A 53 9.19 8.45 4.39
C THR A 53 9.60 7.10 3.80
N VAL A 54 9.95 7.10 2.51
CA VAL A 54 10.38 5.88 1.84
C VAL A 54 11.42 5.12 2.66
N ARG A 55 12.21 5.85 3.43
CA ARG A 55 13.25 5.25 4.26
C ARG A 55 12.65 4.27 5.27
N ALA A 56 11.50 4.62 5.83
CA ALA A 56 10.84 3.77 6.82
C ALA A 56 10.37 2.46 6.19
N ILE A 57 9.72 2.55 5.04
CA ILE A 57 9.24 1.36 4.34
C ILE A 57 10.38 0.37 4.16
N ALA A 58 11.50 0.85 3.58
CA ALA A 58 12.67 0.00 3.37
C ALA A 58 13.22 -0.50 4.69
N ASP A 59 13.01 0.28 5.75
CA ASP A 59 13.49 -0.13 7.07
C ASP A 59 12.65 -1.28 7.61
N ALA A 60 11.40 -1.38 7.13
CA ALA A 60 10.47 -2.42 7.55
C ALA A 60 10.46 -3.60 6.57
N LEU A 61 11.64 -4.12 6.23
CA LEU A 61 11.75 -5.26 5.32
C LEU A 61 11.03 -6.48 5.94
N PRO A 62 11.31 -7.76 5.53
CA PRO A 62 10.60 -8.93 6.07
C PRO A 62 10.15 -8.74 7.52
N ILE A 63 8.84 -8.56 7.69
CA ILE A 63 8.22 -8.38 8.99
C ILE A 63 6.81 -8.96 8.97
N LYS A 64 6.36 -9.45 10.12
CA LYS A 64 5.03 -10.05 10.22
C LYS A 64 3.95 -9.00 10.47
N SER A 65 2.84 -9.14 9.76
CA SER A 65 1.71 -8.22 9.89
C SER A 65 0.39 -8.97 9.70
N THR A 66 -0.66 -8.51 10.37
CA THR A 66 -1.98 -9.16 10.25
C THR A 66 -2.87 -8.35 9.33
N ALA A 67 -3.47 -9.04 8.35
CA ALA A 67 -4.35 -8.40 7.38
C ALA A 67 -5.80 -8.34 7.82
N ASN A 68 -6.40 -7.17 7.64
CA ASN A 68 -7.81 -6.96 7.96
C ASN A 68 -8.62 -6.89 6.67
N ARG A 69 -9.61 -7.76 6.52
CA ARG A 69 -10.41 -7.79 5.29
C ARG A 69 -11.51 -6.72 5.28
N TRP A 70 -11.66 -6.05 4.15
CA TRP A 70 -12.68 -5.01 3.98
C TRP A 70 -13.03 -4.89 2.50
N GLY A 71 -14.28 -4.54 2.20
CA GLY A 71 -14.73 -4.40 0.82
C GLY A 71 -13.66 -3.90 -0.13
N ASP A 72 -12.85 -4.82 -0.66
CA ASP A 72 -11.78 -4.48 -1.59
C ASP A 72 -10.57 -3.87 -0.88
N GLU A 73 -10.83 -3.08 0.15
CA GLU A 73 -9.75 -2.43 0.90
C GLU A 73 -9.10 -3.40 1.88
N ILE A 74 -7.78 -3.34 1.97
CA ILE A 74 -7.03 -4.20 2.88
C ILE A 74 -5.96 -3.39 3.59
N TYR A 75 -6.15 -3.18 4.89
CA TYR A 75 -5.21 -2.39 5.68
C TYR A 75 -4.61 -3.19 6.82
N PHE A 76 -3.28 -3.19 6.90
CA PHE A 76 -2.57 -3.90 7.95
C PHE A 76 -1.43 -3.03 8.51
N THR A 77 -1.19 -3.15 9.81
CA THR A 77 -0.13 -2.38 10.45
C THR A 77 1.17 -3.18 10.47
N THR A 78 2.30 -2.48 10.37
CA THR A 78 3.60 -3.17 10.36
C THR A 78 4.48 -2.69 11.51
N GLN A 79 3.93 -1.89 12.41
CA GLN A 79 4.66 -1.37 13.56
C GLN A 79 5.52 -0.15 13.19
N VAL A 80 5.59 0.17 11.90
CA VAL A 80 6.38 1.32 11.45
C VAL A 80 5.53 2.58 11.52
N ALA A 81 5.92 3.52 12.38
CA ALA A 81 5.18 4.76 12.55
C ALA A 81 5.88 5.94 11.89
N VAL A 82 5.49 6.24 10.66
CA VAL A 82 6.06 7.35 9.92
C VAL A 82 4.95 8.29 9.44
N GLU A 83 4.83 9.46 10.07
CA GLU A 83 3.78 10.41 9.70
C GLU A 83 4.37 11.78 9.37
N LYS A 84 3.84 12.39 8.32
CA LYS A 84 4.29 13.71 7.89
C LYS A 84 3.18 14.44 7.16
N GLU A 85 3.31 15.76 6.99
CA GLU A 85 2.31 16.56 6.29
C GLU A 85 2.74 16.87 4.88
N GLU A 86 2.44 15.96 3.95
CA GLU A 86 2.80 16.15 2.55
C GLU A 86 2.13 15.09 1.67
N ASN A 87 1.91 15.42 0.40
CA ASN A 87 1.29 14.50 -0.54
C ASN A 87 -0.18 14.27 -0.21
N SER A 88 -0.44 13.41 0.77
CA SER A 88 -1.80 13.08 1.21
C SER A 88 -2.84 13.31 0.12
N LYS A 89 -3.02 12.34 -0.79
CA LYS A 89 -4.01 12.47 -1.85
C LYS A 89 -5.27 11.66 -1.52
N ASP A 90 -6.39 12.03 -2.12
CA ASP A 90 -7.65 11.35 -1.87
C ASP A 90 -8.25 10.72 -3.13
N VAL A 91 -7.66 11.01 -4.29
CA VAL A 91 -8.17 10.44 -5.54
C VAL A 91 -7.07 9.71 -6.30
N VAL A 92 -7.45 8.60 -6.95
CA VAL A 92 -6.49 7.80 -7.71
C VAL A 92 -7.18 6.92 -8.74
N GLU A 93 -6.43 6.50 -9.77
CA GLU A 93 -6.99 5.66 -10.84
C GLU A 93 -6.81 4.18 -10.52
N LEU A 94 -7.73 3.38 -11.04
CA LEU A 94 -7.71 1.93 -10.83
C LEU A 94 -6.33 1.33 -11.10
N GLY A 95 -5.79 0.60 -10.13
CA GLY A 95 -4.49 -0.04 -10.31
C GLY A 95 -3.38 0.51 -9.40
N ASP A 96 -3.44 1.80 -9.07
CA ASP A 96 -2.42 2.40 -8.23
C ASP A 96 -2.54 1.97 -6.77
N VAL A 97 -1.43 2.05 -6.04
CA VAL A 97 -1.39 1.67 -4.62
C VAL A 97 -1.15 2.91 -3.74
N ALA A 98 -1.61 2.90 -2.48
CA ALA A 98 -1.42 4.06 -1.61
C ALA A 98 -1.27 3.65 -0.15
N TYR A 99 -0.49 4.44 0.59
CA TYR A 99 -0.27 4.18 2.02
C TYR A 99 -1.09 5.16 2.85
N TRP A 100 -1.94 4.62 3.72
CA TRP A 100 -2.78 5.47 4.57
C TRP A 100 -1.92 6.30 5.53
N ILE A 101 -2.03 7.62 5.43
CA ILE A 101 -1.26 8.51 6.30
C ILE A 101 -1.79 8.45 7.74
N PRO A 102 -3.02 8.95 8.01
CA PRO A 102 -3.58 8.91 9.36
C PRO A 102 -3.76 7.47 9.86
N GLY A 103 -2.67 6.86 10.30
CA GLY A 103 -2.71 5.50 10.79
C GLY A 103 -1.50 4.67 10.38
N LYS A 104 -0.67 5.23 9.48
CA LYS A 104 0.53 4.53 9.01
C LYS A 104 0.20 3.12 8.54
N ALA A 105 -0.97 2.97 7.91
CA ALA A 105 -1.42 1.67 7.42
C ALA A 105 -1.52 1.66 5.89
N ILE A 106 -1.00 0.59 5.28
CA ILE A 106 -1.05 0.44 3.82
C ILE A 106 -2.39 -0.15 3.39
N CYS A 107 -2.95 0.33 2.28
CA CYS A 107 -4.23 -0.18 1.79
C CYS A 107 -4.24 -0.43 0.28
N LEU A 108 -4.69 -1.64 -0.11
CA LEU A 108 -4.76 -1.99 -1.53
C LEU A 108 -6.09 -1.55 -2.13
N PHE A 109 -6.13 -1.36 -3.45
CA PHE A 109 -7.35 -0.94 -4.13
C PHE A 109 -7.56 -1.72 -5.42
N PHE A 110 -8.76 -2.27 -5.58
CA PHE A 110 -9.08 -3.04 -6.78
C PHE A 110 -10.58 -3.28 -6.90
N GLY A 111 -11.37 -2.24 -6.62
CA GLY A 111 -12.81 -2.36 -6.73
C GLY A 111 -13.56 -1.22 -6.05
N LYS A 112 -13.77 -1.35 -4.74
CA LYS A 112 -14.49 -0.33 -3.98
C LYS A 112 -13.73 0.08 -2.72
N THR A 113 -14.43 0.79 -1.84
CA THR A 113 -13.86 1.26 -0.60
C THR A 113 -14.99 1.58 0.38
N PRO A 114 -14.69 2.10 1.58
CA PRO A 114 -15.72 2.43 2.57
C PRO A 114 -16.87 3.22 1.93
N ILE A 115 -16.57 3.91 0.83
CA ILE A 115 -17.57 4.70 0.12
C ILE A 115 -17.37 4.61 -1.39
N SER A 116 -17.58 3.42 -1.97
CA SER A 116 -17.42 3.22 -3.40
C SER A 116 -18.07 4.35 -4.19
N ASP A 117 -19.17 4.89 -3.66
CA ASP A 117 -19.89 5.97 -4.32
C ASP A 117 -18.94 7.12 -4.68
N ASP A 118 -19.21 7.79 -5.79
CA ASP A 118 -18.38 8.90 -6.23
C ASP A 118 -16.96 8.41 -6.49
N LYS A 119 -16.82 7.36 -7.30
CA LYS A 119 -15.53 6.79 -7.63
C LYS A 119 -14.88 6.18 -6.39
N ILE A 120 -13.88 5.34 -6.61
CA ILE A 120 -13.17 4.69 -5.49
C ILE A 120 -12.53 5.72 -4.57
N ARG A 121 -13.10 5.87 -3.38
CA ARG A 121 -12.57 6.80 -2.40
C ARG A 121 -11.81 6.02 -1.32
N PRO A 122 -10.47 5.98 -1.43
CA PRO A 122 -9.64 5.25 -0.47
C PRO A 122 -9.63 5.91 0.91
N ALA A 123 -9.76 7.23 0.94
CA ALA A 123 -9.77 7.97 2.20
C ALA A 123 -9.82 9.48 1.94
N SER A 124 -9.41 10.27 2.93
CA SER A 124 -9.42 11.72 2.81
C SER A 124 -8.01 12.28 2.74
N ALA A 125 -6.99 11.45 2.94
CA ALA A 125 -5.62 11.91 2.90
C ALA A 125 -4.60 10.77 2.89
N VAL A 126 -4.48 10.08 1.76
CA VAL A 126 -3.52 8.98 1.64
C VAL A 126 -2.54 9.19 0.49
N ASN A 127 -1.29 8.79 0.72
CA ASN A 127 -0.21 8.95 -0.27
C ASN A 127 -0.18 7.83 -1.30
N VAL A 128 0.31 8.15 -2.49
CA VAL A 128 0.45 7.16 -3.56
C VAL A 128 1.82 6.51 -3.42
N ILE A 129 1.83 5.32 -2.84
CA ILE A 129 3.08 4.59 -2.61
C ILE A 129 3.52 3.77 -3.83
N GLY A 130 3.02 4.14 -5.00
CA GLY A 130 3.40 3.43 -6.22
C GLY A 130 2.25 2.75 -6.90
N ARG A 131 2.44 1.48 -7.27
CA ARG A 131 1.40 0.72 -7.94
C ARG A 131 1.78 -0.75 -8.07
N ILE A 132 0.79 -1.57 -8.44
CA ILE A 132 1.00 -3.01 -8.62
C ILE A 132 1.21 -3.35 -10.08
N VAL A 133 2.41 -3.84 -10.41
CA VAL A 133 2.73 -4.19 -11.79
C VAL A 133 2.61 -5.71 -12.02
N ASN A 134 3.67 -6.45 -11.72
CA ASN A 134 3.67 -7.90 -11.91
C ASN A 134 2.87 -8.58 -10.81
N SER A 135 2.87 -9.91 -10.84
CA SER A 135 2.14 -10.70 -9.85
C SER A 135 0.64 -10.41 -9.92
N MET A 136 -0.16 -11.31 -9.34
CA MET A 136 -1.61 -11.15 -9.34
C MET A 136 -2.01 -9.84 -8.68
N GLU A 137 -2.86 -9.07 -9.37
CA GLU A 137 -3.33 -7.79 -8.84
C GLU A 137 -4.76 -7.90 -8.34
N GLY A 138 -5.16 -9.10 -7.96
CA GLY A 138 -6.51 -9.31 -7.46
C GLY A 138 -6.54 -9.68 -5.99
N LEU A 139 -5.58 -9.14 -5.24
CA LEU A 139 -5.49 -9.41 -3.80
C LEU A 139 -6.84 -9.20 -3.11
N LYS A 140 -7.62 -8.26 -3.64
CA LYS A 140 -8.93 -7.95 -3.07
C LYS A 140 -9.72 -9.23 -2.72
N GLY A 141 -9.40 -10.35 -3.36
CA GLY A 141 -10.09 -11.60 -3.08
C GLY A 141 -9.46 -12.38 -1.95
N VAL A 142 -8.87 -11.67 -0.99
CA VAL A 142 -8.23 -12.30 0.16
C VAL A 142 -9.27 -12.83 1.16
N ALA A 143 -8.89 -13.84 1.93
CA ALA A 143 -9.80 -14.40 2.93
C ALA A 143 -9.83 -13.52 4.18
N ASP A 144 -10.98 -13.45 4.84
CA ASP A 144 -11.12 -12.63 6.04
C ASP A 144 -10.10 -13.03 7.12
N GLY A 145 -9.15 -12.13 7.37
CA GLY A 145 -8.14 -12.39 8.38
C GLY A 145 -7.10 -13.41 7.96
N GLU A 146 -5.95 -12.92 7.50
CA GLU A 146 -4.86 -13.80 7.09
C GLU A 146 -3.51 -13.11 7.27
N SER A 147 -2.48 -13.90 7.54
CA SER A 147 -1.13 -13.38 7.75
C SER A 147 -0.69 -12.43 6.63
N VAL A 148 0.39 -11.70 6.90
CA VAL A 148 0.95 -10.74 5.95
C VAL A 148 2.43 -10.48 6.28
N VAL A 149 3.30 -10.60 5.28
CA VAL A 149 4.73 -10.39 5.50
C VAL A 149 5.31 -9.41 4.47
N VAL A 150 5.64 -8.21 4.93
CA VAL A 150 6.23 -7.19 4.06
C VAL A 150 7.74 -7.40 3.93
N GLU A 151 8.24 -7.42 2.69
CA GLU A 151 9.67 -7.62 2.47
C GLU A 151 10.12 -7.01 1.14
N ARG A 152 11.16 -6.17 1.18
CA ARG A 152 11.67 -5.53 -0.02
C ARG A 152 12.43 -6.54 -0.89
N ALA A 153 11.68 -7.22 -1.76
CA ALA A 153 12.27 -8.22 -2.66
C ALA A 153 13.29 -9.10 -1.93
N MET A 23 15.48 2.25 -16.66
CA MET A 23 15.11 1.87 -15.27
C MET A 23 15.98 2.62 -14.26
N GLY A 24 15.56 3.84 -13.90
CA GLY A 24 16.31 4.62 -12.94
C GLY A 24 16.71 5.98 -13.50
N GLU A 25 16.31 7.04 -12.81
CA GLU A 25 16.65 8.39 -13.23
C GLU A 25 17.21 9.21 -12.08
N ARG A 26 16.62 9.06 -10.89
CA ARG A 26 17.09 9.78 -9.70
C ARG A 26 16.87 8.94 -8.46
N GLY A 27 15.60 8.65 -8.15
CA GLY A 27 15.28 7.85 -6.99
C GLY A 27 13.87 7.31 -7.03
N VAL A 28 13.37 7.10 -8.25
CA VAL A 28 12.01 6.57 -8.42
C VAL A 28 12.04 5.17 -9.04
N GLU A 29 12.62 4.22 -8.31
CA GLU A 29 12.71 2.84 -8.77
C GLU A 29 12.89 1.88 -7.61
N MET A 30 12.19 2.16 -6.51
CA MET A 30 12.28 1.31 -5.32
C MET A 30 11.01 0.49 -5.15
N ARG A 31 11.12 -0.82 -5.35
CA ARG A 31 9.96 -1.70 -5.22
C ARG A 31 10.04 -2.60 -3.98
N LEU A 32 8.88 -2.86 -3.39
CA LEU A 32 8.80 -3.71 -2.21
C LEU A 32 7.90 -4.92 -2.51
N ARG A 33 7.98 -5.94 -1.67
CA ARG A 33 7.18 -7.13 -1.86
C ARG A 33 6.12 -7.26 -0.76
N ILE A 34 4.95 -7.80 -1.13
CA ILE A 34 3.87 -8.00 -0.18
C ILE A 34 3.11 -9.28 -0.52
N ARG A 35 3.42 -10.33 0.21
CA ARG A 35 2.78 -11.62 -0.03
C ARG A 35 1.69 -11.92 0.99
N PHE A 36 0.75 -12.76 0.60
CA PHE A 36 -0.36 -13.16 1.47
C PHE A 36 -0.50 -14.67 1.44
N GLU A 37 -0.73 -15.27 2.60
CA GLU A 37 -0.87 -16.72 2.72
C GLU A 37 -1.70 -17.32 1.59
N SER A 38 -2.63 -16.53 1.06
CA SER A 38 -3.50 -17.01 -0.01
C SER A 38 -3.47 -16.07 -1.22
N ALA A 39 -2.39 -15.30 -1.36
CA ALA A 39 -2.28 -14.38 -2.49
C ALA A 39 -0.89 -13.74 -2.60
N GLU A 40 -0.50 -13.38 -3.83
CA GLU A 40 0.79 -12.76 -4.10
C GLU A 40 0.60 -11.39 -4.76
N CYS A 41 1.46 -10.43 -4.41
CA CYS A 41 1.36 -9.08 -4.99
C CYS A 41 2.66 -8.29 -4.81
N GLU A 42 2.95 -7.40 -5.76
CA GLU A 42 4.16 -6.58 -5.69
C GLU A 42 3.82 -5.14 -6.08
N VAL A 43 4.65 -4.20 -5.66
CA VAL A 43 4.42 -2.78 -5.96
C VAL A 43 5.72 -1.98 -5.94
N GLU A 44 5.78 -0.96 -6.80
CA GLU A 44 6.95 -0.09 -6.89
C GLU A 44 6.69 1.19 -6.10
N LEU A 45 7.65 2.11 -6.10
CA LEU A 45 7.48 3.37 -5.37
C LEU A 45 8.30 4.49 -5.98
N TYR A 46 7.75 5.69 -5.95
CA TYR A 46 8.43 6.87 -6.49
C TYR A 46 8.55 7.96 -5.43
N GLU A 47 9.64 8.72 -5.48
CA GLU A 47 9.89 9.80 -4.51
C GLU A 47 8.75 10.81 -4.41
N GLU A 48 7.77 10.74 -5.32
CA GLU A 48 6.66 11.68 -5.31
C GLU A 48 6.09 11.87 -3.90
N TRP A 49 6.24 10.85 -3.05
CA TRP A 49 5.78 10.93 -1.68
C TRP A 49 6.79 11.68 -0.83
N ALA A 50 8.05 11.19 -0.83
CA ALA A 50 9.14 11.83 -0.08
C ALA A 50 10.22 10.83 0.29
N PRO A 51 11.45 10.97 -0.28
CA PRO A 51 12.56 10.07 0.01
C PRO A 51 12.74 9.82 1.51
N GLU A 52 12.36 10.80 2.32
CA GLU A 52 12.49 10.68 3.77
C GLU A 52 11.57 9.58 4.32
N THR A 53 10.32 9.57 3.87
CA THR A 53 9.36 8.58 4.34
C THR A 53 9.74 7.19 3.81
N VAL A 54 10.06 7.11 2.52
CA VAL A 54 10.45 5.85 1.89
C VAL A 54 11.46 5.10 2.75
N ARG A 55 12.26 5.83 3.52
CA ARG A 55 13.27 5.24 4.38
C ARG A 55 12.64 4.31 5.42
N ALA A 56 11.44 4.65 5.88
CA ALA A 56 10.75 3.85 6.88
C ALA A 56 10.25 2.54 6.28
N ILE A 57 9.61 2.63 5.12
CA ILE A 57 9.11 1.42 4.45
C ILE A 57 10.26 0.43 4.25
N ALA A 58 11.38 0.92 3.72
CA ALA A 58 12.56 0.07 3.48
C ALA A 58 13.10 -0.43 4.81
N ASP A 59 12.90 0.34 5.87
CA ASP A 59 13.37 -0.05 7.18
C ASP A 59 12.54 -1.21 7.74
N ALA A 60 11.29 -1.31 7.26
CA ALA A 60 10.37 -2.36 7.68
C ALA A 60 10.33 -3.53 6.70
N LEU A 61 11.50 -4.06 6.35
CA LEU A 61 11.60 -5.19 5.43
C LEU A 61 10.89 -6.42 6.04
N PRO A 62 11.15 -7.69 5.62
CA PRO A 62 10.47 -8.86 6.17
C PRO A 62 10.00 -8.69 7.61
N ILE A 63 8.70 -8.53 7.77
CA ILE A 63 8.09 -8.36 9.08
C ILE A 63 6.67 -8.93 9.06
N LYS A 64 6.21 -9.42 10.22
CA LYS A 64 4.87 -10.01 10.30
C LYS A 64 3.80 -8.96 10.57
N SER A 65 2.69 -9.07 9.86
CA SER A 65 1.56 -8.15 10.00
C SER A 65 0.24 -8.88 9.81
N THR A 66 -0.81 -8.41 10.48
CA THR A 66 -2.13 -9.04 10.36
C THR A 66 -3.03 -8.22 9.45
N ALA A 67 -3.56 -8.89 8.41
CA ALA A 67 -4.41 -8.23 7.44
C ALA A 67 -5.88 -8.17 7.87
N ASN A 68 -6.46 -6.99 7.71
CA ASN A 68 -7.87 -6.76 8.04
C ASN A 68 -8.68 -6.72 6.74
N ARG A 69 -9.71 -7.56 6.63
CA ARG A 69 -10.50 -7.61 5.41
C ARG A 69 -11.67 -6.62 5.40
N TRP A 70 -11.83 -5.93 4.27
CA TRP A 70 -12.90 -4.96 4.08
C TRP A 70 -13.17 -4.81 2.59
N GLY A 71 -14.43 -4.52 2.23
CA GLY A 71 -14.81 -4.38 0.82
C GLY A 71 -13.70 -3.85 -0.06
N ASP A 72 -12.84 -4.75 -0.53
CA ASP A 72 -11.72 -4.39 -1.40
C ASP A 72 -10.60 -3.69 -0.62
N GLU A 73 -10.97 -2.88 0.37
CA GLU A 73 -9.99 -2.16 1.17
C GLU A 73 -9.29 -3.09 2.16
N ILE A 74 -7.97 -3.06 2.15
CA ILE A 74 -7.18 -3.89 3.06
C ILE A 74 -6.10 -3.04 3.72
N TYR A 75 -6.14 -2.96 5.04
CA TYR A 75 -5.16 -2.16 5.79
C TYR A 75 -4.58 -2.95 6.96
N PHE A 76 -3.26 -3.06 6.99
CA PHE A 76 -2.57 -3.78 8.05
C PHE A 76 -1.46 -2.92 8.65
N THR A 77 -1.23 -3.07 9.95
CA THR A 77 -0.18 -2.31 10.63
C THR A 77 1.10 -3.15 10.68
N THR A 78 2.26 -2.48 10.56
CA THR A 78 3.53 -3.18 10.58
C THR A 78 4.41 -2.72 11.74
N GLN A 79 3.86 -1.89 12.61
CA GLN A 79 4.59 -1.37 13.78
C GLN A 79 5.49 -0.18 13.41
N VAL A 80 5.60 0.12 12.12
CA VAL A 80 6.42 1.26 11.68
C VAL A 80 5.60 2.55 11.75
N ALA A 81 6.03 3.47 12.60
CA ALA A 81 5.32 4.74 12.76
C ALA A 81 5.98 5.86 11.95
N VAL A 82 5.48 6.07 10.74
CA VAL A 82 5.99 7.12 9.87
C VAL A 82 4.87 8.04 9.42
N GLU A 83 4.83 9.25 9.96
CA GLU A 83 3.79 10.22 9.61
C GLU A 83 4.38 11.60 9.31
N LYS A 84 3.94 12.20 8.21
CA LYS A 84 4.41 13.53 7.82
C LYS A 84 3.38 14.21 6.93
N GLU A 85 3.46 15.53 6.79
CA GLU A 85 2.52 16.27 5.96
C GLU A 85 3.09 16.50 4.57
N GLU A 86 2.76 15.59 3.66
CA GLU A 86 3.22 15.69 2.28
C GLU A 86 2.51 14.66 1.39
N ASN A 87 2.30 15.00 0.11
CA ASN A 87 1.63 14.08 -0.81
C ASN A 87 0.15 13.96 -0.49
N SER A 88 -0.16 13.19 0.56
CA SER A 88 -1.53 12.96 1.02
C SER A 88 -2.57 13.23 -0.07
N LYS A 89 -2.83 12.25 -0.94
CA LYS A 89 -3.83 12.43 -2.00
C LYS A 89 -5.14 11.73 -1.62
N ASP A 90 -6.23 12.10 -2.27
CA ASP A 90 -7.54 11.51 -1.97
C ASP A 90 -8.22 10.89 -3.20
N VAL A 91 -7.56 10.94 -4.35
CA VAL A 91 -8.13 10.37 -5.56
C VAL A 91 -7.06 9.62 -6.37
N VAL A 92 -7.46 8.51 -6.97
CA VAL A 92 -6.54 7.70 -7.77
C VAL A 92 -7.27 6.81 -8.77
N GLU A 93 -6.57 6.40 -9.83
CA GLU A 93 -7.15 5.55 -10.86
C GLU A 93 -6.92 4.07 -10.59
N LEU A 94 -7.84 3.24 -11.08
CA LEU A 94 -7.76 1.80 -10.89
C LEU A 94 -6.37 1.25 -11.23
N GLY A 95 -5.77 0.52 -10.29
CA GLY A 95 -4.45 -0.08 -10.52
C GLY A 95 -3.35 0.50 -9.64
N ASP A 96 -3.46 1.76 -9.27
CA ASP A 96 -2.42 2.39 -8.43
C ASP A 96 -2.52 1.95 -6.98
N VAL A 97 -1.40 2.06 -6.27
CA VAL A 97 -1.33 1.67 -4.85
C VAL A 97 -1.10 2.91 -3.97
N ALA A 98 -1.55 2.88 -2.71
CA ALA A 98 -1.36 4.03 -1.83
C ALA A 98 -1.27 3.62 -0.37
N TYR A 99 -0.51 4.38 0.41
CA TYR A 99 -0.33 4.11 1.83
C TYR A 99 -1.16 5.09 2.66
N TRP A 100 -1.82 4.57 3.70
CA TRP A 100 -2.63 5.42 4.57
C TRP A 100 -1.75 6.18 5.56
N ILE A 101 -1.63 7.50 5.36
CA ILE A 101 -0.83 8.34 6.25
C ILE A 101 -1.41 8.35 7.65
N PRO A 102 -2.62 8.94 7.83
CA PRO A 102 -3.27 9.00 9.14
C PRO A 102 -3.55 7.59 9.68
N GLY A 103 -2.51 6.96 10.21
CA GLY A 103 -2.65 5.62 10.75
C GLY A 103 -1.42 4.77 10.48
N LYS A 104 -0.51 5.26 9.61
CA LYS A 104 0.72 4.51 9.28
C LYS A 104 0.37 3.12 8.78
N ALA A 105 -0.75 3.00 8.08
CA ALA A 105 -1.19 1.70 7.55
C ALA A 105 -1.23 1.69 6.02
N ILE A 106 -0.70 0.62 5.44
CA ILE A 106 -0.70 0.47 3.97
C ILE A 106 -1.99 -0.17 3.49
N CYS A 107 -2.42 0.16 2.28
CA CYS A 107 -3.67 -0.41 1.76
C CYS A 107 -3.60 -0.70 0.25
N LEU A 108 -4.45 -1.63 -0.19
CA LEU A 108 -4.53 -2.03 -1.60
C LEU A 108 -5.89 -1.62 -2.17
N PHE A 109 -5.97 -1.49 -3.49
CA PHE A 109 -7.24 -1.10 -4.13
C PHE A 109 -7.49 -1.93 -5.38
N PHE A 110 -8.75 -2.35 -5.56
CA PHE A 110 -9.15 -3.14 -6.72
C PHE A 110 -10.65 -3.38 -6.72
N GLY A 111 -11.42 -2.33 -6.43
CA GLY A 111 -12.87 -2.46 -6.41
C GLY A 111 -13.56 -1.26 -5.81
N LYS A 112 -13.80 -1.30 -4.50
CA LYS A 112 -14.46 -0.21 -3.80
C LYS A 112 -13.74 0.17 -2.51
N THR A 113 -14.40 0.98 -1.71
CA THR A 113 -13.88 1.44 -0.43
C THR A 113 -15.02 2.00 0.41
N PRO A 114 -14.73 2.59 1.59
CA PRO A 114 -15.78 3.14 2.44
C PRO A 114 -16.81 3.97 1.67
N ILE A 115 -16.43 4.46 0.49
CA ILE A 115 -17.34 5.26 -0.33
C ILE A 115 -17.18 4.96 -1.82
N SER A 116 -17.66 3.80 -2.27
CA SER A 116 -17.58 3.42 -3.68
C SER A 116 -18.40 4.38 -4.55
N ASP A 117 -19.25 5.18 -3.92
CA ASP A 117 -20.12 6.14 -4.62
C ASP A 117 -19.56 6.58 -5.96
N ASP A 118 -19.97 5.89 -7.02
CA ASP A 118 -19.53 6.19 -8.39
C ASP A 118 -18.04 6.54 -8.44
N LYS A 119 -17.26 5.92 -7.57
CA LYS A 119 -15.82 6.17 -7.54
C LYS A 119 -15.18 5.42 -6.36
N ILE A 120 -13.86 5.28 -6.42
CA ILE A 120 -13.13 4.59 -5.36
C ILE A 120 -12.45 5.60 -4.43
N ARG A 121 -13.04 5.82 -3.27
CA ARG A 121 -12.47 6.74 -2.30
C ARG A 121 -11.69 5.97 -1.24
N PRO A 122 -10.36 5.90 -1.37
CA PRO A 122 -9.51 5.16 -0.43
C PRO A 122 -9.45 5.83 0.95
N ALA A 123 -9.57 7.15 0.96
CA ALA A 123 -9.52 7.90 2.22
C ALA A 123 -9.57 9.40 1.95
N SER A 124 -9.15 10.19 2.93
CA SER A 124 -9.15 11.63 2.81
C SER A 124 -7.73 12.21 2.80
N ALA A 125 -6.73 11.34 2.93
CA ALA A 125 -5.34 11.80 2.93
C ALA A 125 -4.34 10.66 2.86
N VAL A 126 -4.27 9.96 1.72
CA VAL A 126 -3.33 8.85 1.57
C VAL A 126 -2.38 9.07 0.40
N ASN A 127 -1.11 8.68 0.60
CA ASN A 127 -0.05 8.85 -0.40
C ASN A 127 -0.06 7.74 -1.46
N VAL A 128 0.42 8.08 -2.66
CA VAL A 128 0.52 7.11 -3.74
C VAL A 128 1.89 6.44 -3.66
N ILE A 129 1.92 5.26 -3.05
CA ILE A 129 3.16 4.52 -2.86
C ILE A 129 3.56 3.70 -4.09
N GLY A 130 3.04 4.10 -5.25
CA GLY A 130 3.39 3.39 -6.48
C GLY A 130 2.21 2.65 -7.08
N ARG A 131 2.49 1.49 -7.67
CA ARG A 131 1.44 0.69 -8.30
C ARG A 131 1.84 -0.78 -8.39
N ILE A 132 0.87 -1.63 -8.72
CA ILE A 132 1.10 -3.06 -8.85
C ILE A 132 1.46 -3.40 -10.30
N VAL A 133 2.67 -3.89 -10.52
CA VAL A 133 3.12 -4.24 -11.87
C VAL A 133 2.75 -5.67 -12.24
N ASN A 134 3.62 -6.62 -11.91
CA ASN A 134 3.38 -8.02 -12.22
C ASN A 134 3.32 -8.88 -10.96
N SER A 135 2.23 -9.63 -10.81
CA SER A 135 2.05 -10.51 -9.66
C SER A 135 0.68 -11.18 -9.71
N MET A 136 -0.36 -10.37 -9.55
CA MET A 136 -1.73 -10.88 -9.57
C MET A 136 -2.74 -9.73 -9.64
N GLU A 137 -2.48 -8.68 -8.85
CA GLU A 137 -3.36 -7.52 -8.81
C GLU A 137 -4.78 -7.92 -8.44
N GLY A 138 -4.90 -8.91 -7.56
CA GLY A 138 -6.21 -9.37 -7.14
C GLY A 138 -6.28 -9.69 -5.66
N LEU A 139 -5.45 -9.02 -4.86
CA LEU A 139 -5.44 -9.25 -3.42
C LEU A 139 -6.83 -9.13 -2.84
N LYS A 140 -7.64 -8.24 -3.41
CA LYS A 140 -9.01 -8.00 -2.92
C LYS A 140 -9.73 -9.32 -2.60
N GLY A 141 -9.31 -10.41 -3.26
CA GLY A 141 -9.94 -11.70 -3.02
C GLY A 141 -9.32 -12.46 -1.85
N VAL A 142 -8.83 -11.71 -0.86
CA VAL A 142 -8.22 -12.32 0.33
C VAL A 142 -9.27 -12.81 1.31
N ALA A 143 -8.92 -13.80 2.12
CA ALA A 143 -9.85 -14.33 3.12
C ALA A 143 -9.88 -13.42 4.34
N ASP A 144 -11.04 -13.31 4.99
CA ASP A 144 -11.18 -12.46 6.17
C ASP A 144 -10.15 -12.80 7.23
N GLY A 145 -9.21 -11.88 7.46
CA GLY A 145 -8.18 -12.08 8.45
C GLY A 145 -7.18 -13.15 8.07
N GLU A 146 -6.03 -12.73 7.58
CA GLU A 146 -4.97 -13.67 7.20
C GLU A 146 -3.59 -13.03 7.35
N SER A 147 -2.59 -13.85 7.66
CA SER A 147 -1.22 -13.38 7.85
C SER A 147 -0.78 -12.44 6.72
N VAL A 148 0.31 -11.70 7.00
CA VAL A 148 0.87 -10.76 6.04
C VAL A 148 2.34 -10.49 6.37
N VAL A 149 3.22 -10.63 5.38
CA VAL A 149 4.64 -10.40 5.59
C VAL A 149 5.21 -9.39 4.58
N VAL A 150 5.52 -8.19 5.07
CA VAL A 150 6.07 -7.14 4.21
C VAL A 150 7.59 -7.33 4.06
N GLU A 151 8.08 -7.33 2.81
CA GLU A 151 9.51 -7.50 2.57
C GLU A 151 9.93 -6.86 1.24
N ARG A 152 10.99 -6.06 1.28
CA ARG A 152 11.49 -5.39 0.08
C ARG A 152 12.26 -6.37 -0.80
N ALA A 153 11.55 -7.03 -1.70
CA ALA A 153 12.15 -8.00 -2.62
C ALA A 153 13.14 -8.90 -1.89
N MET A 23 10.58 8.80 -16.31
CA MET A 23 10.64 9.20 -14.87
C MET A 23 11.99 9.82 -14.53
N GLY A 24 13.03 9.00 -14.53
CA GLY A 24 14.36 9.49 -14.22
C GLY A 24 15.18 8.48 -13.44
N GLU A 25 14.50 7.63 -12.68
CA GLU A 25 15.18 6.62 -11.88
C GLU A 25 16.11 7.26 -10.85
N ARG A 26 17.08 6.49 -10.35
CA ARG A 26 18.02 7.00 -9.37
C ARG A 26 17.30 7.47 -8.10
N GLY A 27 16.07 7.01 -7.92
CA GLY A 27 15.30 7.40 -6.74
C GLY A 27 13.86 6.93 -6.80
N VAL A 28 13.31 6.85 -8.01
CA VAL A 28 11.93 6.40 -8.20
C VAL A 28 11.88 5.05 -8.91
N GLU A 29 12.46 4.02 -8.27
CA GLU A 29 12.47 2.69 -8.84
C GLU A 29 12.69 1.63 -7.76
N MET A 30 12.11 1.87 -6.58
CA MET A 30 12.25 0.93 -5.47
C MET A 30 10.95 0.18 -5.24
N ARG A 31 10.98 -1.13 -5.46
CA ARG A 31 9.79 -1.96 -5.28
C ARG A 31 9.93 -2.90 -4.08
N LEU A 32 8.81 -3.14 -3.41
CA LEU A 32 8.77 -4.05 -2.26
C LEU A 32 7.85 -5.22 -2.56
N ARG A 33 7.95 -6.27 -1.77
CA ARG A 33 7.13 -7.45 -1.97
C ARG A 33 6.07 -7.58 -0.87
N ILE A 34 4.88 -8.06 -1.25
CA ILE A 34 3.79 -8.23 -0.30
C ILE A 34 3.01 -9.50 -0.64
N ARG A 35 3.29 -10.56 0.11
CA ARG A 35 2.64 -11.85 -0.12
C ARG A 35 1.53 -12.11 0.89
N PHE A 36 0.59 -12.95 0.50
CA PHE A 36 -0.54 -13.32 1.34
C PHE A 36 -0.77 -14.83 1.26
N GLU A 37 -1.04 -15.45 2.40
CA GLU A 37 -1.26 -16.89 2.46
C GLU A 37 -2.14 -17.39 1.31
N SER A 38 -3.02 -16.54 0.81
CA SER A 38 -3.92 -16.93 -0.27
C SER A 38 -3.80 -16.00 -1.47
N ALA A 39 -2.67 -15.30 -1.60
CA ALA A 39 -2.48 -14.39 -2.73
C ALA A 39 -1.08 -13.78 -2.77
N GLU A 40 -0.63 -13.45 -3.98
CA GLU A 40 0.69 -12.83 -4.17
C GLU A 40 0.58 -11.54 -4.97
N CYS A 41 1.38 -10.53 -4.61
CA CYS A 41 1.35 -9.24 -5.30
C CYS A 41 2.59 -8.41 -4.99
N GLU A 42 3.02 -7.58 -5.96
CA GLU A 42 4.18 -6.72 -5.78
C GLU A 42 3.82 -5.28 -6.09
N VAL A 43 4.63 -4.33 -5.60
CA VAL A 43 4.37 -2.92 -5.83
C VAL A 43 5.66 -2.10 -5.81
N GLU A 44 5.70 -1.07 -6.66
CA GLU A 44 6.85 -0.19 -6.75
C GLU A 44 6.64 1.05 -5.89
N LEU A 45 7.61 1.97 -5.90
CA LEU A 45 7.48 3.19 -5.11
C LEU A 45 8.24 4.34 -5.75
N TYR A 46 7.72 5.54 -5.59
CA TYR A 46 8.33 6.74 -6.15
C TYR A 46 8.50 7.82 -5.07
N GLU A 47 9.57 8.60 -5.19
CA GLU A 47 9.87 9.67 -4.23
C GLU A 47 8.75 10.71 -4.11
N GLU A 48 7.76 10.64 -5.00
CA GLU A 48 6.65 11.60 -4.98
C GLU A 48 6.13 11.82 -3.56
N TRP A 49 6.24 10.79 -2.72
CA TRP A 49 5.80 10.88 -1.34
C TRP A 49 6.87 11.61 -0.51
N ALA A 50 8.10 11.07 -0.55
CA ALA A 50 9.24 11.68 0.16
C ALA A 50 10.34 10.67 0.43
N PRO A 51 11.55 10.87 -0.15
CA PRO A 51 12.68 9.97 0.04
C PRO A 51 12.87 9.58 1.51
N GLU A 52 12.59 10.51 2.41
CA GLU A 52 12.74 10.28 3.84
C GLU A 52 11.84 9.14 4.32
N THR A 53 10.56 9.19 3.95
CA THR A 53 9.61 8.16 4.35
C THR A 53 9.99 6.82 3.74
N VAL A 54 10.35 6.83 2.46
CA VAL A 54 10.74 5.62 1.75
C VAL A 54 11.76 4.81 2.56
N ARG A 55 12.62 5.52 3.28
CA ARG A 55 13.64 4.88 4.11
C ARG A 55 13.02 3.96 5.15
N ALA A 56 11.88 4.39 5.71
CA ALA A 56 11.19 3.61 6.73
C ALA A 56 10.64 2.32 6.15
N ILE A 57 9.97 2.42 5.00
CA ILE A 57 9.41 1.24 4.35
C ILE A 57 10.51 0.20 4.12
N ALA A 58 11.61 0.63 3.50
CA ALA A 58 12.74 -0.26 3.25
C ALA A 58 13.32 -0.77 4.56
N ASP A 59 13.19 0.03 5.61
CA ASP A 59 13.70 -0.38 6.92
C ASP A 59 12.84 -1.50 7.51
N ALA A 60 11.58 -1.55 7.09
CA ALA A 60 10.64 -2.56 7.55
C ALA A 60 10.53 -3.74 6.57
N LEU A 61 11.68 -4.31 6.20
CA LEU A 61 11.71 -5.45 5.29
C LEU A 61 10.96 -6.65 5.93
N PRO A 62 11.18 -7.93 5.51
CA PRO A 62 10.45 -9.07 6.08
C PRO A 62 10.01 -8.86 7.53
N ILE A 63 8.72 -8.62 7.70
CA ILE A 63 8.12 -8.40 9.00
C ILE A 63 6.70 -8.94 9.02
N LYS A 64 6.23 -9.38 10.19
CA LYS A 64 4.90 -9.94 10.32
C LYS A 64 3.85 -8.86 10.54
N SER A 65 2.73 -8.97 9.83
CA SER A 65 1.64 -8.03 9.93
C SER A 65 0.28 -8.74 9.79
N THR A 66 -0.75 -8.21 10.46
CA THR A 66 -2.07 -8.82 10.39
C THR A 66 -2.96 -8.02 9.44
N ALA A 67 -3.56 -8.73 8.48
CA ALA A 67 -4.42 -8.10 7.49
C ALA A 67 -5.87 -8.00 7.92
N ASN A 68 -6.45 -6.82 7.73
CA ASN A 68 -7.85 -6.57 8.05
C ASN A 68 -8.64 -6.55 6.74
N ARG A 69 -9.65 -7.42 6.63
CA ARG A 69 -10.43 -7.50 5.39
C ARG A 69 -11.63 -6.55 5.36
N TRP A 70 -11.81 -5.89 4.21
CA TRP A 70 -12.92 -4.98 3.99
C TRP A 70 -13.18 -4.88 2.50
N GLY A 71 -14.44 -4.66 2.12
CA GLY A 71 -14.80 -4.57 0.70
C GLY A 71 -13.70 -3.96 -0.15
N ASP A 72 -12.76 -4.81 -0.59
CA ASP A 72 -11.64 -4.37 -1.42
C ASP A 72 -10.57 -3.65 -0.59
N GLU A 73 -11.01 -2.84 0.37
CA GLU A 73 -10.09 -2.10 1.22
C GLU A 73 -9.36 -3.02 2.20
N ILE A 74 -8.04 -3.02 2.11
CA ILE A 74 -7.21 -3.84 2.99
C ILE A 74 -6.12 -2.97 3.62
N TYR A 75 -6.11 -2.92 4.95
CA TYR A 75 -5.12 -2.12 5.66
C TYR A 75 -4.53 -2.88 6.84
N PHE A 76 -3.20 -2.93 6.90
CA PHE A 76 -2.50 -3.63 7.97
C PHE A 76 -1.37 -2.77 8.53
N THR A 77 -1.14 -2.90 9.83
CA THR A 77 -0.06 -2.14 10.48
C THR A 77 1.23 -2.97 10.48
N THR A 78 2.37 -2.29 10.37
CA THR A 78 3.65 -2.99 10.33
C THR A 78 4.58 -2.55 11.47
N GLN A 79 4.06 -1.72 12.37
CA GLN A 79 4.83 -1.23 13.51
C GLN A 79 5.68 -0.02 13.14
N VAL A 80 5.75 0.31 11.85
CA VAL A 80 6.53 1.46 11.41
C VAL A 80 5.70 2.73 11.50
N ALA A 81 6.10 3.65 12.38
CA ALA A 81 5.37 4.89 12.57
C ALA A 81 6.07 6.08 11.94
N VAL A 82 5.68 6.40 10.71
CA VAL A 82 6.26 7.53 9.98
C VAL A 82 5.15 8.42 9.44
N GLU A 83 4.96 9.59 10.04
CA GLU A 83 3.91 10.51 9.60
C GLU A 83 4.48 11.87 9.22
N LYS A 84 4.02 12.40 8.10
CA LYS A 84 4.47 13.70 7.61
C LYS A 84 3.32 14.43 6.93
N GLU A 85 3.49 15.72 6.66
CA GLU A 85 2.45 16.51 6.01
C GLU A 85 2.85 16.87 4.59
N GLU A 86 2.51 15.99 3.66
CA GLU A 86 2.83 16.21 2.25
C GLU A 86 2.12 15.18 1.37
N ASN A 87 2.00 15.48 0.09
CA ASN A 87 1.35 14.58 -0.86
C ASN A 87 -0.11 14.38 -0.52
N SER A 88 -0.36 13.49 0.44
CA SER A 88 -1.73 13.17 0.90
C SER A 88 -2.77 13.37 -0.20
N LYS A 89 -2.96 12.38 -1.08
CA LYS A 89 -3.96 12.49 -2.14
C LYS A 89 -5.23 11.73 -1.76
N ASP A 90 -6.36 12.14 -2.34
CA ASP A 90 -7.64 11.51 -2.04
C ASP A 90 -8.31 10.89 -3.26
N VAL A 91 -7.65 10.96 -4.43
CA VAL A 91 -8.22 10.39 -5.64
C VAL A 91 -7.16 9.64 -6.45
N VAL A 92 -7.55 8.51 -7.02
CA VAL A 92 -6.63 7.71 -7.82
C VAL A 92 -7.38 6.79 -8.80
N GLU A 93 -6.69 6.38 -9.86
CA GLU A 93 -7.30 5.50 -10.87
C GLU A 93 -6.93 4.05 -10.64
N LEU A 94 -7.85 3.17 -11.00
CA LEU A 94 -7.66 1.71 -10.85
C LEU A 94 -6.25 1.28 -11.25
N GLY A 95 -5.59 0.51 -10.38
CA GLY A 95 -4.25 0.02 -10.69
C GLY A 95 -3.16 0.58 -9.78
N ASP A 96 -3.32 1.81 -9.32
CA ASP A 96 -2.31 2.44 -8.47
C ASP A 96 -2.44 2.00 -7.01
N VAL A 97 -1.34 2.13 -6.27
CA VAL A 97 -1.30 1.75 -4.84
C VAL A 97 -1.05 2.98 -3.97
N ALA A 98 -1.52 2.97 -2.71
CA ALA A 98 -1.31 4.13 -1.83
C ALA A 98 -1.23 3.73 -0.36
N TYR A 99 -0.49 4.52 0.43
CA TYR A 99 -0.33 4.26 1.85
C TYR A 99 -1.13 5.27 2.68
N TRP A 100 -1.82 4.79 3.71
CA TRP A 100 -2.60 5.66 4.58
C TRP A 100 -1.71 6.45 5.53
N ILE A 101 -1.65 7.77 5.33
CA ILE A 101 -0.82 8.62 6.18
C ILE A 101 -1.34 8.61 7.63
N PRO A 102 -2.54 9.17 7.88
CA PRO A 102 -3.11 9.19 9.24
C PRO A 102 -3.39 7.78 9.76
N GLY A 103 -2.33 7.10 10.17
CA GLY A 103 -2.46 5.75 10.69
C GLY A 103 -1.26 4.87 10.35
N LYS A 104 -0.39 5.36 9.46
CA LYS A 104 0.80 4.60 9.06
C LYS A 104 0.41 3.21 8.54
N ALA A 105 -0.79 3.10 7.98
CA ALA A 105 -1.28 1.84 7.46
C ALA A 105 -1.33 1.84 5.92
N ILE A 106 -0.77 0.79 5.31
CA ILE A 106 -0.76 0.67 3.86
C ILE A 106 -2.02 -0.06 3.39
N CYS A 107 -2.51 0.29 2.20
CA CYS A 107 -3.72 -0.34 1.68
C CYS A 107 -3.65 -0.61 0.17
N LEU A 108 -4.45 -1.57 -0.27
CA LEU A 108 -4.53 -1.95 -1.68
C LEU A 108 -5.88 -1.52 -2.26
N PHE A 109 -5.96 -1.45 -3.59
CA PHE A 109 -7.20 -1.05 -4.25
C PHE A 109 -7.48 -1.95 -5.46
N PHE A 110 -8.75 -2.31 -5.62
CA PHE A 110 -9.16 -3.17 -6.73
C PHE A 110 -10.67 -3.39 -6.73
N GLY A 111 -11.44 -2.31 -6.63
CA GLY A 111 -12.88 -2.44 -6.62
C GLY A 111 -13.60 -1.29 -5.94
N LYS A 112 -13.62 -1.32 -4.60
CA LYS A 112 -14.29 -0.28 -3.82
C LYS A 112 -13.51 0.07 -2.55
N THR A 113 -14.20 0.70 -1.61
CA THR A 113 -13.61 1.14 -0.35
C THR A 113 -14.73 1.50 0.61
N PRO A 114 -14.41 1.90 1.87
CA PRO A 114 -15.40 2.28 2.86
C PRO A 114 -16.53 3.13 2.27
N ILE A 115 -16.25 3.82 1.17
CA ILE A 115 -17.26 4.67 0.53
C ILE A 115 -17.20 4.60 -1.00
N SER A 116 -17.49 3.42 -1.56
CA SER A 116 -17.49 3.24 -3.01
C SER A 116 -18.40 4.27 -3.68
N ASP A 117 -19.70 4.10 -3.50
CA ASP A 117 -20.70 4.99 -4.09
C ASP A 117 -20.65 4.93 -5.63
N ASP A 118 -20.03 5.93 -6.25
CA ASP A 118 -19.93 5.96 -7.71
C ASP A 118 -18.46 5.90 -8.15
N LYS A 119 -17.55 6.08 -7.19
CA LYS A 119 -16.12 6.05 -7.47
C LYS A 119 -15.39 5.27 -6.39
N ILE A 120 -14.09 5.48 -6.27
CA ILE A 120 -13.30 4.79 -5.26
C ILE A 120 -12.58 5.78 -4.35
N ARG A 121 -13.14 6.00 -3.16
CA ARG A 121 -12.53 6.90 -2.20
C ARG A 121 -11.74 6.11 -1.16
N PRO A 122 -10.42 6.00 -1.32
CA PRO A 122 -9.56 5.26 -0.39
C PRO A 122 -9.47 5.93 0.96
N ALA A 123 -9.60 7.25 0.99
CA ALA A 123 -9.53 8.01 2.23
C ALA A 123 -9.62 9.51 1.95
N SER A 124 -9.21 10.32 2.91
CA SER A 124 -9.25 11.77 2.77
C SER A 124 -7.83 12.36 2.67
N ALA A 125 -6.81 11.52 2.80
CA ALA A 125 -5.44 12.00 2.72
C ALA A 125 -4.41 10.87 2.70
N VAL A 126 -4.36 10.12 1.59
CA VAL A 126 -3.39 9.04 1.46
C VAL A 126 -2.44 9.24 0.28
N ASN A 127 -1.18 8.88 0.50
CA ASN A 127 -0.14 9.04 -0.52
C ASN A 127 -0.11 7.88 -1.52
N VAL A 128 0.36 8.17 -2.73
CA VAL A 128 0.48 7.16 -3.77
C VAL A 128 1.84 6.48 -3.64
N ILE A 129 1.88 5.40 -2.86
CA ILE A 129 3.11 4.66 -2.61
C ILE A 129 3.52 3.77 -3.78
N GLY A 130 3.06 4.10 -4.99
CA GLY A 130 3.42 3.32 -6.16
C GLY A 130 2.23 2.63 -6.79
N ARG A 131 2.46 1.48 -7.41
CA ARG A 131 1.39 0.73 -8.05
C ARG A 131 1.77 -0.75 -8.19
N ILE A 132 0.78 -1.58 -8.54
CA ILE A 132 1.01 -3.00 -8.70
C ILE A 132 1.21 -3.35 -10.18
N VAL A 133 2.40 -3.81 -10.53
CA VAL A 133 2.71 -4.17 -11.91
C VAL A 133 2.82 -5.68 -12.10
N ASN A 134 4.00 -6.23 -11.87
CA ASN A 134 4.23 -7.68 -12.02
C ASN A 134 3.44 -8.47 -10.98
N SER A 135 3.40 -9.78 -11.15
CA SER A 135 2.68 -10.66 -10.24
C SER A 135 1.20 -10.30 -10.19
N MET A 136 0.41 -11.18 -9.57
CA MET A 136 -1.03 -10.95 -9.45
C MET A 136 -1.31 -9.64 -8.72
N GLU A 137 -2.43 -9.01 -9.07
CA GLU A 137 -2.81 -7.74 -8.43
C GLU A 137 -4.27 -7.79 -7.98
N GLY A 138 -4.70 -8.96 -7.51
CA GLY A 138 -6.08 -9.11 -7.06
C GLY A 138 -6.17 -9.44 -5.58
N LEU A 139 -5.40 -8.73 -4.76
CA LEU A 139 -5.42 -8.96 -3.32
C LEU A 139 -6.85 -8.98 -2.79
N LYS A 140 -7.70 -8.15 -3.38
CA LYS A 140 -9.11 -8.06 -2.97
C LYS A 140 -9.72 -9.44 -2.69
N GLY A 141 -9.19 -10.47 -3.33
CA GLY A 141 -9.72 -11.82 -3.12
C GLY A 141 -9.11 -12.53 -1.92
N VAL A 142 -8.71 -11.76 -0.91
CA VAL A 142 -8.12 -12.34 0.29
C VAL A 142 -9.19 -12.79 1.29
N ALA A 143 -8.86 -13.76 2.13
CA ALA A 143 -9.81 -14.27 3.13
C ALA A 143 -9.84 -13.32 4.33
N ASP A 144 -11.01 -13.21 4.96
CA ASP A 144 -11.15 -12.33 6.11
C ASP A 144 -10.16 -12.66 7.21
N GLY A 145 -9.30 -11.70 7.52
CA GLY A 145 -8.30 -11.90 8.56
C GLY A 145 -7.30 -12.98 8.24
N GLU A 146 -6.11 -12.58 7.78
CA GLU A 146 -5.05 -13.54 7.45
C GLU A 146 -3.68 -12.90 7.58
N SER A 147 -2.68 -13.71 7.92
CA SER A 147 -1.30 -13.23 8.09
C SER A 147 -0.85 -12.37 6.91
N VAL A 148 0.24 -11.66 7.12
CA VAL A 148 0.83 -10.77 6.11
C VAL A 148 2.30 -10.52 6.41
N VAL A 149 3.16 -10.73 5.41
CA VAL A 149 4.60 -10.51 5.60
C VAL A 149 5.17 -9.56 4.55
N VAL A 150 5.51 -8.35 4.98
CA VAL A 150 6.06 -7.34 4.09
C VAL A 150 7.58 -7.55 3.94
N GLU A 151 8.08 -7.60 2.70
CA GLU A 151 9.49 -7.80 2.46
C GLU A 151 9.92 -7.22 1.12
N ARG A 152 11.00 -6.44 1.12
CA ARG A 152 11.52 -5.85 -0.11
C ARG A 152 12.21 -6.89 -0.97
N ALA A 153 11.46 -7.48 -1.89
CA ALA A 153 12.00 -8.51 -2.80
C ALA A 153 12.95 -9.46 -2.08
N MET A 23 7.17 8.24 -13.50
CA MET A 23 8.28 8.12 -14.49
C MET A 23 9.57 8.70 -13.93
N GLY A 24 10.69 8.05 -14.27
CA GLY A 24 11.98 8.51 -13.79
C GLY A 24 12.73 7.43 -13.03
N GLU A 25 14.00 7.70 -12.73
CA GLU A 25 14.83 6.76 -12.01
C GLU A 25 15.84 7.49 -11.12
N ARG A 26 16.92 6.80 -10.72
CA ARG A 26 17.94 7.39 -9.88
C ARG A 26 17.36 7.86 -8.54
N GLY A 27 16.18 7.32 -8.19
CA GLY A 27 15.56 7.71 -6.93
C GLY A 27 14.12 7.24 -6.85
N VAL A 28 13.46 7.11 -7.99
CA VAL A 28 12.07 6.67 -8.03
C VAL A 28 11.93 5.29 -8.67
N GLU A 29 12.55 4.28 -8.05
CA GLU A 29 12.50 2.92 -8.57
C GLU A 29 12.75 1.91 -7.46
N MET A 30 12.12 2.14 -6.30
CA MET A 30 12.28 1.22 -5.17
C MET A 30 11.01 0.40 -4.95
N ARG A 31 11.12 -0.90 -5.19
CA ARG A 31 9.97 -1.80 -5.03
C ARG A 31 10.13 -2.72 -3.82
N LEU A 32 8.99 -3.01 -3.17
CA LEU A 32 8.98 -3.90 -2.02
C LEU A 32 8.08 -5.10 -2.30
N ARG A 33 8.23 -6.15 -1.51
CA ARG A 33 7.43 -7.35 -1.70
C ARG A 33 6.35 -7.46 -0.62
N ILE A 34 5.20 -7.98 -0.99
CA ILE A 34 4.09 -8.16 -0.05
C ILE A 34 3.31 -9.42 -0.40
N ARG A 35 3.56 -10.48 0.36
CA ARG A 35 2.90 -11.76 0.11
C ARG A 35 1.74 -11.98 1.09
N PHE A 36 0.80 -12.82 0.66
CA PHE A 36 -0.37 -13.16 1.46
C PHE A 36 -0.59 -14.66 1.41
N GLU A 37 -0.92 -15.25 2.56
CA GLU A 37 -1.15 -16.69 2.65
C GLU A 37 -1.98 -17.22 1.48
N SER A 38 -2.84 -16.38 0.93
CA SER A 38 -3.70 -16.80 -0.17
C SER A 38 -3.56 -15.87 -1.38
N ALA A 39 -2.43 -15.16 -1.49
CA ALA A 39 -2.22 -14.25 -2.61
C ALA A 39 -0.83 -13.65 -2.62
N GLU A 40 -0.33 -13.35 -3.83
CA GLU A 40 1.00 -12.75 -3.99
C GLU A 40 0.96 -11.55 -4.94
N CYS A 41 1.70 -10.48 -4.59
CA CYS A 41 1.72 -9.28 -5.43
C CYS A 41 2.89 -8.36 -5.05
N GLU A 42 3.42 -7.63 -6.04
CA GLU A 42 4.53 -6.72 -5.80
C GLU A 42 4.10 -5.28 -6.07
N VAL A 43 4.80 -4.32 -5.47
CA VAL A 43 4.48 -2.92 -5.64
C VAL A 43 5.74 -2.05 -5.60
N GLU A 44 5.80 -1.08 -6.51
CA GLU A 44 6.94 -0.16 -6.58
C GLU A 44 6.67 1.09 -5.76
N LEU A 45 7.61 2.03 -5.77
CA LEU A 45 7.46 3.27 -5.01
C LEU A 45 8.30 4.39 -5.62
N TYR A 46 7.78 5.61 -5.55
CA TYR A 46 8.48 6.78 -6.08
C TYR A 46 8.61 7.87 -5.02
N GLU A 47 9.71 8.61 -5.09
CA GLU A 47 9.98 9.68 -4.12
C GLU A 47 8.87 10.73 -4.06
N GLU A 48 7.91 10.68 -4.99
CA GLU A 48 6.82 11.65 -5.01
C GLU A 48 6.24 11.88 -3.62
N TRP A 49 6.34 10.86 -2.76
CA TRP A 49 5.85 10.96 -1.40
C TRP A 49 6.88 11.71 -0.54
N ALA A 50 8.12 11.19 -0.52
CA ALA A 50 9.21 11.83 0.23
C ALA A 50 10.32 10.83 0.55
N PRO A 51 11.50 10.97 -0.10
CA PRO A 51 12.65 10.08 0.14
C PRO A 51 12.84 9.73 1.62
N GLU A 52 12.45 10.65 2.50
CA GLU A 52 12.59 10.44 3.94
C GLU A 52 11.67 9.32 4.43
N THR A 53 10.43 9.32 3.94
CA THR A 53 9.46 8.30 4.34
C THR A 53 9.86 6.93 3.81
N VAL A 54 10.25 6.89 2.53
CA VAL A 54 10.68 5.65 1.89
C VAL A 54 11.69 4.89 2.75
N ARG A 55 12.52 5.65 3.46
CA ARG A 55 13.54 5.06 4.32
C ARG A 55 12.92 4.13 5.36
N ALA A 56 11.75 4.51 5.88
CA ALA A 56 11.07 3.70 6.89
C ALA A 56 10.59 2.38 6.30
N ILE A 57 9.94 2.45 5.14
CA ILE A 57 9.46 1.24 4.48
C ILE A 57 10.61 0.24 4.32
N ALA A 58 11.73 0.72 3.76
CA ALA A 58 12.91 -0.14 3.56
C ALA A 58 13.44 -0.61 4.91
N ASP A 59 13.22 0.19 5.94
CA ASP A 59 13.68 -0.19 7.29
C ASP A 59 12.83 -1.34 7.84
N ALA A 60 11.60 -1.45 7.35
CA ALA A 60 10.66 -2.47 7.78
C ALA A 60 10.61 -3.65 6.81
N LEU A 61 11.78 -4.20 6.48
CA LEU A 61 11.87 -5.35 5.57
C LEU A 61 11.14 -6.56 6.20
N PRO A 62 11.40 -7.84 5.79
CA PRO A 62 10.68 -9.00 6.35
C PRO A 62 10.23 -8.81 7.79
N ILE A 63 8.92 -8.58 7.95
CA ILE A 63 8.32 -8.38 9.26
C ILE A 63 6.91 -8.95 9.25
N LYS A 64 6.44 -9.40 10.41
CA LYS A 64 5.10 -9.97 10.51
C LYS A 64 4.04 -8.90 10.73
N SER A 65 2.93 -9.04 10.02
CA SER A 65 1.81 -8.10 10.13
C SER A 65 0.48 -8.83 9.96
N THR A 66 -0.56 -8.33 10.62
CA THR A 66 -1.89 -8.95 10.54
C THR A 66 -2.78 -8.16 9.59
N ALA A 67 -3.31 -8.85 8.58
CA ALA A 67 -4.15 -8.21 7.56
C ALA A 67 -5.60 -8.08 8.00
N ASN A 68 -6.16 -6.90 7.76
CA ASN A 68 -7.57 -6.62 8.06
C ASN A 68 -8.34 -6.56 6.74
N ARG A 69 -9.43 -7.34 6.63
CA ARG A 69 -10.19 -7.36 5.39
C ARG A 69 -11.31 -6.30 5.36
N TRP A 70 -11.44 -5.65 4.20
CA TRP A 70 -12.47 -4.63 4.00
C TRP A 70 -12.89 -4.62 2.53
N GLY A 71 -14.16 -4.29 2.28
CA GLY A 71 -14.66 -4.25 0.91
C GLY A 71 -13.65 -3.71 -0.09
N ASP A 72 -12.88 -4.62 -0.70
CA ASP A 72 -11.85 -4.27 -1.68
C ASP A 72 -10.58 -3.75 -1.01
N GLU A 73 -10.74 -2.94 0.04
CA GLU A 73 -9.59 -2.39 0.76
C GLU A 73 -9.06 -3.36 1.80
N ILE A 74 -7.78 -3.25 2.10
CA ILE A 74 -7.13 -4.11 3.09
C ILE A 74 -5.93 -3.37 3.69
N TYR A 75 -5.99 -3.12 4.99
CA TYR A 75 -4.90 -2.41 5.66
C TYR A 75 -4.33 -3.20 6.84
N PHE A 76 -3.01 -3.11 6.98
CA PHE A 76 -2.31 -3.80 8.06
C PHE A 76 -1.21 -2.91 8.61
N THR A 77 -0.96 -3.02 9.93
CA THR A 77 0.08 -2.23 10.57
C THR A 77 1.39 -3.02 10.60
N THR A 78 2.51 -2.32 10.55
CA THR A 78 3.81 -2.99 10.57
C THR A 78 4.69 -2.49 11.70
N GLN A 79 4.14 -1.64 12.57
CA GLN A 79 4.88 -1.08 13.71
C GLN A 79 5.72 0.13 13.30
N VAL A 80 5.82 0.40 12.00
CA VAL A 80 6.59 1.55 11.53
C VAL A 80 5.73 2.81 11.58
N ALA A 81 6.13 3.78 12.40
CA ALA A 81 5.37 5.02 12.54
C ALA A 81 6.07 6.20 11.88
N VAL A 82 5.69 6.47 10.63
CA VAL A 82 6.26 7.59 9.88
C VAL A 82 5.13 8.51 9.39
N GLU A 83 4.99 9.67 10.02
CA GLU A 83 3.94 10.61 9.64
C GLU A 83 4.49 12.01 9.37
N LYS A 84 4.03 12.63 8.30
CA LYS A 84 4.45 13.97 7.93
C LYS A 84 3.38 14.64 7.05
N GLU A 85 3.49 15.96 6.89
CA GLU A 85 2.52 16.69 6.08
C GLU A 85 3.03 16.88 4.66
N GLU A 86 2.70 15.93 3.78
CA GLU A 86 3.13 15.99 2.40
C GLU A 86 2.42 14.92 1.56
N ASN A 87 2.25 15.18 0.26
CA ASN A 87 1.59 14.24 -0.64
C ASN A 87 0.11 14.12 -0.31
N SER A 88 -0.20 13.33 0.72
CA SER A 88 -1.57 13.10 1.17
C SER A 88 -2.61 13.35 0.08
N LYS A 89 -2.83 12.37 -0.80
CA LYS A 89 -3.81 12.51 -1.88
C LYS A 89 -5.08 11.73 -1.53
N ASP A 90 -6.21 12.10 -2.16
CA ASP A 90 -7.47 11.43 -1.89
C ASP A 90 -8.09 10.80 -3.15
N VAL A 91 -7.48 11.02 -4.30
CA VAL A 91 -8.00 10.44 -5.54
C VAL A 91 -6.91 9.70 -6.32
N VAL A 92 -7.29 8.59 -6.95
CA VAL A 92 -6.34 7.79 -7.72
C VAL A 92 -7.03 6.90 -8.74
N GLU A 93 -6.27 6.49 -9.78
CA GLU A 93 -6.81 5.63 -10.83
C GLU A 93 -6.66 4.16 -10.48
N LEU A 94 -7.58 3.35 -11.00
CA LEU A 94 -7.60 1.91 -10.76
C LEU A 94 -6.24 1.26 -11.03
N GLY A 95 -5.72 0.53 -10.03
CA GLY A 95 -4.44 -0.16 -10.19
C GLY A 95 -3.34 0.38 -9.30
N ASP A 96 -3.37 1.67 -9.01
CA ASP A 96 -2.36 2.30 -8.19
C ASP A 96 -2.43 1.84 -6.72
N VAL A 97 -1.34 2.06 -5.99
CA VAL A 97 -1.26 1.69 -4.57
C VAL A 97 -0.96 2.93 -3.72
N ALA A 98 -1.39 2.94 -2.45
CA ALA A 98 -1.14 4.11 -1.59
C ALA A 98 -1.03 3.77 -0.12
N TYR A 99 -0.17 4.51 0.60
CA TYR A 99 0.01 4.29 2.04
C TYR A 99 -0.84 5.28 2.82
N TRP A 100 -1.60 4.78 3.80
CA TRP A 100 -2.47 5.64 4.60
C TRP A 100 -1.63 6.52 5.54
N ILE A 101 -1.80 7.84 5.42
CA ILE A 101 -1.07 8.78 6.27
C ILE A 101 -1.51 8.67 7.73
N PRO A 102 -2.75 9.07 8.05
CA PRO A 102 -3.28 9.01 9.42
C PRO A 102 -3.47 7.57 9.90
N GLY A 103 -2.37 6.95 10.32
CA GLY A 103 -2.43 5.58 10.80
C GLY A 103 -1.21 4.77 10.39
N LYS A 104 -0.40 5.30 9.47
CA LYS A 104 0.80 4.60 9.02
C LYS A 104 0.45 3.19 8.53
N ALA A 105 -0.75 3.05 8.00
CA ALA A 105 -1.21 1.75 7.50
C ALA A 105 -1.31 1.74 5.97
N ILE A 106 -0.82 0.67 5.36
CA ILE A 106 -0.88 0.53 3.90
C ILE A 106 -2.21 -0.08 3.47
N CYS A 107 -2.72 0.37 2.32
CA CYS A 107 -4.02 -0.14 1.84
C CYS A 107 -4.01 -0.42 0.33
N LEU A 108 -4.48 -1.62 -0.06
CA LEU A 108 -4.55 -2.01 -1.47
C LEU A 108 -5.87 -1.54 -2.07
N PHE A 109 -5.91 -1.38 -3.40
CA PHE A 109 -7.14 -0.94 -4.07
C PHE A 109 -7.38 -1.76 -5.34
N PHE A 110 -8.60 -2.27 -5.47
CA PHE A 110 -8.97 -3.05 -6.65
C PHE A 110 -10.47 -2.94 -6.91
N GLY A 111 -11.07 -1.82 -6.49
CA GLY A 111 -12.49 -1.62 -6.68
C GLY A 111 -13.09 -0.71 -5.62
N LYS A 112 -14.38 -0.92 -5.33
CA LYS A 112 -15.11 -0.12 -4.34
C LYS A 112 -14.27 0.17 -3.08
N THR A 113 -14.76 1.05 -2.22
CA THR A 113 -14.06 1.41 -1.00
C THR A 113 -15.07 1.83 0.07
N PRO A 114 -14.62 2.29 1.25
CA PRO A 114 -15.54 2.71 2.31
C PRO A 114 -16.67 3.60 1.79
N ILE A 115 -16.43 4.26 0.66
CA ILE A 115 -17.42 5.12 0.04
C ILE A 115 -17.42 4.97 -1.48
N SER A 116 -17.59 3.74 -1.95
CA SER A 116 -17.62 3.48 -3.39
C SER A 116 -18.57 4.44 -4.11
N ASP A 117 -19.87 4.17 -4.02
CA ASP A 117 -20.89 5.02 -4.64
C ASP A 117 -20.56 5.32 -6.10
N ASP A 118 -20.42 4.28 -6.90
CA ASP A 118 -20.11 4.43 -8.32
C ASP A 118 -18.75 5.10 -8.53
N LYS A 119 -17.98 5.23 -7.45
CA LYS A 119 -16.67 5.84 -7.49
C LYS A 119 -15.76 5.21 -6.45
N ILE A 120 -14.50 5.63 -6.41
CA ILE A 120 -13.56 5.08 -5.45
C ILE A 120 -12.94 6.17 -4.57
N ARG A 121 -13.00 5.95 -3.27
CA ARG A 121 -12.42 6.88 -2.31
C ARG A 121 -11.67 6.11 -1.24
N PRO A 122 -10.34 6.03 -1.36
CA PRO A 122 -9.49 5.29 -0.40
C PRO A 122 -9.45 5.98 0.96
N ALA A 123 -9.55 7.31 0.96
CA ALA A 123 -9.53 8.07 2.22
C ALA A 123 -9.59 9.57 1.92
N SER A 124 -9.20 10.38 2.91
CA SER A 124 -9.21 11.82 2.76
C SER A 124 -7.79 12.39 2.67
N ALA A 125 -6.79 11.55 2.90
CA ALA A 125 -5.41 12.01 2.84
C ALA A 125 -4.39 10.86 2.85
N VAL A 126 -4.32 10.12 1.73
CA VAL A 126 -3.36 9.02 1.64
C VAL A 126 -2.36 9.25 0.51
N ASN A 127 -1.11 8.86 0.75
CA ASN A 127 -0.02 9.04 -0.22
C ASN A 127 0.01 7.94 -1.27
N VAL A 128 0.50 8.28 -2.46
CA VAL A 128 0.65 7.31 -3.55
C VAL A 128 1.96 6.56 -3.35
N ILE A 129 1.87 5.43 -2.67
CA ILE A 129 3.04 4.61 -2.38
C ILE A 129 3.47 3.75 -3.58
N GLY A 130 3.03 4.13 -4.79
CA GLY A 130 3.40 3.37 -5.96
C GLY A 130 2.24 2.64 -6.61
N ARG A 131 2.52 1.49 -7.22
CA ARG A 131 1.47 0.71 -7.88
C ARG A 131 1.86 -0.76 -7.96
N ILE A 132 0.88 -1.59 -8.32
CA ILE A 132 1.10 -3.03 -8.46
C ILE A 132 1.42 -3.40 -9.90
N VAL A 133 2.64 -3.88 -10.13
CA VAL A 133 3.07 -4.27 -11.48
C VAL A 133 2.09 -5.27 -12.09
N ASN A 134 2.19 -6.52 -11.67
CA ASN A 134 1.31 -7.57 -12.19
C ASN A 134 -0.09 -7.45 -11.58
N SER A 135 -0.85 -6.49 -12.06
CA SER A 135 -2.21 -6.27 -11.56
C SER A 135 -3.16 -7.36 -12.06
N MET A 136 -2.91 -8.59 -11.63
CA MET A 136 -3.73 -9.73 -12.03
C MET A 136 -3.82 -10.76 -10.92
N GLU A 137 -3.74 -10.29 -9.67
CA GLU A 137 -3.81 -11.18 -8.52
C GLU A 137 -5.00 -10.83 -7.61
N GLY A 138 -5.84 -9.90 -8.08
CA GLY A 138 -7.02 -9.48 -7.32
C GLY A 138 -6.95 -9.76 -5.83
N LEU A 139 -5.81 -9.42 -5.21
CA LEU A 139 -5.61 -9.65 -3.79
C LEU A 139 -6.85 -9.28 -2.98
N LYS A 140 -7.55 -8.24 -3.42
CA LYS A 140 -8.77 -7.79 -2.72
C LYS A 140 -9.65 -8.97 -2.31
N GLY A 141 -9.52 -10.10 -3.01
CA GLY A 141 -10.31 -11.27 -2.69
C GLY A 141 -9.66 -12.15 -1.63
N VAL A 142 -8.94 -11.52 -0.71
CA VAL A 142 -8.27 -12.22 0.38
C VAL A 142 -9.27 -12.68 1.43
N ALA A 143 -8.94 -13.74 2.18
CA ALA A 143 -9.82 -14.23 3.22
C ALA A 143 -9.80 -13.28 4.42
N ASP A 144 -10.95 -13.12 5.08
CA ASP A 144 -11.04 -12.22 6.23
C ASP A 144 -10.06 -12.61 7.33
N GLY A 145 -9.08 -11.74 7.56
CA GLY A 145 -8.09 -11.98 8.60
C GLY A 145 -7.09 -13.07 8.25
N GLU A 146 -5.88 -12.66 7.88
CA GLU A 146 -4.82 -13.61 7.54
C GLU A 146 -3.45 -12.97 7.68
N SER A 147 -2.45 -13.79 7.98
CA SER A 147 -1.07 -13.31 8.16
C SER A 147 -0.62 -12.42 7.01
N VAL A 148 0.48 -11.70 7.26
CA VAL A 148 1.06 -10.79 6.27
C VAL A 148 2.54 -10.53 6.59
N VAL A 149 3.41 -10.71 5.60
CA VAL A 149 4.85 -10.49 5.81
C VAL A 149 5.41 -9.52 4.78
N VAL A 150 5.74 -8.31 5.23
CA VAL A 150 6.30 -7.28 4.36
C VAL A 150 7.81 -7.47 4.21
N GLU A 151 8.31 -7.49 2.98
CA GLU A 151 9.74 -7.68 2.74
C GLU A 151 10.18 -7.05 1.41
N ARG A 152 11.23 -6.24 1.45
CA ARG A 152 11.73 -5.58 0.25
C ARG A 152 12.50 -6.57 -0.62
N ALA A 153 11.77 -7.22 -1.54
CA ALA A 153 12.37 -8.20 -2.45
C ALA A 153 13.37 -9.10 -1.73
N MET A 23 16.06 -4.25 -7.28
CA MET A 23 16.85 -2.99 -7.46
C MET A 23 16.31 -1.88 -6.56
N GLY A 24 16.93 -0.70 -6.65
CA GLY A 24 16.50 0.43 -5.84
C GLY A 24 17.47 1.58 -5.91
N GLU A 25 17.95 1.89 -7.11
CA GLU A 25 18.90 2.98 -7.30
C GLU A 25 18.22 4.18 -7.96
N ARG A 26 19.01 5.05 -8.58
CA ARG A 26 18.47 6.23 -9.25
C ARG A 26 17.77 7.16 -8.25
N GLY A 27 16.52 6.84 -7.94
CA GLY A 27 15.78 7.67 -7.00
C GLY A 27 14.31 7.29 -6.94
N VAL A 28 13.72 7.02 -8.09
CA VAL A 28 12.31 6.64 -8.15
C VAL A 28 12.13 5.26 -8.77
N GLU A 29 12.63 4.23 -8.08
CA GLU A 29 12.51 2.86 -8.57
C GLU A 29 12.70 1.86 -7.42
N MET A 30 12.06 2.14 -6.29
CA MET A 30 12.16 1.26 -5.13
C MET A 30 10.88 0.44 -4.96
N ARG A 31 10.98 -0.85 -5.22
CA ARG A 31 9.81 -1.74 -5.10
C ARG A 31 9.90 -2.65 -3.88
N LEU A 32 8.73 -2.91 -3.29
CA LEU A 32 8.64 -3.80 -2.13
C LEU A 32 7.77 -5.00 -2.46
N ARG A 33 7.85 -6.03 -1.62
CA ARG A 33 7.06 -7.24 -1.84
C ARG A 33 6.00 -7.40 -0.77
N ILE A 34 4.87 -7.99 -1.15
CA ILE A 34 3.77 -8.22 -0.22
C ILE A 34 3.09 -9.56 -0.55
N ARG A 35 3.40 -10.57 0.25
CA ARG A 35 2.85 -11.90 0.04
C ARG A 35 1.72 -12.19 1.01
N PHE A 36 0.85 -13.12 0.61
CA PHE A 36 -0.29 -13.51 1.43
C PHE A 36 -0.47 -15.03 1.35
N GLU A 37 -0.77 -15.64 2.49
CA GLU A 37 -0.95 -17.09 2.56
C GLU A 37 -1.81 -17.61 1.41
N SER A 38 -2.71 -16.79 0.91
CA SER A 38 -3.59 -17.18 -0.17
C SER A 38 -3.52 -16.22 -1.35
N ALA A 39 -2.41 -15.49 -1.48
CA ALA A 39 -2.28 -14.54 -2.60
C ALA A 39 -0.90 -13.88 -2.62
N GLU A 40 -0.49 -13.44 -3.82
CA GLU A 40 0.79 -12.79 -4.01
C GLU A 40 0.61 -11.45 -4.73
N CYS A 41 1.46 -10.47 -4.40
CA CYS A 41 1.36 -9.15 -5.04
C CYS A 41 2.65 -8.34 -4.87
N GLU A 42 2.95 -7.48 -5.83
CA GLU A 42 4.14 -6.64 -5.78
C GLU A 42 3.80 -5.20 -6.15
N VAL A 43 4.62 -4.26 -5.70
CA VAL A 43 4.38 -2.84 -5.98
C VAL A 43 5.67 -2.02 -5.94
N GLU A 44 5.71 -0.96 -6.73
CA GLU A 44 6.86 -0.08 -6.79
C GLU A 44 6.58 1.20 -6.00
N LEU A 45 7.54 2.13 -5.97
CA LEU A 45 7.34 3.37 -5.23
C LEU A 45 8.17 4.51 -5.82
N TYR A 46 7.66 5.72 -5.69
CA TYR A 46 8.35 6.90 -6.20
C TYR A 46 8.48 7.96 -5.10
N GLU A 47 9.55 8.74 -5.18
CA GLU A 47 9.84 9.79 -4.19
C GLU A 47 8.69 10.80 -4.05
N GLU A 48 7.69 10.73 -4.93
CA GLU A 48 6.57 11.68 -4.86
C GLU A 48 6.05 11.86 -3.43
N TRP A 49 6.23 10.82 -2.60
CA TRP A 49 5.79 10.89 -1.22
C TRP A 49 6.87 11.60 -0.40
N ALA A 50 8.09 11.08 -0.43
CA ALA A 50 9.23 11.67 0.28
C ALA A 50 10.33 10.64 0.53
N PRO A 51 11.53 10.84 -0.05
CA PRO A 51 12.65 9.92 0.12
C PRO A 51 12.85 9.52 1.58
N GLU A 52 12.58 10.45 2.49
CA GLU A 52 12.73 10.20 3.92
C GLU A 52 11.82 9.07 4.40
N THR A 53 10.54 9.16 4.05
CA THR A 53 9.58 8.13 4.46
C THR A 53 9.94 6.78 3.84
N VAL A 54 10.28 6.79 2.55
CA VAL A 54 10.66 5.57 1.85
C VAL A 54 11.70 4.78 2.63
N ARG A 55 12.54 5.49 3.36
CA ARG A 55 13.59 4.87 4.17
C ARG A 55 12.99 3.95 5.23
N ALA A 56 11.88 4.38 5.82
CA ALA A 56 11.21 3.59 6.85
C ALA A 56 10.68 2.28 6.28
N ILE A 57 10.01 2.36 5.14
CA ILE A 57 9.47 1.16 4.49
C ILE A 57 10.60 0.16 4.27
N ALA A 58 11.70 0.62 3.66
CA ALA A 58 12.85 -0.25 3.41
C ALA A 58 13.44 -0.75 4.72
N ASP A 59 13.27 0.03 5.79
CA ASP A 59 13.77 -0.35 7.10
C ASP A 59 12.91 -1.47 7.72
N ALA A 60 11.66 -1.56 7.26
CA ALA A 60 10.72 -2.56 7.75
C ALA A 60 10.57 -3.73 6.77
N LEU A 61 11.71 -4.30 6.36
CA LEU A 61 11.71 -5.44 5.44
C LEU A 61 10.98 -6.64 6.08
N PRO A 62 11.18 -7.92 5.65
CA PRO A 62 10.47 -9.06 6.22
C PRO A 62 10.05 -8.87 7.68
N ILE A 63 8.75 -8.63 7.86
CA ILE A 63 8.17 -8.43 9.18
C ILE A 63 6.75 -8.98 9.20
N LYS A 64 6.30 -9.43 10.37
CA LYS A 64 4.97 -10.00 10.49
C LYS A 64 3.91 -8.91 10.72
N SER A 65 2.79 -9.03 10.01
CA SER A 65 1.69 -8.08 10.12
C SER A 65 0.35 -8.79 9.93
N THR A 66 -0.69 -8.30 10.57
CA THR A 66 -2.02 -8.90 10.45
C THR A 66 -2.87 -8.08 9.51
N ALA A 67 -3.53 -8.74 8.57
CA ALA A 67 -4.35 -8.07 7.57
C ALA A 67 -5.80 -7.90 8.00
N ASN A 68 -6.33 -6.70 7.76
CA ASN A 68 -7.71 -6.38 8.07
C ASN A 68 -8.54 -6.46 6.78
N ARG A 69 -9.51 -7.38 6.72
CA ARG A 69 -10.31 -7.54 5.51
C ARG A 69 -11.51 -6.58 5.47
N TRP A 70 -11.69 -5.93 4.31
CA TRP A 70 -12.78 -4.99 4.09
C TRP A 70 -13.09 -4.94 2.60
N GLY A 71 -14.35 -4.69 2.24
CA GLY A 71 -14.77 -4.63 0.84
C GLY A 71 -13.67 -4.13 -0.08
N ASP A 72 -12.82 -5.04 -0.52
CA ASP A 72 -11.69 -4.72 -1.41
C ASP A 72 -10.58 -3.98 -0.65
N GLU A 73 -10.96 -3.10 0.27
CA GLU A 73 -9.99 -2.34 1.05
C GLU A 73 -9.28 -3.25 2.06
N ILE A 74 -7.95 -3.19 2.07
CA ILE A 74 -7.16 -4.00 2.98
C ILE A 74 -6.08 -3.13 3.64
N TYR A 75 -6.07 -3.11 4.97
CA TYR A 75 -5.07 -2.31 5.70
C TYR A 75 -4.47 -3.09 6.86
N PHE A 76 -3.14 -3.03 6.97
CA PHE A 76 -2.43 -3.72 8.05
C PHE A 76 -1.31 -2.85 8.60
N THR A 77 -1.07 -2.97 9.90
CA THR A 77 -0.01 -2.20 10.55
C THR A 77 1.28 -3.02 10.61
N THR A 78 2.42 -2.34 10.55
CA THR A 78 3.71 -3.03 10.57
C THR A 78 4.59 -2.54 11.72
N GLN A 79 4.04 -1.68 12.57
CA GLN A 79 4.77 -1.14 13.73
C GLN A 79 5.63 0.06 13.34
N VAL A 80 5.74 0.34 12.03
CA VAL A 80 6.53 1.48 11.58
C VAL A 80 5.68 2.75 11.60
N ALA A 81 6.04 3.69 12.47
CA ALA A 81 5.28 4.95 12.59
C ALA A 81 6.01 6.11 11.94
N VAL A 82 5.62 6.44 10.72
CA VAL A 82 6.21 7.55 9.99
C VAL A 82 5.13 8.40 9.34
N GLU A 83 4.88 9.59 9.89
CA GLU A 83 3.85 10.46 9.35
C GLU A 83 4.40 11.86 9.05
N LYS A 84 4.05 12.38 7.87
CA LYS A 84 4.50 13.70 7.46
C LYS A 84 3.38 14.44 6.73
N GLU A 85 3.52 15.75 6.57
CA GLU A 85 2.49 16.55 5.90
C GLU A 85 2.89 16.81 4.44
N GLU A 86 2.53 15.89 3.56
CA GLU A 86 2.84 16.01 2.15
C GLU A 86 2.11 14.94 1.33
N ASN A 87 1.99 15.18 0.03
CA ASN A 87 1.33 14.23 -0.86
C ASN A 87 -0.15 14.08 -0.48
N SER A 88 -0.40 13.23 0.51
CA SER A 88 -1.75 12.97 1.01
C SER A 88 -2.83 13.21 -0.06
N LYS A 89 -3.04 12.22 -0.94
CA LYS A 89 -4.06 12.36 -1.99
C LYS A 89 -5.33 11.58 -1.60
N ASP A 90 -6.46 11.92 -2.23
CA ASP A 90 -7.73 11.26 -1.92
C ASP A 90 -8.37 10.60 -3.14
N VAL A 91 -7.80 10.82 -4.32
CA VAL A 91 -8.36 10.22 -5.54
C VAL A 91 -7.29 9.46 -6.33
N VAL A 92 -7.70 8.33 -6.90
CA VAL A 92 -6.77 7.50 -7.68
C VAL A 92 -7.49 6.56 -8.63
N GLU A 93 -6.87 6.30 -9.79
CA GLU A 93 -7.46 5.40 -10.79
C GLU A 93 -7.02 3.96 -10.55
N LEU A 94 -7.87 3.04 -10.97
CA LEU A 94 -7.61 1.59 -10.81
C LEU A 94 -6.15 1.23 -11.08
N GLY A 95 -5.50 0.59 -10.10
CA GLY A 95 -4.12 0.16 -10.28
C GLY A 95 -3.13 0.87 -9.37
N ASP A 96 -3.41 2.14 -9.05
CA ASP A 96 -2.53 2.93 -8.20
C ASP A 96 -2.57 2.45 -6.74
N VAL A 97 -1.39 2.16 -6.15
CA VAL A 97 -1.31 1.72 -4.76
C VAL A 97 -1.05 2.93 -3.84
N ALA A 98 -1.51 2.90 -2.59
CA ALA A 98 -1.30 4.04 -1.70
C ALA A 98 -1.10 3.62 -0.26
N TYR A 99 -0.37 4.46 0.49
CA TYR A 99 -0.10 4.20 1.90
C TYR A 99 -0.86 5.19 2.78
N TRP A 100 -1.69 4.68 3.68
CA TRP A 100 -2.49 5.55 4.55
C TRP A 100 -1.58 6.40 5.45
N ILE A 101 -1.79 7.72 5.44
CA ILE A 101 -1.00 8.62 6.25
C ILE A 101 -1.40 8.54 7.73
N PRO A 102 -2.64 8.92 8.06
CA PRO A 102 -3.14 8.88 9.45
C PRO A 102 -3.27 7.44 9.96
N GLY A 103 -2.17 6.89 10.46
CA GLY A 103 -2.19 5.54 10.98
C GLY A 103 -1.01 4.72 10.47
N LYS A 104 -0.24 5.28 9.53
CA LYS A 104 0.92 4.58 8.96
C LYS A 104 0.54 3.18 8.50
N ALA A 105 -0.66 3.06 7.96
CA ALA A 105 -1.15 1.77 7.46
C ALA A 105 -1.22 1.75 5.94
N ILE A 106 -0.73 0.66 5.34
CA ILE A 106 -0.74 0.52 3.88
C ILE A 106 -2.02 -0.18 3.44
N CYS A 107 -2.50 0.14 2.22
CA CYS A 107 -3.72 -0.47 1.72
C CYS A 107 -3.65 -0.74 0.21
N LEU A 108 -4.47 -1.71 -0.23
CA LEU A 108 -4.54 -2.09 -1.65
C LEU A 108 -5.88 -1.65 -2.24
N PHE A 109 -5.93 -1.53 -3.56
CA PHE A 109 -7.16 -1.13 -4.25
C PHE A 109 -7.39 -1.98 -5.49
N PHE A 110 -8.57 -2.57 -5.59
CA PHE A 110 -8.92 -3.41 -6.74
C PHE A 110 -10.41 -3.73 -6.74
N GLY A 111 -11.25 -2.69 -6.63
CA GLY A 111 -12.68 -2.91 -6.62
C GLY A 111 -13.47 -1.73 -6.09
N LYS A 112 -13.55 -1.61 -4.77
CA LYS A 112 -14.29 -0.51 -4.14
C LYS A 112 -13.78 -0.21 -2.73
N THR A 113 -14.36 0.81 -2.11
CA THR A 113 -13.99 1.21 -0.76
C THR A 113 -15.23 1.68 -0.01
N PRO A 114 -15.09 2.20 1.22
CA PRO A 114 -16.23 2.67 2.01
C PRO A 114 -17.21 3.52 1.19
N ILE A 115 -16.72 4.11 0.09
CA ILE A 115 -17.57 4.94 -0.75
C ILE A 115 -17.41 4.59 -2.23
N SER A 116 -18.02 3.47 -2.64
CA SER A 116 -17.97 3.02 -4.03
C SER A 116 -19.11 3.61 -4.84
N ASP A 117 -19.70 4.71 -4.36
CA ASP A 117 -20.82 5.36 -5.04
C ASP A 117 -20.55 5.50 -6.54
N ASP A 118 -19.85 6.56 -6.93
CA ASP A 118 -19.54 6.80 -8.34
C ASP A 118 -18.06 6.58 -8.62
N LYS A 119 -17.27 6.39 -7.57
CA LYS A 119 -15.84 6.17 -7.72
C LYS A 119 -15.28 5.41 -6.53
N ILE A 120 -13.96 5.28 -6.48
CA ILE A 120 -13.29 4.59 -5.38
C ILE A 120 -12.65 5.59 -4.43
N ARG A 121 -13.25 5.75 -3.25
CA ARG A 121 -12.71 6.66 -2.25
C ARG A 121 -11.95 5.88 -1.19
N PRO A 122 -10.61 5.83 -1.31
CA PRO A 122 -9.76 5.11 -0.36
C PRO A 122 -9.70 5.77 1.01
N ALA A 123 -9.79 7.10 1.03
CA ALA A 123 -9.73 7.85 2.27
C ALA A 123 -9.81 9.35 2.01
N SER A 124 -9.38 10.15 2.98
CA SER A 124 -9.42 11.60 2.84
C SER A 124 -8.00 12.19 2.75
N ALA A 125 -6.98 11.36 2.93
CA ALA A 125 -5.60 11.84 2.86
C ALA A 125 -4.58 10.71 2.83
N VAL A 126 -4.50 10.00 1.71
CA VAL A 126 -3.53 8.91 1.57
C VAL A 126 -2.59 9.15 0.39
N ASN A 127 -1.32 8.79 0.56
CA ASN A 127 -0.29 8.99 -0.47
C ASN A 127 -0.24 7.84 -1.47
N VAL A 128 0.21 8.16 -2.69
CA VAL A 128 0.37 7.15 -3.73
C VAL A 128 1.76 6.54 -3.62
N ILE A 129 1.83 5.35 -3.05
CA ILE A 129 3.09 4.67 -2.84
C ILE A 129 3.50 3.84 -4.06
N GLY A 130 2.95 4.17 -5.22
CA GLY A 130 3.29 3.45 -6.43
C GLY A 130 2.11 2.74 -7.06
N ARG A 131 2.37 1.60 -7.71
CA ARG A 131 1.32 0.84 -8.36
C ARG A 131 1.72 -0.63 -8.48
N ILE A 132 0.72 -1.49 -8.73
CA ILE A 132 0.97 -2.92 -8.88
C ILE A 132 1.20 -3.27 -10.34
N VAL A 133 2.42 -3.70 -10.67
CA VAL A 133 2.75 -4.05 -12.05
C VAL A 133 2.84 -5.57 -12.24
N ASN A 134 4.01 -6.14 -11.98
CA ASN A 134 4.20 -7.58 -12.14
C ASN A 134 3.50 -8.36 -11.04
N SER A 135 2.17 -8.27 -11.00
CA SER A 135 1.37 -8.97 -9.99
C SER A 135 -0.08 -8.52 -10.03
N MET A 136 -0.61 -8.35 -11.23
CA MET A 136 -2.00 -7.92 -11.39
C MET A 136 -2.96 -9.01 -10.95
N GLU A 137 -3.02 -9.25 -9.65
CA GLU A 137 -3.89 -10.28 -9.09
C GLU A 137 -5.15 -9.65 -8.49
N GLY A 138 -5.87 -10.45 -7.70
CA GLY A 138 -7.09 -9.96 -7.08
C GLY A 138 -7.10 -10.21 -5.58
N LEU A 139 -5.98 -9.90 -4.92
CA LEU A 139 -5.86 -10.09 -3.48
C LEU A 139 -7.11 -9.62 -2.74
N LYS A 140 -7.69 -8.52 -3.22
CA LYS A 140 -8.90 -7.96 -2.59
C LYS A 140 -9.92 -9.05 -2.23
N GLY A 141 -9.88 -10.18 -2.94
CA GLY A 141 -10.80 -11.27 -2.65
C GLY A 141 -10.26 -12.22 -1.60
N VAL A 142 -9.53 -11.68 -0.64
CA VAL A 142 -8.93 -12.48 0.44
C VAL A 142 -9.94 -12.79 1.55
N ALA A 143 -9.72 -13.89 2.27
CA ALA A 143 -10.61 -14.29 3.37
C ALA A 143 -10.37 -13.39 4.57
N ASP A 144 -11.43 -13.13 5.34
CA ASP A 144 -11.33 -12.26 6.52
C ASP A 144 -10.22 -12.68 7.47
N GLY A 145 -9.46 -11.69 7.94
CA GLY A 145 -8.39 -11.93 8.89
C GLY A 145 -7.36 -12.95 8.42
N GLU A 146 -6.23 -12.46 7.90
CA GLU A 146 -5.16 -13.34 7.44
C GLU A 146 -3.78 -12.73 7.71
N SER A 147 -2.78 -13.58 7.85
CA SER A 147 -1.41 -13.14 8.12
C SER A 147 -0.85 -12.32 6.96
N VAL A 148 0.16 -11.51 7.26
CA VAL A 148 0.80 -10.65 6.26
C VAL A 148 2.28 -10.44 6.58
N VAL A 149 3.15 -10.69 5.60
CA VAL A 149 4.59 -10.50 5.80
C VAL A 149 5.16 -9.54 4.77
N VAL A 150 5.49 -8.33 5.20
CA VAL A 150 6.04 -7.31 4.31
C VAL A 150 7.55 -7.51 4.12
N GLU A 151 8.01 -7.54 2.87
CA GLU A 151 9.43 -7.74 2.59
C GLU A 151 9.83 -7.05 1.27
N ARG A 152 10.87 -6.23 1.32
CA ARG A 152 11.36 -5.52 0.14
C ARG A 152 12.13 -6.47 -0.77
N ALA A 153 11.42 -7.09 -1.72
CA ALA A 153 12.04 -8.03 -2.66
C ALA A 153 13.02 -8.96 -1.97
N MET A 23 19.70 5.86 -16.72
CA MET A 23 18.59 6.66 -17.31
C MET A 23 17.24 6.04 -17.00
N GLY A 24 16.25 6.88 -16.72
CA GLY A 24 14.92 6.40 -16.42
C GLY A 24 14.34 7.03 -15.16
N GLU A 25 14.68 6.46 -14.01
CA GLU A 25 14.19 6.98 -12.73
C GLU A 25 15.31 7.67 -11.96
N ARG A 26 16.34 6.91 -11.61
CA ARG A 26 17.48 7.45 -10.86
C ARG A 26 17.03 8.06 -9.54
N GLY A 27 15.85 7.66 -9.06
CA GLY A 27 15.35 8.18 -7.80
C GLY A 27 13.99 7.61 -7.43
N VAL A 28 13.18 7.30 -8.44
CA VAL A 28 11.85 6.74 -8.21
C VAL A 28 11.72 5.34 -8.82
N GLU A 29 12.49 4.40 -8.27
CA GLU A 29 12.45 3.02 -8.76
C GLU A 29 12.70 2.03 -7.62
N MET A 30 12.00 2.23 -6.51
CA MET A 30 12.15 1.35 -5.35
C MET A 30 10.89 0.52 -5.15
N ARG A 31 11.03 -0.80 -5.30
CA ARG A 31 9.89 -1.70 -5.13
C ARG A 31 10.06 -2.64 -3.94
N LEU A 32 8.93 -2.94 -3.29
CA LEU A 32 8.92 -3.85 -2.15
C LEU A 32 7.96 -5.01 -2.44
N ARG A 33 8.09 -6.08 -1.66
CA ARG A 33 7.24 -7.24 -1.84
C ARG A 33 6.18 -7.33 -0.75
N ILE A 34 5.00 -7.80 -1.12
CA ILE A 34 3.90 -7.94 -0.17
C ILE A 34 3.07 -9.16 -0.54
N ARG A 35 3.31 -10.26 0.17
CA ARG A 35 2.60 -11.51 -0.09
C ARG A 35 1.60 -11.84 1.01
N PHE A 36 0.60 -12.64 0.64
CA PHE A 36 -0.43 -13.08 1.57
C PHE A 36 -0.52 -14.60 1.54
N GLU A 37 -0.77 -15.20 2.69
CA GLU A 37 -0.86 -16.66 2.80
C GLU A 37 -1.63 -17.28 1.64
N SER A 38 -2.57 -16.53 1.07
CA SER A 38 -3.39 -17.03 -0.02
C SER A 38 -3.26 -16.18 -1.29
N ALA A 39 -2.15 -15.43 -1.41
CA ALA A 39 -1.96 -14.59 -2.59
C ALA A 39 -0.59 -13.92 -2.62
N GLU A 40 -0.13 -13.59 -3.83
CA GLU A 40 1.17 -12.93 -4.02
C GLU A 40 1.01 -11.67 -4.86
N CYS A 41 1.77 -10.62 -4.54
CA CYS A 41 1.69 -9.36 -5.29
C CYS A 41 2.90 -8.46 -5.03
N GLU A 42 3.28 -7.66 -6.04
CA GLU A 42 4.41 -6.75 -5.92
C GLU A 42 3.96 -5.31 -6.17
N VAL A 43 4.73 -4.34 -5.66
CA VAL A 43 4.39 -2.93 -5.84
C VAL A 43 5.64 -2.05 -5.77
N GLU A 44 5.65 -1.00 -6.60
CA GLU A 44 6.78 -0.07 -6.64
C GLU A 44 6.53 1.11 -5.70
N LEU A 45 7.46 2.06 -5.67
CA LEU A 45 7.31 3.23 -4.81
C LEU A 45 8.06 4.43 -5.39
N TYR A 46 7.44 5.60 -5.27
CA TYR A 46 8.05 6.83 -5.77
C TYR A 46 8.22 7.85 -4.64
N GLU A 47 9.32 8.60 -4.69
CA GLU A 47 9.63 9.60 -3.67
C GLU A 47 8.57 10.70 -3.57
N GLU A 48 7.61 10.72 -4.50
CA GLU A 48 6.57 11.75 -4.48
C GLU A 48 6.00 11.96 -3.08
N TRP A 49 6.03 10.89 -2.28
CA TRP A 49 5.56 10.96 -0.90
C TRP A 49 6.62 11.65 -0.05
N ALA A 50 7.86 11.13 -0.11
CA ALA A 50 8.98 11.71 0.64
C ALA A 50 10.15 10.73 0.77
N PRO A 51 11.31 11.05 0.17
CA PRO A 51 12.49 10.19 0.22
C PRO A 51 12.79 9.70 1.65
N GLU A 52 12.51 10.54 2.64
CA GLU A 52 12.76 10.19 4.04
C GLU A 52 11.82 9.09 4.51
N THR A 53 10.57 9.14 4.04
CA THR A 53 9.57 8.13 4.43
C THR A 53 9.94 6.77 3.82
N VAL A 54 10.32 6.80 2.56
CA VAL A 54 10.70 5.57 1.84
C VAL A 54 11.73 4.78 2.66
N ARG A 55 12.65 5.50 3.30
CA ARG A 55 13.68 4.87 4.11
C ARG A 55 13.07 4.00 5.21
N ALA A 56 11.92 4.43 5.75
CA ALA A 56 11.25 3.68 6.80
C ALA A 56 10.70 2.36 6.26
N ILE A 57 10.03 2.42 5.12
CA ILE A 57 9.48 1.21 4.50
C ILE A 57 10.60 0.20 4.28
N ALA A 58 11.71 0.66 3.68
CA ALA A 58 12.85 -0.20 3.42
C ALA A 58 13.45 -0.69 4.74
N ASP A 59 13.31 0.12 5.78
CA ASP A 59 13.83 -0.26 7.10
C ASP A 59 12.99 -1.40 7.69
N ALA A 60 11.73 -1.49 7.27
CA ALA A 60 10.81 -2.50 7.74
C ALA A 60 10.69 -3.67 6.75
N LEU A 61 11.83 -4.24 6.37
CA LEU A 61 11.85 -5.38 5.44
C LEU A 61 11.11 -6.58 6.07
N PRO A 62 11.30 -7.86 5.63
CA PRO A 62 10.58 -9.00 6.19
C PRO A 62 10.14 -8.81 7.63
N ILE A 63 8.84 -8.60 7.80
CA ILE A 63 8.23 -8.40 9.11
C ILE A 63 6.81 -8.95 9.12
N LYS A 64 6.35 -9.41 10.27
CA LYS A 64 5.01 -9.98 10.38
C LYS A 64 3.96 -8.90 10.63
N SER A 65 2.83 -9.02 9.91
CA SER A 65 1.73 -8.08 10.05
C SER A 65 0.39 -8.79 9.86
N THR A 66 -0.65 -8.30 10.53
CA THR A 66 -1.97 -8.91 10.41
C THR A 66 -2.85 -8.10 9.48
N ALA A 67 -3.48 -8.79 8.53
CA ALA A 67 -4.33 -8.13 7.54
C ALA A 67 -5.80 -8.05 7.95
N ASN A 68 -6.37 -6.87 7.79
CA ASN A 68 -7.77 -6.63 8.09
C ASN A 68 -8.57 -6.59 6.78
N ARG A 69 -9.64 -7.36 6.68
CA ARG A 69 -10.42 -7.40 5.45
C ARG A 69 -11.52 -6.34 5.41
N TRP A 70 -11.68 -5.71 4.24
CA TRP A 70 -12.68 -4.68 4.02
C TRP A 70 -13.03 -4.59 2.54
N GLY A 71 -14.28 -4.22 2.23
CA GLY A 71 -14.72 -4.12 0.85
C GLY A 71 -13.66 -3.59 -0.09
N ASP A 72 -12.96 -4.50 -0.77
CA ASP A 72 -11.91 -4.12 -1.71
C ASP A 72 -10.89 -3.20 -1.06
N GLU A 73 -10.78 -3.29 0.26
CA GLU A 73 -9.84 -2.46 1.00
C GLU A 73 -9.13 -3.29 2.06
N ILE A 74 -7.82 -3.10 2.18
CA ILE A 74 -7.03 -3.84 3.16
C ILE A 74 -6.02 -2.91 3.84
N TYR A 75 -5.99 -2.92 5.16
CA TYR A 75 -5.07 -2.08 5.91
C TYR A 75 -4.46 -2.85 7.08
N PHE A 76 -3.13 -2.93 7.09
CA PHE A 76 -2.42 -3.64 8.15
C PHE A 76 -1.28 -2.79 8.71
N THR A 77 -1.02 -2.93 10.00
CA THR A 77 0.05 -2.19 10.65
C THR A 77 1.34 -3.01 10.64
N THR A 78 2.49 -2.32 10.58
CA THR A 78 3.78 -3.01 10.55
C THR A 78 4.70 -2.54 11.69
N GLN A 79 4.16 -1.71 12.59
CA GLN A 79 4.92 -1.20 13.73
C GLN A 79 5.77 0.01 13.35
N VAL A 80 5.84 0.33 12.05
CA VAL A 80 6.62 1.48 11.61
C VAL A 80 5.78 2.75 11.69
N ALA A 81 6.17 3.67 12.56
CA ALA A 81 5.43 4.92 12.73
C ALA A 81 6.10 6.08 12.00
N VAL A 82 5.63 6.36 10.80
CA VAL A 82 6.17 7.45 10.00
C VAL A 82 5.04 8.29 9.41
N GLU A 83 4.83 9.49 9.94
CA GLU A 83 3.76 10.36 9.47
C GLU A 83 4.26 11.77 9.19
N LYS A 84 3.89 12.31 8.03
CA LYS A 84 4.29 13.66 7.64
C LYS A 84 3.17 14.34 6.86
N GLU A 85 3.27 15.66 6.70
CA GLU A 85 2.26 16.42 5.97
C GLU A 85 2.72 16.68 4.54
N GLU A 86 2.38 15.77 3.64
CA GLU A 86 2.75 15.91 2.24
C GLU A 86 2.04 14.85 1.38
N ASN A 87 1.93 15.11 0.08
CA ASN A 87 1.28 14.19 -0.84
C ASN A 87 -0.19 14.02 -0.49
N SER A 88 -0.46 13.15 0.49
CA SER A 88 -1.82 12.87 0.97
C SER A 88 -2.88 13.14 -0.11
N LYS A 89 -3.11 12.17 -1.00
CA LYS A 89 -4.11 12.35 -2.06
C LYS A 89 -5.38 11.56 -1.74
N ASP A 90 -6.48 11.91 -2.41
CA ASP A 90 -7.76 11.24 -2.17
C ASP A 90 -8.32 10.60 -3.45
N VAL A 91 -7.74 10.93 -4.61
CA VAL A 91 -8.20 10.36 -5.87
C VAL A 91 -7.10 9.60 -6.59
N VAL A 92 -7.46 8.50 -7.24
CA VAL A 92 -6.48 7.68 -7.97
C VAL A 92 -7.14 6.81 -9.04
N GLU A 93 -6.33 6.41 -10.03
CA GLU A 93 -6.83 5.56 -11.12
C GLU A 93 -6.76 4.09 -10.74
N LEU A 94 -7.68 3.31 -11.30
CA LEU A 94 -7.75 1.88 -11.03
C LEU A 94 -6.41 1.18 -11.28
N GLY A 95 -5.91 0.45 -10.27
CA GLY A 95 -4.66 -0.27 -10.43
C GLY A 95 -3.53 0.25 -9.55
N ASP A 96 -3.53 1.55 -9.27
CA ASP A 96 -2.47 2.15 -8.45
C ASP A 96 -2.56 1.69 -6.99
N VAL A 97 -1.48 1.95 -6.24
CA VAL A 97 -1.42 1.57 -4.82
C VAL A 97 -1.21 2.82 -3.95
N ALA A 98 -1.67 2.81 -2.68
CA ALA A 98 -1.50 3.97 -1.82
C ALA A 98 -1.36 3.59 -0.34
N TYR A 99 -0.60 4.40 0.39
CA TYR A 99 -0.41 4.16 1.83
C TYR A 99 -1.23 5.14 2.65
N TRP A 100 -1.90 4.64 3.68
CA TRP A 100 -2.74 5.48 4.53
C TRP A 100 -1.90 6.30 5.51
N ILE A 101 -1.84 7.61 5.27
CA ILE A 101 -1.06 8.51 6.13
C ILE A 101 -1.52 8.41 7.59
N PRO A 102 -2.73 8.92 7.91
CA PRO A 102 -3.26 8.87 9.28
C PRO A 102 -3.36 7.45 9.82
N GLY A 103 -2.29 6.96 10.41
CA GLY A 103 -2.28 5.61 10.95
C GLY A 103 -1.05 4.81 10.52
N LYS A 104 -0.24 5.38 9.63
CA LYS A 104 0.97 4.69 9.15
C LYS A 104 0.63 3.29 8.65
N ALA A 105 -0.58 3.15 8.10
CA ALA A 105 -1.04 1.85 7.60
C ALA A 105 -1.11 1.83 6.08
N ILE A 106 -0.54 0.79 5.48
CA ILE A 106 -0.55 0.64 4.02
C ILE A 106 -1.82 -0.09 3.59
N CYS A 107 -2.30 0.20 2.37
CA CYS A 107 -3.53 -0.44 1.90
C CYS A 107 -3.49 -0.76 0.40
N LEU A 108 -4.30 -1.73 0.01
CA LEU A 108 -4.43 -2.15 -1.39
C LEU A 108 -5.89 -1.99 -1.83
N PHE A 109 -6.13 -1.48 -3.04
CA PHE A 109 -7.49 -1.30 -3.52
C PHE A 109 -7.64 -1.75 -4.96
N PHE A 110 -8.77 -2.40 -5.27
CA PHE A 110 -9.05 -2.88 -6.61
C PHE A 110 -10.56 -2.88 -6.86
N GLY A 111 -11.18 -1.74 -6.63
CA GLY A 111 -12.62 -1.61 -6.81
C GLY A 111 -13.20 -0.61 -5.81
N LYS A 112 -14.32 -0.95 -5.18
CA LYS A 112 -14.93 -0.06 -4.21
C LYS A 112 -13.96 0.28 -3.09
N THR A 113 -14.48 0.98 -2.09
CA THR A 113 -13.70 1.40 -0.94
C THR A 113 -14.65 1.90 0.15
N PRO A 114 -14.13 2.44 1.26
CA PRO A 114 -14.98 2.96 2.34
C PRO A 114 -16.14 3.82 1.82
N ILE A 115 -15.98 4.35 0.60
CA ILE A 115 -17.02 5.19 0.01
C ILE A 115 -17.14 4.96 -1.51
N SER A 116 -17.45 3.73 -1.91
CA SER A 116 -17.61 3.42 -3.34
C SER A 116 -18.54 4.43 -4.01
N ASP A 117 -19.84 4.29 -3.76
CA ASP A 117 -20.84 5.19 -4.34
C ASP A 117 -20.84 5.09 -5.86
N ASP A 118 -20.25 6.09 -6.54
CA ASP A 118 -20.19 6.10 -7.99
C ASP A 118 -18.74 6.06 -8.48
N LYS A 119 -17.80 6.18 -7.54
CA LYS A 119 -16.38 6.14 -7.87
C LYS A 119 -15.62 5.38 -6.79
N ILE A 120 -14.32 5.63 -6.69
CA ILE A 120 -13.48 4.96 -5.70
C ILE A 120 -12.78 5.97 -4.81
N ARG A 121 -13.09 5.92 -3.51
CA ARG A 121 -12.48 6.81 -2.54
C ARG A 121 -11.67 5.99 -1.53
N PRO A 122 -10.34 5.92 -1.71
CA PRO A 122 -9.46 5.15 -0.81
C PRO A 122 -9.47 5.70 0.61
N ALA A 123 -9.70 7.00 0.75
CA ALA A 123 -9.72 7.65 2.06
C ALA A 123 -9.83 9.16 1.92
N SER A 124 -9.50 9.88 2.99
CA SER A 124 -9.57 11.34 2.98
C SER A 124 -8.17 11.95 2.86
N ALA A 125 -7.12 11.12 2.90
CA ALA A 125 -5.76 11.63 2.78
C ALA A 125 -4.72 10.52 2.76
N VAL A 126 -4.57 9.86 1.62
CA VAL A 126 -3.58 8.79 1.48
C VAL A 126 -2.63 9.03 0.30
N ASN A 127 -1.36 8.70 0.50
CA ASN A 127 -0.32 8.90 -0.52
C ASN A 127 -0.30 7.77 -1.55
N VAL A 128 0.17 8.11 -2.75
CA VAL A 128 0.29 7.11 -3.82
C VAL A 128 1.61 6.37 -3.65
N ILE A 129 1.59 5.38 -2.78
CA ILE A 129 2.77 4.59 -2.46
C ILE A 129 3.28 3.75 -3.65
N GLY A 130 2.90 4.13 -4.87
CA GLY A 130 3.36 3.39 -6.03
C GLY A 130 2.22 2.74 -6.80
N ARG A 131 2.43 1.51 -7.25
CA ARG A 131 1.42 0.78 -8.00
C ARG A 131 1.81 -0.69 -8.19
N ILE A 132 0.82 -1.51 -8.53
CA ILE A 132 1.06 -2.93 -8.75
C ILE A 132 1.43 -3.20 -10.20
N VAL A 133 2.65 -3.68 -10.43
CA VAL A 133 3.13 -3.96 -11.78
C VAL A 133 2.53 -5.27 -12.31
N ASN A 134 3.16 -6.38 -11.95
CA ASN A 134 2.68 -7.70 -12.40
C ASN A 134 3.09 -8.79 -11.42
N SER A 135 2.14 -9.68 -11.13
CA SER A 135 2.37 -10.79 -10.20
C SER A 135 1.09 -11.55 -9.95
N MET A 136 0.08 -10.85 -9.44
CA MET A 136 -1.21 -11.44 -9.13
C MET A 136 -2.16 -10.40 -8.54
N GLU A 137 -2.70 -9.56 -9.40
CA GLU A 137 -3.62 -8.50 -8.96
C GLU A 137 -4.96 -9.09 -8.51
N GLY A 138 -4.91 -9.90 -7.46
CA GLY A 138 -6.13 -10.51 -6.95
C GLY A 138 -6.17 -10.55 -5.44
N LEU A 139 -5.29 -9.81 -4.78
CA LEU A 139 -5.25 -9.78 -3.32
C LEU A 139 -6.60 -9.36 -2.74
N LYS A 140 -7.21 -8.34 -3.35
CA LYS A 140 -8.51 -7.84 -2.88
C LYS A 140 -9.47 -8.97 -2.52
N GLY A 141 -9.27 -10.16 -3.12
CA GLY A 141 -10.13 -11.29 -2.82
C GLY A 141 -9.60 -12.13 -1.67
N VAL A 142 -8.92 -11.48 -0.73
CA VAL A 142 -8.36 -12.16 0.43
C VAL A 142 -9.46 -12.59 1.41
N ALA A 143 -9.17 -13.63 2.21
CA ALA A 143 -10.14 -14.10 3.19
C ALA A 143 -10.12 -13.20 4.43
N ASP A 144 -11.25 -13.06 5.10
CA ASP A 144 -11.33 -12.19 6.27
C ASP A 144 -10.34 -12.61 7.35
N GLY A 145 -9.31 -11.77 7.54
CA GLY A 145 -8.31 -12.04 8.56
C GLY A 145 -7.28 -13.07 8.15
N GLU A 146 -6.10 -12.61 7.76
CA GLU A 146 -5.01 -13.50 7.35
C GLU A 146 -3.66 -12.84 7.57
N SER A 147 -2.63 -13.66 7.75
CA SER A 147 -1.28 -13.17 7.99
C SER A 147 -0.80 -12.26 6.86
N VAL A 148 0.31 -11.57 7.11
CA VAL A 148 0.91 -10.65 6.14
C VAL A 148 2.38 -10.42 6.46
N VAL A 149 3.25 -10.59 5.46
CA VAL A 149 4.68 -10.40 5.67
C VAL A 149 5.26 -9.44 4.64
N VAL A 150 5.61 -8.24 5.09
CA VAL A 150 6.19 -7.21 4.21
C VAL A 150 7.70 -7.44 4.05
N GLU A 151 8.18 -7.47 2.81
CA GLU A 151 9.61 -7.67 2.55
C GLU A 151 10.03 -7.06 1.23
N ARG A 152 11.12 -6.29 1.24
CA ARG A 152 11.63 -5.65 0.03
C ARG A 152 12.35 -6.67 -0.85
N ALA A 153 11.59 -7.29 -1.76
CA ALA A 153 12.14 -8.29 -2.69
C ALA A 153 13.14 -9.21 -1.99
N MET A 23 21.38 7.80 -14.61
CA MET A 23 21.63 7.22 -13.27
C MET A 23 20.41 7.40 -12.36
N GLY A 24 19.66 8.47 -12.58
CA GLY A 24 18.48 8.72 -11.77
C GLY A 24 18.25 10.21 -11.55
N GLU A 25 17.22 10.75 -12.19
CA GLU A 25 16.89 12.17 -12.06
C GLU A 25 16.60 12.52 -10.60
N ARG A 26 15.93 11.61 -9.90
CA ARG A 26 15.59 11.83 -8.50
C ARG A 26 15.58 10.52 -7.73
N GLY A 27 14.57 9.69 -7.99
CA GLY A 27 14.46 8.42 -7.32
C GLY A 27 13.15 7.71 -7.61
N VAL A 28 13.13 6.91 -8.66
CA VAL A 28 11.91 6.18 -9.05
C VAL A 28 12.24 4.77 -9.50
N GLU A 29 12.50 3.89 -8.54
CA GLU A 29 12.82 2.49 -8.84
C GLU A 29 12.92 1.68 -7.55
N MET A 30 12.12 2.03 -6.56
CA MET A 30 12.12 1.33 -5.28
C MET A 30 10.82 0.56 -5.08
N ARG A 31 10.90 -0.77 -5.22
CA ARG A 31 9.71 -1.61 -5.06
C ARG A 31 9.86 -2.58 -3.89
N LEU A 32 8.73 -2.84 -3.23
CA LEU A 32 8.70 -3.77 -2.09
C LEU A 32 7.81 -4.97 -2.44
N ARG A 33 7.95 -6.04 -1.67
CA ARG A 33 7.16 -7.24 -1.91
C ARG A 33 6.09 -7.42 -0.83
N ILE A 34 4.96 -7.98 -1.22
CA ILE A 34 3.86 -8.22 -0.28
C ILE A 34 3.16 -9.53 -0.63
N ARG A 35 3.47 -10.57 0.14
CA ARG A 35 2.87 -11.89 -0.10
C ARG A 35 1.72 -12.17 0.85
N PHE A 36 0.83 -13.06 0.42
CA PHE A 36 -0.32 -13.44 1.21
C PHE A 36 -0.55 -14.94 1.11
N GLU A 37 -0.80 -15.58 2.23
CA GLU A 37 -1.02 -17.03 2.27
C GLU A 37 -1.91 -17.52 1.12
N SER A 38 -2.80 -16.65 0.66
CA SER A 38 -3.72 -17.02 -0.42
C SER A 38 -3.63 -16.04 -1.59
N ALA A 39 -2.51 -15.32 -1.70
CA ALA A 39 -2.36 -14.37 -2.80
C ALA A 39 -0.96 -13.72 -2.82
N GLU A 40 -0.53 -13.30 -4.02
CA GLU A 40 0.78 -12.66 -4.18
C GLU A 40 0.64 -11.35 -4.95
N CYS A 41 1.43 -10.35 -4.56
CA CYS A 41 1.38 -9.03 -5.23
C CYS A 41 2.63 -8.20 -4.93
N GLU A 42 3.01 -7.36 -5.89
CA GLU A 42 4.19 -6.49 -5.73
C GLU A 42 3.82 -5.04 -6.04
N VAL A 43 4.61 -4.10 -5.55
CA VAL A 43 4.34 -2.69 -5.77
C VAL A 43 5.62 -1.85 -5.74
N GLU A 44 5.67 -0.83 -6.59
CA GLU A 44 6.82 0.06 -6.67
C GLU A 44 6.56 1.32 -5.84
N LEU A 45 7.50 2.25 -5.84
CA LEU A 45 7.33 3.48 -5.09
C LEU A 45 8.14 4.63 -5.69
N TYR A 46 7.61 5.84 -5.55
CA TYR A 46 8.28 7.03 -6.08
C TYR A 46 8.45 8.07 -4.97
N GLU A 47 9.54 8.84 -5.07
CA GLU A 47 9.85 9.88 -4.07
C GLU A 47 8.73 10.90 -3.91
N GLU A 48 7.71 10.87 -4.78
CA GLU A 48 6.61 11.83 -4.71
C GLU A 48 6.12 12.01 -3.28
N TRP A 49 6.26 10.97 -2.46
CA TRP A 49 5.84 11.03 -1.07
C TRP A 49 6.94 11.72 -0.25
N ALA A 50 8.15 11.17 -0.30
CA ALA A 50 9.30 11.75 0.41
C ALA A 50 10.38 10.70 0.68
N PRO A 51 11.60 10.89 0.10
CA PRO A 51 12.70 9.95 0.29
C PRO A 51 12.88 9.54 1.76
N GLU A 52 12.61 10.48 2.66
CA GLU A 52 12.73 10.23 4.10
C GLU A 52 11.81 9.10 4.54
N THR A 53 10.53 9.21 4.21
CA THR A 53 9.55 8.18 4.58
C THR A 53 9.92 6.84 3.97
N VAL A 54 10.29 6.86 2.70
CA VAL A 54 10.68 5.64 1.99
C VAL A 54 11.72 4.85 2.78
N ARG A 55 12.54 5.58 3.54
CA ARG A 55 13.59 4.96 4.34
C ARG A 55 13.00 4.05 5.42
N ALA A 56 11.79 4.37 5.88
CA ALA A 56 11.13 3.56 6.90
C ALA A 56 10.60 2.27 6.32
N ILE A 57 9.95 2.36 5.16
CA ILE A 57 9.40 1.17 4.51
C ILE A 57 10.52 0.15 4.30
N ALA A 58 11.63 0.60 3.70
CA ALA A 58 12.77 -0.27 3.46
C ALA A 58 13.34 -0.78 4.78
N ASP A 59 13.18 0.00 5.83
CA ASP A 59 13.68 -0.39 7.14
C ASP A 59 12.81 -1.52 7.73
N ALA A 60 11.56 -1.59 7.28
CA ALA A 60 10.61 -2.59 7.74
C ALA A 60 10.49 -3.76 6.75
N LEU A 61 11.63 -4.33 6.38
CA LEU A 61 11.66 -5.47 5.46
C LEU A 61 10.91 -6.67 6.09
N PRO A 62 11.11 -7.95 5.66
CA PRO A 62 10.39 -9.10 6.22
C PRO A 62 9.93 -8.89 7.66
N ILE A 63 8.63 -8.70 7.82
CA ILE A 63 8.02 -8.51 9.13
C ILE A 63 6.59 -9.06 9.12
N LYS A 64 6.11 -9.50 10.27
CA LYS A 64 4.77 -10.07 10.37
C LYS A 64 3.72 -8.99 10.58
N SER A 65 2.60 -9.12 9.86
CA SER A 65 1.50 -8.17 9.95
C SER A 65 0.17 -8.88 9.75
N THR A 66 -0.88 -8.38 10.40
CA THR A 66 -2.21 -8.99 10.28
C THR A 66 -3.07 -8.18 9.32
N ALA A 67 -3.69 -8.86 8.36
CA ALA A 67 -4.52 -8.20 7.36
C ALA A 67 -5.99 -8.15 7.73
N ASN A 68 -6.57 -6.96 7.62
CA ASN A 68 -7.98 -6.75 7.88
C ASN A 68 -8.74 -6.76 6.55
N ARG A 69 -9.85 -7.49 6.47
CA ARG A 69 -10.58 -7.58 5.21
C ARG A 69 -11.80 -6.67 5.13
N TRP A 70 -11.91 -5.96 4.01
CA TRP A 70 -13.02 -5.06 3.74
C TRP A 70 -13.14 -4.88 2.23
N GLY A 71 -14.37 -4.67 1.72
CA GLY A 71 -14.58 -4.51 0.29
C GLY A 71 -13.35 -3.98 -0.44
N ASP A 72 -12.47 -4.89 -0.85
CA ASP A 72 -11.24 -4.53 -1.56
C ASP A 72 -10.25 -3.83 -0.63
N GLU A 73 -10.75 -2.93 0.22
CA GLU A 73 -9.91 -2.19 1.14
C GLU A 73 -9.21 -3.13 2.13
N ILE A 74 -7.89 -3.13 2.09
CA ILE A 74 -7.09 -3.96 2.99
C ILE A 74 -6.04 -3.12 3.68
N TYR A 75 -6.16 -2.99 4.99
CA TYR A 75 -5.22 -2.19 5.77
C TYR A 75 -4.63 -2.98 6.93
N PHE A 76 -3.30 -3.00 7.00
CA PHE A 76 -2.60 -3.73 8.06
C PHE A 76 -1.47 -2.88 8.63
N THR A 77 -1.23 -3.02 9.93
CA THR A 77 -0.16 -2.28 10.58
C THR A 77 1.13 -3.10 10.58
N THR A 78 2.28 -2.42 10.55
CA THR A 78 3.56 -3.11 10.53
C THR A 78 4.46 -2.67 11.70
N GLN A 79 3.93 -1.82 12.57
CA GLN A 79 4.67 -1.33 13.73
C GLN A 79 5.56 -0.13 13.36
N VAL A 80 5.67 0.19 12.07
CA VAL A 80 6.48 1.31 11.65
C VAL A 80 5.65 2.59 11.67
N ALA A 81 6.03 3.53 12.54
CA ALA A 81 5.30 4.78 12.66
C ALA A 81 6.04 5.94 11.99
N VAL A 82 5.68 6.21 10.75
CA VAL A 82 6.29 7.31 9.99
C VAL A 82 5.20 8.20 9.42
N GLU A 83 5.04 9.40 9.98
CA GLU A 83 4.02 10.32 9.52
C GLU A 83 4.58 11.70 9.22
N LYS A 84 4.19 12.25 8.07
CA LYS A 84 4.65 13.58 7.65
C LYS A 84 3.50 14.34 6.97
N GLU A 85 3.67 15.64 6.80
CA GLU A 85 2.64 16.46 6.16
C GLU A 85 3.02 16.81 4.73
N GLU A 86 2.64 15.94 3.79
CA GLU A 86 2.95 16.15 2.37
C GLU A 86 2.21 15.14 1.51
N ASN A 87 2.08 15.45 0.22
CA ASN A 87 1.41 14.56 -0.73
C ASN A 87 -0.07 14.42 -0.37
N SER A 88 -0.35 13.51 0.57
CA SER A 88 -1.71 13.23 1.04
C SER A 88 -2.77 13.47 -0.06
N LYS A 89 -2.97 12.47 -0.93
CA LYS A 89 -3.98 12.61 -1.99
C LYS A 89 -5.25 11.86 -1.59
N ASP A 90 -6.39 12.25 -2.18
CA ASP A 90 -7.66 11.61 -1.85
C ASP A 90 -8.31 10.93 -3.05
N VAL A 91 -7.74 11.09 -4.24
CA VAL A 91 -8.30 10.47 -5.44
C VAL A 91 -7.24 9.70 -6.23
N VAL A 92 -7.65 8.57 -6.80
CA VAL A 92 -6.73 7.74 -7.60
C VAL A 92 -7.49 6.86 -8.59
N GLU A 93 -6.80 6.44 -9.65
CA GLU A 93 -7.41 5.58 -10.67
C GLU A 93 -7.05 4.12 -10.46
N LEU A 94 -7.96 3.24 -10.86
CA LEU A 94 -7.78 1.80 -10.73
C LEU A 94 -6.36 1.36 -11.10
N GLY A 95 -5.71 0.62 -10.21
CA GLY A 95 -4.36 0.14 -10.49
C GLY A 95 -3.28 0.72 -9.59
N ASP A 96 -3.46 1.96 -9.15
CA ASP A 96 -2.47 2.60 -8.28
C ASP A 96 -2.58 2.14 -6.83
N VAL A 97 -1.48 2.28 -6.09
CA VAL A 97 -1.41 1.89 -4.67
C VAL A 97 -1.17 3.12 -3.78
N ALA A 98 -1.62 3.09 -2.52
CA ALA A 98 -1.43 4.24 -1.63
C ALA A 98 -1.26 3.85 -0.17
N TYR A 99 -0.53 4.67 0.58
CA TYR A 99 -0.29 4.42 2.00
C TYR A 99 -1.02 5.44 2.87
N TRP A 100 -1.73 4.96 3.89
CA TRP A 100 -2.48 5.84 4.78
C TRP A 100 -1.56 6.61 5.73
N ILE A 101 -1.91 7.87 6.02
CA ILE A 101 -1.08 8.69 6.91
C ILE A 101 -1.57 8.62 8.36
N PRO A 102 -2.86 8.90 8.61
CA PRO A 102 -3.43 8.86 9.96
C PRO A 102 -3.57 7.42 10.45
N GLY A 103 -2.45 6.79 10.77
CA GLY A 103 -2.47 5.42 11.25
C GLY A 103 -1.27 4.62 10.74
N LYS A 104 -0.50 5.21 9.82
CA LYS A 104 0.67 4.51 9.26
C LYS A 104 0.29 3.14 8.73
N ALA A 105 -0.92 3.04 8.19
CA ALA A 105 -1.40 1.78 7.64
C ALA A 105 -1.47 1.82 6.11
N ILE A 106 -0.93 0.79 5.47
CA ILE A 106 -0.93 0.71 4.02
C ILE A 106 -2.20 0.00 3.53
N CYS A 107 -2.66 0.35 2.33
CA CYS A 107 -3.87 -0.28 1.79
C CYS A 107 -3.76 -0.54 0.29
N LEU A 108 -4.55 -1.52 -0.17
CA LEU A 108 -4.58 -1.90 -1.59
C LEU A 108 -5.89 -1.47 -2.23
N PHE A 109 -5.91 -1.40 -3.56
CA PHE A 109 -7.10 -1.01 -4.30
C PHE A 109 -7.32 -1.92 -5.50
N PHE A 110 -8.58 -2.25 -5.76
CA PHE A 110 -8.93 -3.13 -6.89
C PHE A 110 -10.43 -3.43 -6.88
N GLY A 111 -11.25 -2.41 -6.63
CA GLY A 111 -12.69 -2.62 -6.62
C GLY A 111 -13.45 -1.48 -5.96
N LYS A 112 -13.53 -1.52 -4.62
CA LYS A 112 -14.23 -0.48 -3.87
C LYS A 112 -13.54 -0.18 -2.54
N THR A 113 -14.21 0.57 -1.69
CA THR A 113 -13.67 0.94 -0.38
C THR A 113 -14.81 1.41 0.52
N PRO A 114 -14.51 1.84 1.77
CA PRO A 114 -15.53 2.32 2.71
C PRO A 114 -16.58 3.22 2.05
N ILE A 115 -16.18 3.90 0.97
CA ILE A 115 -17.09 4.78 0.25
C ILE A 115 -17.03 4.51 -1.25
N SER A 116 -17.64 3.40 -1.68
CA SER A 116 -17.68 3.03 -3.09
C SER A 116 -18.98 3.48 -3.75
N ASP A 117 -19.58 4.54 -3.20
CA ASP A 117 -20.84 5.06 -3.74
C ASP A 117 -20.69 5.45 -5.20
N ASP A 118 -20.17 6.65 -5.45
CA ASP A 118 -19.98 7.13 -6.81
C ASP A 118 -18.62 6.71 -7.36
N LYS A 119 -17.59 6.88 -6.54
CA LYS A 119 -16.24 6.52 -6.95
C LYS A 119 -15.47 5.91 -5.78
N ILE A 120 -14.29 5.35 -6.06
CA ILE A 120 -13.48 4.73 -5.02
C ILE A 120 -12.78 5.79 -4.18
N ARG A 121 -13.35 6.07 -3.01
CA ARG A 121 -12.76 7.04 -2.10
C ARG A 121 -12.01 6.28 -1.00
N PRO A 122 -10.68 6.17 -1.13
CA PRO A 122 -9.85 5.46 -0.16
C PRO A 122 -9.75 6.19 1.17
N ALA A 123 -9.79 7.52 1.13
CA ALA A 123 -9.71 8.33 2.35
C ALA A 123 -9.75 9.81 2.02
N SER A 124 -9.34 10.63 2.97
CA SER A 124 -9.32 12.08 2.79
C SER A 124 -7.90 12.62 2.66
N ALA A 125 -6.90 11.77 2.92
CA ALA A 125 -5.51 12.21 2.83
C ALA A 125 -4.53 11.04 2.82
N VAL A 126 -4.47 10.32 1.70
CA VAL A 126 -3.54 9.19 1.56
C VAL A 126 -2.58 9.39 0.39
N ASN A 127 -1.32 9.01 0.59
CA ASN A 127 -0.27 9.16 -0.44
C ASN A 127 -0.25 7.99 -1.43
N VAL A 128 0.19 8.29 -2.67
CA VAL A 128 0.33 7.27 -3.69
C VAL A 128 1.70 6.63 -3.58
N ILE A 129 1.76 5.48 -2.93
CA ILE A 129 3.02 4.78 -2.72
C ILE A 129 3.42 3.90 -3.92
N GLY A 130 2.91 4.25 -5.09
CA GLY A 130 3.23 3.48 -6.28
C GLY A 130 2.05 2.67 -6.79
N ARG A 131 2.34 1.65 -7.60
CA ARG A 131 1.29 0.81 -8.16
C ARG A 131 1.72 -0.66 -8.24
N ILE A 132 0.74 -1.52 -8.51
CA ILE A 132 1.00 -2.96 -8.62
C ILE A 132 1.28 -3.33 -10.07
N VAL A 133 2.51 -3.80 -10.33
CA VAL A 133 2.89 -4.19 -11.70
C VAL A 133 2.69 -5.69 -11.92
N ASN A 134 3.68 -6.50 -11.55
CA ASN A 134 3.60 -7.94 -11.73
C ASN A 134 2.88 -8.60 -10.55
N SER A 135 2.86 -9.93 -10.54
CA SER A 135 2.20 -10.68 -9.48
C SER A 135 0.70 -10.39 -9.47
N MET A 136 -0.06 -11.28 -8.85
CA MET A 136 -1.51 -11.11 -8.76
C MET A 136 -1.86 -9.77 -8.13
N GLU A 137 -2.39 -8.85 -8.95
CA GLU A 137 -2.76 -7.53 -8.48
C GLU A 137 -4.23 -7.50 -8.02
N GLY A 138 -4.79 -8.68 -7.78
CA GLY A 138 -6.17 -8.75 -7.33
C GLY A 138 -6.29 -9.23 -5.90
N LEU A 139 -5.44 -8.70 -5.03
CA LEU A 139 -5.44 -9.08 -3.62
C LEU A 139 -6.86 -9.00 -3.04
N LYS A 140 -7.66 -8.08 -3.58
CA LYS A 140 -9.04 -7.89 -3.12
C LYS A 140 -9.75 -9.22 -2.86
N GLY A 141 -9.34 -10.28 -3.56
CA GLY A 141 -9.95 -11.58 -3.38
C GLY A 141 -9.37 -12.37 -2.22
N VAL A 142 -8.88 -11.68 -1.19
CA VAL A 142 -8.30 -12.33 -0.03
C VAL A 142 -9.38 -12.79 0.95
N ALA A 143 -9.08 -13.81 1.75
CA ALA A 143 -10.03 -14.33 2.73
C ALA A 143 -10.06 -13.42 3.96
N ASP A 144 -11.21 -13.29 4.59
CA ASP A 144 -11.35 -12.43 5.77
C ASP A 144 -10.34 -12.79 6.86
N GLY A 145 -9.45 -11.84 7.15
CA GLY A 145 -8.46 -12.04 8.18
C GLY A 145 -7.44 -13.12 7.85
N GLU A 146 -6.24 -12.69 7.46
CA GLU A 146 -5.16 -13.63 7.13
C GLU A 146 -3.79 -12.98 7.32
N SER A 147 -2.79 -13.79 7.68
CA SER A 147 -1.44 -13.30 7.91
C SER A 147 -0.94 -12.43 6.77
N VAL A 148 0.16 -11.71 7.04
CA VAL A 148 0.77 -10.81 6.05
C VAL A 148 2.24 -10.56 6.40
N VAL A 149 3.13 -10.78 5.43
CA VAL A 149 4.55 -10.56 5.66
C VAL A 149 5.14 -9.58 4.64
N VAL A 150 5.44 -8.37 5.10
CA VAL A 150 6.00 -7.34 4.23
C VAL A 150 7.52 -7.53 4.06
N GLU A 151 8.01 -7.56 2.82
CA GLU A 151 9.43 -7.74 2.56
C GLU A 151 9.85 -7.08 1.24
N ARG A 152 10.91 -6.29 1.30
CA ARG A 152 11.41 -5.61 0.10
C ARG A 152 12.19 -6.58 -0.79
N ALA A 153 11.50 -7.14 -1.78
CA ALA A 153 12.11 -8.08 -2.72
C ALA A 153 13.05 -9.04 -2.02
N MET A 23 17.00 11.72 -13.07
CA MET A 23 17.01 12.05 -14.53
C MET A 23 16.07 11.14 -15.30
N GLY A 24 15.87 9.94 -14.79
CA GLY A 24 14.98 9.00 -15.46
C GLY A 24 13.58 9.52 -15.61
N GLU A 25 12.64 8.98 -14.83
CA GLU A 25 11.25 9.41 -14.88
C GLU A 25 10.93 10.38 -13.75
N ARG A 26 11.96 11.00 -13.18
CA ARG A 26 11.79 11.95 -12.10
C ARG A 26 11.07 11.31 -10.91
N GLY A 27 11.09 9.98 -10.85
CA GLY A 27 10.43 9.28 -9.76
C GLY A 27 10.55 7.76 -9.88
N VAL A 28 11.65 7.22 -9.36
CA VAL A 28 11.87 5.78 -9.42
C VAL A 28 12.75 5.32 -8.25
N GLU A 29 12.10 4.92 -7.15
CA GLU A 29 12.81 4.47 -5.98
C GLU A 29 13.01 2.95 -6.02
N MET A 30 12.60 2.25 -4.96
CA MET A 30 12.74 0.80 -4.91
C MET A 30 11.41 0.11 -4.65
N ARG A 31 11.21 -1.04 -5.27
CA ARG A 31 9.97 -1.80 -5.11
C ARG A 31 10.03 -2.71 -3.89
N LEU A 32 8.89 -2.88 -3.24
CA LEU A 32 8.79 -3.75 -2.07
C LEU A 32 7.85 -4.91 -2.37
N ARG A 33 8.03 -6.00 -1.62
CA ARG A 33 7.20 -7.19 -1.82
C ARG A 33 6.16 -7.31 -0.71
N ILE A 34 4.96 -7.75 -1.06
CA ILE A 34 3.88 -7.94 -0.09
C ILE A 34 3.09 -9.19 -0.45
N ARG A 35 3.38 -10.28 0.26
CA ARG A 35 2.70 -11.55 0.00
C ARG A 35 1.61 -11.84 1.02
N PHE A 36 0.66 -12.67 0.60
CA PHE A 36 -0.47 -13.06 1.43
C PHE A 36 -0.65 -14.57 1.35
N GLU A 37 -0.92 -15.20 2.49
CA GLU A 37 -1.11 -16.65 2.55
C GLU A 37 -1.95 -17.18 1.39
N SER A 38 -2.85 -16.33 0.89
CA SER A 38 -3.73 -16.75 -0.21
C SER A 38 -3.61 -15.82 -1.41
N ALA A 39 -2.48 -15.11 -1.53
CA ALA A 39 -2.29 -14.20 -2.65
C ALA A 39 -0.90 -13.58 -2.68
N GLU A 40 -0.43 -13.26 -3.89
CA GLU A 40 0.91 -12.66 -4.08
C GLU A 40 0.85 -11.47 -5.04
N CYS A 41 1.60 -10.42 -4.73
CA CYS A 41 1.62 -9.22 -5.58
C CYS A 41 2.81 -8.32 -5.25
N GLU A 42 3.31 -7.60 -6.26
CA GLU A 42 4.45 -6.70 -6.07
C GLU A 42 4.03 -5.25 -6.34
N VAL A 43 4.77 -4.31 -5.76
CA VAL A 43 4.47 -2.89 -5.94
C VAL A 43 5.75 -2.04 -5.88
N GLU A 44 5.81 -1.02 -6.73
CA GLU A 44 6.96 -0.12 -6.77
C GLU A 44 6.64 1.15 -5.99
N LEU A 45 7.60 2.09 -5.97
CA LEU A 45 7.39 3.35 -5.25
C LEU A 45 8.20 4.47 -5.87
N TYR A 46 7.61 5.67 -5.85
CA TYR A 46 8.27 6.86 -6.42
C TYR A 46 8.45 7.92 -5.35
N GLU A 47 9.54 8.69 -5.44
CA GLU A 47 9.84 9.74 -4.46
C GLU A 47 8.72 10.77 -4.33
N GLU A 48 7.72 10.73 -5.21
CA GLU A 48 6.61 11.68 -5.15
C GLU A 48 6.08 11.85 -3.72
N TRP A 49 6.23 10.81 -2.91
CA TRP A 49 5.80 10.86 -1.52
C TRP A 49 6.84 11.58 -0.68
N ALA A 50 8.09 11.10 -0.73
CA ALA A 50 9.20 11.72 0.01
C ALA A 50 10.28 10.70 0.36
N PRO A 51 11.51 10.85 -0.19
CA PRO A 51 12.61 9.95 0.09
C PRO A 51 12.75 9.63 1.58
N GLU A 52 12.48 10.63 2.42
CA GLU A 52 12.57 10.47 3.87
C GLU A 52 11.62 9.38 4.36
N THR A 53 10.35 9.50 3.99
CA THR A 53 9.34 8.51 4.41
C THR A 53 9.71 7.12 3.87
N VAL A 54 10.09 7.06 2.60
CA VAL A 54 10.47 5.81 1.96
C VAL A 54 11.48 5.04 2.81
N ARG A 55 12.29 5.78 3.58
CA ARG A 55 13.30 5.17 4.43
C ARG A 55 12.67 4.22 5.46
N ALA A 56 11.51 4.60 5.99
CA ALA A 56 10.82 3.77 6.97
C ALA A 56 10.35 2.46 6.35
N ILE A 57 9.71 2.55 5.20
CA ILE A 57 9.22 1.35 4.51
C ILE A 57 10.37 0.35 4.33
N ALA A 58 11.49 0.83 3.77
CA ALA A 58 12.66 -0.02 3.56
C ALA A 58 13.19 -0.52 4.89
N ASP A 59 12.99 0.25 5.96
CA ASP A 59 13.44 -0.14 7.27
C ASP A 59 12.59 -1.29 7.83
N ALA A 60 11.36 -1.39 7.33
CA ALA A 60 10.42 -2.42 7.76
C ALA A 60 10.38 -3.60 6.78
N LEU A 61 11.55 -4.13 6.44
CA LEU A 61 11.64 -5.28 5.52
C LEU A 61 10.93 -6.50 6.15
N PRO A 62 11.20 -7.77 5.73
CA PRO A 62 10.50 -8.94 6.29
C PRO A 62 10.05 -8.76 7.73
N ILE A 63 8.74 -8.58 7.90
CA ILE A 63 8.14 -8.40 9.22
C ILE A 63 6.72 -8.96 9.21
N LYS A 64 6.26 -9.45 10.36
CA LYS A 64 4.92 -10.02 10.46
C LYS A 64 3.86 -8.95 10.72
N SER A 65 2.74 -9.07 10.02
CA SER A 65 1.63 -8.12 10.16
C SER A 65 0.29 -8.84 9.97
N THR A 66 -0.75 -8.37 10.65
CA THR A 66 -2.07 -8.98 10.55
C THR A 66 -2.96 -8.16 9.63
N ALA A 67 -3.46 -8.81 8.58
CA ALA A 67 -4.31 -8.15 7.60
C ALA A 67 -5.76 -8.02 8.04
N ASN A 68 -6.30 -6.82 7.87
CA ASN A 68 -7.69 -6.53 8.19
C ASN A 68 -8.48 -6.44 6.89
N ARG A 69 -9.54 -7.24 6.76
CA ARG A 69 -10.32 -7.26 5.53
C ARG A 69 -11.43 -6.21 5.50
N TRP A 70 -11.56 -5.54 4.35
CA TRP A 70 -12.58 -4.52 4.14
C TRP A 70 -13.00 -4.51 2.67
N GLY A 71 -14.26 -4.16 2.40
CA GLY A 71 -14.76 -4.14 1.03
C GLY A 71 -13.72 -3.65 0.03
N ASP A 72 -12.98 -4.59 -0.55
CA ASP A 72 -11.93 -4.28 -1.53
C ASP A 72 -10.66 -3.78 -0.87
N GLU A 73 -10.81 -2.93 0.15
CA GLU A 73 -9.67 -2.37 0.85
C GLU A 73 -9.13 -3.34 1.89
N ILE A 74 -7.83 -3.24 2.15
CA ILE A 74 -7.16 -4.10 3.13
C ILE A 74 -5.99 -3.34 3.74
N TYR A 75 -6.07 -3.09 5.04
CA TYR A 75 -5.01 -2.35 5.74
C TYR A 75 -4.44 -3.14 6.90
N PHE A 76 -3.11 -3.13 7.02
CA PHE A 76 -2.42 -3.82 8.09
C PHE A 76 -1.32 -2.94 8.68
N THR A 77 -1.10 -3.05 9.97
CA THR A 77 -0.06 -2.27 10.64
C THR A 77 1.24 -3.08 10.72
N THR A 78 2.37 -2.39 10.64
CA THR A 78 3.67 -3.07 10.69
C THR A 78 4.54 -2.55 11.83
N GLN A 79 3.96 -1.71 12.68
CA GLN A 79 4.68 -1.13 13.82
C GLN A 79 5.54 0.06 13.42
N VAL A 80 5.64 0.33 12.11
CA VAL A 80 6.42 1.46 11.64
C VAL A 80 5.58 2.72 11.63
N ALA A 81 5.96 3.70 12.46
CA ALA A 81 5.21 4.96 12.54
C ALA A 81 5.93 6.08 11.82
N VAL A 82 5.52 6.32 10.58
CA VAL A 82 6.11 7.38 9.77
C VAL A 82 5.01 8.33 9.28
N GLU A 83 4.95 9.52 9.86
CA GLU A 83 3.93 10.50 9.47
C GLU A 83 4.56 11.83 9.07
N LYS A 84 4.09 12.37 7.95
CA LYS A 84 4.59 13.65 7.44
C LYS A 84 3.47 14.40 6.72
N GLU A 85 3.68 15.69 6.48
CA GLU A 85 2.67 16.50 5.79
C GLU A 85 3.05 16.70 4.33
N GLU A 86 2.70 15.72 3.50
CA GLU A 86 3.01 15.78 2.08
C GLU A 86 2.30 14.66 1.32
N ASN A 87 2.07 14.88 0.02
CA ASN A 87 1.41 13.88 -0.82
C ASN A 87 -0.07 13.75 -0.46
N SER A 88 -0.36 13.03 0.62
CA SER A 88 -1.73 12.82 1.10
C SER A 88 -2.79 13.09 0.02
N LYS A 89 -3.03 12.13 -0.86
CA LYS A 89 -4.03 12.30 -1.92
C LYS A 89 -5.32 11.57 -1.57
N ASP A 90 -6.40 11.90 -2.27
CA ASP A 90 -7.71 11.28 -2.01
C ASP A 90 -8.33 10.67 -3.26
N VAL A 91 -7.71 10.85 -4.42
CA VAL A 91 -8.25 10.29 -5.66
C VAL A 91 -7.15 9.57 -6.45
N VAL A 92 -7.52 8.45 -7.07
CA VAL A 92 -6.56 7.66 -7.86
C VAL A 92 -7.25 6.76 -8.88
N GLU A 93 -6.50 6.37 -9.91
CA GLU A 93 -7.04 5.50 -10.97
C GLU A 93 -6.84 4.03 -10.63
N LEU A 94 -7.73 3.21 -11.15
CA LEU A 94 -7.70 1.75 -10.93
C LEU A 94 -6.32 1.16 -11.22
N GLY A 95 -5.77 0.42 -10.25
CA GLY A 95 -4.48 -0.21 -10.43
C GLY A 95 -3.39 0.33 -9.54
N ASP A 96 -3.47 1.62 -9.21
CA ASP A 96 -2.46 2.26 -8.37
C ASP A 96 -2.53 1.76 -6.92
N VAL A 97 -1.45 1.99 -6.18
CA VAL A 97 -1.36 1.59 -4.77
C VAL A 97 -1.06 2.81 -3.90
N ALA A 98 -1.47 2.81 -2.63
CA ALA A 98 -1.23 3.97 -1.77
C ALA A 98 -1.09 3.60 -0.29
N TYR A 99 -0.25 4.35 0.43
CA TYR A 99 -0.04 4.12 1.86
C TYR A 99 -0.91 5.09 2.67
N TRP A 100 -1.77 4.55 3.51
CA TRP A 100 -2.66 5.37 4.34
C TRP A 100 -1.85 6.21 5.32
N ILE A 101 -1.95 7.55 5.20
CA ILE A 101 -1.23 8.44 6.10
C ILE A 101 -1.83 8.36 7.51
N PRO A 102 -3.06 8.86 7.72
CA PRO A 102 -3.71 8.81 9.04
C PRO A 102 -3.77 7.38 9.58
N GLY A 103 -2.70 6.94 10.23
CA GLY A 103 -2.66 5.60 10.78
C GLY A 103 -1.40 4.84 10.36
N LYS A 104 -0.61 5.42 9.46
CA LYS A 104 0.62 4.77 8.98
C LYS A 104 0.35 3.33 8.55
N ALA A 105 -0.80 3.12 7.92
CA ALA A 105 -1.19 1.79 7.47
C ALA A 105 -1.24 1.71 5.94
N ILE A 106 -0.71 0.62 5.38
CA ILE A 106 -0.71 0.42 3.93
C ILE A 106 -2.02 -0.22 3.49
N CYS A 107 -2.49 0.11 2.28
CA CYS A 107 -3.74 -0.45 1.77
C CYS A 107 -3.69 -0.74 0.27
N LEU A 108 -4.52 -1.68 -0.16
CA LEU A 108 -4.62 -2.08 -1.57
C LEU A 108 -5.96 -1.65 -2.15
N PHE A 109 -6.03 -1.48 -3.46
CA PHE A 109 -7.29 -1.07 -4.11
C PHE A 109 -7.54 -1.87 -5.38
N PHE A 110 -8.73 -2.46 -5.47
CA PHE A 110 -9.11 -3.23 -6.65
C PHE A 110 -10.61 -3.11 -6.90
N GLY A 111 -11.18 -1.98 -6.50
CA GLY A 111 -12.61 -1.77 -6.68
C GLY A 111 -13.21 -0.86 -5.61
N LYS A 112 -14.49 -1.08 -5.31
CA LYS A 112 -15.21 -0.27 -4.31
C LYS A 112 -14.35 0.08 -3.09
N THR A 113 -14.86 0.98 -2.24
CA THR A 113 -14.15 1.41 -1.05
C THR A 113 -15.16 1.92 -0.01
N PRO A 114 -14.71 2.43 1.14
CA PRO A 114 -15.62 2.93 2.17
C PRO A 114 -16.74 3.78 1.59
N ILE A 115 -16.49 4.38 0.42
CA ILE A 115 -17.48 5.21 -0.25
C ILE A 115 -17.48 4.93 -1.76
N SER A 116 -17.66 3.67 -2.13
CA SER A 116 -17.68 3.28 -3.54
C SER A 116 -18.64 4.15 -4.34
N ASP A 117 -19.80 4.46 -3.75
CA ASP A 117 -20.81 5.28 -4.41
C ASP A 117 -20.19 6.53 -5.02
N ASP A 118 -19.61 7.37 -4.18
CA ASP A 118 -18.96 8.59 -4.63
C ASP A 118 -17.57 8.30 -5.21
N LYS A 119 -17.52 7.43 -6.21
CA LYS A 119 -16.26 7.05 -6.83
C LYS A 119 -15.37 6.31 -5.84
N ILE A 120 -14.33 5.65 -6.35
CA ILE A 120 -13.42 4.90 -5.49
C ILE A 120 -12.67 5.84 -4.54
N ARG A 121 -13.10 5.85 -3.29
CA ARG A 121 -12.46 6.69 -2.28
C ARG A 121 -11.64 5.82 -1.32
N PRO A 122 -10.32 5.75 -1.53
CA PRO A 122 -9.44 4.94 -0.67
C PRO A 122 -9.39 5.45 0.76
N ALA A 123 -9.57 6.76 0.94
CA ALA A 123 -9.55 7.35 2.28
C ALA A 123 -9.73 8.87 2.21
N SER A 124 -9.40 9.55 3.30
CA SER A 124 -9.53 11.00 3.36
C SER A 124 -8.18 11.69 3.20
N ALA A 125 -7.10 10.91 3.16
CA ALA A 125 -5.76 11.47 3.01
C ALA A 125 -4.69 10.40 2.95
N VAL A 126 -4.52 9.79 1.77
CA VAL A 126 -3.51 8.73 1.61
C VAL A 126 -2.55 9.03 0.45
N ASN A 127 -1.28 8.68 0.66
CA ASN A 127 -0.22 8.91 -0.34
C ASN A 127 -0.17 7.81 -1.40
N VAL A 128 0.30 8.17 -2.59
CA VAL A 128 0.45 7.20 -3.67
C VAL A 128 1.78 6.46 -3.51
N ILE A 129 1.74 5.39 -2.74
CA ILE A 129 2.92 4.59 -2.47
C ILE A 129 3.37 3.76 -3.69
N GLY A 130 2.87 4.11 -4.88
CA GLY A 130 3.26 3.39 -6.07
C GLY A 130 2.09 2.66 -6.72
N ARG A 131 2.37 1.54 -7.37
CA ARG A 131 1.34 0.76 -8.03
C ARG A 131 1.76 -0.70 -8.20
N ILE A 132 0.80 -1.55 -8.57
CA ILE A 132 1.06 -2.97 -8.78
C ILE A 132 1.20 -3.27 -10.27
N VAL A 133 2.40 -3.68 -10.68
CA VAL A 133 2.66 -3.99 -12.08
C VAL A 133 2.90 -5.49 -12.29
N ASN A 134 4.15 -5.93 -12.14
CA ASN A 134 4.48 -7.34 -12.31
C ASN A 134 3.93 -8.19 -11.17
N SER A 135 3.48 -9.40 -11.51
CA SER A 135 2.92 -10.31 -10.52
C SER A 135 1.64 -9.74 -9.90
N MET A 136 0.94 -8.91 -10.68
CA MET A 136 -0.31 -8.32 -10.20
C MET A 136 -1.38 -9.39 -10.02
N GLU A 137 -2.32 -9.13 -9.12
CA GLU A 137 -3.40 -10.09 -8.86
C GLU A 137 -4.58 -9.42 -8.17
N GLY A 138 -5.66 -10.18 -8.01
CA GLY A 138 -6.85 -9.67 -7.36
C GLY A 138 -6.86 -9.94 -5.87
N LEU A 139 -5.74 -9.66 -5.22
CA LEU A 139 -5.60 -9.87 -3.78
C LEU A 139 -6.85 -9.44 -3.02
N LYS A 140 -7.53 -8.41 -3.53
CA LYS A 140 -8.75 -7.91 -2.89
C LYS A 140 -9.66 -9.05 -2.44
N GLY A 141 -9.57 -10.19 -3.10
CA GLY A 141 -10.40 -11.34 -2.75
C GLY A 141 -9.80 -12.17 -1.62
N VAL A 142 -9.09 -11.51 -0.72
CA VAL A 142 -8.45 -12.18 0.42
C VAL A 142 -9.49 -12.60 1.46
N ALA A 143 -9.18 -13.64 2.24
CA ALA A 143 -10.09 -14.11 3.28
C ALA A 143 -10.06 -13.15 4.46
N ASP A 144 -11.19 -13.00 5.15
CA ASP A 144 -11.27 -12.09 6.29
C ASP A 144 -10.27 -12.47 7.38
N GLY A 145 -9.24 -11.65 7.52
CA GLY A 145 -8.22 -11.90 8.54
C GLY A 145 -7.24 -12.99 8.16
N GLU A 146 -6.04 -12.58 7.76
CA GLU A 146 -4.99 -13.53 7.39
C GLU A 146 -3.60 -12.91 7.59
N SER A 147 -2.61 -13.76 7.80
CA SER A 147 -1.23 -13.31 8.00
C SER A 147 -0.76 -12.38 6.89
N VAL A 148 0.33 -11.67 7.15
CA VAL A 148 0.92 -10.74 6.20
C VAL A 148 2.39 -10.48 6.52
N VAL A 149 3.26 -10.64 5.52
CA VAL A 149 4.69 -10.42 5.73
C VAL A 149 5.25 -9.43 4.72
N VAL A 150 5.58 -8.23 5.19
CA VAL A 150 6.13 -7.18 4.33
C VAL A 150 7.64 -7.38 4.16
N GLU A 151 8.13 -7.38 2.92
CA GLU A 151 9.55 -7.57 2.65
C GLU A 151 9.96 -6.92 1.33
N ARG A 152 11.04 -6.13 1.36
CA ARG A 152 11.54 -5.47 0.16
C ARG A 152 12.29 -6.45 -0.73
N ALA A 153 11.54 -7.11 -1.62
CA ALA A 153 12.13 -8.08 -2.55
C ALA A 153 13.14 -8.98 -1.85
N MET A 23 19.40 0.95 -16.39
CA MET A 23 20.60 0.84 -15.52
C MET A 23 20.67 1.99 -14.52
N GLY A 24 20.73 1.64 -13.24
CA GLY A 24 20.79 2.66 -12.20
C GLY A 24 19.48 2.82 -11.46
N GLU A 25 19.56 3.31 -10.23
CA GLU A 25 18.36 3.51 -9.41
C GLU A 25 17.61 4.77 -9.85
N ARG A 26 18.36 5.76 -10.31
CA ARG A 26 17.77 7.02 -10.76
C ARG A 26 17.16 7.79 -9.59
N GLY A 27 16.06 7.27 -9.04
CA GLY A 27 15.41 7.93 -7.92
C GLY A 27 14.01 7.41 -7.69
N VAL A 28 13.37 6.96 -8.77
CA VAL A 28 12.01 6.44 -8.68
C VAL A 28 11.91 5.01 -9.22
N GLU A 29 12.54 4.08 -8.51
CA GLU A 29 12.53 2.68 -8.93
C GLU A 29 12.71 1.74 -7.74
N MET A 30 12.06 2.07 -6.63
CA MET A 30 12.15 1.27 -5.41
C MET A 30 10.87 0.45 -5.21
N ARG A 31 10.98 -0.86 -5.36
CA ARG A 31 9.82 -1.74 -5.21
C ARG A 31 9.94 -2.64 -3.98
N LEU A 32 8.80 -2.90 -3.35
CA LEU A 32 8.74 -3.78 -2.17
C LEU A 32 7.89 -4.99 -2.49
N ARG A 33 8.01 -6.04 -1.67
CA ARG A 33 7.25 -7.25 -1.88
C ARG A 33 6.18 -7.42 -0.80
N ILE A 34 5.04 -8.02 -1.19
CA ILE A 34 3.94 -8.25 -0.26
C ILE A 34 3.26 -9.58 -0.61
N ARG A 35 3.55 -10.59 0.19
CA ARG A 35 2.98 -11.92 -0.04
C ARG A 35 1.83 -12.20 0.92
N PHE A 36 0.96 -13.11 0.51
CA PHE A 36 -0.19 -13.51 1.31
C PHE A 36 -0.37 -15.02 1.23
N GLU A 37 -0.68 -15.62 2.36
CA GLU A 37 -0.86 -17.08 2.45
C GLU A 37 -1.71 -17.61 1.28
N SER A 38 -2.61 -16.78 0.77
CA SER A 38 -3.49 -17.18 -0.31
C SER A 38 -3.41 -16.23 -1.50
N ALA A 39 -2.30 -15.48 -1.61
CA ALA A 39 -2.15 -14.54 -2.73
C ALA A 39 -0.78 -13.86 -2.75
N GLU A 40 -0.35 -13.44 -3.93
CA GLU A 40 0.93 -12.77 -4.10
C GLU A 40 0.78 -11.49 -4.91
N CYS A 41 1.57 -10.45 -4.57
CA CYS A 41 1.48 -9.17 -5.29
C CYS A 41 2.72 -8.31 -5.02
N GLU A 42 3.10 -7.49 -6.02
CA GLU A 42 4.25 -6.60 -5.88
C GLU A 42 3.84 -5.17 -6.20
N VAL A 43 4.61 -4.21 -5.69
CA VAL A 43 4.32 -2.79 -5.93
C VAL A 43 5.59 -1.95 -5.88
N GLU A 44 5.68 -1.00 -6.81
CA GLU A 44 6.84 -0.10 -6.87
C GLU A 44 6.57 1.17 -6.09
N LEU A 45 7.53 2.10 -6.09
CA LEU A 45 7.35 3.34 -5.35
C LEU A 45 8.16 4.46 -5.99
N TYR A 46 7.62 5.68 -5.91
CA TYR A 46 8.29 6.86 -6.47
C TYR A 46 8.50 7.93 -5.39
N GLU A 47 9.60 8.67 -5.49
CA GLU A 47 9.94 9.72 -4.52
C GLU A 47 8.84 10.78 -4.38
N GLU A 48 7.83 10.76 -5.25
CA GLU A 48 6.75 11.74 -5.20
C GLU A 48 6.24 11.94 -3.76
N TRP A 49 6.40 10.92 -2.92
CA TRP A 49 5.98 11.01 -1.53
C TRP A 49 7.05 11.75 -0.72
N ALA A 50 8.28 11.22 -0.77
CA ALA A 50 9.42 11.84 -0.07
C ALA A 50 10.49 10.81 0.28
N PRO A 51 11.70 10.94 -0.30
CA PRO A 51 12.80 10.01 -0.03
C PRO A 51 12.98 9.72 1.46
N GLU A 52 12.60 10.68 2.29
CA GLU A 52 12.72 10.53 3.74
C GLU A 52 11.77 9.46 4.28
N THR A 53 10.53 9.46 3.79
CA THR A 53 9.54 8.49 4.24
C THR A 53 9.88 7.10 3.70
N VAL A 54 10.22 7.02 2.41
CA VAL A 54 10.57 5.75 1.79
C VAL A 54 11.57 4.97 2.65
N ARG A 55 12.39 5.70 3.40
CA ARG A 55 13.38 5.08 4.26
C ARG A 55 12.73 4.16 5.30
N ALA A 56 11.59 4.59 5.83
CA ALA A 56 10.88 3.80 6.83
C ALA A 56 10.37 2.49 6.24
N ILE A 57 9.75 2.58 5.07
CA ILE A 57 9.23 1.38 4.40
C ILE A 57 10.36 0.37 4.22
N ALA A 58 11.49 0.83 3.66
CA ALA A 58 12.64 -0.02 3.44
C ALA A 58 13.20 -0.52 4.77
N ASP A 59 12.98 0.25 5.83
CA ASP A 59 13.46 -0.14 7.15
C ASP A 59 12.59 -1.27 7.72
N ALA A 60 11.35 -1.37 7.24
CA ALA A 60 10.41 -2.39 7.69
C ALA A 60 10.36 -3.59 6.73
N LEU A 61 11.54 -4.11 6.39
CA LEU A 61 11.63 -5.28 5.50
C LEU A 61 10.93 -6.49 6.16
N PRO A 62 11.20 -7.78 5.77
CA PRO A 62 10.52 -8.93 6.36
C PRO A 62 10.05 -8.71 7.80
N ILE A 63 8.74 -8.54 7.95
CA ILE A 63 8.13 -8.33 9.25
C ILE A 63 6.72 -8.91 9.25
N LYS A 64 6.25 -9.37 10.40
CA LYS A 64 4.93 -9.96 10.50
C LYS A 64 3.84 -8.92 10.73
N SER A 65 2.75 -9.03 9.97
CA SER A 65 1.62 -8.11 10.06
C SER A 65 0.30 -8.84 9.82
N THR A 66 -0.76 -8.36 10.45
CA THR A 66 -2.09 -8.99 10.30
C THR A 66 -2.94 -8.19 9.32
N ALA A 67 -3.56 -8.89 8.38
CA ALA A 67 -4.39 -8.25 7.36
C ALA A 67 -5.85 -8.11 7.75
N ASN A 68 -6.41 -6.94 7.45
CA ASN A 68 -7.81 -6.66 7.72
C ASN A 68 -8.59 -6.66 6.39
N ARG A 69 -9.59 -7.55 6.26
CA ARG A 69 -10.36 -7.64 5.02
C ARG A 69 -11.52 -6.63 4.98
N TRP A 70 -11.57 -5.84 3.90
CA TRP A 70 -12.63 -4.85 3.72
C TRP A 70 -12.95 -4.72 2.22
N GLY A 71 -14.22 -4.42 1.91
CA GLY A 71 -14.65 -4.29 0.52
C GLY A 71 -13.56 -3.72 -0.38
N ASP A 72 -12.78 -4.60 -1.00
CA ASP A 72 -11.70 -4.19 -1.89
C ASP A 72 -10.53 -3.60 -1.11
N GLU A 73 -10.82 -2.83 -0.06
CA GLU A 73 -9.80 -2.21 0.75
C GLU A 73 -9.19 -3.21 1.72
N ILE A 74 -7.88 -3.15 1.88
CA ILE A 74 -7.17 -4.04 2.79
C ILE A 74 -6.01 -3.31 3.44
N TYR A 75 -6.11 -3.09 4.74
CA TYR A 75 -5.06 -2.36 5.47
C TYR A 75 -4.52 -3.18 6.63
N PHE A 76 -3.21 -3.11 6.81
CA PHE A 76 -2.53 -3.82 7.88
C PHE A 76 -1.41 -2.97 8.48
N THR A 77 -1.23 -3.05 9.79
CA THR A 77 -0.19 -2.28 10.47
C THR A 77 1.10 -3.09 10.54
N THR A 78 2.24 -2.41 10.45
CA THR A 78 3.54 -3.09 10.50
C THR A 78 4.39 -2.60 11.67
N GLN A 79 3.82 -1.74 12.52
CA GLN A 79 4.52 -1.20 13.68
C GLN A 79 5.42 -0.02 13.31
N VAL A 80 5.56 0.26 12.02
CA VAL A 80 6.39 1.38 11.58
C VAL A 80 5.57 2.67 11.59
N ALA A 81 5.96 3.62 12.43
CA ALA A 81 5.24 4.89 12.54
C ALA A 81 5.94 6.00 11.78
N VAL A 82 5.52 6.22 10.55
CA VAL A 82 6.09 7.26 9.70
C VAL A 82 4.99 8.19 9.19
N GLU A 83 4.94 9.41 9.75
CA GLU A 83 3.91 10.37 9.35
C GLU A 83 4.52 11.75 9.10
N LYS A 84 4.15 12.35 7.97
CA LYS A 84 4.65 13.67 7.61
C LYS A 84 3.60 14.40 6.75
N GLU A 85 3.75 15.72 6.62
CA GLU A 85 2.81 16.51 5.84
C GLU A 85 3.30 16.67 4.41
N GLU A 86 2.95 15.71 3.55
CA GLU A 86 3.36 15.75 2.16
C GLU A 86 2.63 14.68 1.34
N ASN A 87 2.37 14.95 0.05
CA ASN A 87 1.69 14.00 -0.81
C ASN A 87 0.20 13.90 -0.44
N SER A 88 -0.10 13.08 0.57
CA SER A 88 -1.47 12.87 1.05
C SER A 88 -2.53 13.21 0.00
N LYS A 89 -2.80 12.27 -0.92
CA LYS A 89 -3.82 12.50 -1.95
C LYS A 89 -5.14 11.82 -1.56
N ASP A 90 -6.23 12.23 -2.19
CA ASP A 90 -7.54 11.66 -1.88
C ASP A 90 -8.23 11.03 -3.10
N VAL A 91 -7.57 11.08 -4.25
CA VAL A 91 -8.15 10.49 -5.46
C VAL A 91 -7.09 9.74 -6.27
N VAL A 92 -7.51 8.65 -6.90
CA VAL A 92 -6.59 7.84 -7.72
C VAL A 92 -7.33 6.99 -8.74
N GLU A 93 -6.62 6.57 -9.79
CA GLU A 93 -7.22 5.75 -10.84
C GLU A 93 -7.00 4.26 -10.58
N LEU A 94 -7.93 3.45 -11.06
CA LEU A 94 -7.87 2.00 -10.89
C LEU A 94 -6.49 1.43 -11.24
N GLY A 95 -5.89 0.70 -10.29
CA GLY A 95 -4.59 0.10 -10.55
C GLY A 95 -3.45 0.64 -9.69
N ASP A 96 -3.53 1.90 -9.29
CA ASP A 96 -2.47 2.51 -8.48
C ASP A 96 -2.56 2.09 -7.01
N VAL A 97 -1.43 2.18 -6.33
CA VAL A 97 -1.35 1.81 -4.90
C VAL A 97 -1.12 3.06 -4.04
N ALA A 98 -1.58 3.05 -2.77
CA ALA A 98 -1.41 4.20 -1.90
C ALA A 98 -1.27 3.78 -0.44
N TYR A 99 -0.53 4.59 0.32
CA TYR A 99 -0.31 4.32 1.73
C TYR A 99 -1.15 5.27 2.59
N TRP A 100 -1.86 4.71 3.57
CA TRP A 100 -2.69 5.51 4.46
C TRP A 100 -1.84 6.34 5.42
N ILE A 101 -1.87 7.67 5.26
CA ILE A 101 -1.09 8.54 6.13
C ILE A 101 -1.64 8.51 7.56
N PRO A 102 -2.88 9.03 7.79
CA PRO A 102 -3.48 9.02 9.13
C PRO A 102 -3.68 7.60 9.66
N GLY A 103 -2.61 7.01 10.17
CA GLY A 103 -2.67 5.66 10.69
C GLY A 103 -1.45 4.82 10.33
N LYS A 104 -0.58 5.37 9.47
CA LYS A 104 0.63 4.66 9.06
C LYS A 104 0.31 3.24 8.58
N ALA A 105 -0.82 3.09 7.89
CA ALA A 105 -1.25 1.80 7.39
C ALA A 105 -1.31 1.77 5.86
N ILE A 106 -0.83 0.67 5.26
CA ILE A 106 -0.86 0.53 3.80
C ILE A 106 -2.17 -0.07 3.33
N CYS A 107 -2.64 0.32 2.14
CA CYS A 107 -3.91 -0.20 1.63
C CYS A 107 -3.88 -0.44 0.11
N LEU A 108 -4.33 -1.63 -0.31
CA LEU A 108 -4.38 -2.00 -1.74
C LEU A 108 -5.69 -1.52 -2.37
N PHE A 109 -5.71 -1.38 -3.69
CA PHE A 109 -6.92 -0.94 -4.39
C PHE A 109 -7.18 -1.77 -5.65
N PHE A 110 -8.42 -2.20 -5.79
CA PHE A 110 -8.83 -2.98 -6.95
C PHE A 110 -10.36 -3.04 -7.04
N GLY A 111 -10.99 -1.95 -6.61
CA GLY A 111 -12.44 -1.87 -6.63
C GLY A 111 -12.98 -0.82 -5.69
N LYS A 112 -14.19 -1.04 -5.18
CA LYS A 112 -14.84 -0.11 -4.26
C LYS A 112 -13.94 0.23 -3.07
N THR A 113 -14.52 0.96 -2.12
CA THR A 113 -13.83 1.37 -0.91
C THR A 113 -14.84 1.73 0.18
N PRO A 114 -14.41 2.21 1.35
CA PRO A 114 -15.31 2.57 2.44
C PRO A 114 -16.56 3.31 1.96
N ILE A 115 -16.46 3.98 0.81
CA ILE A 115 -17.59 4.72 0.25
C ILE A 115 -17.57 4.70 -1.28
N SER A 116 -17.80 3.52 -1.86
CA SER A 116 -17.83 3.37 -3.31
C SER A 116 -18.77 4.40 -3.93
N ASP A 117 -20.07 4.15 -3.81
CA ASP A 117 -21.10 5.04 -4.35
C ASP A 117 -21.02 5.10 -5.88
N ASP A 118 -20.36 6.13 -6.42
CA ASP A 118 -20.23 6.27 -7.87
C ASP A 118 -18.78 6.16 -8.30
N LYS A 119 -17.87 6.51 -7.39
CA LYS A 119 -16.44 6.44 -7.68
C LYS A 119 -15.71 5.66 -6.59
N ILE A 120 -14.39 5.81 -6.52
CA ILE A 120 -13.59 5.11 -5.53
C ILE A 120 -12.91 6.11 -4.59
N ARG A 121 -13.27 6.05 -3.31
CA ARG A 121 -12.67 6.93 -2.31
C ARG A 121 -11.92 6.10 -1.27
N PRO A 122 -10.60 6.00 -1.39
CA PRO A 122 -9.77 5.23 -0.46
C PRO A 122 -9.69 5.87 0.92
N ALA A 123 -9.75 7.20 0.95
CA ALA A 123 -9.67 7.93 2.22
C ALA A 123 -9.72 9.44 1.98
N SER A 124 -9.28 10.21 2.97
CA SER A 124 -9.27 11.66 2.86
C SER A 124 -7.84 12.21 2.80
N ALA A 125 -6.85 11.35 2.97
CA ALA A 125 -5.46 11.80 2.93
C ALA A 125 -4.47 10.63 2.87
N VAL A 126 -4.37 10.00 1.68
CA VAL A 126 -3.43 8.88 1.50
C VAL A 126 -2.49 9.14 0.34
N ASN A 127 -1.22 8.76 0.52
CA ASN A 127 -0.17 8.97 -0.48
C ASN A 127 -0.13 7.87 -1.54
N VAL A 128 0.30 8.23 -2.75
CA VAL A 128 0.45 7.26 -3.83
C VAL A 128 1.81 6.59 -3.71
N ILE A 129 1.81 5.39 -3.14
CA ILE A 129 3.05 4.66 -2.93
C ILE A 129 3.50 3.87 -4.16
N GLY A 130 3.01 4.26 -5.33
CA GLY A 130 3.38 3.57 -6.56
C GLY A 130 2.23 2.88 -7.23
N ARG A 131 2.41 1.60 -7.56
CA ARG A 131 1.37 0.82 -8.22
C ARG A 131 1.73 -0.65 -8.28
N ILE A 132 0.74 -1.48 -8.62
CA ILE A 132 0.93 -2.93 -8.73
C ILE A 132 1.27 -3.33 -10.16
N VAL A 133 2.47 -3.86 -10.36
CA VAL A 133 2.90 -4.27 -11.70
C VAL A 133 2.15 -5.53 -12.16
N ASN A 134 2.62 -6.69 -11.71
CA ASN A 134 1.98 -7.95 -12.08
C ASN A 134 2.30 -9.05 -11.06
N SER A 135 1.31 -9.88 -10.78
CA SER A 135 1.47 -10.98 -9.82
C SER A 135 0.13 -11.67 -9.57
N MET A 136 -0.94 -10.88 -9.54
CA MET A 136 -2.28 -11.41 -9.31
C MET A 136 -3.33 -10.34 -9.60
N GLU A 137 -3.09 -9.14 -9.10
CA GLU A 137 -4.01 -8.02 -9.31
C GLU A 137 -5.40 -8.35 -8.77
N GLY A 138 -5.48 -9.31 -7.87
CA GLY A 138 -6.77 -9.69 -7.30
C GLY A 138 -6.71 -9.99 -5.83
N LEU A 139 -5.81 -9.32 -5.12
CA LEU A 139 -5.66 -9.55 -3.67
C LEU A 139 -6.98 -9.28 -2.95
N LYS A 140 -7.66 -8.20 -3.32
CA LYS A 140 -8.93 -7.83 -2.68
C LYS A 140 -9.85 -9.04 -2.45
N GLY A 141 -9.65 -10.13 -3.18
CA GLY A 141 -10.47 -11.32 -3.01
C GLY A 141 -9.91 -12.28 -1.97
N VAL A 142 -9.22 -11.73 -0.98
CA VAL A 142 -8.62 -12.53 0.09
C VAL A 142 -9.66 -12.89 1.16
N ALA A 143 -9.43 -14.00 1.86
CA ALA A 143 -10.34 -14.44 2.91
C ALA A 143 -10.20 -13.54 4.14
N ASP A 144 -11.30 -13.26 4.82
CA ASP A 144 -11.28 -12.40 5.99
C ASP A 144 -10.23 -12.82 7.01
N GLY A 145 -9.46 -11.84 7.48
CA GLY A 145 -8.43 -12.09 8.49
C GLY A 145 -7.38 -13.10 8.07
N GLU A 146 -6.21 -12.60 7.64
CA GLU A 146 -5.11 -13.47 7.22
C GLU A 146 -3.76 -12.80 7.54
N SER A 147 -2.73 -13.63 7.72
CA SER A 147 -1.40 -13.13 8.02
C SER A 147 -0.84 -12.28 6.88
N VAL A 148 0.26 -11.58 7.16
CA VAL A 148 0.90 -10.72 6.18
C VAL A 148 2.37 -10.49 6.53
N VAL A 149 3.27 -10.71 5.58
CA VAL A 149 4.70 -10.50 5.81
C VAL A 149 5.28 -9.56 4.76
N VAL A 150 5.57 -8.33 5.19
CA VAL A 150 6.13 -7.31 4.29
C VAL A 150 7.64 -7.49 4.14
N GLU A 151 8.14 -7.53 2.90
CA GLU A 151 9.56 -7.69 2.65
C GLU A 151 9.97 -7.03 1.33
N ARG A 152 10.98 -6.16 1.38
CA ARG A 152 11.47 -5.47 0.20
C ARG A 152 12.28 -6.42 -0.68
N ALA A 153 11.60 -7.05 -1.64
CA ALA A 153 12.24 -7.99 -2.56
C ALA A 153 13.23 -8.91 -1.83
N MET A 23 16.51 10.48 -15.15
CA MET A 23 16.70 11.80 -14.47
C MET A 23 16.07 11.80 -13.08
N GLY A 24 16.84 11.37 -12.09
CA GLY A 24 16.33 11.32 -10.73
C GLY A 24 16.07 9.91 -10.25
N GLU A 25 16.81 8.96 -10.81
CA GLU A 25 16.65 7.56 -10.45
C GLU A 25 17.42 7.24 -9.16
N ARG A 26 17.73 5.96 -8.94
CA ARG A 26 18.45 5.55 -7.74
C ARG A 26 17.64 5.83 -6.48
N GLY A 27 16.33 6.01 -6.65
CA GLY A 27 15.47 6.28 -5.51
C GLY A 27 14.00 6.13 -5.83
N VAL A 28 13.61 6.59 -7.01
CA VAL A 28 12.20 6.50 -7.44
C VAL A 28 11.94 5.20 -8.19
N GLU A 29 12.30 4.09 -7.55
CA GLU A 29 12.12 2.77 -8.15
C GLU A 29 12.39 1.68 -7.13
N MET A 30 12.03 1.92 -5.88
CA MET A 30 12.24 0.94 -4.81
C MET A 30 10.97 0.14 -4.54
N ARG A 31 10.81 -0.97 -5.24
CA ARG A 31 9.64 -1.82 -5.07
C ARG A 31 9.80 -2.79 -3.90
N LEU A 32 8.69 -3.06 -3.22
CA LEU A 32 8.69 -3.99 -2.09
C LEU A 32 7.77 -5.17 -2.38
N ARG A 33 7.93 -6.24 -1.61
CA ARG A 33 7.11 -7.43 -1.79
C ARG A 33 6.06 -7.54 -0.69
N ILE A 34 4.88 -8.04 -1.04
CA ILE A 34 3.80 -8.21 -0.07
C ILE A 34 2.99 -9.45 -0.41
N ARG A 35 3.27 -10.53 0.33
CA ARG A 35 2.57 -11.80 0.09
C ARG A 35 1.45 -12.04 1.11
N PHE A 36 0.49 -12.85 0.70
CA PHE A 36 -0.65 -13.21 1.53
C PHE A 36 -0.88 -14.72 1.45
N GLU A 37 -1.26 -15.32 2.56
CA GLU A 37 -1.49 -16.77 2.62
C GLU A 37 -2.26 -17.30 1.40
N SER A 38 -3.11 -16.46 0.82
CA SER A 38 -3.91 -16.88 -0.32
C SER A 38 -3.75 -15.94 -1.52
N ALA A 39 -2.67 -15.17 -1.56
CA ALA A 39 -2.45 -14.25 -2.67
C ALA A 39 -1.14 -13.48 -2.52
N GLU A 40 -0.60 -13.01 -3.65
CA GLU A 40 0.66 -12.26 -3.64
C GLU A 40 0.72 -11.23 -4.78
N CYS A 41 1.42 -10.11 -4.53
CA CYS A 41 1.56 -9.05 -5.54
C CYS A 41 2.70 -8.10 -5.18
N GLU A 42 3.33 -7.52 -6.20
CA GLU A 42 4.44 -6.59 -5.97
C GLU A 42 4.02 -5.16 -6.26
N VAL A 43 4.72 -4.21 -5.65
CA VAL A 43 4.43 -2.79 -5.84
C VAL A 43 5.70 -1.94 -5.78
N GLU A 44 5.77 -0.94 -6.65
CA GLU A 44 6.93 -0.06 -6.71
C GLU A 44 6.72 1.15 -5.81
N LEU A 45 7.70 2.05 -5.79
CA LEU A 45 7.60 3.24 -4.95
C LEU A 45 8.30 4.44 -5.60
N TYR A 46 7.65 5.59 -5.55
CA TYR A 46 8.20 6.82 -6.13
C TYR A 46 8.40 7.88 -5.05
N GLU A 47 9.50 8.62 -5.15
CA GLU A 47 9.82 9.67 -4.17
C GLU A 47 8.74 10.75 -4.08
N GLU A 48 7.77 10.73 -4.99
CA GLU A 48 6.71 11.74 -5.00
C GLU A 48 6.16 11.98 -3.60
N TRP A 49 6.21 10.95 -2.76
CA TRP A 49 5.75 11.06 -1.39
C TRP A 49 6.80 11.78 -0.55
N ALA A 50 8.03 11.23 -0.54
CA ALA A 50 9.14 11.85 0.19
C ALA A 50 10.22 10.82 0.54
N PRO A 51 11.46 11.01 0.02
CA PRO A 51 12.56 10.09 0.29
C PRO A 51 12.68 9.73 1.78
N GLU A 52 12.33 10.69 2.63
CA GLU A 52 12.40 10.50 4.08
C GLU A 52 11.55 9.31 4.54
N THR A 53 10.27 9.31 4.15
CA THR A 53 9.37 8.21 4.53
C THR A 53 9.80 6.91 3.89
N VAL A 54 10.15 6.97 2.61
CA VAL A 54 10.60 5.80 1.87
C VAL A 54 11.60 4.98 2.67
N ARG A 55 12.40 5.67 3.50
CA ARG A 55 13.39 5.00 4.33
C ARG A 55 12.74 4.07 5.34
N ALA A 56 11.61 4.50 5.89
CA ALA A 56 10.88 3.70 6.87
C ALA A 56 10.37 2.40 6.26
N ILE A 57 9.76 2.50 5.09
CA ILE A 57 9.24 1.32 4.41
C ILE A 57 10.36 0.31 4.20
N ALA A 58 11.48 0.77 3.62
CA ALA A 58 12.63 -0.10 3.39
C ALA A 58 13.20 -0.59 4.71
N ASP A 59 13.01 0.19 5.77
CA ASP A 59 13.50 -0.20 7.09
C ASP A 59 12.66 -1.34 7.66
N ALA A 60 11.41 -1.43 7.21
CA ALA A 60 10.48 -2.45 7.67
C ALA A 60 10.42 -3.65 6.70
N LEU A 61 11.59 -4.18 6.34
CA LEU A 61 11.66 -5.33 5.43
C LEU A 61 10.95 -6.54 6.07
N PRO A 62 11.21 -7.82 5.66
CA PRO A 62 10.53 -8.97 6.23
C PRO A 62 10.08 -8.78 7.68
N ILE A 63 8.79 -8.53 7.84
CA ILE A 63 8.18 -8.32 9.16
C ILE A 63 6.78 -8.89 9.18
N LYS A 64 6.31 -9.33 10.34
CA LYS A 64 4.98 -9.91 10.47
C LYS A 64 3.92 -8.83 10.68
N SER A 65 2.81 -8.99 9.99
CA SER A 65 1.69 -8.06 10.08
C SER A 65 0.36 -8.80 9.93
N THR A 66 -0.68 -8.29 10.60
CA THR A 66 -1.99 -8.92 10.53
C THR A 66 -2.90 -8.16 9.57
N ALA A 67 -3.48 -8.88 8.62
CA ALA A 67 -4.34 -8.28 7.61
C ALA A 67 -5.79 -8.18 8.06
N ASN A 68 -6.40 -7.02 7.77
CA ASN A 68 -7.80 -6.77 8.08
C ASN A 68 -8.61 -6.75 6.79
N ARG A 69 -9.63 -7.60 6.68
CA ARG A 69 -10.42 -7.66 5.46
C ARG A 69 -11.48 -6.56 5.40
N TRP A 70 -11.64 -5.97 4.21
CA TRP A 70 -12.60 -4.90 3.97
C TRP A 70 -13.00 -4.88 2.49
N GLY A 71 -14.24 -4.48 2.21
CA GLY A 71 -14.74 -4.43 0.84
C GLY A 71 -13.67 -4.07 -0.19
N ASP A 72 -13.07 -5.09 -0.78
CA ASP A 72 -12.03 -4.89 -1.78
C ASP A 72 -10.93 -3.95 -1.29
N GLU A 73 -10.77 -3.88 0.03
CA GLU A 73 -9.77 -3.03 0.64
C GLU A 73 -9.05 -3.78 1.75
N ILE A 74 -7.73 -3.62 1.83
CA ILE A 74 -6.96 -4.30 2.86
C ILE A 74 -5.92 -3.37 3.48
N TYR A 75 -6.03 -3.17 4.78
CA TYR A 75 -5.09 -2.31 5.50
C TYR A 75 -4.52 -3.03 6.72
N PHE A 76 -3.19 -3.05 6.82
CA PHE A 76 -2.51 -3.71 7.92
C PHE A 76 -1.38 -2.85 8.47
N THR A 77 -1.16 -2.92 9.78
CA THR A 77 -0.08 -2.15 10.41
C THR A 77 1.20 -2.98 10.43
N THR A 78 2.34 -2.31 10.38
CA THR A 78 3.63 -3.01 10.38
C THR A 78 4.52 -2.57 11.54
N GLN A 79 3.96 -1.76 12.43
CA GLN A 79 4.70 -1.26 13.60
C GLN A 79 5.54 -0.02 13.25
N VAL A 80 5.62 0.31 11.96
CA VAL A 80 6.37 1.48 11.53
C VAL A 80 5.48 2.72 11.60
N ALA A 81 5.81 3.65 12.49
CA ALA A 81 5.02 4.86 12.66
C ALA A 81 5.73 6.10 12.12
N VAL A 82 5.42 6.44 10.88
CA VAL A 82 6.01 7.63 10.24
C VAL A 82 4.90 8.57 9.79
N GLU A 83 4.73 9.68 10.50
CA GLU A 83 3.70 10.66 10.16
C GLU A 83 4.29 11.97 9.67
N LYS A 84 3.86 12.39 8.48
CA LYS A 84 4.34 13.64 7.89
C LYS A 84 3.18 14.36 7.19
N GLU A 85 3.38 15.64 6.87
CA GLU A 85 2.34 16.43 6.20
C GLU A 85 2.77 16.81 4.79
N GLU A 86 2.43 15.96 3.82
CA GLU A 86 2.78 16.21 2.43
C GLU A 86 2.06 15.22 1.51
N ASN A 87 1.90 15.60 0.24
CA ASN A 87 1.24 14.73 -0.73
C ASN A 87 -0.22 14.49 -0.36
N SER A 88 -0.43 13.56 0.56
CA SER A 88 -1.78 13.21 1.03
C SER A 88 -2.84 13.38 -0.07
N LYS A 89 -2.99 12.39 -0.95
CA LYS A 89 -4.00 12.47 -2.02
C LYS A 89 -5.22 11.64 -1.67
N ASP A 90 -6.37 12.00 -2.23
CA ASP A 90 -7.62 11.28 -1.96
C ASP A 90 -8.23 10.68 -3.22
N VAL A 91 -7.64 10.95 -4.38
CA VAL A 91 -8.16 10.40 -5.64
C VAL A 91 -7.09 9.66 -6.42
N VAL A 92 -7.47 8.54 -7.02
CA VAL A 92 -6.54 7.73 -7.80
C VAL A 92 -7.26 6.83 -8.81
N GLU A 93 -6.55 6.43 -9.87
CA GLU A 93 -7.14 5.58 -10.89
C GLU A 93 -6.84 4.10 -10.65
N LEU A 94 -7.77 3.26 -11.08
CA LEU A 94 -7.65 1.80 -10.93
C LEU A 94 -6.23 1.31 -11.26
N GLY A 95 -5.62 0.56 -10.34
CA GLY A 95 -4.29 0.02 -10.60
C GLY A 95 -3.20 0.58 -9.69
N ASP A 96 -3.34 1.82 -9.25
CA ASP A 96 -2.33 2.45 -8.40
C ASP A 96 -2.46 2.02 -6.94
N VAL A 97 -1.35 2.13 -6.21
CA VAL A 97 -1.30 1.76 -4.79
C VAL A 97 -1.00 2.99 -3.92
N ALA A 98 -1.45 3.01 -2.66
CA ALA A 98 -1.19 4.15 -1.79
C ALA A 98 -1.15 3.76 -0.33
N TYR A 99 -0.38 4.50 0.47
CA TYR A 99 -0.26 4.22 1.90
C TYR A 99 -1.02 5.26 2.72
N TRP A 100 -1.81 4.78 3.67
CA TRP A 100 -2.60 5.67 4.54
C TRP A 100 -1.68 6.47 5.46
N ILE A 101 -1.73 7.81 5.36
CA ILE A 101 -0.91 8.67 6.19
C ILE A 101 -1.37 8.63 7.65
N PRO A 102 -2.56 9.17 7.97
CA PRO A 102 -3.08 9.17 9.34
C PRO A 102 -3.34 7.75 9.85
N GLY A 103 -2.26 7.06 10.21
CA GLY A 103 -2.37 5.70 10.70
C GLY A 103 -1.22 4.81 10.27
N LYS A 104 -0.38 5.31 9.35
CA LYS A 104 0.76 4.54 8.86
C LYS A 104 0.35 3.15 8.37
N ALA A 105 -0.86 3.07 7.84
CA ALA A 105 -1.39 1.80 7.34
C ALA A 105 -1.46 1.80 5.81
N ILE A 106 -0.93 0.74 5.20
CA ILE A 106 -0.95 0.62 3.74
C ILE A 106 -2.23 -0.05 3.27
N CYS A 107 -2.75 0.38 2.12
CA CYS A 107 -4.00 -0.18 1.60
C CYS A 107 -3.94 -0.46 0.09
N LEU A 108 -4.43 -1.64 -0.32
CA LEU A 108 -4.45 -2.02 -1.74
C LEU A 108 -5.73 -1.51 -2.39
N PHE A 109 -5.73 -1.38 -3.71
CA PHE A 109 -6.90 -0.90 -4.44
C PHE A 109 -7.17 -1.71 -5.69
N PHE A 110 -8.33 -2.37 -5.72
CA PHE A 110 -8.72 -3.18 -6.86
C PHE A 110 -10.21 -3.48 -6.83
N GLY A 111 -11.04 -2.44 -6.69
CA GLY A 111 -12.47 -2.65 -6.64
C GLY A 111 -13.24 -1.49 -6.01
N LYS A 112 -13.23 -1.44 -4.68
CA LYS A 112 -13.95 -0.38 -3.96
C LYS A 112 -13.23 0.01 -2.66
N THR A 113 -13.94 0.79 -1.86
CA THR A 113 -13.44 1.25 -0.56
C THR A 113 -14.62 1.56 0.34
N PRO A 114 -14.38 1.90 1.62
CA PRO A 114 -15.44 2.22 2.58
C PRO A 114 -16.59 3.01 1.95
N ILE A 115 -16.30 3.76 0.89
CA ILE A 115 -17.32 4.56 0.22
C ILE A 115 -17.23 4.48 -1.31
N SER A 116 -17.42 3.29 -1.87
CA SER A 116 -17.37 3.11 -3.32
C SER A 116 -18.32 4.09 -4.00
N ASP A 117 -19.61 3.94 -3.73
CA ASP A 117 -20.65 4.80 -4.30
C ASP A 117 -20.47 4.95 -5.81
N ASP A 118 -19.75 5.99 -6.24
CA ASP A 118 -19.52 6.23 -7.66
C ASP A 118 -18.05 6.05 -8.01
N LYS A 119 -17.18 6.63 -7.19
CA LYS A 119 -15.74 6.54 -7.40
C LYS A 119 -15.07 5.87 -6.21
N ILE A 120 -13.86 5.35 -6.43
CA ILE A 120 -13.11 4.68 -5.37
C ILE A 120 -12.44 5.70 -4.46
N ARG A 121 -13.02 5.90 -3.28
CA ARG A 121 -12.46 6.82 -2.31
C ARG A 121 -11.67 6.06 -1.25
N PRO A 122 -10.33 6.01 -1.38
CA PRO A 122 -9.47 5.29 -0.43
C PRO A 122 -9.42 5.97 0.93
N ALA A 123 -9.55 7.30 0.94
CA ALA A 123 -9.51 8.05 2.20
C ALA A 123 -9.58 9.56 1.94
N SER A 124 -9.18 10.35 2.92
CA SER A 124 -9.20 11.80 2.79
C SER A 124 -7.80 12.38 2.65
N ALA A 125 -6.77 11.54 2.81
CA ALA A 125 -5.40 12.02 2.69
C ALA A 125 -4.36 10.89 2.70
N VAL A 126 -4.31 10.12 1.62
CA VAL A 126 -3.33 9.02 1.53
C VAL A 126 -2.35 9.24 0.37
N ASN A 127 -1.09 8.89 0.59
CA ASN A 127 -0.03 9.06 -0.40
C ASN A 127 -0.02 7.93 -1.42
N VAL A 128 0.42 8.24 -2.64
CA VAL A 128 0.53 7.25 -3.70
C VAL A 128 1.86 6.52 -3.57
N ILE A 129 1.90 5.53 -2.68
CA ILE A 129 3.10 4.77 -2.41
C ILE A 129 3.52 3.88 -3.58
N GLY A 130 3.04 4.16 -4.78
CA GLY A 130 3.41 3.37 -5.94
C GLY A 130 2.22 2.69 -6.60
N ARG A 131 2.48 1.56 -7.26
CA ARG A 131 1.42 0.81 -7.94
C ARG A 131 1.80 -0.65 -8.11
N ILE A 132 0.82 -1.48 -8.47
CA ILE A 132 1.05 -2.90 -8.67
C ILE A 132 1.23 -3.21 -10.15
N VAL A 133 2.42 -3.65 -10.53
CA VAL A 133 2.71 -3.98 -11.93
C VAL A 133 2.56 -5.48 -12.20
N ASN A 134 3.61 -6.24 -11.94
CA ASN A 134 3.59 -7.68 -12.15
C ASN A 134 2.92 -8.40 -10.99
N SER A 135 2.33 -9.56 -11.27
CA SER A 135 1.67 -10.35 -10.24
C SER A 135 0.49 -9.59 -9.64
N MET A 136 -0.18 -8.79 -10.47
CA MET A 136 -1.33 -8.00 -10.02
C MET A 136 -2.33 -8.87 -9.27
N GLU A 137 -3.02 -9.75 -9.99
CA GLU A 137 -3.99 -10.64 -9.38
C GLU A 137 -5.12 -9.86 -8.71
N GLY A 138 -6.01 -10.59 -8.04
CA GLY A 138 -7.13 -9.97 -7.37
C GLY A 138 -7.07 -10.15 -5.86
N LEU A 139 -5.90 -9.91 -5.27
CA LEU A 139 -5.70 -10.07 -3.84
C LEU A 139 -6.88 -9.53 -3.03
N LYS A 140 -7.49 -8.45 -3.51
CA LYS A 140 -8.64 -7.84 -2.82
C LYS A 140 -9.63 -8.91 -2.33
N GLY A 141 -9.61 -10.10 -2.94
CA GLY A 141 -10.51 -11.16 -2.53
C GLY A 141 -9.88 -12.07 -1.49
N VAL A 142 -9.09 -11.47 -0.60
CA VAL A 142 -8.40 -12.21 0.46
C VAL A 142 -9.38 -12.73 1.51
N ALA A 143 -9.02 -13.79 2.22
CA ALA A 143 -9.87 -14.35 3.25
C ALA A 143 -9.86 -13.45 4.49
N ASP A 144 -10.99 -13.37 5.19
CA ASP A 144 -11.09 -12.53 6.38
C ASP A 144 -10.06 -12.91 7.44
N GLY A 145 -9.22 -11.94 7.80
CA GLY A 145 -8.21 -12.17 8.81
C GLY A 145 -7.19 -13.22 8.42
N GLU A 146 -6.01 -12.77 7.99
CA GLU A 146 -4.94 -13.68 7.61
C GLU A 146 -3.57 -13.02 7.75
N SER A 147 -2.55 -13.83 8.03
CA SER A 147 -1.19 -13.33 8.22
C SER A 147 -0.75 -12.44 7.06
N VAL A 148 0.34 -11.70 7.28
CA VAL A 148 0.90 -10.80 6.28
C VAL A 148 2.36 -10.53 6.58
N VAL A 149 3.23 -10.70 5.58
CA VAL A 149 4.66 -10.48 5.77
C VAL A 149 5.22 -9.53 4.72
N VAL A 150 5.56 -8.32 5.15
CA VAL A 150 6.11 -7.30 4.25
C VAL A 150 7.63 -7.50 4.09
N GLU A 151 8.11 -7.54 2.86
CA GLU A 151 9.54 -7.72 2.61
C GLU A 151 9.95 -7.13 1.27
N ARG A 152 11.00 -6.30 1.27
CA ARG A 152 11.49 -5.67 0.05
C ARG A 152 12.22 -6.68 -0.82
N ALA A 153 11.48 -7.35 -1.69
CA ALA A 153 12.04 -8.35 -2.60
C ALA A 153 13.04 -9.25 -1.88
N MET A 23 20.59 16.23 -15.05
CA MET A 23 21.78 15.51 -14.52
C MET A 23 21.41 14.62 -13.32
N GLY A 24 20.99 13.40 -13.62
CA GLY A 24 20.61 12.47 -12.56
C GLY A 24 19.65 11.41 -13.05
N GLU A 25 19.66 10.25 -12.39
CA GLU A 25 18.78 9.15 -12.76
C GLU A 25 17.55 9.11 -11.86
N ARG A 26 17.17 10.26 -11.32
CA ARG A 26 16.00 10.35 -10.45
C ARG A 26 16.15 9.42 -9.24
N GLY A 27 15.05 8.86 -8.75
CA GLY A 27 15.11 7.97 -7.62
C GLY A 27 13.78 7.29 -7.34
N VAL A 28 13.03 7.02 -8.40
CA VAL A 28 11.73 6.36 -8.27
C VAL A 28 11.76 4.96 -8.88
N GLU A 29 12.59 4.09 -8.31
CA GLU A 29 12.71 2.72 -8.80
C GLU A 29 12.89 1.75 -7.64
N MET A 30 12.18 1.99 -6.54
CA MET A 30 12.26 1.13 -5.37
C MET A 30 10.98 0.33 -5.18
N ARG A 31 11.09 -0.99 -5.28
CA ARG A 31 9.93 -1.86 -5.14
C ARG A 31 10.07 -2.81 -3.94
N LEU A 32 8.93 -3.08 -3.30
CA LEU A 32 8.90 -3.99 -2.16
C LEU A 32 7.98 -5.17 -2.45
N ARG A 33 8.11 -6.23 -1.68
CA ARG A 33 7.30 -7.42 -1.86
C ARG A 33 6.21 -7.50 -0.79
N ILE A 34 5.06 -8.04 -1.17
CA ILE A 34 3.94 -8.18 -0.24
C ILE A 34 3.14 -9.44 -0.60
N ARG A 35 3.40 -10.51 0.15
CA ARG A 35 2.71 -11.77 -0.09
C ARG A 35 1.63 -12.04 0.95
N PHE A 36 0.66 -12.87 0.57
CA PHE A 36 -0.44 -13.24 1.45
C PHE A 36 -0.60 -14.75 1.42
N GLU A 37 -0.85 -15.34 2.59
CA GLU A 37 -1.01 -16.78 2.72
C GLU A 37 -1.83 -17.38 1.58
N SER A 38 -2.76 -16.59 1.04
CA SER A 38 -3.62 -17.07 -0.03
C SER A 38 -3.53 -16.18 -1.28
N ALA A 39 -2.43 -15.45 -1.44
CA ALA A 39 -2.28 -14.58 -2.60
C ALA A 39 -0.91 -13.91 -2.68
N GLU A 40 -0.50 -13.56 -3.89
CA GLU A 40 0.79 -12.89 -4.13
C GLU A 40 0.56 -11.48 -4.67
N CYS A 41 1.50 -10.58 -4.41
CA CYS A 41 1.37 -9.19 -4.87
C CYS A 41 2.72 -8.46 -4.85
N GLU A 42 2.87 -7.49 -5.77
CA GLU A 42 4.10 -6.69 -5.84
C GLU A 42 3.77 -5.22 -6.06
N VAL A 43 4.62 -4.32 -5.57
CA VAL A 43 4.37 -2.89 -5.71
C VAL A 43 5.67 -2.08 -5.69
N GLU A 44 5.69 -1.01 -6.50
CA GLU A 44 6.85 -0.13 -6.60
C GLU A 44 6.67 1.08 -5.67
N LEU A 45 7.63 1.99 -5.68
CA LEU A 45 7.54 3.17 -4.82
C LEU A 45 8.26 4.36 -5.44
N TYR A 46 7.59 5.51 -5.40
CA TYR A 46 8.15 6.74 -5.94
C TYR A 46 8.35 7.78 -4.84
N GLU A 47 9.48 8.49 -4.89
CA GLU A 47 9.81 9.51 -3.88
C GLU A 47 8.78 10.63 -3.81
N GLU A 48 7.84 10.68 -4.75
CA GLU A 48 6.83 11.73 -4.77
C GLU A 48 6.27 11.99 -3.37
N TRP A 49 6.25 10.94 -2.54
CA TRP A 49 5.78 11.05 -1.18
C TRP A 49 6.86 11.74 -0.33
N ALA A 50 8.07 11.17 -0.34
CA ALA A 50 9.20 11.74 0.40
C ALA A 50 10.33 10.72 0.58
N PRO A 51 11.51 10.99 -0.01
CA PRO A 51 12.66 10.09 0.11
C PRO A 51 12.91 9.63 1.55
N GLU A 52 12.68 10.54 2.50
CA GLU A 52 12.88 10.23 3.91
C GLU A 52 11.97 9.09 4.37
N THR A 53 10.69 9.20 4.06
CA THR A 53 9.73 8.16 4.45
C THR A 53 10.11 6.82 3.81
N VAL A 54 10.45 6.87 2.53
CA VAL A 54 10.85 5.66 1.80
C VAL A 54 11.86 4.85 2.61
N ARG A 55 12.75 5.57 3.30
CA ARG A 55 13.77 4.92 4.12
C ARG A 55 13.14 4.05 5.21
N ALA A 56 11.98 4.48 5.71
CA ALA A 56 11.28 3.73 6.74
C ALA A 56 10.73 2.42 6.20
N ILE A 57 10.06 2.50 5.04
CA ILE A 57 9.50 1.31 4.42
C ILE A 57 10.61 0.27 4.20
N ALA A 58 11.72 0.71 3.60
CA ALA A 58 12.86 -0.17 3.36
C ALA A 58 13.43 -0.66 4.69
N ASP A 59 13.30 0.15 5.72
CA ASP A 59 13.81 -0.24 7.04
C ASP A 59 12.94 -1.36 7.63
N ALA A 60 11.69 -1.43 7.20
CA ALA A 60 10.75 -2.43 7.68
C ALA A 60 10.64 -3.62 6.70
N LEU A 61 11.78 -4.19 6.34
CA LEU A 61 11.83 -5.35 5.44
C LEU A 61 11.06 -6.53 6.08
N PRO A 62 11.27 -7.82 5.67
CA PRO A 62 10.53 -8.96 6.25
C PRO A 62 10.06 -8.72 7.69
N ILE A 63 8.77 -8.47 7.82
CA ILE A 63 8.14 -8.25 9.11
C ILE A 63 6.73 -8.83 9.11
N LYS A 64 6.27 -9.27 10.27
CA LYS A 64 4.94 -9.88 10.37
C LYS A 64 3.85 -8.83 10.58
N SER A 65 2.77 -8.95 9.81
CA SER A 65 1.64 -8.03 9.90
C SER A 65 0.32 -8.78 9.72
N THR A 66 -0.74 -8.30 10.36
CA THR A 66 -2.05 -8.95 10.26
C THR A 66 -2.95 -8.18 9.28
N ALA A 67 -3.56 -8.92 8.36
CA ALA A 67 -4.41 -8.31 7.35
C ALA A 67 -5.88 -8.25 7.77
N ASN A 68 -6.49 -7.09 7.52
CA ASN A 68 -7.90 -6.87 7.82
C ASN A 68 -8.69 -6.86 6.51
N ARG A 69 -9.69 -7.73 6.37
CA ARG A 69 -10.46 -7.80 5.14
C ARG A 69 -11.58 -6.75 5.09
N TRP A 70 -11.72 -6.12 3.92
CA TRP A 70 -12.74 -5.10 3.70
C TRP A 70 -13.12 -5.06 2.22
N GLY A 71 -14.37 -4.71 1.93
CA GLY A 71 -14.85 -4.66 0.56
C GLY A 71 -13.80 -4.20 -0.44
N ASP A 72 -13.09 -5.17 -1.03
CA ASP A 72 -12.05 -4.88 -2.01
C ASP A 72 -11.01 -3.89 -1.46
N GLU A 73 -10.88 -3.85 -0.15
CA GLU A 73 -9.92 -2.96 0.51
C GLU A 73 -9.19 -3.71 1.62
N ILE A 74 -7.89 -3.48 1.74
CA ILE A 74 -7.09 -4.16 2.76
C ILE A 74 -6.09 -3.21 3.42
N TYR A 75 -6.18 -3.08 4.74
CA TYR A 75 -5.28 -2.22 5.49
C TYR A 75 -4.68 -2.96 6.68
N PHE A 76 -3.36 -3.01 6.73
CA PHE A 76 -2.66 -3.69 7.82
C PHE A 76 -1.53 -2.83 8.38
N THR A 77 -1.30 -2.93 9.68
CA THR A 77 -0.23 -2.16 10.34
C THR A 77 1.05 -2.99 10.35
N THR A 78 2.20 -2.32 10.25
CA THR A 78 3.48 -3.03 10.24
C THR A 78 4.36 -2.63 11.43
N GLN A 79 3.82 -1.82 12.33
CA GLN A 79 4.54 -1.36 13.52
C GLN A 79 5.44 -0.17 13.20
N VAL A 80 5.58 0.18 11.92
CA VAL A 80 6.41 1.32 11.55
C VAL A 80 5.60 2.60 11.59
N ALA A 81 5.96 3.51 12.49
CA ALA A 81 5.23 4.77 12.63
C ALA A 81 5.98 5.93 11.99
N VAL A 82 5.61 6.22 10.74
CA VAL A 82 6.22 7.33 10.00
C VAL A 82 5.14 8.20 9.36
N GLU A 83 4.93 9.38 9.91
CA GLU A 83 3.91 10.29 9.39
C GLU A 83 4.47 11.70 9.17
N LYS A 84 4.17 12.26 8.01
CA LYS A 84 4.63 13.60 7.66
C LYS A 84 3.53 14.36 6.92
N GLU A 85 3.67 15.68 6.81
CA GLU A 85 2.69 16.50 6.12
C GLU A 85 3.14 16.82 4.70
N GLU A 86 2.75 15.97 3.76
CA GLU A 86 3.11 16.15 2.36
C GLU A 86 2.35 15.17 1.47
N ASN A 87 2.22 15.51 0.19
CA ASN A 87 1.53 14.65 -0.76
C ASN A 87 0.05 14.50 -0.38
N SER A 88 -0.21 13.58 0.55
CA SER A 88 -1.57 13.31 1.04
C SER A 88 -2.63 13.52 -0.05
N LYS A 89 -2.82 12.54 -0.93
CA LYS A 89 -3.83 12.66 -1.98
C LYS A 89 -5.07 11.86 -1.61
N ASP A 90 -6.21 12.21 -2.21
CA ASP A 90 -7.47 11.51 -1.92
C ASP A 90 -8.14 10.94 -3.18
N VAL A 91 -7.51 11.14 -4.34
CA VAL A 91 -8.08 10.63 -5.59
C VAL A 91 -7.08 9.76 -6.36
N VAL A 92 -7.56 8.65 -6.90
CA VAL A 92 -6.72 7.73 -7.67
C VAL A 92 -7.56 6.83 -8.55
N GLU A 93 -6.94 6.16 -9.53
CA GLU A 93 -7.68 5.26 -10.41
C GLU A 93 -7.09 3.86 -10.40
N LEU A 94 -7.89 2.88 -10.78
CA LEU A 94 -7.49 1.46 -10.80
C LEU A 94 -6.05 1.28 -11.26
N GLY A 95 -5.27 0.52 -10.48
CA GLY A 95 -3.88 0.26 -10.84
C GLY A 95 -2.87 0.86 -9.88
N ASP A 96 -3.20 2.00 -9.27
CA ASP A 96 -2.28 2.67 -8.35
C ASP A 96 -2.44 2.16 -6.91
N VAL A 97 -1.37 2.34 -6.13
CA VAL A 97 -1.35 1.92 -4.72
C VAL A 97 -1.10 3.13 -3.81
N ALA A 98 -1.58 3.11 -2.56
CA ALA A 98 -1.39 4.25 -1.67
C ALA A 98 -1.24 3.83 -0.22
N TYR A 99 -0.49 4.63 0.55
CA TYR A 99 -0.27 4.35 1.97
C TYR A 99 -1.01 5.37 2.83
N TRP A 100 -1.82 4.90 3.76
CA TRP A 100 -2.59 5.78 4.63
C TRP A 100 -1.65 6.54 5.58
N ILE A 101 -1.56 7.86 5.40
CA ILE A 101 -0.71 8.68 6.24
C ILE A 101 -1.23 8.73 7.68
N PRO A 102 -2.47 9.23 7.90
CA PRO A 102 -3.06 9.30 9.24
C PRO A 102 -3.38 7.92 9.79
N GLY A 103 -2.33 7.12 10.04
CA GLY A 103 -2.52 5.78 10.55
C GLY A 103 -1.35 4.86 10.25
N LYS A 104 -0.43 5.29 9.38
CA LYS A 104 0.75 4.47 9.04
C LYS A 104 0.31 3.11 8.50
N ALA A 105 -0.88 3.06 7.92
CA ALA A 105 -1.40 1.80 7.37
C ALA A 105 -1.49 1.86 5.85
N ILE A 106 -0.98 0.81 5.19
CA ILE A 106 -1.02 0.73 3.73
C ILE A 106 -2.33 0.09 3.26
N CYS A 107 -2.87 0.56 2.15
CA CYS A 107 -4.14 0.02 1.65
C CYS A 107 -4.12 -0.23 0.13
N LEU A 108 -4.58 -1.42 -0.27
CA LEU A 108 -4.64 -1.79 -1.68
C LEU A 108 -5.96 -1.32 -2.29
N PHE A 109 -6.00 -1.22 -3.62
CA PHE A 109 -7.21 -0.79 -4.32
C PHE A 109 -7.48 -1.67 -5.52
N PHE A 110 -8.69 -2.23 -5.59
CA PHE A 110 -9.06 -3.10 -6.70
C PHE A 110 -10.57 -3.29 -6.76
N GLY A 111 -11.32 -2.18 -6.80
CA GLY A 111 -12.78 -2.29 -6.86
C GLY A 111 -13.49 -1.13 -6.19
N LYS A 112 -13.50 -1.13 -4.86
CA LYS A 112 -14.16 -0.07 -4.10
C LYS A 112 -13.63 0.03 -2.67
N THR A 113 -14.09 1.05 -1.94
CA THR A 113 -13.68 1.27 -0.57
C THR A 113 -14.90 1.59 0.29
N PRO A 114 -14.71 1.92 1.58
CA PRO A 114 -15.84 2.25 2.47
C PRO A 114 -16.81 3.23 1.85
N ILE A 115 -16.35 4.00 0.86
CA ILE A 115 -17.21 4.99 0.20
C ILE A 115 -17.08 4.91 -1.31
N SER A 116 -17.56 3.80 -1.90
CA SER A 116 -17.52 3.61 -3.35
C SER A 116 -18.37 4.67 -4.04
N ASP A 117 -19.69 4.49 -3.98
CA ASP A 117 -20.63 5.43 -4.60
C ASP A 117 -20.27 5.72 -6.05
N ASP A 118 -20.10 4.65 -6.84
CA ASP A 118 -19.76 4.79 -8.26
C ASP A 118 -18.33 5.31 -8.44
N LYS A 119 -17.60 5.47 -7.33
CA LYS A 119 -16.23 5.95 -7.37
C LYS A 119 -15.40 5.24 -6.31
N ILE A 120 -14.11 5.55 -6.25
CA ILE A 120 -13.24 4.91 -5.27
C ILE A 120 -12.54 5.95 -4.39
N ARG A 121 -13.15 6.24 -3.25
CA ARG A 121 -12.59 7.19 -2.30
C ARG A 121 -11.86 6.44 -1.20
N PRO A 122 -10.51 6.34 -1.29
CA PRO A 122 -9.70 5.62 -0.30
C PRO A 122 -9.63 6.34 1.04
N ALA A 123 -9.67 7.66 1.01
CA ALA A 123 -9.61 8.45 2.25
C ALA A 123 -9.64 9.95 1.94
N SER A 124 -9.09 10.76 2.84
CA SER A 124 -9.07 12.20 2.66
C SER A 124 -7.64 12.75 2.61
N ALA A 125 -6.65 11.87 2.82
CA ALA A 125 -5.26 12.31 2.79
C ALA A 125 -4.28 11.13 2.78
N VAL A 126 -4.27 10.37 1.69
CA VAL A 126 -3.35 9.24 1.56
C VAL A 126 -2.38 9.41 0.39
N ASN A 127 -1.13 8.98 0.59
CA ASN A 127 -0.09 9.12 -0.43
C ASN A 127 -0.11 7.99 -1.45
N VAL A 128 0.37 8.27 -2.65
CA VAL A 128 0.45 7.27 -3.71
C VAL A 128 1.77 6.51 -3.56
N ILE A 129 1.72 5.47 -2.75
CA ILE A 129 2.90 4.65 -2.44
C ILE A 129 3.35 3.77 -3.61
N GLY A 130 2.99 4.15 -4.84
CA GLY A 130 3.40 3.36 -5.99
C GLY A 130 2.23 2.68 -6.69
N ARG A 131 2.50 1.53 -7.29
CA ARG A 131 1.47 0.79 -8.01
C ARG A 131 1.80 -0.71 -8.07
N ILE A 132 0.81 -1.51 -8.45
CA ILE A 132 1.00 -2.96 -8.55
C ILE A 132 1.22 -3.37 -10.00
N VAL A 133 2.42 -3.87 -10.29
CA VAL A 133 2.76 -4.29 -11.65
C VAL A 133 2.89 -5.82 -11.75
N ASN A 134 4.09 -6.34 -11.45
CA ASN A 134 4.32 -7.78 -11.51
C ASN A 134 3.54 -8.50 -10.41
N SER A 135 3.59 -9.83 -10.44
CA SER A 135 2.88 -10.63 -9.44
C SER A 135 1.39 -10.38 -9.50
N MET A 136 0.61 -11.30 -8.93
CA MET A 136 -0.84 -11.18 -8.93
C MET A 136 -1.28 -9.89 -8.24
N GLU A 137 -2.16 -9.14 -8.91
CA GLU A 137 -2.66 -7.89 -8.36
C GLU A 137 -4.11 -8.01 -7.95
N GLY A 138 -4.50 -9.21 -7.54
CA GLY A 138 -5.87 -9.44 -7.12
C GLY A 138 -5.99 -9.73 -5.63
N LEU A 139 -5.29 -8.93 -4.83
CA LEU A 139 -5.32 -9.09 -3.38
C LEU A 139 -6.75 -9.10 -2.85
N LYS A 140 -7.60 -8.25 -3.42
CA LYS A 140 -9.00 -8.14 -3.01
C LYS A 140 -9.64 -9.51 -2.76
N GLY A 141 -9.12 -10.55 -3.41
CA GLY A 141 -9.68 -11.88 -3.24
C GLY A 141 -9.11 -12.63 -2.05
N VAL A 142 -8.69 -11.90 -1.01
CA VAL A 142 -8.14 -12.51 0.18
C VAL A 142 -9.23 -12.97 1.15
N ALA A 143 -8.93 -13.97 1.98
CA ALA A 143 -9.89 -14.48 2.95
C ALA A 143 -9.93 -13.56 4.18
N ASP A 144 -11.09 -13.46 4.82
CA ASP A 144 -11.23 -12.60 5.99
C ASP A 144 -10.26 -12.98 7.11
N GLY A 145 -9.31 -12.09 7.36
CA GLY A 145 -8.33 -12.32 8.41
C GLY A 145 -7.26 -13.33 8.04
N GLU A 146 -6.08 -12.83 7.67
CA GLU A 146 -4.97 -13.70 7.32
C GLU A 146 -3.63 -12.99 7.52
N SER A 147 -2.58 -13.76 7.76
CA SER A 147 -1.25 -13.21 8.00
C SER A 147 -0.79 -12.33 6.84
N VAL A 148 0.30 -11.61 7.08
CA VAL A 148 0.88 -10.71 6.07
C VAL A 148 2.35 -10.45 6.41
N VAL A 149 3.24 -10.64 5.43
CA VAL A 149 4.66 -10.43 5.64
C VAL A 149 5.25 -9.49 4.59
N VAL A 150 5.59 -8.28 5.01
CA VAL A 150 6.16 -7.28 4.12
C VAL A 150 7.69 -7.48 4.00
N GLU A 151 8.20 -7.54 2.77
CA GLU A 151 9.63 -7.73 2.55
C GLU A 151 10.08 -7.13 1.22
N ARG A 152 11.14 -6.33 1.26
CA ARG A 152 11.66 -5.70 0.05
C ARG A 152 12.41 -6.71 -0.81
N ALA A 153 11.68 -7.38 -1.71
CA ALA A 153 12.26 -8.38 -2.59
C ALA A 153 13.24 -9.29 -1.85
N MET A 23 19.82 -1.51 -11.96
CA MET A 23 19.35 -2.15 -10.70
C MET A 23 19.90 -1.43 -9.48
N GLY A 24 19.01 -1.04 -8.56
CA GLY A 24 19.43 -0.35 -7.36
C GLY A 24 18.38 0.62 -6.86
N GLU A 25 18.81 1.81 -6.45
CA GLU A 25 17.90 2.83 -5.95
C GLU A 25 17.67 3.92 -6.99
N ARG A 26 18.76 4.54 -7.44
CA ARG A 26 18.68 5.61 -8.43
C ARG A 26 17.90 6.80 -7.90
N GLY A 27 16.57 6.70 -7.94
CA GLY A 27 15.74 7.79 -7.44
C GLY A 27 14.29 7.38 -7.27
N VAL A 28 13.65 6.98 -8.36
CA VAL A 28 12.25 6.57 -8.31
C VAL A 28 12.06 5.18 -8.92
N GLU A 29 12.57 4.15 -8.25
CA GLU A 29 12.45 2.78 -8.72
C GLU A 29 12.67 1.78 -7.60
N MET A 30 12.06 2.06 -6.44
CA MET A 30 12.19 1.17 -5.29
C MET A 30 10.91 0.40 -5.05
N ARG A 31 10.95 -0.91 -5.31
CA ARG A 31 9.78 -1.77 -5.14
C ARG A 31 9.94 -2.71 -3.94
N LEU A 32 8.82 -2.97 -3.28
CA LEU A 32 8.80 -3.88 -2.13
C LEU A 32 7.87 -5.05 -2.41
N ARG A 33 8.00 -6.11 -1.63
CA ARG A 33 7.16 -7.30 -1.81
C ARG A 33 6.13 -7.41 -0.69
N ILE A 34 4.95 -7.91 -1.02
CA ILE A 34 3.88 -8.07 -0.04
C ILE A 34 3.07 -9.31 -0.39
N ARG A 35 3.33 -10.40 0.31
CA ARG A 35 2.63 -11.65 0.07
C ARG A 35 1.54 -11.91 1.09
N PHE A 36 0.56 -12.73 0.68
CA PHE A 36 -0.57 -13.10 1.52
C PHE A 36 -0.76 -14.61 1.47
N GLU A 37 -1.09 -15.21 2.60
CA GLU A 37 -1.28 -16.65 2.68
C GLU A 37 -2.08 -17.21 1.50
N SER A 38 -2.95 -16.38 0.93
CA SER A 38 -3.78 -16.81 -0.18
C SER A 38 -3.65 -15.88 -1.39
N ALA A 39 -2.54 -15.13 -1.46
CA ALA A 39 -2.35 -14.21 -2.60
C ALA A 39 -0.96 -13.58 -2.60
N GLU A 40 -0.47 -13.23 -3.79
CA GLU A 40 0.85 -12.62 -3.95
C GLU A 40 0.79 -11.44 -4.92
N CYS A 41 1.55 -10.38 -4.62
CA CYS A 41 1.58 -9.19 -5.48
C CYS A 41 2.76 -8.28 -5.14
N GLU A 42 3.28 -7.57 -6.16
CA GLU A 42 4.41 -6.67 -5.97
C GLU A 42 3.98 -5.22 -6.23
N VAL A 43 4.73 -4.27 -5.67
CA VAL A 43 4.41 -2.86 -5.85
C VAL A 43 5.66 -1.99 -5.78
N GLU A 44 5.74 -1.01 -6.68
CA GLU A 44 6.87 -0.09 -6.73
C GLU A 44 6.59 1.15 -5.90
N LEU A 45 7.51 2.09 -5.88
CA LEU A 45 7.34 3.32 -5.12
C LEU A 45 8.13 4.46 -5.72
N TYR A 46 7.62 5.68 -5.54
CA TYR A 46 8.29 6.88 -6.06
C TYR A 46 8.44 7.93 -4.98
N GLU A 47 9.52 8.70 -5.06
CA GLU A 47 9.81 9.76 -4.08
C GLU A 47 8.70 10.80 -3.98
N GLU A 48 7.71 10.75 -4.87
CA GLU A 48 6.61 11.73 -4.85
C GLU A 48 6.08 11.94 -3.43
N TRP A 49 6.18 10.91 -2.59
CA TRP A 49 5.73 11.01 -1.21
C TRP A 49 6.82 11.71 -0.38
N ALA A 50 8.03 11.15 -0.41
CA ALA A 50 9.17 11.73 0.33
C ALA A 50 10.27 10.70 0.54
N PRO A 51 11.48 10.94 -0.03
CA PRO A 51 12.62 10.02 0.12
C PRO A 51 12.83 9.57 1.57
N GLU A 52 12.57 10.49 2.51
CA GLU A 52 12.74 10.20 3.93
C GLU A 52 11.80 9.09 4.38
N THR A 53 10.53 9.19 4.02
CA THR A 53 9.54 8.18 4.40
C THR A 53 9.90 6.84 3.79
N VAL A 54 10.27 6.84 2.51
CA VAL A 54 10.64 5.61 1.82
C VAL A 54 11.67 4.82 2.61
N ARG A 55 12.55 5.53 3.31
CA ARG A 55 13.59 4.90 4.12
C ARG A 55 12.98 4.00 5.18
N ALA A 56 11.85 4.43 5.75
CA ALA A 56 11.17 3.65 6.79
C ALA A 56 10.63 2.34 6.23
N ILE A 57 9.97 2.41 5.08
CA ILE A 57 9.42 1.22 4.44
C ILE A 57 10.54 0.21 4.22
N ALA A 58 11.64 0.65 3.60
CA ALA A 58 12.79 -0.21 3.34
C ALA A 58 13.38 -0.69 4.65
N ASP A 59 13.24 0.11 5.70
CA ASP A 59 13.76 -0.27 7.01
C ASP A 59 12.93 -1.39 7.62
N ALA A 60 11.67 -1.48 7.20
CA ALA A 60 10.74 -2.50 7.70
C ALA A 60 10.63 -3.68 6.73
N LEU A 61 11.77 -4.24 6.35
CA LEU A 61 11.81 -5.39 5.44
C LEU A 61 11.07 -6.59 6.10
N PRO A 62 11.29 -7.87 5.68
CA PRO A 62 10.58 -9.01 6.26
C PRO A 62 10.15 -8.80 7.72
N ILE A 63 8.85 -8.55 7.89
CA ILE A 63 8.26 -8.32 9.20
C ILE A 63 6.84 -8.89 9.22
N LYS A 64 6.38 -9.32 10.39
CA LYS A 64 5.05 -9.91 10.51
C LYS A 64 3.98 -8.84 10.70
N SER A 65 2.87 -9.01 10.00
CA SER A 65 1.75 -8.08 10.07
C SER A 65 0.42 -8.82 9.90
N THR A 66 -0.62 -8.33 10.55
CA THR A 66 -1.95 -8.96 10.45
C THR A 66 -2.84 -8.19 9.48
N ALA A 67 -3.45 -8.92 8.55
CA ALA A 67 -4.31 -8.32 7.54
C ALA A 67 -5.77 -8.23 7.97
N ASN A 68 -6.36 -7.07 7.71
CA ASN A 68 -7.77 -6.83 8.01
C ASN A 68 -8.57 -6.79 6.71
N ARG A 69 -9.62 -7.62 6.59
CA ARG A 69 -10.40 -7.67 5.36
C ARG A 69 -11.45 -6.56 5.30
N TRP A 70 -11.59 -5.96 4.11
CA TRP A 70 -12.54 -4.87 3.88
C TRP A 70 -12.93 -4.83 2.40
N GLY A 71 -14.16 -4.41 2.12
CA GLY A 71 -14.66 -4.34 0.75
C GLY A 71 -13.59 -4.00 -0.28
N ASP A 72 -13.07 -5.03 -0.95
CA ASP A 72 -12.04 -4.86 -1.97
C ASP A 72 -10.93 -3.93 -1.47
N GLU A 73 -10.70 -3.93 -0.18
CA GLU A 73 -9.67 -3.09 0.44
C GLU A 73 -8.98 -3.86 1.57
N ILE A 74 -7.68 -3.66 1.71
CA ILE A 74 -6.93 -4.35 2.76
C ILE A 74 -5.90 -3.42 3.41
N TYR A 75 -6.00 -3.29 4.73
CA TYR A 75 -5.08 -2.44 5.48
C TYR A 75 -4.51 -3.18 6.68
N PHE A 76 -3.19 -3.11 6.84
CA PHE A 76 -2.51 -3.78 7.95
C PHE A 76 -1.39 -2.91 8.51
N THR A 77 -1.17 -2.99 9.82
CA THR A 77 -0.11 -2.22 10.47
C THR A 77 1.18 -3.02 10.49
N THR A 78 2.31 -2.33 10.45
CA THR A 78 3.61 -3.00 10.45
C THR A 78 4.50 -2.52 11.61
N GLN A 79 3.94 -1.71 12.49
CA GLN A 79 4.68 -1.19 13.65
C GLN A 79 5.56 0.01 13.27
N VAL A 80 5.66 0.31 11.98
CA VAL A 80 6.47 1.44 11.54
C VAL A 80 5.63 2.71 11.55
N ALA A 81 6.01 3.66 12.41
CA ALA A 81 5.27 4.91 12.53
C ALA A 81 6.01 6.08 11.89
N VAL A 82 5.67 6.35 10.63
CA VAL A 82 6.28 7.46 9.89
C VAL A 82 5.19 8.36 9.32
N GLU A 83 5.00 9.54 9.91
CA GLU A 83 3.96 10.45 9.45
C GLU A 83 4.53 11.83 9.12
N LYS A 84 4.10 12.37 7.97
CA LYS A 84 4.53 13.69 7.52
C LYS A 84 3.40 14.40 6.81
N GLU A 85 3.54 15.71 6.60
CA GLU A 85 2.50 16.50 5.93
C GLU A 85 2.90 16.82 4.50
N GLU A 86 2.53 15.95 3.58
CA GLU A 86 2.84 16.13 2.17
C GLU A 86 2.10 15.11 1.31
N ASN A 87 1.97 15.42 0.02
CA ASN A 87 1.30 14.52 -0.91
C ASN A 87 -0.19 14.36 -0.55
N SER A 88 -0.46 13.47 0.40
CA SER A 88 -1.82 13.19 0.87
C SER A 88 -2.88 13.42 -0.22
N LYS A 89 -3.07 12.43 -1.11
CA LYS A 89 -4.08 12.56 -2.16
C LYS A 89 -5.34 11.78 -1.78
N ASP A 90 -6.48 12.16 -2.35
CA ASP A 90 -7.75 11.50 -2.04
C ASP A 90 -8.38 10.82 -3.26
N VAL A 91 -7.81 11.02 -4.45
CA VAL A 91 -8.36 10.40 -5.65
C VAL A 91 -7.28 9.65 -6.43
N VAL A 92 -7.66 8.51 -7.01
CA VAL A 92 -6.72 7.70 -7.78
C VAL A 92 -7.42 6.79 -8.77
N GLU A 93 -6.70 6.40 -9.82
CA GLU A 93 -7.26 5.51 -10.85
C GLU A 93 -7.01 4.04 -10.51
N LEU A 94 -7.92 3.20 -10.99
CA LEU A 94 -7.85 1.75 -10.75
C LEU A 94 -6.46 1.18 -11.05
N GLY A 95 -5.89 0.46 -10.07
CA GLY A 95 -4.58 -0.14 -10.28
C GLY A 95 -3.48 0.43 -9.41
N ASP A 96 -3.57 1.71 -9.09
CA ASP A 96 -2.56 2.38 -8.27
C ASP A 96 -2.59 1.91 -6.82
N VAL A 97 -1.51 2.19 -6.09
CA VAL A 97 -1.39 1.81 -4.68
C VAL A 97 -1.15 3.06 -3.82
N ALA A 98 -1.57 3.04 -2.54
CA ALA A 98 -1.38 4.22 -1.69
C ALA A 98 -1.20 3.83 -0.21
N TYR A 99 -0.48 4.68 0.52
CA TYR A 99 -0.23 4.45 1.94
C TYR A 99 -0.98 5.48 2.79
N TRP A 100 -1.70 4.99 3.81
CA TRP A 100 -2.46 5.87 4.69
C TRP A 100 -1.54 6.66 5.62
N ILE A 101 -1.94 7.89 5.95
CA ILE A 101 -1.13 8.73 6.82
C ILE A 101 -1.60 8.67 8.27
N PRO A 102 -2.91 8.90 8.53
CA PRO A 102 -3.47 8.84 9.88
C PRO A 102 -3.60 7.41 10.38
N GLY A 103 -2.46 6.79 10.66
CA GLY A 103 -2.45 5.42 11.14
C GLY A 103 -1.27 4.62 10.62
N LYS A 104 -0.50 5.21 9.68
CA LYS A 104 0.67 4.53 9.11
C LYS A 104 0.30 3.16 8.59
N ALA A 105 -0.92 3.03 8.07
CA ALA A 105 -1.40 1.77 7.53
C ALA A 105 -1.49 1.82 6.00
N ILE A 106 -0.94 0.80 5.35
CA ILE A 106 -0.96 0.72 3.89
C ILE A 106 -2.26 0.07 3.41
N CYS A 107 -2.70 0.43 2.21
CA CYS A 107 -3.94 -0.13 1.67
C CYS A 107 -3.84 -0.45 0.17
N LEU A 108 -4.33 -1.63 -0.23
CA LEU A 108 -4.30 -2.04 -1.63
C LEU A 108 -5.54 -1.50 -2.35
N PHE A 109 -5.49 -1.48 -3.69
CA PHE A 109 -6.61 -0.98 -4.47
C PHE A 109 -6.90 -1.87 -5.67
N PHE A 110 -8.10 -2.43 -5.69
CA PHE A 110 -8.53 -3.30 -6.78
C PHE A 110 -10.05 -3.34 -6.83
N GLY A 111 -10.67 -2.24 -6.42
CA GLY A 111 -12.12 -2.15 -6.42
C GLY A 111 -12.64 -1.05 -5.51
N LYS A 112 -13.85 -1.23 -5.00
CA LYS A 112 -14.46 -0.23 -4.12
C LYS A 112 -13.56 0.11 -2.93
N THR A 113 -14.12 0.89 -2.02
CA THR A 113 -13.42 1.33 -0.81
C THR A 113 -14.46 1.71 0.24
N PRO A 114 -14.05 2.27 1.39
CA PRO A 114 -15.00 2.67 2.45
C PRO A 114 -16.24 3.36 1.89
N ILE A 115 -16.14 3.94 0.70
CA ILE A 115 -17.26 4.62 0.07
C ILE A 115 -17.24 4.48 -1.46
N SER A 116 -17.83 3.40 -1.96
CA SER A 116 -17.90 3.14 -3.40
C SER A 116 -19.06 3.90 -4.04
N ASP A 117 -19.43 5.04 -3.47
CA ASP A 117 -20.54 5.85 -3.98
C ASP A 117 -20.27 6.33 -5.41
N ASP A 118 -20.48 5.44 -6.38
CA ASP A 118 -20.28 5.76 -7.79
C ASP A 118 -18.80 5.93 -8.14
N LYS A 119 -17.94 5.98 -7.12
CA LYS A 119 -16.51 6.13 -7.35
C LYS A 119 -15.74 5.37 -6.28
N ILE A 120 -14.41 5.49 -6.30
CA ILE A 120 -13.58 4.82 -5.32
C ILE A 120 -12.87 5.83 -4.43
N ARG A 121 -13.44 6.08 -3.25
CA ARG A 121 -12.83 7.01 -2.31
C ARG A 121 -12.09 6.25 -1.22
N PRO A 122 -10.76 6.12 -1.34
CA PRO A 122 -9.94 5.39 -0.37
C PRO A 122 -9.83 6.13 0.96
N ALA A 123 -9.86 7.45 0.91
CA ALA A 123 -9.76 8.26 2.12
C ALA A 123 -9.81 9.75 1.79
N SER A 124 -9.39 10.58 2.73
CA SER A 124 -9.38 12.03 2.54
C SER A 124 -7.95 12.56 2.41
N ALA A 125 -6.96 11.72 2.69
CA ALA A 125 -5.58 12.16 2.60
C ALA A 125 -4.58 10.99 2.60
N VAL A 126 -4.53 10.25 1.50
CA VAL A 126 -3.59 9.12 1.40
C VAL A 126 -2.61 9.32 0.23
N ASN A 127 -1.34 8.95 0.47
CA ASN A 127 -0.28 9.11 -0.53
C ASN A 127 -0.21 7.95 -1.52
N VAL A 128 0.18 8.26 -2.75
CA VAL A 128 0.34 7.24 -3.79
C VAL A 128 1.72 6.61 -3.64
N ILE A 129 1.78 5.47 -2.98
CA ILE A 129 3.04 4.79 -2.73
C ILE A 129 3.49 3.93 -3.92
N GLY A 130 2.99 4.24 -5.11
CA GLY A 130 3.37 3.48 -6.29
C GLY A 130 2.21 2.77 -6.94
N ARG A 131 2.49 1.63 -7.57
CA ARG A 131 1.46 0.85 -8.24
C ARG A 131 1.82 -0.63 -8.29
N ILE A 132 0.84 -1.46 -8.65
CA ILE A 132 1.05 -2.90 -8.75
C ILE A 132 1.24 -3.31 -10.21
N VAL A 133 2.43 -3.78 -10.55
CA VAL A 133 2.72 -4.19 -11.92
C VAL A 133 2.59 -5.71 -12.10
N ASN A 134 3.65 -6.45 -11.78
CA ASN A 134 3.63 -7.90 -11.93
C ASN A 134 2.92 -8.56 -10.74
N SER A 135 1.74 -9.10 -10.99
CA SER A 135 0.96 -9.76 -9.94
C SER A 135 -0.33 -10.34 -10.51
N MET A 136 -1.34 -9.47 -10.68
CA MET A 136 -2.63 -9.90 -11.21
C MET A 136 -3.19 -11.07 -10.40
N GLU A 137 -3.21 -10.92 -9.07
CA GLU A 137 -3.71 -11.97 -8.20
C GLU A 137 -4.91 -11.50 -7.39
N GLY A 138 -5.69 -10.58 -7.97
CA GLY A 138 -6.88 -10.04 -7.31
C GLY A 138 -6.87 -10.18 -5.80
N LEU A 139 -5.75 -9.84 -5.19
CA LEU A 139 -5.60 -9.95 -3.73
C LEU A 139 -6.85 -9.47 -3.00
N LYS A 140 -7.48 -8.43 -3.53
CA LYS A 140 -8.70 -7.88 -2.91
C LYS A 140 -9.65 -8.99 -2.43
N GLY A 141 -9.57 -10.16 -3.07
CA GLY A 141 -10.42 -11.27 -2.69
C GLY A 141 -9.78 -12.16 -1.64
N VAL A 142 -9.06 -11.54 -0.70
CA VAL A 142 -8.39 -12.25 0.38
C VAL A 142 -9.38 -12.77 1.42
N ALA A 143 -9.01 -13.83 2.14
CA ALA A 143 -9.88 -14.37 3.18
C ALA A 143 -9.87 -13.47 4.41
N ASP A 144 -11.00 -13.39 5.10
CA ASP A 144 -11.11 -12.53 6.28
C ASP A 144 -10.11 -12.92 7.37
N GLY A 145 -9.18 -12.01 7.66
CA GLY A 145 -8.18 -12.26 8.68
C GLY A 145 -7.15 -13.29 8.28
N GLU A 146 -5.98 -12.82 7.87
CA GLU A 146 -4.89 -13.71 7.48
C GLU A 146 -3.53 -13.02 7.67
N SER A 147 -2.51 -13.82 7.94
CA SER A 147 -1.15 -13.29 8.16
C SER A 147 -0.70 -12.39 7.01
N VAL A 148 0.39 -11.66 7.25
CA VAL A 148 0.96 -10.75 6.26
C VAL A 148 2.44 -10.49 6.59
N VAL A 149 3.31 -10.65 5.59
CA VAL A 149 4.74 -10.42 5.79
C VAL A 149 5.30 -9.47 4.73
N VAL A 150 5.62 -8.25 5.17
CA VAL A 150 6.19 -7.24 4.26
C VAL A 150 7.69 -7.47 4.08
N GLU A 151 8.16 -7.53 2.84
CA GLU A 151 9.58 -7.74 2.56
C GLU A 151 9.99 -7.12 1.23
N ARG A 152 11.06 -6.35 1.24
CA ARG A 152 11.57 -5.71 0.02
C ARG A 152 12.26 -6.73 -0.88
N ALA A 153 11.50 -7.30 -1.81
CA ALA A 153 12.04 -8.29 -2.74
C ALA A 153 13.01 -9.26 -2.06
N MET A 23 22.84 5.82 1.78
CA MET A 23 23.36 6.89 2.68
C MET A 23 22.36 8.04 2.80
N GLY A 24 22.25 8.84 1.75
CA GLY A 24 21.33 9.96 1.76
C GLY A 24 20.00 9.63 1.13
N GLU A 25 20.03 9.16 -0.12
CA GLU A 25 18.82 8.81 -0.84
C GLU A 25 19.05 7.54 -1.67
N ARG A 26 18.22 7.33 -2.69
CA ARG A 26 18.35 6.16 -3.56
C ARG A 26 17.92 6.50 -4.99
N GLY A 27 16.61 6.64 -5.18
CA GLY A 27 16.08 6.94 -6.51
C GLY A 27 14.59 6.77 -6.60
N VAL A 28 14.03 6.97 -7.79
CA VAL A 28 12.59 6.83 -8.00
C VAL A 28 12.29 5.50 -8.69
N GLU A 29 12.67 4.40 -8.07
CA GLU A 29 12.44 3.08 -8.62
C GLU A 29 12.69 1.99 -7.57
N MET A 30 12.06 2.15 -6.40
CA MET A 30 12.22 1.20 -5.32
C MET A 30 10.94 0.38 -5.12
N ARG A 31 11.04 -0.93 -5.34
CA ARG A 31 9.89 -1.81 -5.20
C ARG A 31 10.01 -2.74 -3.99
N LEU A 32 8.87 -3.02 -3.37
CA LEU A 32 8.81 -3.91 -2.21
C LEU A 32 7.92 -5.11 -2.52
N ARG A 33 8.02 -6.15 -1.70
CA ARG A 33 7.21 -7.34 -1.90
C ARG A 33 6.14 -7.48 -0.81
N ILE A 34 4.99 -8.02 -1.19
CA ILE A 34 3.89 -8.21 -0.25
C ILE A 34 3.15 -9.49 -0.59
N ARG A 35 3.43 -10.55 0.16
CA ARG A 35 2.81 -11.85 -0.08
C ARG A 35 1.69 -12.12 0.94
N PHE A 36 0.76 -12.98 0.52
CA PHE A 36 -0.36 -13.36 1.37
C PHE A 36 -0.55 -14.88 1.31
N GLU A 37 -0.81 -15.48 2.46
CA GLU A 37 -0.99 -16.93 2.55
C GLU A 37 -1.83 -17.49 1.40
N SER A 38 -2.73 -16.66 0.87
CA SER A 38 -3.61 -17.10 -0.22
C SER A 38 -3.54 -16.15 -1.41
N ALA A 39 -2.44 -15.41 -1.53
CA ALA A 39 -2.29 -14.47 -2.65
C ALA A 39 -0.90 -13.85 -2.71
N GLU A 40 -0.48 -13.49 -3.93
CA GLU A 40 0.83 -12.87 -4.15
C GLU A 40 0.69 -11.55 -4.92
N CYS A 41 1.50 -10.55 -4.54
CA CYS A 41 1.44 -9.25 -5.20
C CYS A 41 2.68 -8.40 -4.91
N GLU A 42 3.07 -7.55 -5.87
CA GLU A 42 4.23 -6.69 -5.70
C GLU A 42 3.86 -5.24 -6.01
N VAL A 43 4.65 -4.29 -5.52
CA VAL A 43 4.37 -2.87 -5.75
C VAL A 43 5.64 -2.04 -5.74
N GLU A 44 5.70 -1.06 -6.63
CA GLU A 44 6.85 -0.16 -6.74
C GLU A 44 6.59 1.11 -5.93
N LEU A 45 7.53 2.03 -5.93
CA LEU A 45 7.36 3.28 -5.19
C LEU A 45 8.18 4.41 -5.81
N TYR A 46 7.65 5.63 -5.68
CA TYR A 46 8.32 6.80 -6.22
C TYR A 46 8.50 7.87 -5.13
N GLU A 47 9.58 8.65 -5.24
CA GLU A 47 9.88 9.69 -4.26
C GLU A 47 8.78 10.74 -4.12
N GLU A 48 7.77 10.70 -4.99
CA GLU A 48 6.68 11.67 -4.93
C GLU A 48 6.17 11.86 -3.51
N TRP A 49 6.31 10.84 -2.68
CA TRP A 49 5.87 10.91 -1.29
C TRP A 49 6.95 11.62 -0.47
N ALA A 50 8.18 11.10 -0.50
CA ALA A 50 9.31 11.70 0.21
C ALA A 50 10.39 10.67 0.54
N PRO A 51 11.57 10.76 -0.11
CA PRO A 51 12.68 9.84 0.12
C PRO A 51 12.86 9.49 1.60
N GLU A 52 12.50 10.43 2.48
CA GLU A 52 12.63 10.23 3.91
C GLU A 52 11.74 9.07 4.40
N THR A 53 10.47 9.08 4.01
CA THR A 53 9.55 8.02 4.42
C THR A 53 9.96 6.69 3.81
N VAL A 54 10.29 6.71 2.51
CA VAL A 54 10.72 5.51 1.82
C VAL A 54 11.78 4.74 2.60
N ARG A 55 12.56 5.49 3.39
CA ARG A 55 13.62 4.88 4.19
C ARG A 55 13.04 3.96 5.27
N ALA A 56 11.92 4.37 5.86
CA ALA A 56 11.28 3.57 6.90
C ALA A 56 10.72 2.28 6.31
N ILE A 57 10.04 2.38 5.18
CA ILE A 57 9.48 1.20 4.52
C ILE A 57 10.59 0.18 4.28
N ALA A 58 11.68 0.63 3.66
CA ALA A 58 12.83 -0.24 3.38
C ALA A 58 13.42 -0.75 4.68
N ASP A 59 13.31 0.04 5.75
CA ASP A 59 13.84 -0.37 7.05
C ASP A 59 12.98 -1.50 7.65
N ALA A 60 11.72 -1.55 7.23
CA ALA A 60 10.78 -2.56 7.71
C ALA A 60 10.65 -3.73 6.73
N LEU A 61 11.78 -4.30 6.33
CA LEU A 61 11.79 -5.44 5.39
C LEU A 61 11.04 -6.63 6.03
N PRO A 62 11.24 -7.91 5.60
CA PRO A 62 10.51 -9.05 6.15
C PRO A 62 10.06 -8.85 7.60
N ILE A 63 8.76 -8.61 7.76
CA ILE A 63 8.16 -8.40 9.07
C ILE A 63 6.73 -8.95 9.07
N LYS A 64 6.27 -9.40 10.23
CA LYS A 64 4.93 -9.97 10.33
C LYS A 64 3.87 -8.90 10.57
N SER A 65 2.77 -8.99 9.82
CA SER A 65 1.67 -8.04 9.94
C SER A 65 0.33 -8.76 9.78
N THR A 66 -0.70 -8.26 10.44
CA THR A 66 -2.03 -8.86 10.37
C THR A 66 -2.93 -8.07 9.42
N ALA A 67 -3.54 -8.77 8.47
CA ALA A 67 -4.40 -8.12 7.48
C ALA A 67 -5.86 -8.07 7.90
N ASN A 68 -6.43 -6.87 7.76
CA ASN A 68 -7.85 -6.65 8.08
C ASN A 68 -8.64 -6.66 6.78
N ARG A 69 -9.64 -7.53 6.66
CA ARG A 69 -10.41 -7.62 5.43
C ARG A 69 -11.60 -6.64 5.39
N TRP A 70 -11.77 -6.00 4.24
CA TRP A 70 -12.85 -5.04 4.02
C TRP A 70 -13.14 -4.97 2.52
N GLY A 71 -14.40 -4.71 2.17
CA GLY A 71 -14.80 -4.64 0.75
C GLY A 71 -13.70 -4.09 -0.15
N ASP A 72 -12.84 -4.99 -0.61
CA ASP A 72 -11.72 -4.61 -1.49
C ASP A 72 -10.63 -3.85 -0.71
N GLU A 73 -11.03 -3.06 0.26
CA GLU A 73 -10.09 -2.28 1.07
C GLU A 73 -9.37 -3.19 2.06
N ILE A 74 -8.04 -3.03 2.13
CA ILE A 74 -7.24 -3.83 3.06
C ILE A 74 -6.17 -2.95 3.71
N TYR A 75 -6.13 -2.96 5.03
CA TYR A 75 -5.16 -2.15 5.77
C TYR A 75 -4.55 -2.93 6.93
N PHE A 76 -3.22 -2.93 6.99
CA PHE A 76 -2.50 -3.64 8.05
C PHE A 76 -1.38 -2.78 8.61
N THR A 77 -1.12 -2.92 9.91
CA THR A 77 -0.05 -2.15 10.55
C THR A 77 1.24 -2.98 10.55
N THR A 78 2.39 -2.29 10.47
CA THR A 78 3.67 -2.97 10.45
C THR A 78 4.58 -2.52 11.60
N GLN A 79 4.03 -1.73 12.51
CA GLN A 79 4.77 -1.23 13.67
C GLN A 79 5.65 -0.02 13.29
N VAL A 80 5.71 0.31 12.00
CA VAL A 80 6.51 1.45 11.55
C VAL A 80 5.67 2.72 11.58
N ALA A 81 6.06 3.66 12.45
CA ALA A 81 5.33 4.92 12.58
C ALA A 81 6.06 6.07 11.92
N VAL A 82 5.70 6.34 10.68
CA VAL A 82 6.30 7.43 9.91
C VAL A 82 5.22 8.31 9.29
N GLU A 83 5.03 9.51 9.84
CA GLU A 83 4.00 10.42 9.34
C GLU A 83 4.57 11.80 9.05
N LYS A 84 4.23 12.35 7.89
CA LYS A 84 4.69 13.68 7.50
C LYS A 84 3.58 14.42 6.75
N GLU A 85 3.66 15.75 6.70
CA GLU A 85 2.64 16.55 6.01
C GLU A 85 3.05 16.81 4.56
N GLU A 86 2.66 15.90 3.67
CA GLU A 86 2.99 16.03 2.25
C GLU A 86 2.24 14.97 1.43
N ASN A 87 2.10 15.23 0.13
CA ASN A 87 1.43 14.32 -0.77
C ASN A 87 -0.05 14.19 -0.40
N SER A 88 -0.32 13.32 0.58
CA SER A 88 -1.69 13.08 1.06
C SER A 88 -2.75 13.33 -0.03
N LYS A 89 -2.98 12.34 -0.89
CA LYS A 89 -3.98 12.49 -1.96
C LYS A 89 -5.28 11.78 -1.56
N ASP A 90 -6.39 12.20 -2.15
CA ASP A 90 -7.69 11.60 -1.83
C ASP A 90 -8.34 10.92 -3.04
N VAL A 91 -7.74 11.07 -4.21
CA VAL A 91 -8.29 10.45 -5.43
C VAL A 91 -7.21 9.72 -6.22
N VAL A 92 -7.59 8.60 -6.83
CA VAL A 92 -6.65 7.80 -7.62
C VAL A 92 -7.36 6.92 -8.64
N GLU A 93 -6.64 6.52 -9.68
CA GLU A 93 -7.21 5.66 -10.73
C GLU A 93 -6.94 4.19 -10.47
N LEU A 94 -7.85 3.35 -10.95
CA LEU A 94 -7.74 1.90 -10.79
C LEU A 94 -6.33 1.38 -11.10
N GLY A 95 -5.74 0.66 -10.15
CA GLY A 95 -4.41 0.10 -10.38
C GLY A 95 -3.33 0.66 -9.47
N ASP A 96 -3.45 1.93 -9.09
CA ASP A 96 -2.45 2.56 -8.24
C ASP A 96 -2.55 2.11 -6.77
N VAL A 97 -1.43 2.22 -6.06
CA VAL A 97 -1.35 1.83 -4.64
C VAL A 97 -1.11 3.07 -3.77
N ALA A 98 -1.54 3.04 -2.49
CA ALA A 98 -1.36 4.21 -1.63
C ALA A 98 -1.20 3.83 -0.15
N TYR A 99 -0.43 4.65 0.57
CA TYR A 99 -0.19 4.42 2.00
C TYR A 99 -1.03 5.39 2.83
N TRP A 100 -1.77 4.85 3.80
CA TRP A 100 -2.62 5.69 4.64
C TRP A 100 -1.79 6.57 5.57
N ILE A 101 -1.92 7.89 5.43
CA ILE A 101 -1.16 8.82 6.25
C ILE A 101 -1.60 8.72 7.72
N PRO A 102 -2.81 9.21 8.07
CA PRO A 102 -3.31 9.15 9.46
C PRO A 102 -3.49 7.70 9.94
N GLY A 103 -2.39 7.07 10.33
CA GLY A 103 -2.44 5.70 10.81
C GLY A 103 -1.23 4.90 10.39
N LYS A 104 -0.41 5.44 9.48
CA LYS A 104 0.79 4.74 9.01
C LYS A 104 0.44 3.34 8.52
N ALA A 105 -0.76 3.18 7.99
CA ALA A 105 -1.21 1.88 7.49
C ALA A 105 -1.29 1.86 5.97
N ILE A 106 -0.77 0.80 5.37
CA ILE A 106 -0.78 0.65 3.92
C ILE A 106 -2.05 -0.06 3.47
N CYS A 107 -2.56 0.31 2.30
CA CYS A 107 -3.78 -0.30 1.79
C CYS A 107 -3.72 -0.58 0.29
N LEU A 108 -4.53 -1.54 -0.15
CA LEU A 108 -4.59 -1.93 -1.56
C LEU A 108 -5.93 -1.50 -2.16
N PHE A 109 -5.97 -1.32 -3.49
CA PHE A 109 -7.20 -0.91 -4.16
C PHE A 109 -7.42 -1.71 -5.43
N PHE A 110 -8.60 -2.31 -5.56
CA PHE A 110 -8.94 -3.09 -6.74
C PHE A 110 -10.43 -3.41 -6.77
N GLY A 111 -11.27 -2.39 -6.58
CA GLY A 111 -12.70 -2.59 -6.60
C GLY A 111 -13.48 -1.42 -6.03
N LYS A 112 -13.58 -1.36 -4.70
CA LYS A 112 -14.31 -0.27 -4.05
C LYS A 112 -13.81 -0.04 -2.62
N THR A 113 -14.36 0.98 -1.97
CA THR A 113 -13.99 1.33 -0.62
C THR A 113 -15.22 1.82 0.14
N PRO A 114 -15.08 2.30 1.39
CA PRO A 114 -16.20 2.80 2.17
C PRO A 114 -17.13 3.70 1.36
N ILE A 115 -16.62 4.29 0.29
CA ILE A 115 -17.41 5.18 -0.55
C ILE A 115 -17.26 4.82 -2.04
N SER A 116 -17.93 3.77 -2.47
CA SER A 116 -17.89 3.33 -3.87
C SER A 116 -19.00 4.00 -4.68
N ASP A 117 -19.40 5.19 -4.28
CA ASP A 117 -20.47 5.91 -4.96
C ASP A 117 -20.03 6.39 -6.35
N ASP A 118 -19.97 5.45 -7.30
CA ASP A 118 -19.57 5.76 -8.68
C ASP A 118 -18.07 5.90 -8.83
N LYS A 119 -17.35 5.93 -7.71
CA LYS A 119 -15.89 6.07 -7.74
C LYS A 119 -15.27 5.28 -6.60
N ILE A 120 -13.97 5.48 -6.39
CA ILE A 120 -13.25 4.77 -5.33
C ILE A 120 -12.59 5.76 -4.37
N ARG A 121 -13.17 5.90 -3.19
CA ARG A 121 -12.61 6.79 -2.18
C ARG A 121 -11.82 5.97 -1.16
N PRO A 122 -10.48 5.93 -1.30
CA PRO A 122 -9.63 5.17 -0.40
C PRO A 122 -9.57 5.77 1.00
N ALA A 123 -9.70 7.09 1.09
CA ALA A 123 -9.65 7.78 2.38
C ALA A 123 -9.78 9.29 2.20
N SER A 124 -9.41 10.03 3.24
CA SER A 124 -9.49 11.49 3.19
C SER A 124 -8.10 12.12 3.08
N ALA A 125 -7.05 11.30 3.12
CA ALA A 125 -5.69 11.83 3.04
C ALA A 125 -4.64 10.71 2.98
N VAL A 126 -4.49 10.08 1.83
CA VAL A 126 -3.49 9.01 1.67
C VAL A 126 -2.58 9.27 0.46
N ASN A 127 -1.30 8.93 0.62
CA ASN A 127 -0.30 9.14 -0.43
C ASN A 127 -0.23 7.97 -1.42
N VAL A 128 0.21 8.27 -2.64
CA VAL A 128 0.37 7.25 -3.66
C VAL A 128 1.75 6.62 -3.51
N ILE A 129 1.80 5.46 -2.88
CA ILE A 129 3.06 4.77 -2.63
C ILE A 129 3.49 3.90 -3.80
N GLY A 130 3.00 4.22 -5.00
CA GLY A 130 3.37 3.46 -6.18
C GLY A 130 2.18 2.74 -6.81
N ARG A 131 2.45 1.58 -7.40
CA ARG A 131 1.39 0.80 -8.06
C ARG A 131 1.77 -0.67 -8.15
N ILE A 132 0.78 -1.50 -8.50
CA ILE A 132 0.99 -2.93 -8.64
C ILE A 132 1.15 -3.30 -10.11
N VAL A 133 2.33 -3.79 -10.47
CA VAL A 133 2.60 -4.17 -11.86
C VAL A 133 2.48 -5.67 -12.07
N ASN A 134 3.56 -6.40 -11.81
CA ASN A 134 3.56 -7.86 -11.98
C ASN A 134 2.87 -8.55 -10.80
N SER A 135 2.87 -9.87 -10.83
CA SER A 135 2.24 -10.66 -9.77
C SER A 135 0.73 -10.41 -9.72
N MET A 136 0.01 -11.29 -9.06
CA MET A 136 -1.44 -11.18 -8.94
C MET A 136 -1.84 -9.84 -8.33
N GLU A 137 -2.46 -8.99 -9.14
CA GLU A 137 -2.89 -7.67 -8.68
C GLU A 137 -4.35 -7.70 -8.26
N GLY A 138 -4.74 -8.75 -7.55
CA GLY A 138 -6.12 -8.88 -7.10
C GLY A 138 -6.21 -9.32 -5.65
N LEU A 139 -5.40 -8.71 -4.80
CA LEU A 139 -5.39 -9.05 -3.37
C LEU A 139 -6.82 -9.05 -2.80
N LYS A 140 -7.68 -8.22 -3.38
CA LYS A 140 -9.07 -8.11 -2.94
C LYS A 140 -9.71 -9.48 -2.64
N GLY A 141 -9.17 -10.55 -3.23
CA GLY A 141 -9.73 -11.88 -3.00
C GLY A 141 -9.12 -12.57 -1.79
N VAL A 142 -8.66 -11.79 -0.81
CA VAL A 142 -8.06 -12.35 0.40
C VAL A 142 -9.14 -12.83 1.38
N ALA A 143 -8.79 -13.79 2.23
CA ALA A 143 -9.73 -14.32 3.21
C ALA A 143 -9.79 -13.40 4.43
N ASP A 144 -10.96 -13.29 5.06
CA ASP A 144 -11.12 -12.43 6.22
C ASP A 144 -10.08 -12.75 7.30
N GLY A 145 -9.23 -11.76 7.59
CA GLY A 145 -8.21 -11.93 8.61
C GLY A 145 -7.21 -13.02 8.26
N GLU A 146 -6.06 -12.61 7.74
CA GLU A 146 -5.01 -13.56 7.37
C GLU A 146 -3.63 -12.92 7.49
N SER A 147 -2.64 -13.73 7.86
CA SER A 147 -1.27 -13.24 8.04
C SER A 147 -0.81 -12.38 6.87
N VAL A 148 0.28 -11.65 7.10
CA VAL A 148 0.87 -10.76 6.08
C VAL A 148 2.34 -10.51 6.41
N VAL A 149 3.22 -10.71 5.42
CA VAL A 149 4.64 -10.50 5.63
C VAL A 149 5.22 -9.53 4.59
N VAL A 150 5.54 -8.32 5.04
CA VAL A 150 6.11 -7.30 4.16
C VAL A 150 7.63 -7.50 4.00
N GLU A 151 8.11 -7.55 2.77
CA GLU A 151 9.53 -7.74 2.52
C GLU A 151 9.96 -7.11 1.19
N ARG A 152 11.04 -6.32 1.21
CA ARG A 152 11.54 -5.68 0.00
C ARG A 152 12.29 -6.67 -0.88
N ALA A 153 11.56 -7.30 -1.81
CA ALA A 153 12.14 -8.28 -2.72
C ALA A 153 13.11 -9.21 -2.00
N MET A 23 22.73 12.64 -13.37
CA MET A 23 21.85 11.56 -12.86
C MET A 23 20.46 11.64 -13.46
N GLY A 24 19.64 10.63 -13.19
CA GLY A 24 18.29 10.60 -13.72
C GLY A 24 17.43 9.52 -13.08
N GLU A 25 17.72 9.22 -11.81
CA GLU A 25 16.96 8.19 -11.09
C GLU A 25 16.78 8.59 -9.62
N ARG A 26 17.90 8.85 -8.94
CA ARG A 26 17.87 9.23 -7.53
C ARG A 26 17.31 8.09 -6.68
N GLY A 27 15.98 7.95 -6.67
CA GLY A 27 15.35 6.90 -5.89
C GLY A 27 13.93 6.63 -6.34
N VAL A 28 13.67 6.82 -7.63
CA VAL A 28 12.34 6.58 -8.19
C VAL A 28 12.28 5.24 -8.91
N GLU A 29 12.58 4.17 -8.18
CA GLU A 29 12.56 2.83 -8.74
C GLU A 29 12.76 1.77 -7.66
N MET A 30 12.14 2.02 -6.50
CA MET A 30 12.24 1.08 -5.39
C MET A 30 10.95 0.30 -5.19
N ARG A 31 11.03 -1.01 -5.35
CA ARG A 31 9.85 -1.87 -5.21
C ARG A 31 9.96 -2.78 -3.99
N LEU A 32 8.82 -3.03 -3.35
CA LEU A 32 8.76 -3.91 -2.18
C LEU A 32 7.88 -5.11 -2.48
N ARG A 33 7.99 -6.14 -1.65
CA ARG A 33 7.20 -7.35 -1.84
C ARG A 33 6.13 -7.47 -0.75
N ILE A 34 4.96 -7.99 -1.13
CA ILE A 34 3.87 -8.17 -0.18
C ILE A 34 3.13 -9.46 -0.50
N ARG A 35 3.43 -10.51 0.26
CA ARG A 35 2.81 -11.81 0.03
C ARG A 35 1.66 -12.07 1.01
N PHE A 36 0.76 -12.94 0.60
CA PHE A 36 -0.40 -13.32 1.41
C PHE A 36 -0.61 -14.83 1.35
N GLU A 37 -0.90 -15.43 2.49
CA GLU A 37 -1.11 -16.87 2.58
C GLU A 37 -1.97 -17.41 1.43
N SER A 38 -2.85 -16.56 0.90
CA SER A 38 -3.73 -16.97 -0.18
C SER A 38 -3.63 -16.02 -1.37
N ALA A 39 -2.53 -15.29 -1.49
CA ALA A 39 -2.36 -14.36 -2.61
C ALA A 39 -0.98 -13.70 -2.63
N GLU A 40 -0.52 -13.35 -3.82
CA GLU A 40 0.78 -12.71 -4.00
C GLU A 40 0.69 -11.50 -4.93
N CYS A 41 1.47 -10.45 -4.61
CA CYS A 41 1.45 -9.23 -5.43
C CYS A 41 2.68 -8.35 -5.15
N GLU A 42 3.14 -7.62 -6.16
CA GLU A 42 4.29 -6.74 -6.01
C GLU A 42 3.90 -5.29 -6.29
N VAL A 43 4.66 -4.35 -5.74
CA VAL A 43 4.37 -2.93 -5.93
C VAL A 43 5.66 -2.11 -5.90
N GLU A 44 5.70 -1.06 -6.72
CA GLU A 44 6.86 -0.18 -6.80
C GLU A 44 6.62 1.09 -5.98
N LEU A 45 7.59 2.00 -6.00
CA LEU A 45 7.45 3.24 -5.24
C LEU A 45 8.24 4.37 -5.89
N TYR A 46 7.67 5.57 -5.81
CA TYR A 46 8.31 6.76 -6.39
C TYR A 46 8.48 7.85 -5.33
N GLU A 47 9.56 8.62 -5.44
CA GLU A 47 9.85 9.69 -4.48
C GLU A 47 8.75 10.76 -4.44
N GLU A 48 7.79 10.71 -5.37
CA GLU A 48 6.72 11.69 -5.42
C GLU A 48 6.13 11.95 -4.03
N TRP A 49 6.20 10.94 -3.16
CA TRP A 49 5.69 11.07 -1.80
C TRP A 49 6.73 11.80 -0.95
N ALA A 50 7.95 11.27 -0.91
CA ALA A 50 9.06 11.89 -0.16
C ALA A 50 10.14 10.86 0.20
N PRO A 51 11.37 11.03 -0.34
CA PRO A 51 12.48 10.12 -0.07
C PRO A 51 12.62 9.80 1.42
N GLU A 52 12.33 10.78 2.27
CA GLU A 52 12.43 10.60 3.72
C GLU A 52 11.51 9.49 4.21
N THR A 53 10.24 9.57 3.83
CA THR A 53 9.26 8.56 4.24
C THR A 53 9.64 7.19 3.69
N VAL A 54 10.01 7.16 2.40
CA VAL A 54 10.41 5.91 1.74
C VAL A 54 11.39 5.12 2.59
N ARG A 55 12.22 5.84 3.35
CA ARG A 55 13.23 5.20 4.21
C ARG A 55 12.57 4.26 5.22
N ALA A 56 11.43 4.68 5.76
CA ALA A 56 10.71 3.86 6.75
C ALA A 56 10.23 2.55 6.14
N ILE A 57 9.62 2.64 4.96
CA ILE A 57 9.13 1.45 4.27
C ILE A 57 10.26 0.44 4.11
N ALA A 58 11.40 0.89 3.56
CA ALA A 58 12.56 0.03 3.37
C ALA A 58 13.09 -0.46 4.71
N ASP A 59 12.87 0.33 5.76
CA ASP A 59 13.31 -0.06 7.09
C ASP A 59 12.45 -1.20 7.63
N ALA A 60 11.21 -1.29 7.14
CA ALA A 60 10.27 -2.32 7.56
C ALA A 60 10.27 -3.52 6.61
N LEU A 61 11.46 -4.03 6.31
CA LEU A 61 11.58 -5.20 5.43
C LEU A 61 10.88 -6.42 6.06
N PRO A 62 11.16 -7.70 5.69
CA PRO A 62 10.48 -8.87 6.26
C PRO A 62 10.01 -8.65 7.70
N ILE A 63 8.70 -8.50 7.86
CA ILE A 63 8.08 -8.29 9.16
C ILE A 63 6.68 -8.87 9.15
N LYS A 64 6.22 -9.35 10.31
CA LYS A 64 4.89 -9.94 10.41
C LYS A 64 3.81 -8.90 10.67
N SER A 65 2.70 -9.02 9.95
CA SER A 65 1.58 -8.10 10.09
C SER A 65 0.26 -8.84 9.88
N THR A 66 -0.80 -8.40 10.56
CA THR A 66 -2.11 -9.03 10.43
C THR A 66 -3.01 -8.21 9.52
N ALA A 67 -3.54 -8.85 8.50
CA ALA A 67 -4.41 -8.19 7.52
C ALA A 67 -5.87 -8.13 7.95
N ASN A 68 -6.45 -6.95 7.82
CA ASN A 68 -7.85 -6.73 8.15
C ASN A 68 -8.65 -6.73 6.85
N ARG A 69 -9.71 -7.53 6.76
CA ARG A 69 -10.49 -7.61 5.54
C ARG A 69 -11.65 -6.60 5.49
N TRP A 70 -11.78 -5.94 4.34
CA TRP A 70 -12.83 -4.96 4.10
C TRP A 70 -13.11 -4.88 2.61
N GLY A 71 -14.37 -4.59 2.24
CA GLY A 71 -14.75 -4.51 0.83
C GLY A 71 -13.62 -4.05 -0.08
N ASP A 72 -12.80 -5.00 -0.53
CA ASP A 72 -11.67 -4.71 -1.41
C ASP A 72 -10.52 -4.03 -0.66
N GLU A 73 -10.85 -3.14 0.26
CA GLU A 73 -9.85 -2.42 1.04
C GLU A 73 -9.18 -3.34 2.05
N ILE A 74 -7.85 -3.42 1.98
CA ILE A 74 -7.09 -4.25 2.90
C ILE A 74 -5.99 -3.42 3.57
N TYR A 75 -6.15 -3.19 4.86
CA TYR A 75 -5.18 -2.39 5.62
C TYR A 75 -4.60 -3.16 6.79
N PHE A 76 -3.28 -3.08 6.94
CA PHE A 76 -2.57 -3.76 8.01
C PHE A 76 -1.46 -2.87 8.57
N THR A 77 -1.22 -2.96 9.87
CA THR A 77 -0.17 -2.17 10.50
C THR A 77 1.12 -2.99 10.56
N THR A 78 2.27 -2.31 10.47
CA THR A 78 3.56 -3.00 10.50
C THR A 78 4.45 -2.49 11.62
N GLN A 79 3.90 -1.62 12.47
CA GLN A 79 4.64 -1.05 13.61
C GLN A 79 5.49 0.15 13.19
N VAL A 80 5.57 0.42 11.89
CA VAL A 80 6.34 1.56 11.41
C VAL A 80 5.48 2.81 11.43
N ALA A 81 5.87 3.78 12.26
CA ALA A 81 5.12 5.02 12.39
C ALA A 81 5.83 6.19 11.73
N VAL A 82 5.47 6.47 10.48
CA VAL A 82 6.06 7.58 9.74
C VAL A 82 4.96 8.56 9.31
N GLU A 83 4.92 9.72 9.97
CA GLU A 83 3.91 10.72 9.66
C GLU A 83 4.54 12.04 9.21
N LYS A 84 3.98 12.63 8.15
CA LYS A 84 4.49 13.88 7.62
C LYS A 84 3.38 14.61 6.86
N GLU A 85 3.57 15.91 6.60
CA GLU A 85 2.57 16.69 5.87
C GLU A 85 3.02 16.95 4.44
N GLU A 86 2.72 16.02 3.55
CA GLU A 86 3.10 16.15 2.14
C GLU A 86 2.43 15.06 1.30
N ASN A 87 2.15 15.37 0.03
CA ASN A 87 1.51 14.41 -0.87
C ASN A 87 0.03 14.21 -0.51
N SER A 88 -0.22 13.34 0.47
CA SER A 88 -1.57 13.05 0.94
C SER A 88 -2.63 13.24 -0.15
N LYS A 89 -2.81 12.25 -1.02
CA LYS A 89 -3.82 12.34 -2.09
C LYS A 89 -5.07 11.55 -1.71
N ASP A 90 -6.20 11.93 -2.29
CA ASP A 90 -7.47 11.24 -2.00
C ASP A 90 -8.12 10.64 -3.24
N VAL A 91 -7.52 10.85 -4.41
CA VAL A 91 -8.08 10.29 -5.65
C VAL A 91 -7.04 9.50 -6.43
N VAL A 92 -7.46 8.38 -6.99
CA VAL A 92 -6.55 7.53 -7.78
C VAL A 92 -7.33 6.63 -8.74
N GLU A 93 -6.65 6.16 -9.79
CA GLU A 93 -7.29 5.29 -10.79
C GLU A 93 -7.03 3.82 -10.50
N LEU A 94 -7.98 2.99 -10.91
CA LEU A 94 -7.91 1.54 -10.70
C LEU A 94 -6.52 0.99 -11.05
N GLY A 95 -5.91 0.26 -10.11
CA GLY A 95 -4.60 -0.33 -10.37
C GLY A 95 -3.47 0.24 -9.52
N ASP A 96 -3.57 1.51 -9.14
CA ASP A 96 -2.52 2.13 -8.34
C ASP A 96 -2.60 1.73 -6.86
N VAL A 97 -1.47 1.84 -6.17
CA VAL A 97 -1.39 1.49 -4.74
C VAL A 97 -1.05 2.73 -3.91
N ALA A 98 -1.47 2.77 -2.63
CA ALA A 98 -1.19 3.94 -1.79
C ALA A 98 -1.09 3.57 -0.31
N TYR A 99 -0.29 4.35 0.43
CA TYR A 99 -0.12 4.14 1.86
C TYR A 99 -0.93 5.15 2.65
N TRP A 100 -1.80 4.66 3.53
CA TRP A 100 -2.65 5.53 4.34
C TRP A 100 -1.81 6.34 5.31
N ILE A 101 -1.84 7.68 5.18
CA ILE A 101 -1.09 8.54 6.07
C ILE A 101 -1.67 8.50 7.49
N PRO A 102 -2.86 9.09 7.74
CA PRO A 102 -3.47 9.07 9.07
C PRO A 102 -3.68 7.64 9.58
N GLY A 103 -2.62 7.07 10.15
CA GLY A 103 -2.69 5.72 10.65
C GLY A 103 -1.49 4.88 10.24
N LYS A 104 -0.66 5.42 9.34
CA LYS A 104 0.54 4.71 8.86
C LYS A 104 0.19 3.28 8.44
N ALA A 105 -0.95 3.12 7.79
CA ALA A 105 -1.39 1.81 7.33
C ALA A 105 -1.49 1.73 5.81
N ILE A 106 -0.98 0.63 5.23
CA ILE A 106 -1.01 0.44 3.78
C ILE A 106 -2.36 -0.15 3.36
N CYS A 107 -2.84 0.24 2.18
CA CYS A 107 -4.13 -0.28 1.71
C CYS A 107 -4.13 -0.56 0.19
N LEU A 108 -4.62 -1.75 -0.19
CA LEU A 108 -4.68 -2.14 -1.61
C LEU A 108 -5.98 -1.63 -2.23
N PHE A 109 -5.99 -1.50 -3.56
CA PHE A 109 -7.18 -1.02 -4.26
C PHE A 109 -7.45 -1.83 -5.51
N PHE A 110 -8.58 -2.55 -5.51
CA PHE A 110 -8.96 -3.36 -6.65
C PHE A 110 -10.47 -3.60 -6.69
N GLY A 111 -11.24 -2.56 -6.35
CA GLY A 111 -12.68 -2.68 -6.34
C GLY A 111 -13.37 -1.45 -5.75
N LYS A 112 -13.58 -1.47 -4.44
CA LYS A 112 -14.25 -0.35 -3.76
C LYS A 112 -13.54 0.00 -2.45
N THR A 113 -14.20 0.83 -1.67
CA THR A 113 -13.66 1.28 -0.39
C THR A 113 -14.81 1.62 0.55
N PRO A 114 -14.52 2.10 1.78
CA PRO A 114 -15.56 2.47 2.74
C PRO A 114 -16.66 3.33 2.13
N ILE A 115 -16.39 3.92 0.97
CA ILE A 115 -17.37 4.78 0.31
C ILE A 115 -17.29 4.68 -1.22
N SER A 116 -17.55 3.50 -1.77
CA SER A 116 -17.53 3.30 -3.23
C SER A 116 -18.43 4.33 -3.91
N ASP A 117 -19.74 4.15 -3.76
CA ASP A 117 -20.72 5.04 -4.36
C ASP A 117 -20.63 5.02 -5.89
N ASP A 118 -19.89 5.96 -6.47
CA ASP A 118 -19.72 6.02 -7.92
C ASP A 118 -18.25 5.92 -8.32
N LYS A 119 -17.38 5.90 -7.32
CA LYS A 119 -15.94 5.80 -7.57
C LYS A 119 -15.24 5.09 -6.40
N ILE A 120 -13.93 5.25 -6.31
CA ILE A 120 -13.17 4.61 -5.23
C ILE A 120 -12.48 5.65 -4.35
N ARG A 121 -13.07 5.92 -3.19
CA ARG A 121 -12.49 6.87 -2.27
C ARG A 121 -11.73 6.13 -1.17
N PRO A 122 -10.40 6.03 -1.31
CA PRO A 122 -9.56 5.33 -0.34
C PRO A 122 -9.48 6.05 1.01
N ALA A 123 -9.58 7.37 0.97
CA ALA A 123 -9.53 8.17 2.20
C ALA A 123 -9.55 9.67 1.87
N SER A 124 -9.07 10.49 2.80
CA SER A 124 -9.04 11.93 2.60
C SER A 124 -7.63 12.46 2.49
N ALA A 125 -6.63 11.60 2.72
CA ALA A 125 -5.24 12.03 2.64
C ALA A 125 -4.25 10.87 2.64
N VAL A 126 -4.23 10.09 1.55
CA VAL A 126 -3.30 8.96 1.45
C VAL A 126 -2.31 9.14 0.31
N ASN A 127 -1.07 8.72 0.53
CA ASN A 127 0.01 8.86 -0.46
C ASN A 127 0.00 7.73 -1.49
N VAL A 128 0.48 8.05 -2.70
CA VAL A 128 0.58 7.06 -3.77
C VAL A 128 1.90 6.32 -3.65
N ILE A 129 1.91 5.26 -2.85
CA ILE A 129 3.10 4.47 -2.61
C ILE A 129 3.49 3.63 -3.83
N GLY A 130 2.98 3.98 -5.01
CA GLY A 130 3.31 3.23 -6.21
C GLY A 130 2.11 2.51 -6.79
N ARG A 131 2.37 1.39 -7.47
CA ARG A 131 1.29 0.61 -8.06
C ARG A 131 1.71 -0.85 -8.25
N ILE A 132 0.73 -1.69 -8.57
CA ILE A 132 0.99 -3.12 -8.79
C ILE A 132 1.19 -3.41 -10.28
N VAL A 133 2.41 -3.80 -10.65
CA VAL A 133 2.71 -4.10 -12.04
C VAL A 133 2.88 -5.60 -12.27
N ASN A 134 4.09 -6.12 -12.06
CA ASN A 134 4.37 -7.54 -12.24
C ASN A 134 3.66 -8.36 -11.18
N SER A 135 3.29 -9.58 -11.53
CA SER A 135 2.60 -10.49 -10.59
C SER A 135 1.23 -9.94 -10.21
N MET A 136 0.58 -9.26 -11.16
CA MET A 136 -0.74 -8.69 -10.92
C MET A 136 -1.73 -9.78 -10.50
N GLU A 137 -2.21 -9.69 -9.27
CA GLU A 137 -3.16 -10.67 -8.76
C GLU A 137 -4.45 -10.00 -8.27
N GLY A 138 -5.40 -10.83 -7.85
CA GLY A 138 -6.66 -10.33 -7.36
C GLY A 138 -6.79 -10.42 -5.85
N LEU A 139 -5.72 -10.01 -5.14
CA LEU A 139 -5.70 -10.06 -3.68
C LEU A 139 -7.03 -9.62 -3.08
N LYS A 140 -7.66 -8.62 -3.71
CA LYS A 140 -8.96 -8.11 -3.24
C LYS A 140 -9.90 -9.23 -2.80
N GLY A 141 -9.72 -10.44 -3.34
CA GLY A 141 -10.59 -11.55 -2.98
C GLY A 141 -10.02 -12.41 -1.86
N VAL A 142 -9.37 -11.76 -0.90
CA VAL A 142 -8.77 -12.45 0.23
C VAL A 142 -9.82 -12.83 1.28
N ALA A 143 -9.54 -13.88 2.06
CA ALA A 143 -10.45 -14.33 3.12
C ALA A 143 -10.33 -13.44 4.35
N ASP A 144 -11.43 -13.26 5.08
CA ASP A 144 -11.43 -12.40 6.26
C ASP A 144 -10.29 -12.73 7.22
N GLY A 145 -9.32 -11.82 7.31
CA GLY A 145 -8.20 -11.99 8.21
C GLY A 145 -7.22 -13.07 7.79
N GLU A 146 -6.02 -12.67 7.41
CA GLU A 146 -4.97 -13.61 7.01
C GLU A 146 -3.59 -12.99 7.20
N SER A 147 -2.64 -13.79 7.70
CA SER A 147 -1.27 -13.32 7.94
C SER A 147 -0.77 -12.42 6.81
N VAL A 148 0.27 -11.66 7.12
CA VAL A 148 0.88 -10.74 6.14
C VAL A 148 2.35 -10.47 6.48
N VAL A 149 3.23 -10.65 5.50
CA VAL A 149 4.66 -10.43 5.72
C VAL A 149 5.23 -9.47 4.68
N VAL A 150 5.54 -8.25 5.12
CA VAL A 150 6.10 -7.23 4.24
C VAL A 150 7.61 -7.41 4.10
N GLU A 151 8.11 -7.44 2.86
CA GLU A 151 9.54 -7.62 2.62
C GLU A 151 9.96 -6.99 1.29
N ARG A 152 11.00 -6.17 1.32
CA ARG A 152 11.51 -5.52 0.10
C ARG A 152 12.28 -6.52 -0.75
N ALA A 153 11.56 -7.20 -1.64
CA ALA A 153 12.16 -8.19 -2.53
C ALA A 153 13.16 -9.08 -1.80
N MET A 23 11.19 12.80 -16.69
CA MET A 23 10.85 11.93 -15.53
C MET A 23 12.11 11.32 -14.92
N GLY A 24 12.06 11.05 -13.62
CA GLY A 24 13.20 10.47 -12.94
C GLY A 24 13.87 11.45 -11.99
N GLU A 25 13.87 11.11 -10.70
CA GLU A 25 14.48 11.97 -9.69
C GLU A 25 15.64 11.25 -9.01
N ARG A 26 16.34 10.40 -9.75
CA ARG A 26 17.48 9.66 -9.23
C ARG A 26 17.05 8.75 -8.06
N GLY A 27 15.75 8.47 -7.97
CA GLY A 27 15.26 7.62 -6.90
C GLY A 27 13.84 7.14 -7.17
N VAL A 28 13.59 6.68 -8.38
CA VAL A 28 12.26 6.19 -8.75
C VAL A 28 12.33 4.76 -9.30
N GLU A 29 12.58 3.81 -8.41
CA GLU A 29 12.68 2.41 -8.81
C GLU A 29 12.85 1.52 -7.58
N MET A 30 12.19 1.90 -6.48
CA MET A 30 12.27 1.12 -5.25
C MET A 30 10.98 0.34 -5.01
N ARG A 31 11.06 -0.98 -5.20
CA ARG A 31 9.90 -1.84 -5.02
C ARG A 31 10.05 -2.75 -3.80
N LEU A 32 8.92 -3.01 -3.13
CA LEU A 32 8.90 -3.87 -1.96
C LEU A 32 8.03 -5.09 -2.23
N ARG A 33 8.20 -6.14 -1.43
CA ARG A 33 7.42 -7.35 -1.60
C ARG A 33 6.35 -7.47 -0.52
N ILE A 34 5.19 -7.98 -0.89
CA ILE A 34 4.09 -8.15 0.05
C ILE A 34 3.30 -9.41 -0.29
N ARG A 35 3.55 -10.48 0.48
CA ARG A 35 2.88 -11.75 0.25
C ARG A 35 1.74 -12.01 1.23
N PHE A 36 0.83 -12.85 0.80
CA PHE A 36 -0.33 -13.23 1.58
C PHE A 36 -0.52 -14.74 1.51
N GLU A 37 -0.82 -15.35 2.65
CA GLU A 37 -1.02 -16.80 2.73
C GLU A 37 -1.87 -17.33 1.56
N SER A 38 -2.74 -16.49 1.04
CA SER A 38 -3.61 -16.90 -0.05
C SER A 38 -3.51 -15.96 -1.25
N ALA A 39 -2.39 -15.24 -1.35
CA ALA A 39 -2.20 -14.31 -2.48
C ALA A 39 -0.82 -13.66 -2.48
N GLU A 40 -0.34 -13.33 -3.68
CA GLU A 40 0.96 -12.69 -3.83
C GLU A 40 0.89 -11.50 -4.80
N CYS A 41 1.66 -10.45 -4.51
CA CYS A 41 1.67 -9.26 -5.37
C CYS A 41 2.86 -8.36 -5.06
N GLU A 42 3.37 -7.66 -6.09
CA GLU A 42 4.50 -6.75 -5.91
C GLU A 42 4.08 -5.31 -6.18
N VAL A 43 4.81 -4.36 -5.62
CA VAL A 43 4.49 -2.95 -5.81
C VAL A 43 5.76 -2.09 -5.75
N GLU A 44 5.83 -1.11 -6.64
CA GLU A 44 6.97 -0.21 -6.71
C GLU A 44 6.69 1.07 -5.92
N LEU A 45 7.64 2.00 -5.92
CA LEU A 45 7.46 3.26 -5.19
C LEU A 45 8.30 4.36 -5.82
N TYR A 46 7.78 5.58 -5.76
CA TYR A 46 8.49 6.74 -6.31
C TYR A 46 8.61 7.85 -5.27
N GLU A 47 9.71 8.60 -5.34
CA GLU A 47 9.96 9.70 -4.39
C GLU A 47 8.82 10.73 -4.34
N GLU A 48 7.87 10.64 -5.27
CA GLU A 48 6.76 11.60 -5.31
C GLU A 48 6.17 11.82 -3.92
N TRP A 49 6.27 10.82 -3.06
CA TRP A 49 5.77 10.93 -1.69
C TRP A 49 6.80 11.67 -0.84
N ALA A 50 8.03 11.15 -0.80
CA ALA A 50 9.12 11.77 -0.04
C ALA A 50 10.20 10.74 0.33
N PRO A 51 11.42 10.88 -0.21
CA PRO A 51 12.53 9.96 0.08
C PRO A 51 12.68 9.69 1.58
N GLU A 52 12.43 10.70 2.40
CA GLU A 52 12.54 10.58 3.85
C GLU A 52 11.60 9.50 4.38
N THR A 53 10.32 9.60 4.03
CA THR A 53 9.33 8.62 4.47
C THR A 53 9.66 7.23 3.93
N VAL A 54 9.98 7.16 2.64
CA VAL A 54 10.34 5.89 2.00
C VAL A 54 11.32 5.09 2.85
N ARG A 55 12.14 5.80 3.62
CA ARG A 55 13.13 5.16 4.48
C ARG A 55 12.46 4.25 5.51
N ALA A 56 11.31 4.70 6.04
CA ALA A 56 10.59 3.91 7.03
C ALA A 56 10.11 2.59 6.43
N ILE A 57 9.52 2.67 5.25
CA ILE A 57 9.04 1.47 4.57
C ILE A 57 10.18 0.47 4.40
N ALA A 58 11.32 0.96 3.88
CA ALA A 58 12.50 0.12 3.69
C ALA A 58 13.02 -0.36 5.03
N ASP A 59 12.78 0.41 6.09
CA ASP A 59 13.22 0.02 7.42
C ASP A 59 12.37 -1.14 7.96
N ALA A 60 11.14 -1.26 7.45
CA ALA A 60 10.22 -2.29 7.87
C ALA A 60 10.23 -3.50 6.91
N LEU A 61 11.43 -3.99 6.61
CA LEU A 61 11.58 -5.16 5.72
C LEU A 61 10.90 -6.39 6.36
N PRO A 62 11.21 -7.67 5.98
CA PRO A 62 10.55 -8.84 6.55
C PRO A 62 10.06 -8.64 7.98
N ILE A 63 8.76 -8.50 8.13
CA ILE A 63 8.12 -8.32 9.43
C ILE A 63 6.71 -8.90 9.41
N LYS A 64 6.24 -9.39 10.56
CA LYS A 64 4.91 -9.98 10.63
C LYS A 64 3.84 -8.94 10.88
N SER A 65 2.74 -9.05 10.13
CA SER A 65 1.62 -8.12 10.25
C SER A 65 0.29 -8.85 10.06
N THR A 66 -0.76 -8.36 10.72
CA THR A 66 -2.08 -8.98 10.61
C THR A 66 -2.97 -8.17 9.66
N ALA A 67 -3.44 -8.83 8.61
CA ALA A 67 -4.27 -8.18 7.61
C ALA A 67 -5.74 -8.05 8.03
N ASN A 68 -6.26 -6.84 7.87
CA ASN A 68 -7.66 -6.56 8.18
C ASN A 68 -8.45 -6.49 6.87
N ARG A 69 -9.50 -7.31 6.73
CA ARG A 69 -10.27 -7.34 5.49
C ARG A 69 -11.40 -6.31 5.47
N TRP A 70 -11.55 -5.65 4.32
CA TRP A 70 -12.59 -4.65 4.11
C TRP A 70 -12.96 -4.61 2.63
N GLY A 71 -14.22 -4.30 2.33
CA GLY A 71 -14.68 -4.25 0.93
C GLY A 71 -13.62 -3.73 -0.01
N ASP A 72 -12.84 -4.65 -0.59
CA ASP A 72 -11.75 -4.31 -1.51
C ASP A 72 -10.54 -3.75 -0.76
N GLU A 73 -10.79 -2.91 0.24
CA GLU A 73 -9.72 -2.31 1.01
C GLU A 73 -9.12 -3.30 2.00
N ILE A 74 -7.81 -3.21 2.19
CA ILE A 74 -7.10 -4.08 3.12
C ILE A 74 -5.93 -3.32 3.74
N TYR A 75 -6.01 -3.10 5.04
CA TYR A 75 -4.95 -2.36 5.75
C TYR A 75 -4.41 -3.14 6.93
N PHE A 76 -3.08 -3.18 7.03
CA PHE A 76 -2.40 -3.87 8.12
C PHE A 76 -1.33 -2.97 8.72
N THR A 77 -1.16 -3.07 10.04
CA THR A 77 -0.15 -2.26 10.73
C THR A 77 1.16 -3.04 10.83
N THR A 78 2.29 -2.35 10.70
CA THR A 78 3.59 -3.00 10.77
C THR A 78 4.45 -2.44 11.90
N GLN A 79 3.84 -1.60 12.74
CA GLN A 79 4.54 -0.99 13.89
C GLN A 79 5.38 0.21 13.46
N VAL A 80 5.47 0.46 12.16
CA VAL A 80 6.23 1.60 11.67
C VAL A 80 5.39 2.87 11.71
N ALA A 81 5.79 3.83 12.54
CA ALA A 81 5.05 5.07 12.69
C ALA A 81 5.76 6.23 11.98
N VAL A 82 5.21 6.65 10.86
CA VAL A 82 5.77 7.76 10.09
C VAL A 82 4.66 8.69 9.60
N GLU A 83 4.56 9.86 10.22
CA GLU A 83 3.53 10.83 9.85
C GLU A 83 4.13 12.18 9.48
N LYS A 84 3.67 12.74 8.36
CA LYS A 84 4.16 14.04 7.90
C LYS A 84 3.10 14.73 7.05
N GLU A 85 3.27 16.03 6.81
CA GLU A 85 2.31 16.79 6.01
C GLU A 85 2.84 17.01 4.60
N GLU A 86 2.56 16.06 3.71
CA GLU A 86 3.00 16.16 2.33
C GLU A 86 2.35 15.08 1.47
N ASN A 87 2.12 15.37 0.18
CA ASN A 87 1.51 14.41 -0.72
C ASN A 87 0.04 14.17 -0.37
N SER A 88 -0.20 13.31 0.62
CA SER A 88 -1.55 12.99 1.09
C SER A 88 -2.62 13.21 0.01
N LYS A 89 -2.79 12.24 -0.89
CA LYS A 89 -3.81 12.36 -1.95
C LYS A 89 -5.05 11.56 -1.59
N ASP A 90 -6.19 11.94 -2.17
CA ASP A 90 -7.46 11.25 -1.88
C ASP A 90 -8.09 10.65 -3.14
N VAL A 91 -7.49 10.87 -4.30
CA VAL A 91 -8.05 10.34 -5.55
C VAL A 91 -6.99 9.57 -6.34
N VAL A 92 -7.40 8.45 -6.93
CA VAL A 92 -6.49 7.63 -7.72
C VAL A 92 -7.25 6.72 -8.69
N GLU A 93 -6.55 6.27 -9.75
CA GLU A 93 -7.16 5.40 -10.76
C GLU A 93 -6.91 3.93 -10.45
N LEU A 94 -7.84 3.10 -10.91
CA LEU A 94 -7.76 1.65 -10.70
C LEU A 94 -6.37 1.10 -11.05
N GLY A 95 -5.75 0.37 -10.11
CA GLY A 95 -4.45 -0.22 -10.37
C GLY A 95 -3.32 0.35 -9.53
N ASP A 96 -3.43 1.60 -9.11
CA ASP A 96 -2.37 2.23 -8.31
C ASP A 96 -2.45 1.83 -6.85
N VAL A 97 -1.32 1.91 -6.17
CA VAL A 97 -1.23 1.57 -4.74
C VAL A 97 -0.91 2.82 -3.90
N ALA A 98 -1.34 2.86 -2.63
CA ALA A 98 -1.06 4.02 -1.80
C ALA A 98 -0.99 3.66 -0.31
N TYR A 99 -0.12 4.36 0.41
CA TYR A 99 0.04 4.12 1.85
C TYR A 99 -0.78 5.13 2.65
N TRP A 100 -1.47 4.66 3.68
CA TRP A 100 -2.28 5.53 4.51
C TRP A 100 -1.41 6.30 5.50
N ILE A 101 -1.48 7.64 5.45
CA ILE A 101 -0.69 8.48 6.33
C ILE A 101 -1.21 8.46 7.78
N PRO A 102 -2.39 9.06 8.03
CA PRO A 102 -2.99 9.12 9.36
C PRO A 102 -2.70 7.88 10.22
N GLY A 103 -3.18 6.73 9.77
CA GLY A 103 -2.97 5.50 10.52
C GLY A 103 -1.62 4.85 10.25
N LYS A 104 -0.83 5.45 9.35
CA LYS A 104 0.48 4.91 9.02
C LYS A 104 0.36 3.45 8.57
N ALA A 105 -0.81 3.10 8.03
CA ALA A 105 -1.09 1.75 7.57
C ALA A 105 -1.15 1.67 6.04
N ILE A 106 -0.56 0.62 5.47
CA ILE A 106 -0.57 0.44 4.02
C ILE A 106 -1.87 -0.22 3.56
N CYS A 107 -2.32 0.11 2.35
CA CYS A 107 -3.56 -0.47 1.83
C CYS A 107 -3.49 -0.75 0.33
N LEU A 108 -4.31 -1.69 -0.12
CA LEU A 108 -4.39 -2.08 -1.53
C LEU A 108 -5.69 -1.56 -2.14
N PHE A 109 -5.72 -1.44 -3.46
CA PHE A 109 -6.92 -0.94 -4.14
C PHE A 109 -7.24 -1.76 -5.38
N PHE A 110 -8.38 -2.45 -5.36
CA PHE A 110 -8.80 -3.26 -6.49
C PHE A 110 -10.30 -3.12 -6.73
N GLY A 111 -10.86 -1.99 -6.30
CA GLY A 111 -12.27 -1.75 -6.47
C GLY A 111 -12.86 -0.82 -5.42
N LYS A 112 -14.17 -0.97 -5.17
CA LYS A 112 -14.89 -0.14 -4.20
C LYS A 112 -14.07 0.16 -2.93
N THR A 113 -14.60 1.06 -2.09
CA THR A 113 -13.96 1.43 -0.85
C THR A 113 -15.02 1.90 0.14
N PRO A 114 -14.65 2.23 1.39
CA PRO A 114 -15.60 2.69 2.40
C PRO A 114 -16.69 3.59 1.82
N ILE A 115 -16.37 4.30 0.74
CA ILE A 115 -17.33 5.19 0.10
C ILE A 115 -17.39 4.95 -1.42
N SER A 116 -17.61 3.69 -1.81
CA SER A 116 -17.71 3.35 -3.23
C SER A 116 -18.78 4.19 -3.91
N ASP A 117 -20.04 3.80 -3.71
CA ASP A 117 -21.17 4.52 -4.29
C ASP A 117 -21.04 4.59 -5.82
N ASP A 118 -20.46 5.68 -6.32
CA ASP A 118 -20.29 5.85 -7.76
C ASP A 118 -18.82 6.10 -8.12
N LYS A 119 -17.98 6.26 -7.10
CA LYS A 119 -16.56 6.50 -7.32
C LYS A 119 -15.73 5.72 -6.30
N ILE A 120 -14.41 5.92 -6.33
CA ILE A 120 -13.52 5.23 -5.40
C ILE A 120 -12.82 6.21 -4.47
N ARG A 121 -13.09 6.09 -3.18
CA ARG A 121 -12.47 6.95 -2.19
C ARG A 121 -11.70 6.11 -1.17
N PRO A 122 -10.38 6.01 -1.32
CA PRO A 122 -9.53 5.22 -0.42
C PRO A 122 -9.40 5.85 0.96
N ALA A 123 -9.44 7.18 1.01
CA ALA A 123 -9.32 7.90 2.27
C ALA A 123 -9.44 9.41 2.04
N SER A 124 -8.96 10.19 3.01
CA SER A 124 -9.01 11.65 2.91
C SER A 124 -7.61 12.24 2.79
N ALA A 125 -6.58 11.41 2.91
CA ALA A 125 -5.21 11.90 2.80
C ALA A 125 -4.20 10.76 2.77
N VAL A 126 -4.17 10.00 1.67
CA VAL A 126 -3.23 8.88 1.54
C VAL A 126 -2.24 9.11 0.39
N ASN A 127 -1.00 8.70 0.62
CA ASN A 127 0.08 8.89 -0.36
C ASN A 127 0.09 7.78 -1.42
N VAL A 128 0.57 8.12 -2.62
CA VAL A 128 0.68 7.16 -3.71
C VAL A 128 1.98 6.39 -3.56
N ILE A 129 1.94 5.32 -2.78
CA ILE A 129 3.11 4.49 -2.52
C ILE A 129 3.52 3.66 -3.74
N GLY A 130 3.02 4.02 -4.93
CA GLY A 130 3.37 3.28 -6.13
C GLY A 130 2.19 2.54 -6.73
N ARG A 131 2.46 1.40 -7.35
CA ARG A 131 1.41 0.60 -7.97
C ARG A 131 1.81 -0.87 -8.08
N ILE A 132 0.83 -1.71 -8.39
CA ILE A 132 1.07 -3.14 -8.53
C ILE A 132 1.37 -3.50 -9.98
N VAL A 133 2.59 -3.96 -10.24
CA VAL A 133 3.01 -4.34 -11.60
C VAL A 133 2.00 -5.30 -12.22
N ASN A 134 2.07 -6.57 -11.84
CA ASN A 134 1.16 -7.58 -12.37
C ASN A 134 -0.25 -7.37 -11.83
N SER A 135 -1.10 -6.74 -12.64
CA SER A 135 -2.48 -6.46 -12.25
C SER A 135 -3.25 -7.75 -12.00
N MET A 136 -2.76 -8.85 -12.55
CA MET A 136 -3.41 -10.15 -12.40
C MET A 136 -3.60 -10.50 -10.92
N GLU A 137 -2.77 -9.91 -10.06
CA GLU A 137 -2.86 -10.17 -8.63
C GLU A 137 -4.14 -9.57 -8.04
N GLY A 138 -5.14 -10.43 -7.87
CA GLY A 138 -6.42 -10.00 -7.32
C GLY A 138 -6.48 -10.18 -5.81
N LEU A 139 -5.43 -9.77 -5.11
CA LEU A 139 -5.36 -9.90 -3.67
C LEU A 139 -6.69 -9.52 -3.00
N LYS A 140 -7.38 -8.54 -3.60
CA LYS A 140 -8.66 -8.08 -3.07
C LYS A 140 -9.55 -9.25 -2.61
N GLY A 141 -9.34 -10.43 -3.18
CA GLY A 141 -10.14 -11.59 -2.79
C GLY A 141 -9.53 -12.37 -1.65
N VAL A 142 -8.89 -11.66 -0.73
CA VAL A 142 -8.26 -12.29 0.43
C VAL A 142 -9.30 -12.72 1.47
N ALA A 143 -8.98 -13.72 2.27
CA ALA A 143 -9.89 -14.20 3.30
C ALA A 143 -9.89 -13.24 4.49
N ASP A 144 -11.04 -13.08 5.14
CA ASP A 144 -11.15 -12.17 6.27
C ASP A 144 -10.16 -12.52 7.37
N GLY A 145 -9.16 -11.66 7.54
CA GLY A 145 -8.15 -11.87 8.57
C GLY A 145 -7.16 -12.98 8.21
N GLU A 146 -5.97 -12.60 7.78
CA GLU A 146 -4.93 -13.57 7.44
C GLU A 146 -3.54 -12.96 7.61
N SER A 147 -2.57 -13.81 7.94
CA SER A 147 -1.18 -13.37 8.15
C SER A 147 -0.70 -12.45 7.03
N VAL A 148 0.38 -11.73 7.30
CA VAL A 148 0.98 -10.81 6.33
C VAL A 148 2.44 -10.54 6.68
N VAL A 149 3.33 -10.71 5.71
CA VAL A 149 4.76 -10.47 5.95
C VAL A 149 5.33 -9.50 4.92
N VAL A 150 5.61 -8.28 5.38
CA VAL A 150 6.17 -7.23 4.52
C VAL A 150 7.69 -7.40 4.38
N GLU A 151 8.19 -7.42 3.14
CA GLU A 151 9.62 -7.57 2.91
C GLU A 151 10.04 -6.94 1.58
N ARG A 152 11.06 -6.08 1.63
CA ARG A 152 11.55 -5.41 0.42
C ARG A 152 12.39 -6.37 -0.42
N ALA A 153 11.71 -7.07 -1.34
CA ALA A 153 12.38 -8.02 -2.23
C ALA A 153 13.43 -8.85 -1.49
N MET A 23 18.50 4.89 -8.72
CA MET A 23 19.90 4.45 -8.98
C MET A 23 20.15 4.27 -10.47
N GLY A 24 19.45 5.06 -11.28
CA GLY A 24 19.61 4.97 -12.72
C GLY A 24 19.06 6.20 -13.44
N GLU A 25 17.74 6.31 -13.50
CA GLU A 25 17.10 7.44 -14.15
C GLU A 25 17.12 8.68 -13.26
N ARG A 26 16.49 8.57 -12.10
CA ARG A 26 16.44 9.68 -11.15
C ARG A 26 16.42 9.16 -9.72
N GLY A 27 15.28 8.60 -9.32
CA GLY A 27 15.15 8.07 -7.97
C GLY A 27 13.82 7.38 -7.75
N VAL A 28 13.29 6.78 -8.81
CA VAL A 28 12.00 6.08 -8.71
C VAL A 28 12.10 4.66 -9.24
N GLU A 29 12.81 3.80 -8.50
CA GLU A 29 12.98 2.41 -8.91
C GLU A 29 13.05 1.50 -7.68
N MET A 30 12.33 1.87 -6.63
CA MET A 30 12.32 1.08 -5.40
C MET A 30 11.00 0.34 -5.25
N ARG A 31 11.06 -0.99 -5.26
CA ARG A 31 9.87 -1.82 -5.13
C ARG A 31 9.94 -2.73 -3.90
N LEU A 32 8.78 -2.95 -3.29
CA LEU A 32 8.69 -3.82 -2.12
C LEU A 32 7.85 -5.05 -2.45
N ARG A 33 7.93 -6.07 -1.62
CA ARG A 33 7.18 -7.29 -1.83
C ARG A 33 6.10 -7.45 -0.77
N ILE A 34 4.97 -8.03 -1.15
CA ILE A 34 3.86 -8.25 -0.23
C ILE A 34 3.20 -9.59 -0.55
N ARG A 35 3.50 -10.59 0.27
CA ARG A 35 2.95 -11.92 0.07
C ARG A 35 1.81 -12.22 1.03
N PHE A 36 0.94 -13.14 0.63
CA PHE A 36 -0.21 -13.54 1.43
C PHE A 36 -0.41 -15.05 1.33
N GLU A 37 -0.73 -15.66 2.45
CA GLU A 37 -0.95 -17.12 2.50
C GLU A 37 -1.80 -17.61 1.33
N SER A 38 -2.68 -16.76 0.83
CA SER A 38 -3.56 -17.14 -0.27
C SER A 38 -3.46 -16.16 -1.44
N ALA A 39 -2.34 -15.44 -1.54
CA ALA A 39 -2.17 -14.48 -2.63
C ALA A 39 -0.80 -13.82 -2.63
N GLU A 40 -0.36 -13.38 -3.80
CA GLU A 40 0.95 -12.73 -3.95
C GLU A 40 0.83 -11.47 -4.82
N CYS A 41 1.60 -10.43 -4.49
CA CYS A 41 1.57 -9.18 -5.26
C CYS A 41 2.80 -8.31 -4.97
N GLU A 42 3.21 -7.52 -5.97
CA GLU A 42 4.36 -6.63 -5.83
C GLU A 42 3.97 -5.20 -6.17
N VAL A 43 4.75 -4.24 -5.68
CA VAL A 43 4.47 -2.83 -5.94
C VAL A 43 5.75 -1.99 -5.88
N GLU A 44 5.83 -0.98 -6.75
CA GLU A 44 6.98 -0.10 -6.80
C GLU A 44 6.76 1.11 -5.90
N LEU A 45 7.73 2.03 -5.88
CA LEU A 45 7.61 3.20 -5.02
C LEU A 45 8.35 4.40 -5.62
N TYR A 46 7.66 5.53 -5.68
CA TYR A 46 8.24 6.76 -6.22
C TYR A 46 8.38 7.80 -5.11
N GLU A 47 9.52 8.49 -5.08
CA GLU A 47 9.78 9.51 -4.05
C GLU A 47 8.75 10.63 -4.03
N GLU A 48 7.86 10.67 -5.02
CA GLU A 48 6.84 11.72 -5.10
C GLU A 48 6.20 11.94 -3.73
N TRP A 49 6.16 10.90 -2.91
CA TRP A 49 5.61 11.00 -1.57
C TRP A 49 6.60 11.72 -0.66
N ALA A 50 7.85 11.22 -0.64
CA ALA A 50 8.91 11.83 0.16
C ALA A 50 10.06 10.85 0.43
N PRO A 51 11.25 11.11 -0.13
CA PRO A 51 12.43 10.24 0.05
C PRO A 51 12.63 9.86 1.52
N GLU A 52 12.38 10.79 2.43
CA GLU A 52 12.55 10.54 3.86
C GLU A 52 11.62 9.44 4.35
N THR A 53 10.34 9.53 3.96
CA THR A 53 9.36 8.51 4.37
C THR A 53 9.73 7.15 3.79
N VAL A 54 10.09 7.13 2.51
CA VAL A 54 10.49 5.90 1.83
C VAL A 54 11.48 5.10 2.69
N ARG A 55 12.36 5.81 3.39
CA ARG A 55 13.36 5.17 4.23
C ARG A 55 12.71 4.25 5.27
N ALA A 56 11.58 4.67 5.82
CA ALA A 56 10.88 3.87 6.83
C ALA A 56 10.37 2.57 6.23
N ILE A 57 9.73 2.66 5.07
CA ILE A 57 9.20 1.47 4.40
C ILE A 57 10.32 0.44 4.21
N ALA A 58 11.46 0.90 3.65
CA ALA A 58 12.61 0.03 3.43
C ALA A 58 13.15 -0.48 4.76
N ASP A 59 12.94 0.30 5.82
CA ASP A 59 13.40 -0.10 7.15
C ASP A 59 12.54 -1.24 7.71
N ALA A 60 11.31 -1.33 7.22
CA ALA A 60 10.35 -2.33 7.66
C ALA A 60 10.30 -3.53 6.72
N LEU A 61 11.48 -4.06 6.36
CA LEU A 61 11.57 -5.23 5.48
C LEU A 61 10.86 -6.44 6.13
N PRO A 62 11.14 -7.73 5.73
CA PRO A 62 10.44 -8.89 6.32
C PRO A 62 10.00 -8.68 7.76
N ILE A 63 8.70 -8.53 7.93
CA ILE A 63 8.09 -8.33 9.25
C ILE A 63 6.68 -8.91 9.25
N LYS A 64 6.23 -9.38 10.42
CA LYS A 64 4.91 -9.98 10.53
C LYS A 64 3.82 -8.92 10.78
N SER A 65 2.73 -9.03 10.03
CA SER A 65 1.62 -8.08 10.16
C SER A 65 0.29 -8.80 9.91
N THR A 66 -0.77 -8.33 10.56
CA THR A 66 -2.09 -8.93 10.40
C THR A 66 -2.94 -8.09 9.45
N ALA A 67 -3.60 -8.75 8.51
CA ALA A 67 -4.41 -8.06 7.52
C ALA A 67 -5.87 -7.92 7.92
N ASN A 68 -6.41 -6.72 7.68
CA ASN A 68 -7.81 -6.44 7.97
C ASN A 68 -8.60 -6.48 6.66
N ARG A 69 -9.59 -7.36 6.54
CA ARG A 69 -10.35 -7.50 5.31
C ARG A 69 -11.56 -6.54 5.26
N TRP A 70 -11.71 -5.87 4.11
CA TRP A 70 -12.80 -4.94 3.89
C TRP A 70 -13.06 -4.81 2.39
N GLY A 71 -14.32 -4.56 2.00
CA GLY A 71 -14.68 -4.44 0.60
C GLY A 71 -13.58 -3.83 -0.25
N ASP A 72 -12.71 -4.67 -0.79
CA ASP A 72 -11.59 -4.22 -1.62
C ASP A 72 -10.51 -3.54 -0.80
N GLU A 73 -10.90 -2.80 0.22
CA GLU A 73 -9.96 -2.10 1.07
C GLU A 73 -9.27 -3.06 2.05
N ILE A 74 -7.95 -2.95 2.12
CA ILE A 74 -7.17 -3.80 3.01
C ILE A 74 -6.07 -2.97 3.68
N TYR A 75 -6.08 -2.93 5.01
CA TYR A 75 -5.09 -2.15 5.75
C TYR A 75 -4.51 -2.96 6.92
N PHE A 76 -3.19 -2.96 7.01
CA PHE A 76 -2.50 -3.67 8.09
C PHE A 76 -1.38 -2.82 8.68
N THR A 77 -1.16 -2.95 9.98
CA THR A 77 -0.11 -2.20 10.66
C THR A 77 1.17 -3.03 10.72
N THR A 78 2.33 -2.37 10.59
CA THR A 78 3.60 -3.08 10.64
C THR A 78 4.49 -2.59 11.78
N GLN A 79 3.94 -1.72 12.63
CA GLN A 79 4.68 -1.19 13.78
C GLN A 79 5.56 0.00 13.38
N VAL A 80 5.68 0.28 12.08
CA VAL A 80 6.49 1.40 11.63
C VAL A 80 5.68 2.69 11.69
N ALA A 81 6.10 3.62 12.55
CA ALA A 81 5.40 4.89 12.69
C ALA A 81 6.04 6.00 11.88
N VAL A 82 5.52 6.20 10.67
CA VAL A 82 6.02 7.24 9.78
C VAL A 82 4.88 8.12 9.27
N GLU A 83 4.80 9.35 9.78
CA GLU A 83 3.74 10.26 9.37
C GLU A 83 4.27 11.68 9.19
N LYS A 84 3.90 12.30 8.06
CA LYS A 84 4.33 13.66 7.77
C LYS A 84 3.27 14.39 6.95
N GLU A 85 3.37 15.71 6.87
CA GLU A 85 2.40 16.50 6.11
C GLU A 85 2.90 16.77 4.68
N GLU A 86 2.59 15.84 3.78
CA GLU A 86 3.00 15.97 2.39
C GLU A 86 2.33 14.91 1.51
N ASN A 87 2.07 15.24 0.25
CA ASN A 87 1.43 14.29 -0.67
C ASN A 87 -0.04 14.11 -0.33
N SER A 88 -0.32 13.22 0.62
CA SER A 88 -1.68 12.91 1.08
C SER A 88 -2.73 13.16 -0.01
N LYS A 89 -2.89 12.20 -0.93
CA LYS A 89 -3.90 12.34 -1.99
C LYS A 89 -5.15 11.54 -1.64
N ASP A 90 -6.29 11.94 -2.21
CA ASP A 90 -7.56 11.27 -1.92
C ASP A 90 -8.18 10.62 -3.17
N VAL A 91 -7.60 10.85 -4.34
CA VAL A 91 -8.14 10.28 -5.57
C VAL A 91 -7.06 9.53 -6.35
N VAL A 92 -7.45 8.42 -6.97
CA VAL A 92 -6.51 7.62 -7.77
C VAL A 92 -7.24 6.73 -8.77
N GLU A 93 -6.53 6.32 -9.83
CA GLU A 93 -7.10 5.47 -10.86
C GLU A 93 -6.82 4.00 -10.60
N LEU A 94 -7.75 3.15 -11.05
CA LEU A 94 -7.64 1.70 -10.88
C LEU A 94 -6.24 1.18 -11.23
N GLY A 95 -5.62 0.44 -10.29
CA GLY A 95 -4.31 -0.12 -10.56
C GLY A 95 -3.19 0.44 -9.68
N ASP A 96 -3.32 1.70 -9.26
CA ASP A 96 -2.29 2.31 -8.43
C ASP A 96 -2.40 1.89 -6.96
N VAL A 97 -1.29 1.98 -6.25
CA VAL A 97 -1.23 1.61 -4.82
C VAL A 97 -1.02 2.87 -3.96
N ALA A 98 -1.49 2.84 -2.70
CA ALA A 98 -1.35 4.01 -1.82
C ALA A 98 -1.27 3.60 -0.35
N TYR A 99 -0.55 4.41 0.43
CA TYR A 99 -0.41 4.15 1.86
C TYR A 99 -1.24 5.13 2.67
N TRP A 100 -1.92 4.63 3.70
CA TRP A 100 -2.75 5.46 4.56
C TRP A 100 -1.90 6.24 5.56
N ILE A 101 -1.78 7.56 5.36
CA ILE A 101 -1.00 8.40 6.26
C ILE A 101 -1.60 8.40 7.67
N PRO A 102 -2.81 8.97 7.85
CA PRO A 102 -3.46 8.99 9.16
C PRO A 102 -3.65 7.59 9.74
N GLY A 103 -2.60 7.04 10.32
CA GLY A 103 -2.66 5.71 10.89
C GLY A 103 -1.43 4.88 10.56
N LYS A 104 -0.54 5.41 9.71
CA LYS A 104 0.68 4.70 9.33
C LYS A 104 0.36 3.28 8.84
N ALA A 105 -0.75 3.15 8.13
CA ALA A 105 -1.20 1.86 7.61
C ALA A 105 -1.21 1.83 6.07
N ILE A 106 -0.68 0.76 5.50
CA ILE A 106 -0.65 0.60 4.04
C ILE A 106 -1.93 -0.08 3.55
N CYS A 107 -2.35 0.21 2.32
CA CYS A 107 -3.57 -0.38 1.78
C CYS A 107 -3.46 -0.71 0.28
N LEU A 108 -4.29 -1.65 -0.16
CA LEU A 108 -4.35 -2.08 -1.57
C LEU A 108 -5.64 -1.62 -2.23
N PHE A 109 -5.65 -1.56 -3.55
CA PHE A 109 -6.84 -1.14 -4.28
C PHE A 109 -7.11 -2.03 -5.50
N PHE A 110 -8.37 -2.42 -5.65
CA PHE A 110 -8.78 -3.26 -6.76
C PHE A 110 -10.31 -3.33 -6.82
N GLY A 111 -10.95 -2.21 -6.47
CA GLY A 111 -12.39 -2.14 -6.48
C GLY A 111 -12.93 -1.05 -5.57
N LYS A 112 -14.15 -1.24 -5.07
CA LYS A 112 -14.78 -0.26 -4.18
C LYS A 112 -13.90 0.08 -2.99
N THR A 113 -14.49 0.83 -2.06
CA THR A 113 -13.81 1.24 -0.84
C THR A 113 -14.86 1.71 0.17
N PRO A 114 -14.45 2.26 1.33
CA PRO A 114 -15.39 2.73 2.35
C PRO A 114 -16.54 3.55 1.75
N ILE A 115 -16.31 4.14 0.57
CA ILE A 115 -17.33 4.93 -0.09
C ILE A 115 -17.31 4.74 -1.61
N SER A 116 -17.70 3.56 -2.08
CA SER A 116 -17.74 3.27 -3.52
C SER A 116 -18.66 4.25 -4.23
N ASP A 117 -19.97 4.01 -4.10
CA ASP A 117 -20.98 4.87 -4.72
C ASP A 117 -20.81 4.88 -6.25
N ASP A 118 -20.12 5.89 -6.77
CA ASP A 118 -19.90 6.00 -8.20
C ASP A 118 -18.41 6.03 -8.54
N LYS A 119 -17.58 6.07 -7.51
CA LYS A 119 -16.13 6.10 -7.69
C LYS A 119 -15.44 5.32 -6.58
N ILE A 120 -14.11 5.44 -6.51
CA ILE A 120 -13.35 4.74 -5.48
C ILE A 120 -12.66 5.73 -4.54
N ARG A 121 -13.21 5.88 -3.34
CA ARG A 121 -12.63 6.78 -2.36
C ARG A 121 -11.88 5.97 -1.30
N PRO A 122 -10.54 5.88 -1.42
CA PRO A 122 -9.72 5.11 -0.48
C PRO A 122 -9.62 5.78 0.89
N ALA A 123 -9.68 7.11 0.91
CA ALA A 123 -9.60 7.87 2.16
C ALA A 123 -9.66 9.37 1.89
N SER A 124 -9.23 10.16 2.87
CA SER A 124 -9.22 11.61 2.73
C SER A 124 -7.81 12.17 2.63
N ALA A 125 -6.80 11.33 2.85
CA ALA A 125 -5.42 11.78 2.78
C ALA A 125 -4.42 10.63 2.74
N VAL A 126 -4.36 9.92 1.61
CA VAL A 126 -3.41 8.81 1.48
C VAL A 126 -2.42 9.04 0.34
N ASN A 127 -1.17 8.64 0.57
CA ASN A 127 -0.09 8.82 -0.39
C ASN A 127 -0.04 7.71 -1.44
N VAL A 128 0.43 8.05 -2.64
CA VAL A 128 0.57 7.08 -3.71
C VAL A 128 1.93 6.37 -3.56
N ILE A 129 1.91 5.22 -2.89
CA ILE A 129 3.12 4.46 -2.64
C ILE A 129 3.56 3.63 -3.85
N GLY A 130 3.14 4.04 -5.04
CA GLY A 130 3.52 3.30 -6.23
C GLY A 130 2.33 2.59 -6.86
N ARG A 131 2.60 1.47 -7.51
CA ARG A 131 1.54 0.70 -8.16
C ARG A 131 1.95 -0.76 -8.35
N ILE A 132 0.97 -1.60 -8.69
CA ILE A 132 1.22 -3.02 -8.92
C ILE A 132 1.45 -3.30 -10.39
N VAL A 133 2.67 -3.71 -10.74
CA VAL A 133 2.99 -3.99 -12.14
C VAL A 133 2.97 -5.49 -12.43
N ASN A 134 4.07 -6.18 -12.18
CA ASN A 134 4.15 -7.62 -12.42
C ASN A 134 3.45 -8.41 -11.33
N SER A 135 2.16 -8.17 -11.16
CA SER A 135 1.37 -8.86 -10.15
C SER A 135 -0.02 -8.25 -10.02
N MET A 136 -0.61 -7.86 -11.14
CA MET A 136 -1.94 -7.27 -11.15
C MET A 136 -3.00 -8.31 -10.85
N GLU A 137 -2.96 -8.85 -9.63
CA GLU A 137 -3.92 -9.87 -9.22
C GLU A 137 -5.14 -9.24 -8.57
N GLY A 138 -5.97 -10.08 -7.94
CA GLY A 138 -7.18 -9.60 -7.30
C GLY A 138 -7.17 -9.88 -5.80
N LEU A 139 -6.05 -9.60 -5.15
CA LEU A 139 -5.90 -9.85 -3.71
C LEU A 139 -7.16 -9.42 -2.94
N LYS A 140 -7.77 -8.32 -3.39
CA LYS A 140 -8.98 -7.81 -2.73
C LYS A 140 -9.96 -8.94 -2.36
N GLY A 141 -9.91 -10.04 -3.10
CA GLY A 141 -10.80 -11.16 -2.82
C GLY A 141 -10.23 -12.12 -1.78
N VAL A 142 -9.49 -11.59 -0.82
CA VAL A 142 -8.89 -12.39 0.24
C VAL A 142 -9.90 -12.73 1.33
N ALA A 143 -9.68 -13.85 2.03
CA ALA A 143 -10.57 -14.25 3.11
C ALA A 143 -10.37 -13.36 4.33
N ASP A 144 -11.44 -13.11 5.08
CA ASP A 144 -11.37 -12.25 6.25
C ASP A 144 -10.28 -12.68 7.23
N GLY A 145 -9.52 -11.69 7.71
CA GLY A 145 -8.45 -11.94 8.68
C GLY A 145 -7.41 -12.95 8.21
N GLU A 146 -6.29 -12.46 7.72
CA GLU A 146 -5.20 -13.32 7.27
C GLU A 146 -3.84 -12.70 7.57
N SER A 147 -2.82 -13.56 7.74
CA SER A 147 -1.47 -13.11 8.04
C SER A 147 -0.88 -12.28 6.89
N VAL A 148 0.11 -11.46 7.22
CA VAL A 148 0.78 -10.61 6.22
C VAL A 148 2.25 -10.40 6.58
N VAL A 149 3.14 -10.65 5.62
CA VAL A 149 4.57 -10.46 5.85
C VAL A 149 5.17 -9.50 4.81
N VAL A 150 5.46 -8.28 5.24
CA VAL A 150 6.03 -7.27 4.36
C VAL A 150 7.54 -7.45 4.22
N GLU A 151 8.03 -7.48 2.97
CA GLU A 151 9.46 -7.65 2.73
C GLU A 151 9.87 -7.03 1.40
N ARG A 152 10.86 -6.13 1.43
CA ARG A 152 11.34 -5.47 0.22
C ARG A 152 12.16 -6.44 -0.63
N ALA A 153 11.50 -7.07 -1.60
CA ALA A 153 12.16 -8.02 -2.49
C ALA A 153 13.14 -8.92 -1.75
N MET A 23 11.98 7.55 -15.55
CA MET A 23 10.60 7.04 -15.34
C MET A 23 9.94 7.70 -14.14
N GLY A 24 10.33 8.94 -13.86
CA GLY A 24 9.77 9.66 -12.73
C GLY A 24 10.27 11.09 -12.64
N GLU A 25 11.12 11.35 -11.65
CA GLU A 25 11.68 12.68 -11.45
C GLU A 25 13.18 12.60 -11.15
N ARG A 26 13.52 12.18 -9.94
CA ARG A 26 14.92 12.07 -9.53
C ARG A 26 15.13 10.86 -8.62
N GLY A 27 14.17 9.93 -8.62
CA GLY A 27 14.29 8.76 -7.78
C GLY A 27 13.02 7.91 -7.78
N VAL A 28 12.96 6.95 -8.70
CA VAL A 28 11.80 6.07 -8.80
C VAL A 28 12.20 4.67 -9.25
N GLU A 29 12.72 3.87 -8.33
CA GLU A 29 13.15 2.51 -8.62
C GLU A 29 13.20 1.66 -7.37
N MET A 30 12.37 2.00 -6.39
CA MET A 30 12.33 1.27 -5.13
C MET A 30 11.03 0.47 -5.00
N ARG A 31 11.14 -0.85 -5.16
CA ARG A 31 9.97 -1.72 -5.06
C ARG A 31 10.04 -2.67 -3.86
N LEU A 32 8.89 -2.94 -3.27
CA LEU A 32 8.80 -3.86 -2.14
C LEU A 32 7.91 -5.05 -2.48
N ARG A 33 8.00 -6.10 -1.68
CA ARG A 33 7.21 -7.30 -1.92
C ARG A 33 6.14 -7.46 -0.83
N ILE A 34 5.00 -8.02 -1.22
CA ILE A 34 3.90 -8.23 -0.29
C ILE A 34 3.19 -9.54 -0.63
N ARG A 35 3.47 -10.58 0.15
CA ARG A 35 2.87 -11.89 -0.08
C ARG A 35 1.73 -12.16 0.90
N PHE A 36 0.83 -13.04 0.48
CA PHE A 36 -0.32 -13.42 1.28
C PHE A 36 -0.52 -14.93 1.19
N GLU A 37 -0.80 -15.55 2.32
CA GLU A 37 -1.00 -17.01 2.38
C GLU A 37 -1.84 -17.52 1.21
N SER A 38 -2.73 -16.68 0.70
CA SER A 38 -3.61 -17.08 -0.40
C SER A 38 -3.52 -16.10 -1.57
N ALA A 39 -2.42 -15.35 -1.66
CA ALA A 39 -2.26 -14.39 -2.75
C ALA A 39 -0.89 -13.73 -2.77
N GLU A 40 -0.45 -13.32 -3.96
CA GLU A 40 0.85 -12.66 -4.13
C GLU A 40 0.70 -11.33 -4.86
N CYS A 41 1.52 -10.35 -4.51
CA CYS A 41 1.45 -9.02 -5.14
C CYS A 41 2.72 -8.21 -4.88
N GLU A 42 3.10 -7.36 -5.85
CA GLU A 42 4.28 -6.51 -5.70
C GLU A 42 3.95 -5.08 -6.09
N VAL A 43 4.75 -4.13 -5.62
CA VAL A 43 4.52 -2.72 -5.92
C VAL A 43 5.80 -1.90 -5.83
N GLU A 44 5.89 -0.86 -6.66
CA GLU A 44 7.04 0.03 -6.69
C GLU A 44 6.79 1.24 -5.79
N LEU A 45 7.75 2.16 -5.74
CA LEU A 45 7.59 3.34 -4.91
C LEU A 45 8.29 4.55 -5.52
N TYR A 46 7.57 5.67 -5.55
CA TYR A 46 8.12 6.91 -6.10
C TYR A 46 8.32 7.94 -4.99
N GLU A 47 9.43 8.68 -5.06
CA GLU A 47 9.76 9.69 -4.04
C GLU A 47 8.67 10.75 -3.89
N GLU A 48 7.68 10.76 -4.78
CA GLU A 48 6.61 11.76 -4.72
C GLU A 48 6.09 11.94 -3.30
N TRP A 49 6.18 10.88 -2.49
CA TRP A 49 5.75 10.95 -1.11
C TRP A 49 6.82 11.65 -0.28
N ALA A 50 8.05 11.12 -0.31
CA ALA A 50 9.18 11.72 0.41
C ALA A 50 10.28 10.69 0.69
N PRO A 51 11.48 10.88 0.11
CA PRO A 51 12.61 9.97 0.31
C PRO A 51 12.79 9.59 1.79
N GLU A 52 12.50 10.54 2.67
CA GLU A 52 12.63 10.33 4.11
C GLU A 52 11.75 9.17 4.58
N THR A 53 10.46 9.24 4.25
CA THR A 53 9.53 8.18 4.65
C THR A 53 9.94 6.85 4.03
N VAL A 54 10.27 6.87 2.75
CA VAL A 54 10.70 5.67 2.03
C VAL A 54 11.74 4.89 2.85
N ARG A 55 12.55 5.62 3.62
CA ARG A 55 13.59 5.01 4.42
C ARG A 55 12.99 4.06 5.47
N ALA A 56 11.85 4.45 6.04
CA ALA A 56 11.19 3.63 7.05
C ALA A 56 10.65 2.34 6.44
N ILE A 57 9.96 2.45 5.32
CA ILE A 57 9.41 1.27 4.65
C ILE A 57 10.51 0.25 4.40
N ALA A 58 11.62 0.70 3.79
CA ALA A 58 12.75 -0.17 3.52
C ALA A 58 13.34 -0.70 4.83
N ASP A 59 13.21 0.08 5.89
CA ASP A 59 13.73 -0.33 7.19
C ASP A 59 12.87 -1.48 7.76
N ALA A 60 11.60 -1.53 7.34
CA ALA A 60 10.67 -2.54 7.81
C ALA A 60 10.55 -3.70 6.81
N LEU A 61 11.70 -4.26 6.42
CA LEU A 61 11.73 -5.40 5.49
C LEU A 61 10.99 -6.61 6.11
N PRO A 62 11.20 -7.89 5.66
CA PRO A 62 10.49 -9.04 6.21
C PRO A 62 10.02 -8.85 7.65
N ILE A 63 8.71 -8.69 7.80
CA ILE A 63 8.09 -8.50 9.10
C ILE A 63 6.69 -9.11 9.10
N LYS A 64 6.21 -9.51 10.28
CA LYS A 64 4.89 -10.11 10.38
C LYS A 64 3.81 -9.04 10.60
N SER A 65 2.75 -9.13 9.82
CA SER A 65 1.64 -8.18 9.90
C SER A 65 0.30 -8.89 9.72
N THR A 66 -0.74 -8.36 10.38
CA THR A 66 -2.08 -8.94 10.28
C THR A 66 -2.95 -8.12 9.34
N ALA A 67 -3.57 -8.80 8.37
CA ALA A 67 -4.41 -8.14 7.39
C ALA A 67 -5.87 -8.08 7.80
N ASN A 68 -6.46 -6.89 7.66
CA ASN A 68 -7.86 -6.67 7.96
C ASN A 68 -8.66 -6.67 6.66
N ARG A 69 -9.75 -7.44 6.59
CA ARG A 69 -10.52 -7.51 5.36
C ARG A 69 -11.69 -6.53 5.32
N TRP A 70 -11.83 -5.85 4.18
CA TRP A 70 -12.91 -4.90 3.95
C TRP A 70 -13.19 -4.78 2.46
N GLY A 71 -14.44 -4.52 2.09
CA GLY A 71 -14.82 -4.40 0.68
C GLY A 71 -13.69 -3.91 -0.22
N ASP A 72 -12.84 -4.84 -0.66
CA ASP A 72 -11.70 -4.52 -1.52
C ASP A 72 -10.59 -3.81 -0.76
N GLU A 73 -10.96 -2.95 0.19
CA GLU A 73 -9.99 -2.21 0.98
C GLU A 73 -9.30 -3.11 2.00
N ILE A 74 -7.98 -3.09 2.00
CA ILE A 74 -7.20 -3.88 2.93
C ILE A 74 -6.14 -3.01 3.60
N TYR A 75 -6.13 -2.99 4.93
CA TYR A 75 -5.16 -2.19 5.66
C TYR A 75 -4.58 -2.95 6.84
N PHE A 76 -3.25 -3.00 6.91
CA PHE A 76 -2.56 -3.69 7.99
C PHE A 76 -1.45 -2.83 8.57
N THR A 77 -1.22 -2.94 9.87
CA THR A 77 -0.16 -2.17 10.53
C THR A 77 1.12 -2.98 10.56
N THR A 78 2.26 -2.30 10.47
CA THR A 78 3.56 -2.98 10.47
C THR A 78 4.45 -2.52 11.62
N GLN A 79 3.89 -1.70 12.51
CA GLN A 79 4.64 -1.18 13.66
C GLN A 79 5.49 0.03 13.30
N VAL A 80 5.58 0.35 12.00
CA VAL A 80 6.36 1.50 11.57
C VAL A 80 5.51 2.77 11.66
N ALA A 81 5.91 3.68 12.55
CA ALA A 81 5.16 4.92 12.75
C ALA A 81 5.88 6.13 12.14
N VAL A 82 5.51 6.45 10.91
CA VAL A 82 6.09 7.60 10.21
C VAL A 82 4.99 8.45 9.59
N GLU A 83 4.74 9.62 10.18
CA GLU A 83 3.69 10.51 9.68
C GLU A 83 4.24 11.90 9.36
N LYS A 84 3.85 12.42 8.20
CA LYS A 84 4.28 13.75 7.77
C LYS A 84 3.18 14.43 6.95
N GLU A 85 3.30 15.74 6.75
CA GLU A 85 2.30 16.49 5.99
C GLU A 85 2.79 16.76 4.57
N GLU A 86 2.45 15.87 3.64
CA GLU A 86 2.84 16.03 2.25
C GLU A 86 2.13 15.00 1.36
N ASN A 87 2.00 15.32 0.07
CA ASN A 87 1.34 14.42 -0.87
C ASN A 87 -0.13 14.23 -0.51
N SER A 88 -0.38 13.33 0.45
CA SER A 88 -1.74 13.03 0.93
C SER A 88 -2.80 13.26 -0.15
N LYS A 89 -3.01 12.27 -1.04
CA LYS A 89 -4.03 12.41 -2.09
C LYS A 89 -5.28 11.61 -1.72
N ASP A 90 -6.42 12.00 -2.26
CA ASP A 90 -7.68 11.32 -1.96
C ASP A 90 -8.31 10.67 -3.20
N VAL A 91 -7.75 10.91 -4.38
CA VAL A 91 -8.29 10.33 -5.60
C VAL A 91 -7.21 9.59 -6.40
N VAL A 92 -7.61 8.49 -7.04
CA VAL A 92 -6.69 7.68 -7.83
C VAL A 92 -7.44 6.83 -8.85
N GLU A 93 -6.71 6.32 -9.86
CA GLU A 93 -7.32 5.48 -10.89
C GLU A 93 -6.88 4.03 -10.74
N LEU A 94 -7.81 3.11 -11.01
CA LEU A 94 -7.57 1.67 -10.88
C LEU A 94 -6.15 1.29 -11.33
N GLY A 95 -5.47 0.50 -10.51
CA GLY A 95 -4.11 0.06 -10.85
C GLY A 95 -3.04 0.62 -9.92
N ASP A 96 -3.26 1.83 -9.40
CA ASP A 96 -2.28 2.45 -8.51
C ASP A 96 -2.41 1.98 -7.07
N VAL A 97 -1.32 2.10 -6.32
CA VAL A 97 -1.27 1.68 -4.90
C VAL A 97 -1.05 2.92 -4.01
N ALA A 98 -1.53 2.88 -2.76
CA ALA A 98 -1.37 4.04 -1.86
C ALA A 98 -1.21 3.62 -0.41
N TYR A 99 -0.46 4.41 0.36
CA TYR A 99 -0.25 4.14 1.77
C TYR A 99 -1.05 5.13 2.63
N TRP A 100 -1.90 4.60 3.51
CA TRP A 100 -2.72 5.43 4.38
C TRP A 100 -1.84 6.21 5.36
N ILE A 101 -1.77 7.53 5.19
CA ILE A 101 -0.96 8.36 6.08
C ILE A 101 -1.54 8.37 7.50
N PRO A 102 -2.73 8.97 7.72
CA PRO A 102 -3.36 8.99 9.05
C PRO A 102 -3.58 7.59 9.59
N GLY A 103 -2.52 7.00 10.14
CA GLY A 103 -2.62 5.66 10.69
C GLY A 103 -1.39 4.81 10.36
N LYS A 104 -0.52 5.31 9.49
CA LYS A 104 0.69 4.57 9.11
C LYS A 104 0.34 3.17 8.59
N ALA A 105 -0.81 3.06 7.95
CA ALA A 105 -1.27 1.79 7.42
C ALA A 105 -1.30 1.77 5.90
N ILE A 106 -0.77 0.70 5.31
CA ILE A 106 -0.74 0.56 3.85
C ILE A 106 -2.01 -0.15 3.37
N CYS A 107 -2.46 0.17 2.16
CA CYS A 107 -3.68 -0.44 1.63
C CYS A 107 -3.60 -0.71 0.13
N LEU A 108 -4.42 -1.67 -0.32
CA LEU A 108 -4.50 -2.04 -1.74
C LEU A 108 -5.87 -1.64 -2.31
N PHE A 109 -5.93 -1.46 -3.63
CA PHE A 109 -7.19 -1.08 -4.27
C PHE A 109 -7.42 -1.87 -5.55
N PHE A 110 -8.62 -2.44 -5.68
CA PHE A 110 -8.96 -3.20 -6.88
C PHE A 110 -10.47 -3.49 -6.93
N GLY A 111 -11.27 -2.45 -6.74
CA GLY A 111 -12.71 -2.62 -6.79
C GLY A 111 -13.47 -1.47 -6.15
N LYS A 112 -13.60 -1.49 -4.83
CA LYS A 112 -14.32 -0.44 -4.11
C LYS A 112 -13.60 -0.06 -2.82
N THR A 113 -14.30 0.70 -1.98
CA THR A 113 -13.76 1.16 -0.71
C THR A 113 -14.90 1.44 0.26
N PRO A 114 -14.60 1.96 1.48
CA PRO A 114 -15.64 2.25 2.47
C PRO A 114 -16.84 3.00 1.88
N ILE A 115 -16.64 3.65 0.74
CA ILE A 115 -17.73 4.38 0.10
C ILE A 115 -17.62 4.38 -1.43
N SER A 116 -17.74 3.19 -2.04
CA SER A 116 -17.67 3.07 -3.49
C SER A 116 -18.58 4.09 -4.17
N ASP A 117 -19.89 3.84 -4.09
CA ASP A 117 -20.89 4.71 -4.68
C ASP A 117 -20.74 4.77 -6.20
N ASP A 118 -19.94 5.73 -6.70
CA ASP A 118 -19.72 5.89 -8.12
C ASP A 118 -18.25 5.71 -8.47
N LYS A 119 -17.38 6.06 -7.53
CA LYS A 119 -15.94 5.95 -7.74
C LYS A 119 -15.30 5.17 -6.59
N ILE A 120 -13.98 5.27 -6.48
CA ILE A 120 -13.26 4.58 -5.42
C ILE A 120 -12.58 5.58 -4.48
N ARG A 121 -13.14 5.74 -3.29
CA ARG A 121 -12.57 6.65 -2.31
C ARG A 121 -11.76 5.87 -1.27
N PRO A 122 -10.43 5.83 -1.44
CA PRO A 122 -9.55 5.11 -0.51
C PRO A 122 -9.47 5.75 0.86
N ALA A 123 -9.62 7.08 0.90
CA ALA A 123 -9.57 7.80 2.16
C ALA A 123 -9.66 9.31 1.92
N SER A 124 -9.27 10.10 2.92
CA SER A 124 -9.31 11.55 2.81
C SER A 124 -7.91 12.15 2.68
N ALA A 125 -6.87 11.32 2.84
CA ALA A 125 -5.50 11.81 2.74
C ALA A 125 -4.48 10.68 2.70
N VAL A 126 -4.40 9.99 1.57
CA VAL A 126 -3.43 8.90 1.43
C VAL A 126 -2.48 9.12 0.26
N ASN A 127 -1.21 8.74 0.45
CA ASN A 127 -0.17 8.93 -0.57
C ASN A 127 -0.17 7.80 -1.60
N VAL A 128 0.29 8.13 -2.81
CA VAL A 128 0.39 7.15 -3.88
C VAL A 128 1.71 6.39 -3.74
N ILE A 129 1.69 5.40 -2.86
CA ILE A 129 2.87 4.60 -2.56
C ILE A 129 3.36 3.75 -3.76
N GLY A 130 2.97 4.12 -4.98
CA GLY A 130 3.41 3.37 -6.14
C GLY A 130 2.27 2.66 -6.84
N ARG A 131 2.57 1.52 -7.46
CA ARG A 131 1.57 0.75 -8.19
C ARG A 131 1.97 -0.72 -8.30
N ILE A 132 1.00 -1.56 -8.62
CA ILE A 132 1.24 -3.00 -8.77
C ILE A 132 1.62 -3.32 -10.23
N VAL A 133 2.85 -3.81 -10.42
CA VAL A 133 3.32 -4.14 -11.77
C VAL A 133 2.96 -5.58 -12.16
N ASN A 134 3.81 -6.53 -11.79
CA ASN A 134 3.58 -7.93 -12.12
C ASN A 134 3.50 -8.81 -10.87
N SER A 135 2.55 -9.73 -10.86
CA SER A 135 2.36 -10.64 -9.73
C SER A 135 1.03 -11.37 -9.85
N MET A 136 -0.06 -10.64 -9.61
CA MET A 136 -1.40 -11.21 -9.69
C MET A 136 -2.44 -10.10 -9.76
N GLU A 137 -2.28 -9.09 -8.92
CA GLU A 137 -3.20 -7.95 -8.90
C GLU A 137 -4.62 -8.41 -8.55
N GLY A 138 -4.71 -9.36 -7.62
CA GLY A 138 -6.01 -9.86 -7.21
C GLY A 138 -6.11 -10.11 -5.72
N LEU A 139 -5.29 -9.40 -4.94
CA LEU A 139 -5.31 -9.57 -3.49
C LEU A 139 -6.71 -9.37 -2.92
N LYS A 140 -7.45 -8.41 -3.49
CA LYS A 140 -8.81 -8.12 -3.03
C LYS A 140 -9.63 -9.37 -2.73
N GLY A 141 -9.23 -10.52 -3.28
CA GLY A 141 -9.96 -11.75 -3.03
C GLY A 141 -9.41 -12.52 -1.83
N VAL A 142 -8.87 -11.79 -0.87
CA VAL A 142 -8.31 -12.40 0.34
C VAL A 142 -9.40 -12.81 1.33
N ALA A 143 -9.11 -13.80 2.17
CA ALA A 143 -10.07 -14.28 3.16
C ALA A 143 -10.07 -13.35 4.37
N ASP A 144 -11.23 -13.19 5.01
CA ASP A 144 -11.34 -12.32 6.18
C ASP A 144 -10.31 -12.66 7.25
N GLY A 145 -9.36 -11.77 7.45
CA GLY A 145 -8.34 -11.96 8.47
C GLY A 145 -7.34 -13.04 8.11
N GLU A 146 -6.16 -12.62 7.63
CA GLU A 146 -5.10 -13.57 7.28
C GLU A 146 -3.73 -12.91 7.42
N SER A 147 -2.73 -13.71 7.76
CA SER A 147 -1.36 -13.21 7.95
C SER A 147 -0.89 -12.34 6.80
N VAL A 148 0.21 -11.63 7.04
CA VAL A 148 0.82 -10.73 6.05
C VAL A 148 2.29 -10.50 6.39
N VAL A 149 3.17 -10.71 5.41
CA VAL A 149 4.60 -10.51 5.64
C VAL A 149 5.19 -9.55 4.60
N VAL A 150 5.49 -8.33 5.05
CA VAL A 150 6.07 -7.31 4.18
C VAL A 150 7.58 -7.51 4.04
N GLU A 151 8.08 -7.55 2.79
CA GLU A 151 9.50 -7.73 2.56
C GLU A 151 9.93 -7.10 1.24
N ARG A 152 10.99 -6.27 1.28
CA ARG A 152 11.50 -5.60 0.09
C ARG A 152 12.28 -6.58 -0.78
N ALA A 153 11.58 -7.20 -1.74
CA ALA A 153 12.20 -8.15 -2.65
C ALA A 153 13.17 -9.08 -1.92
N MET A 23 21.28 0.74 -11.69
CA MET A 23 21.02 1.10 -10.28
C MET A 23 19.83 2.04 -10.16
N GLY A 24 19.63 2.85 -11.20
CA GLY A 24 18.52 3.80 -11.20
C GLY A 24 18.77 4.99 -12.09
N GLU A 25 17.70 5.71 -12.42
CA GLU A 25 17.81 6.89 -13.29
C GLU A 25 17.75 8.17 -12.46
N ARG A 26 16.95 8.15 -11.40
CA ARG A 26 16.81 9.32 -10.53
C ARG A 26 16.56 8.89 -9.09
N GLY A 27 15.35 8.41 -8.81
CA GLY A 27 15.00 7.97 -7.48
C GLY A 27 13.62 7.35 -7.40
N VAL A 28 13.14 6.82 -8.52
CA VAL A 28 11.82 6.19 -8.56
C VAL A 28 11.88 4.80 -9.20
N GLU A 29 12.47 3.85 -8.48
CA GLU A 29 12.59 2.48 -8.96
C GLU A 29 12.71 1.50 -7.79
N MET A 30 12.17 1.90 -6.65
CA MET A 30 12.22 1.07 -5.46
C MET A 30 10.88 0.37 -5.21
N ARG A 31 10.93 -0.95 -5.08
CA ARG A 31 9.72 -1.74 -4.86
C ARG A 31 9.87 -2.72 -3.70
N LEU A 32 8.78 -2.94 -2.97
CA LEU A 32 8.77 -3.89 -1.86
C LEU A 32 7.88 -5.08 -2.21
N ARG A 33 8.05 -6.17 -1.47
CA ARG A 33 7.26 -7.37 -1.72
C ARG A 33 6.17 -7.53 -0.66
N ILE A 34 5.01 -8.01 -1.07
CA ILE A 34 3.90 -8.24 -0.15
C ILE A 34 3.20 -9.55 -0.48
N ARG A 35 3.48 -10.56 0.32
CA ARG A 35 2.89 -11.89 0.09
C ARG A 35 1.73 -12.16 1.05
N PHE A 36 0.85 -13.06 0.62
CA PHE A 36 -0.31 -13.44 1.41
C PHE A 36 -0.51 -14.95 1.35
N GLU A 37 -0.83 -15.55 2.48
CA GLU A 37 -1.03 -17.00 2.55
C GLU A 37 -1.82 -17.54 1.37
N SER A 38 -2.70 -16.72 0.80
CA SER A 38 -3.52 -17.15 -0.32
C SER A 38 -3.39 -16.21 -1.51
N ALA A 39 -2.31 -15.44 -1.58
CA ALA A 39 -2.11 -14.51 -2.70
C ALA A 39 -0.76 -13.81 -2.65
N GLU A 40 -0.27 -13.41 -3.83
CA GLU A 40 1.01 -12.71 -3.93
C GLU A 40 0.91 -11.50 -4.86
N CYS A 41 1.65 -10.44 -4.53
CA CYS A 41 1.62 -9.21 -5.35
C CYS A 41 2.81 -8.31 -5.04
N GLU A 42 3.28 -7.56 -6.06
CA GLU A 42 4.40 -6.65 -5.88
C GLU A 42 3.97 -5.21 -6.14
N VAL A 43 4.71 -4.26 -5.58
CA VAL A 43 4.39 -2.84 -5.76
C VAL A 43 5.64 -1.97 -5.64
N GLU A 44 5.76 -1.01 -6.56
CA GLU A 44 6.89 -0.10 -6.58
C GLU A 44 6.57 1.14 -5.75
N LEU A 45 7.51 2.09 -5.71
CA LEU A 45 7.31 3.31 -4.95
C LEU A 45 8.06 4.48 -5.58
N TYR A 46 7.48 5.67 -5.47
CA TYR A 46 8.10 6.87 -6.03
C TYR A 46 8.33 7.92 -4.94
N GLU A 47 9.42 8.68 -5.08
CA GLU A 47 9.79 9.71 -4.10
C GLU A 47 8.71 10.78 -3.93
N GLU A 48 7.69 10.77 -4.79
CA GLU A 48 6.62 11.77 -4.71
C GLU A 48 6.14 11.97 -3.27
N TRP A 49 6.25 10.94 -2.45
CA TRP A 49 5.86 11.02 -1.06
C TRP A 49 6.97 11.72 -0.26
N ALA A 50 8.19 11.16 -0.32
CA ALA A 50 9.35 11.74 0.36
C ALA A 50 10.44 10.70 0.62
N PRO A 51 11.63 10.87 0.01
CA PRO A 51 12.75 9.94 0.18
C PRO A 51 12.99 9.58 1.64
N GLU A 52 12.67 10.52 2.53
CA GLU A 52 12.85 10.30 3.97
C GLU A 52 11.91 9.22 4.50
N THR A 53 10.66 9.26 4.07
CA THR A 53 9.67 8.28 4.51
C THR A 53 10.01 6.90 3.96
N VAL A 54 10.34 6.85 2.66
CA VAL A 54 10.69 5.59 2.01
C VAL A 54 11.69 4.80 2.86
N ARG A 55 12.58 5.50 3.55
CA ARG A 55 13.57 4.87 4.39
C ARG A 55 12.92 3.98 5.44
N ALA A 56 11.78 4.41 5.98
CA ALA A 56 11.07 3.64 6.99
C ALA A 56 10.54 2.34 6.41
N ILE A 57 9.90 2.42 5.25
CA ILE A 57 9.36 1.23 4.60
C ILE A 57 10.48 0.21 4.40
N ALA A 58 11.60 0.66 3.83
CA ALA A 58 12.75 -0.20 3.60
C ALA A 58 13.31 -0.71 4.93
N ASP A 59 13.14 0.09 5.98
CA ASP A 59 13.62 -0.31 7.29
C ASP A 59 12.76 -1.44 7.86
N ALA A 60 11.52 -1.52 7.40
CA ALA A 60 10.57 -2.53 7.85
C ALA A 60 10.50 -3.71 6.88
N LEU A 61 11.66 -4.27 6.53
CA LEU A 61 11.73 -5.42 5.62
C LEU A 61 11.00 -6.62 6.25
N PRO A 62 11.23 -7.90 5.84
CA PRO A 62 10.52 -9.06 6.41
C PRO A 62 10.07 -8.86 7.85
N ILE A 63 8.77 -8.59 8.00
CA ILE A 63 8.16 -8.38 9.32
C ILE A 63 6.74 -8.94 9.31
N LYS A 64 6.27 -9.38 10.47
CA LYS A 64 4.93 -9.96 10.57
C LYS A 64 3.87 -8.88 10.79
N SER A 65 2.77 -9.01 10.06
CA SER A 65 1.65 -8.07 10.15
C SER A 65 0.32 -8.81 9.93
N THR A 66 -0.74 -8.34 10.57
CA THR A 66 -2.05 -8.96 10.43
C THR A 66 -2.93 -8.15 9.48
N ALA A 67 -3.44 -8.81 8.45
CA ALA A 67 -4.27 -8.16 7.45
C ALA A 67 -5.74 -8.05 7.87
N ASN A 68 -6.28 -6.86 7.68
CA ASN A 68 -7.68 -6.59 7.99
C ASN A 68 -8.47 -6.52 6.67
N ARG A 69 -9.45 -7.40 6.49
CA ARG A 69 -10.21 -7.42 5.24
C ARG A 69 -11.33 -6.39 5.22
N TRP A 70 -11.47 -5.71 4.08
CA TRP A 70 -12.50 -4.70 3.89
C TRP A 70 -12.93 -4.66 2.43
N GLY A 71 -14.19 -4.34 2.17
CA GLY A 71 -14.70 -4.29 0.81
C GLY A 71 -13.70 -3.73 -0.18
N ASP A 72 -12.94 -4.61 -0.80
CA ASP A 72 -11.91 -4.22 -1.79
C ASP A 72 -10.64 -3.71 -1.11
N GLU A 73 -10.79 -2.93 -0.05
CA GLU A 73 -9.64 -2.37 0.65
C GLU A 73 -9.10 -3.36 1.68
N ILE A 74 -7.80 -3.24 1.95
CA ILE A 74 -7.13 -4.10 2.93
C ILE A 74 -5.97 -3.34 3.57
N TYR A 75 -6.04 -3.12 4.87
CA TYR A 75 -5.00 -2.40 5.58
C TYR A 75 -4.44 -3.19 6.76
N PHE A 76 -3.13 -3.10 6.93
CA PHE A 76 -2.44 -3.79 8.01
C PHE A 76 -1.34 -2.91 8.61
N THR A 77 -1.13 -3.01 9.91
CA THR A 77 -0.09 -2.23 10.58
C THR A 77 1.20 -3.04 10.64
N THR A 78 2.34 -2.36 10.54
CA THR A 78 3.62 -3.06 10.58
C THR A 78 4.49 -2.59 11.75
N GLN A 79 3.93 -1.76 12.62
CA GLN A 79 4.64 -1.24 13.79
C GLN A 79 5.52 -0.05 13.43
N VAL A 80 5.66 0.24 12.13
CA VAL A 80 6.46 1.38 11.70
C VAL A 80 5.64 2.66 11.74
N ALA A 81 6.03 3.59 12.60
CA ALA A 81 5.31 4.86 12.73
C ALA A 81 5.99 5.97 11.95
N VAL A 82 5.52 6.19 10.73
CA VAL A 82 6.06 7.24 9.88
C VAL A 82 4.94 8.09 9.31
N GLU A 83 4.79 9.32 9.80
CA GLU A 83 3.74 10.22 9.33
C GLU A 83 4.26 11.64 9.15
N LYS A 84 3.95 12.22 8.00
CA LYS A 84 4.38 13.58 7.68
C LYS A 84 3.27 14.33 6.94
N GLU A 85 3.40 15.66 6.85
CA GLU A 85 2.40 16.47 6.17
C GLU A 85 2.83 16.83 4.75
N GLU A 86 2.49 15.97 3.80
CA GLU A 86 2.85 16.19 2.40
C GLU A 86 2.14 15.19 1.49
N ASN A 87 2.01 15.54 0.22
CA ASN A 87 1.35 14.67 -0.75
C ASN A 87 -0.12 14.46 -0.39
N SER A 88 -0.37 13.53 0.53
CA SER A 88 -1.72 13.20 1.00
C SER A 88 -2.79 13.43 -0.08
N LYS A 89 -2.98 12.45 -0.96
CA LYS A 89 -4.00 12.58 -2.01
C LYS A 89 -5.25 11.77 -1.65
N ASP A 90 -6.40 12.16 -2.21
CA ASP A 90 -7.66 11.48 -1.91
C ASP A 90 -8.28 10.84 -3.15
N VAL A 91 -7.72 11.09 -4.33
CA VAL A 91 -8.26 10.51 -5.55
C VAL A 91 -7.18 9.76 -6.34
N VAL A 92 -7.57 8.64 -6.94
CA VAL A 92 -6.64 7.83 -7.73
C VAL A 92 -7.36 6.94 -8.74
N GLU A 93 -6.64 6.53 -9.78
CA GLU A 93 -7.21 5.68 -10.83
C GLU A 93 -6.95 4.19 -10.55
N LEU A 94 -7.87 3.35 -11.02
CA LEU A 94 -7.77 1.91 -10.84
C LEU A 94 -6.37 1.38 -11.16
N GLY A 95 -5.78 0.65 -10.20
CA GLY A 95 -4.45 0.07 -10.44
C GLY A 95 -3.36 0.65 -9.55
N ASP A 96 -3.46 1.91 -9.18
CA ASP A 96 -2.44 2.54 -8.34
C ASP A 96 -2.54 2.09 -6.88
N VAL A 97 -1.41 2.19 -6.19
CA VAL A 97 -1.33 1.81 -4.76
C VAL A 97 -1.08 3.05 -3.90
N ALA A 98 -1.51 3.04 -2.63
CA ALA A 98 -1.31 4.20 -1.77
C ALA A 98 -1.12 3.81 -0.31
N TYR A 99 -0.29 4.58 0.40
CA TYR A 99 -0.04 4.31 1.82
C TYR A 99 -0.83 5.29 2.69
N TRP A 100 -1.69 4.75 3.56
CA TRP A 100 -2.50 5.59 4.43
C TRP A 100 -1.63 6.36 5.41
N ILE A 101 -1.62 7.69 5.29
CA ILE A 101 -0.81 8.52 6.17
C ILE A 101 -1.39 8.53 7.60
N PRO A 102 -2.59 9.13 7.81
CA PRO A 102 -3.22 9.16 9.14
C PRO A 102 -3.51 7.75 9.66
N GLY A 103 -2.46 7.07 10.11
CA GLY A 103 -2.61 5.72 10.62
C GLY A 103 -1.39 4.85 10.34
N LYS A 104 -0.47 5.33 9.50
CA LYS A 104 0.74 4.56 9.17
C LYS A 104 0.39 3.17 8.67
N ALA A 105 -0.77 3.05 8.02
CA ALA A 105 -1.23 1.76 7.50
C ALA A 105 -1.29 1.77 5.97
N ILE A 106 -0.82 0.68 5.35
CA ILE A 106 -0.85 0.56 3.90
C ILE A 106 -2.18 -0.05 3.43
N CYS A 107 -2.66 0.35 2.25
CA CYS A 107 -3.93 -0.18 1.75
C CYS A 107 -3.94 -0.41 0.24
N LEU A 108 -4.41 -1.60 -0.18
CA LEU A 108 -4.50 -1.94 -1.60
C LEU A 108 -5.85 -1.51 -2.16
N PHE A 109 -5.94 -1.34 -3.48
CA PHE A 109 -7.19 -0.92 -4.11
C PHE A 109 -7.46 -1.71 -5.38
N PHE A 110 -8.69 -2.18 -5.53
CA PHE A 110 -9.08 -2.94 -6.71
C PHE A 110 -10.58 -2.80 -6.97
N GLY A 111 -11.15 -1.66 -6.56
CA GLY A 111 -12.57 -1.43 -6.76
C GLY A 111 -13.17 -0.57 -5.66
N LYS A 112 -14.46 -0.80 -5.38
CA LYS A 112 -15.18 -0.03 -4.35
C LYS A 112 -14.33 0.25 -3.11
N THR A 113 -14.83 1.12 -2.22
CA THR A 113 -14.12 1.47 -1.00
C THR A 113 -15.13 1.95 0.04
N PRO A 114 -14.68 2.40 1.23
CA PRO A 114 -15.57 2.88 2.28
C PRO A 114 -16.69 3.78 1.72
N ILE A 115 -16.43 4.41 0.58
CA ILE A 115 -17.41 5.28 -0.04
C ILE A 115 -17.49 5.06 -1.55
N SER A 116 -17.68 3.80 -1.95
CA SER A 116 -17.77 3.45 -3.37
C SER A 116 -18.83 4.31 -4.07
N ASP A 117 -20.10 3.98 -3.84
CA ASP A 117 -21.21 4.72 -4.43
C ASP A 117 -21.08 4.81 -5.95
N ASP A 118 -20.44 5.87 -6.44
CA ASP A 118 -20.25 6.06 -7.86
C ASP A 118 -18.78 6.31 -8.19
N LYS A 119 -17.92 6.24 -7.18
CA LYS A 119 -16.49 6.45 -7.37
C LYS A 119 -15.69 5.63 -6.36
N ILE A 120 -14.40 5.88 -6.29
CA ILE A 120 -13.53 5.16 -5.35
C ILE A 120 -12.81 6.12 -4.43
N ARG A 121 -13.18 6.11 -3.16
CA ARG A 121 -12.55 6.98 -2.17
C ARG A 121 -11.77 6.13 -1.16
N PRO A 122 -10.44 6.03 -1.33
CA PRO A 122 -9.59 5.25 -0.43
C PRO A 122 -9.49 5.86 0.97
N ALA A 123 -9.58 7.19 1.03
CA ALA A 123 -9.50 7.90 2.31
C ALA A 123 -9.62 9.41 2.10
N SER A 124 -9.21 10.18 3.11
CA SER A 124 -9.28 11.63 3.03
C SER A 124 -7.89 12.26 2.88
N ALA A 125 -6.84 11.43 2.94
CA ALA A 125 -5.48 11.96 2.83
C ALA A 125 -4.44 10.83 2.78
N VAL A 126 -4.34 10.14 1.65
CA VAL A 126 -3.36 9.06 1.51
C VAL A 126 -2.43 9.28 0.32
N ASN A 127 -1.16 8.94 0.51
CA ASN A 127 -0.13 9.12 -0.52
C ASN A 127 -0.13 8.00 -1.56
N VAL A 128 0.33 8.33 -2.76
CA VAL A 128 0.43 7.35 -3.84
C VAL A 128 1.76 6.60 -3.68
N ILE A 129 1.70 5.51 -2.95
CA ILE A 129 2.86 4.69 -2.64
C ILE A 129 3.31 3.83 -3.83
N GLY A 130 2.90 4.18 -5.05
CA GLY A 130 3.31 3.40 -6.21
C GLY A 130 2.16 2.67 -6.90
N ARG A 131 2.48 1.52 -7.49
CA ARG A 131 1.46 0.73 -8.19
C ARG A 131 1.81 -0.75 -8.18
N ILE A 132 0.82 -1.59 -8.49
CA ILE A 132 1.00 -3.04 -8.53
C ILE A 132 1.34 -3.50 -9.94
N VAL A 133 2.54 -4.05 -10.12
CA VAL A 133 2.97 -4.53 -11.43
C VAL A 133 2.02 -5.59 -11.96
N ASN A 134 2.16 -6.82 -11.47
CA ASN A 134 1.31 -7.92 -11.90
C ASN A 134 1.49 -9.14 -11.01
N SER A 135 0.96 -10.29 -11.45
CA SER A 135 1.08 -11.53 -10.69
C SER A 135 0.20 -11.50 -9.44
N MET A 136 -1.03 -11.95 -9.59
CA MET A 136 -1.98 -11.97 -8.47
C MET A 136 -2.13 -10.58 -7.85
N GLU A 137 -2.29 -9.57 -8.70
CA GLU A 137 -2.45 -8.20 -8.24
C GLU A 137 -3.85 -7.96 -7.68
N GLY A 138 -4.72 -8.96 -7.82
CA GLY A 138 -6.09 -8.84 -7.33
C GLY A 138 -6.22 -9.28 -5.88
N LEU A 139 -5.30 -8.83 -5.03
CA LEU A 139 -5.33 -9.19 -3.61
C LEU A 139 -6.74 -9.12 -3.05
N LYS A 140 -7.56 -8.21 -3.59
CA LYS A 140 -8.94 -8.03 -3.14
C LYS A 140 -9.68 -9.35 -2.90
N GLY A 141 -9.18 -10.46 -3.46
CA GLY A 141 -9.85 -11.75 -3.28
C GLY A 141 -9.30 -12.52 -2.08
N VAL A 142 -8.78 -11.80 -1.09
CA VAL A 142 -8.23 -12.44 0.10
C VAL A 142 -9.33 -12.81 1.10
N ALA A 143 -9.07 -13.82 1.93
CA ALA A 143 -10.04 -14.24 2.94
C ALA A 143 -10.03 -13.29 4.12
N ASP A 144 -11.17 -13.11 4.78
CA ASP A 144 -11.25 -12.19 5.91
C ASP A 144 -10.20 -12.51 6.98
N GLY A 145 -9.16 -11.67 7.04
CA GLY A 145 -8.12 -11.85 8.03
C GLY A 145 -7.15 -12.97 7.71
N GLU A 146 -5.92 -12.61 7.36
CA GLU A 146 -4.88 -13.60 7.05
C GLU A 146 -3.49 -13.00 7.26
N SER A 147 -2.59 -13.80 7.84
CA SER A 147 -1.21 -13.35 8.11
C SER A 147 -0.65 -12.52 6.96
N VAL A 148 0.28 -11.62 7.29
CA VAL A 148 0.91 -10.76 6.30
C VAL A 148 2.39 -10.52 6.64
N VAL A 149 3.26 -10.75 5.67
CA VAL A 149 4.70 -10.55 5.89
C VAL A 149 5.28 -9.59 4.84
N VAL A 150 5.59 -8.38 5.28
CA VAL A 150 6.15 -7.35 4.40
C VAL A 150 7.66 -7.54 4.25
N GLU A 151 8.15 -7.59 3.01
CA GLU A 151 9.58 -7.76 2.75
C GLU A 151 9.99 -7.14 1.43
N ARG A 152 11.05 -6.33 1.45
CA ARG A 152 11.55 -5.68 0.24
C ARG A 152 12.28 -6.67 -0.65
N ALA A 153 11.55 -7.25 -1.60
CA ALA A 153 12.13 -8.22 -2.54
C ALA A 153 13.10 -9.17 -1.85
N MET A 23 21.53 -1.65 -11.18
CA MET A 23 22.70 -0.85 -11.65
C MET A 23 22.51 0.63 -11.33
N GLY A 24 23.22 1.11 -10.32
CA GLY A 24 23.13 2.50 -9.92
C GLY A 24 22.38 2.68 -8.62
N GLU A 25 21.68 3.81 -8.50
CA GLU A 25 20.92 4.09 -7.29
C GLU A 25 19.59 4.76 -7.62
N ARG A 26 19.64 5.77 -8.48
CA ARG A 26 18.43 6.49 -8.89
C ARG A 26 17.70 7.05 -7.66
N GLY A 27 16.36 7.12 -7.71
CA GLY A 27 15.61 7.64 -6.59
C GLY A 27 14.16 7.20 -6.60
N VAL A 28 13.56 7.19 -7.79
CA VAL A 28 12.16 6.79 -7.93
C VAL A 28 12.05 5.42 -8.62
N GLU A 29 12.62 4.41 -8.00
CA GLU A 29 12.59 3.05 -8.55
C GLU A 29 12.80 2.01 -7.45
N MET A 30 12.13 2.20 -6.32
CA MET A 30 12.25 1.28 -5.19
C MET A 30 10.97 0.49 -5.00
N ARG A 31 11.06 -0.83 -5.19
CA ARG A 31 9.89 -1.70 -5.04
C ARG A 31 10.00 -2.60 -3.83
N LEU A 32 8.85 -2.86 -3.20
CA LEU A 32 8.79 -3.73 -2.03
C LEU A 32 7.91 -4.93 -2.32
N ARG A 33 8.02 -5.96 -1.51
CA ARG A 33 7.22 -7.17 -1.69
C ARG A 33 6.14 -7.27 -0.62
N ILE A 34 4.99 -7.81 -1.01
CA ILE A 34 3.87 -7.98 -0.10
C ILE A 34 3.09 -9.23 -0.46
N ARG A 35 3.30 -10.30 0.29
CA ARG A 35 2.63 -11.57 0.01
C ARG A 35 1.57 -11.89 1.06
N PHE A 36 0.60 -12.70 0.65
CA PHE A 36 -0.48 -13.13 1.52
C PHE A 36 -0.60 -14.65 1.48
N GLU A 37 -0.85 -15.25 2.63
CA GLU A 37 -0.96 -16.71 2.74
C GLU A 37 -1.73 -17.33 1.58
N SER A 38 -2.66 -16.55 1.01
CA SER A 38 -3.48 -17.05 -0.09
C SER A 38 -3.36 -16.18 -1.34
N ALA A 39 -2.25 -15.44 -1.46
CA ALA A 39 -2.07 -14.58 -2.64
C ALA A 39 -0.71 -13.88 -2.65
N GLU A 40 -0.25 -13.53 -3.86
CA GLU A 40 1.03 -12.84 -4.04
C GLU A 40 0.80 -11.46 -4.65
N CYS A 41 1.70 -10.52 -4.37
CA CYS A 41 1.57 -9.15 -4.90
C CYS A 41 2.89 -8.39 -4.88
N GLU A 42 3.05 -7.45 -5.80
CA GLU A 42 4.25 -6.62 -5.88
C GLU A 42 3.88 -5.17 -6.16
N VAL A 43 4.70 -4.24 -5.67
CA VAL A 43 4.43 -2.82 -5.87
C VAL A 43 5.71 -1.97 -5.80
N GLU A 44 5.77 -0.97 -6.66
CA GLU A 44 6.92 -0.06 -6.72
C GLU A 44 6.65 1.18 -5.88
N LEU A 45 7.59 2.12 -5.86
CA LEU A 45 7.42 3.35 -5.09
C LEU A 45 8.26 4.48 -5.67
N TYR A 46 7.70 5.68 -5.64
CA TYR A 46 8.39 6.87 -6.16
C TYR A 46 8.48 7.95 -5.08
N GLU A 47 9.57 8.71 -5.12
CA GLU A 47 9.81 9.78 -4.14
C GLU A 47 8.66 10.79 -4.06
N GLU A 48 7.70 10.71 -5.00
CA GLU A 48 6.58 11.65 -5.01
C GLU A 48 5.99 11.83 -3.60
N TRP A 49 6.10 10.79 -2.78
CA TRP A 49 5.61 10.84 -1.41
C TRP A 49 6.61 11.59 -0.53
N ALA A 50 7.86 11.12 -0.53
CA ALA A 50 8.94 11.76 0.23
C ALA A 50 10.08 10.78 0.54
N PRO A 51 11.29 11.03 0.01
CA PRO A 51 12.45 10.15 0.24
C PRO A 51 12.60 9.78 1.71
N GLU A 52 12.30 10.72 2.61
CA GLU A 52 12.41 10.49 4.04
C GLU A 52 11.48 9.37 4.50
N THR A 53 10.22 9.45 4.08
CA THR A 53 9.23 8.43 4.46
C THR A 53 9.64 7.07 3.91
N VAL A 54 10.05 7.04 2.65
CA VAL A 54 10.49 5.80 2.00
C VAL A 54 11.52 5.07 2.84
N ARG A 55 12.32 5.83 3.58
CA ARG A 55 13.37 5.24 4.42
C ARG A 55 12.78 4.29 5.46
N ALA A 56 11.60 4.64 5.98
CA ALA A 56 10.94 3.80 6.98
C ALA A 56 10.47 2.49 6.38
N ILE A 57 9.82 2.56 5.23
CA ILE A 57 9.34 1.35 4.55
C ILE A 57 10.50 0.36 4.38
N ALA A 58 11.62 0.85 3.82
CA ALA A 58 12.80 0.01 3.62
C ALA A 58 13.34 -0.49 4.96
N ASP A 59 13.12 0.28 6.01
CA ASP A 59 13.56 -0.10 7.34
C ASP A 59 12.70 -1.24 7.90
N ALA A 60 11.47 -1.35 7.38
CA ALA A 60 10.54 -2.37 7.82
C ALA A 60 10.48 -3.55 6.84
N LEU A 61 11.64 -4.09 6.50
CA LEU A 61 11.73 -5.23 5.57
C LEU A 61 11.01 -6.45 6.19
N PRO A 62 11.25 -7.73 5.77
CA PRO A 62 10.55 -8.89 6.33
C PRO A 62 10.10 -8.70 7.78
N ILE A 63 8.79 -8.52 7.93
CA ILE A 63 8.17 -8.33 9.24
C ILE A 63 6.77 -8.94 9.23
N LYS A 64 6.33 -9.43 10.38
CA LYS A 64 5.01 -10.05 10.48
C LYS A 64 3.91 -9.01 10.72
N SER A 65 2.80 -9.17 10.02
CA SER A 65 1.65 -8.27 10.14
C SER A 65 0.35 -9.04 9.94
N THR A 66 -0.72 -8.60 10.59
CA THR A 66 -2.01 -9.27 10.47
C THR A 66 -2.92 -8.48 9.52
N ALA A 67 -3.47 -9.17 8.54
CA ALA A 67 -4.33 -8.54 7.54
C ALA A 67 -5.79 -8.48 7.97
N ASN A 68 -6.41 -7.32 7.74
CA ASN A 68 -7.81 -7.11 8.05
C ASN A 68 -8.62 -7.03 6.76
N ARG A 69 -9.63 -7.89 6.60
CA ARG A 69 -10.42 -7.90 5.37
C ARG A 69 -11.48 -6.79 5.35
N TRP A 70 -11.62 -6.14 4.19
CA TRP A 70 -12.59 -5.06 4.01
C TRP A 70 -13.06 -5.02 2.56
N GLY A 71 -14.31 -4.59 2.35
CA GLY A 71 -14.88 -4.53 1.00
C GLY A 71 -13.88 -4.11 -0.05
N ASP A 72 -13.29 -5.09 -0.73
CA ASP A 72 -12.31 -4.83 -1.78
C ASP A 72 -11.19 -3.92 -1.29
N GLU A 73 -10.88 -4.02 0.00
CA GLU A 73 -9.83 -3.21 0.60
C GLU A 73 -9.12 -4.00 1.70
N ILE A 74 -7.81 -3.77 1.85
CA ILE A 74 -7.04 -4.47 2.86
C ILE A 74 -6.03 -3.55 3.53
N TYR A 75 -6.13 -3.41 4.84
CA TYR A 75 -5.22 -2.56 5.61
C TYR A 75 -4.64 -3.32 6.80
N PHE A 76 -3.32 -3.27 6.93
CA PHE A 76 -2.63 -3.94 8.02
C PHE A 76 -1.50 -3.06 8.57
N THR A 77 -1.27 -3.15 9.87
CA THR A 77 -0.22 -2.36 10.52
C THR A 77 1.07 -3.18 10.59
N THR A 78 2.21 -2.49 10.54
CA THR A 78 3.51 -3.16 10.59
C THR A 78 4.37 -2.65 11.74
N GLN A 79 3.79 -1.78 12.58
CA GLN A 79 4.50 -1.21 13.74
C GLN A 79 5.40 -0.04 13.33
N VAL A 80 5.52 0.21 12.02
CA VAL A 80 6.35 1.31 11.55
C VAL A 80 5.54 2.60 11.53
N ALA A 81 5.94 3.57 12.34
CA ALA A 81 5.23 4.85 12.42
C ALA A 81 5.97 5.95 11.68
N VAL A 82 5.60 6.17 10.42
CA VAL A 82 6.20 7.20 9.60
C VAL A 82 5.13 8.15 9.08
N GLU A 83 5.07 9.36 9.63
CA GLU A 83 4.06 10.33 9.20
C GLU A 83 4.69 11.67 8.84
N LYS A 84 4.23 12.25 7.73
CA LYS A 84 4.73 13.53 7.27
C LYS A 84 3.59 14.38 6.71
N GLU A 85 3.82 15.68 6.54
CA GLU A 85 2.80 16.57 6.01
C GLU A 85 3.04 16.86 4.53
N GLU A 86 2.71 15.90 3.67
CA GLU A 86 2.89 16.07 2.23
C GLU A 86 2.22 14.93 1.47
N ASN A 87 1.97 15.15 0.19
CA ASN A 87 1.35 14.16 -0.68
C ASN A 87 -0.14 14.00 -0.35
N SER A 88 -0.44 13.20 0.67
CA SER A 88 -1.82 12.96 1.12
C SER A 88 -2.86 13.22 0.02
N LYS A 89 -3.05 12.25 -0.88
CA LYS A 89 -4.04 12.42 -1.96
C LYS A 89 -5.33 11.66 -1.63
N ASP A 90 -6.42 12.02 -2.29
CA ASP A 90 -7.72 11.39 -2.05
C ASP A 90 -8.32 10.76 -3.31
N VAL A 91 -7.67 10.95 -4.45
CA VAL A 91 -8.18 10.38 -5.71
C VAL A 91 -7.06 9.67 -6.47
N VAL A 92 -7.42 8.56 -7.13
CA VAL A 92 -6.46 7.78 -7.89
C VAL A 92 -7.12 6.91 -8.95
N GLU A 93 -6.35 6.52 -9.97
CA GLU A 93 -6.87 5.67 -11.04
C GLU A 93 -6.79 4.19 -10.67
N LEU A 94 -7.72 3.42 -11.23
CA LEU A 94 -7.80 1.98 -10.98
C LEU A 94 -6.47 1.27 -11.23
N GLY A 95 -5.98 0.55 -10.22
CA GLY A 95 -4.73 -0.18 -10.38
C GLY A 95 -3.59 0.33 -9.50
N ASP A 96 -3.57 1.62 -9.23
CA ASP A 96 -2.52 2.22 -8.41
C ASP A 96 -2.60 1.74 -6.95
N VAL A 97 -1.53 1.99 -6.20
CA VAL A 97 -1.44 1.61 -4.78
C VAL A 97 -1.17 2.84 -3.90
N ALA A 98 -1.61 2.83 -2.63
CA ALA A 98 -1.37 3.99 -1.78
C ALA A 98 -1.24 3.61 -0.30
N TYR A 99 -0.38 4.34 0.42
CA TYR A 99 -0.18 4.10 1.85
C TYR A 99 -1.02 5.09 2.66
N TRP A 100 -1.82 4.56 3.59
CA TRP A 100 -2.67 5.40 4.43
C TRP A 100 -1.84 6.25 5.39
N ILE A 101 -1.99 7.57 5.33
CA ILE A 101 -1.25 8.46 6.21
C ILE A 101 -1.79 8.36 7.64
N PRO A 102 -3.03 8.85 7.91
CA PRO A 102 -3.63 8.78 9.26
C PRO A 102 -3.73 7.34 9.76
N GLY A 103 -2.64 6.82 10.30
CA GLY A 103 -2.62 5.46 10.79
C GLY A 103 -1.41 4.68 10.34
N LYS A 104 -0.61 5.27 9.44
CA LYS A 104 0.60 4.60 8.93
C LYS A 104 0.31 3.17 8.50
N ALA A 105 -0.85 2.99 7.86
CA ALA A 105 -1.26 1.66 7.40
C ALA A 105 -1.34 1.61 5.86
N ILE A 106 -0.81 0.54 5.27
CA ILE A 106 -0.85 0.37 3.83
C ILE A 106 -2.17 -0.26 3.41
N CYS A 107 -2.69 0.12 2.23
CA CYS A 107 -3.97 -0.42 1.77
C CYS A 107 -4.01 -0.68 0.27
N LEU A 108 -4.46 -1.88 -0.12
CA LEU A 108 -4.59 -2.24 -1.54
C LEU A 108 -6.05 -2.05 -1.98
N PHE A 109 -6.27 -1.51 -3.18
CA PHE A 109 -7.63 -1.32 -3.67
C PHE A 109 -7.75 -1.74 -5.13
N PHE A 110 -8.85 -2.41 -5.44
CA PHE A 110 -9.11 -2.89 -6.80
C PHE A 110 -10.60 -3.08 -7.03
N GLY A 111 -11.38 -2.05 -6.71
CA GLY A 111 -12.83 -2.13 -6.89
C GLY A 111 -13.58 -1.06 -6.10
N LYS A 112 -13.79 -1.31 -4.81
CA LYS A 112 -14.51 -0.37 -3.95
C LYS A 112 -13.67 0.04 -2.75
N THR A 113 -14.32 0.73 -1.82
CA THR A 113 -13.68 1.20 -0.61
C THR A 113 -14.77 1.65 0.36
N PRO A 114 -14.40 2.10 1.59
CA PRO A 114 -15.37 2.54 2.59
C PRO A 114 -16.57 3.27 1.97
N ILE A 115 -16.33 3.94 0.85
CA ILE A 115 -17.39 4.67 0.15
C ILE A 115 -17.24 4.55 -1.37
N SER A 116 -17.48 3.36 -1.90
CA SER A 116 -17.38 3.11 -3.34
C SER A 116 -18.05 4.23 -4.13
N ASP A 117 -19.20 4.68 -3.64
CA ASP A 117 -19.95 5.75 -4.31
C ASP A 117 -19.05 6.91 -4.67
N ASP A 118 -19.40 7.65 -5.73
CA ASP A 118 -18.61 8.77 -6.18
C ASP A 118 -17.18 8.33 -6.51
N LYS A 119 -17.07 7.30 -7.35
CA LYS A 119 -15.77 6.76 -7.74
C LYS A 119 -15.06 6.18 -6.52
N ILE A 120 -14.06 5.34 -6.77
CA ILE A 120 -13.30 4.72 -5.69
C ILE A 120 -12.68 5.78 -4.78
N ARG A 121 -13.03 5.74 -3.50
CA ARG A 121 -12.50 6.67 -2.53
C ARG A 121 -11.70 5.91 -1.47
N PRO A 122 -10.37 5.88 -1.60
CA PRO A 122 -9.50 5.17 -0.65
C PRO A 122 -9.53 5.80 0.74
N ALA A 123 -9.72 7.11 0.80
CA ALA A 123 -9.77 7.82 2.08
C ALA A 123 -9.84 9.32 1.85
N SER A 124 -9.48 10.10 2.87
CA SER A 124 -9.50 11.55 2.77
C SER A 124 -8.09 12.15 2.71
N ALA A 125 -7.07 11.30 2.82
CA ALA A 125 -5.69 11.78 2.77
C ALA A 125 -4.67 10.65 2.77
N VAL A 126 -4.55 9.94 1.65
CA VAL A 126 -3.57 8.84 1.55
C VAL A 126 -2.57 9.09 0.42
N ASN A 127 -1.32 8.71 0.67
CA ASN A 127 -0.23 8.90 -0.29
C ASN A 127 -0.19 7.81 -1.36
N VAL A 128 0.31 8.17 -2.54
CA VAL A 128 0.44 7.21 -3.64
C VAL A 128 1.75 6.47 -3.47
N ILE A 129 1.70 5.40 -2.68
CA ILE A 129 2.87 4.58 -2.40
C ILE A 129 3.37 3.79 -3.62
N GLY A 130 2.98 4.23 -4.83
CA GLY A 130 3.42 3.54 -6.02
C GLY A 130 2.29 2.85 -6.76
N ARG A 131 2.60 1.73 -7.40
CA ARG A 131 1.59 0.98 -8.15
C ARG A 131 1.95 -0.51 -8.25
N ILE A 132 0.98 -1.30 -8.70
CA ILE A 132 1.17 -2.74 -8.86
C ILE A 132 1.61 -3.05 -10.29
N VAL A 133 2.79 -3.65 -10.42
CA VAL A 133 3.32 -4.01 -11.74
C VAL A 133 2.44 -5.03 -12.43
N ASN A 134 2.50 -6.28 -11.96
CA ASN A 134 1.70 -7.36 -12.54
C ASN A 134 1.68 -8.59 -11.64
N SER A 135 2.77 -8.82 -10.90
CA SER A 135 2.88 -9.97 -10.01
C SER A 135 1.58 -10.23 -9.26
N MET A 136 0.84 -9.16 -8.96
CA MET A 136 -0.43 -9.28 -8.26
C MET A 136 -1.57 -9.51 -9.24
N GLU A 137 -2.65 -10.13 -8.77
CA GLU A 137 -3.81 -10.40 -9.61
C GLU A 137 -5.08 -9.82 -8.98
N GLY A 138 -5.59 -10.52 -7.97
CA GLY A 138 -6.80 -10.07 -7.30
C GLY A 138 -6.74 -10.25 -5.79
N LEU A 139 -5.61 -9.88 -5.19
CA LEU A 139 -5.44 -10.02 -3.75
C LEU A 139 -6.67 -9.51 -3.00
N LYS A 140 -7.24 -8.41 -3.46
CA LYS A 140 -8.43 -7.83 -2.82
C LYS A 140 -9.45 -8.91 -2.44
N GLY A 141 -9.41 -10.05 -3.11
CA GLY A 141 -10.32 -11.14 -2.80
C GLY A 141 -9.74 -12.10 -1.78
N VAL A 142 -8.96 -11.55 -0.85
CA VAL A 142 -8.32 -12.34 0.21
C VAL A 142 -9.33 -12.87 1.23
N ALA A 143 -9.00 -13.97 1.89
CA ALA A 143 -9.89 -14.54 2.91
C ALA A 143 -9.86 -13.68 4.17
N ASP A 144 -10.99 -13.61 4.87
CA ASP A 144 -11.10 -12.81 6.09
C ASP A 144 -10.09 -13.23 7.14
N GLY A 145 -9.18 -12.31 7.48
CA GLY A 145 -8.18 -12.58 8.49
C GLY A 145 -7.12 -13.58 8.06
N GLU A 146 -5.94 -13.07 7.71
CA GLU A 146 -4.82 -13.93 7.31
C GLU A 146 -3.49 -13.21 7.50
N SER A 147 -2.44 -13.99 7.77
CA SER A 147 -1.10 -13.44 8.00
C SER A 147 -0.67 -12.49 6.89
N VAL A 148 0.41 -11.75 7.16
CA VAL A 148 0.97 -10.79 6.20
C VAL A 148 2.43 -10.52 6.53
N VAL A 149 3.31 -10.65 5.53
CA VAL A 149 4.74 -10.43 5.74
C VAL A 149 5.30 -9.45 4.72
N VAL A 150 5.61 -8.25 5.18
CA VAL A 150 6.16 -7.20 4.32
C VAL A 150 7.68 -7.37 4.17
N GLU A 151 8.18 -7.37 2.93
CA GLU A 151 9.61 -7.54 2.69
C GLU A 151 10.02 -6.86 1.39
N ARG A 152 11.06 -6.02 1.45
CA ARG A 152 11.55 -5.31 0.28
C ARG A 152 12.32 -6.26 -0.63
N ALA A 153 11.60 -6.97 -1.50
CA ALA A 153 12.21 -7.91 -2.43
C ALA A 153 13.26 -8.77 -1.74
#